data_7OPA
#
_entry.id   7OPA
#
_cell.length_a   67.560
_cell.length_b   138.998
_cell.length_c   318.723
_cell.angle_alpha   90.000
_cell.angle_beta   90.000
_cell.angle_gamma   90.000
#
_symmetry.space_group_name_H-M   'P 21 21 21'
#
loop_
_entity.id
_entity.type
_entity.pdbx_description
1 polymer 'Purine nucleoside phosphorylase DeoD-type'
2 non-polymer GLYCEROL
3 non-polymer 2-AMINO-2-HYDROXYMETHYL-PROPANE-1,3-DIOL
4 non-polymer 6-benzylthio-2-chloropurine
5 non-polymer 'PHOSPHATE ION'
6 water water
#
_entity_poly.entity_id   1
_entity_poly.type   'polypeptide(L)'
_entity_poly.pdbx_seq_one_letter_code
;MTPHINAKIGDFYPQCLLCGDPLRVSYIAKKFLQDAKEITNVRNMLGFSGKYKGRGISLMGHGMGIASCTIYVTELIKTY
QVKELLRIGTCGAISPKVGLKDIIMATGASTDSKTNRVRFLNHDLSATPDFELSLRAYQTAKRLGIDLKVGNVFSSDFFY
SFETHAFDLMAKYNHLAIEMEAAGLYATAMELNAKALCLCSVSDHLITKEALSPKERVESFDNMIILALEMMS
;
_entity_poly.pdbx_strand_id   A,B,C,D,E,F,G,H,I,J,K,L
#
loop_
_chem_comp.id
_chem_comp.type
_chem_comp.name
_chem_comp.formula
05Z non-polymer 6-benzylthio-2-chloropurine 'C12 H9 Cl N4 S'
GOL non-polymer GLYCEROL 'C3 H8 O3'
PO4 non-polymer 'PHOSPHATE ION' 'O4 P -3'
TRS non-polymer 2-AMINO-2-HYDROXYMETHYL-PROPANE-1,3-DIOL 'C4 H12 N O3 1'
#
# COMPACT_ATOMS: atom_id res chain seq x y z
N MET A 1 -37.06 28.27 43.91
CA MET A 1 -35.99 27.35 44.30
C MET A 1 -34.68 27.70 43.60
N THR A 2 -34.73 27.80 42.28
CA THR A 2 -33.66 28.32 41.44
C THR A 2 -34.30 29.35 40.51
N PRO A 3 -33.50 30.20 39.86
CA PRO A 3 -34.11 31.26 39.04
C PRO A 3 -34.85 30.75 37.83
N HIS A 4 -34.58 29.53 37.36
CA HIS A 4 -35.16 29.05 36.13
C HIS A 4 -36.01 27.82 36.28
N ILE A 5 -36.07 27.24 37.47
CA ILE A 5 -36.91 26.08 37.74
C ILE A 5 -37.69 26.33 39.03
N ASN A 6 -38.98 25.95 39.02
CA ASN A 6 -39.85 26.09 40.18
C ASN A 6 -40.48 24.77 40.61
N ALA A 7 -39.89 23.65 40.21
CA ALA A 7 -40.23 22.40 40.86
C ALA A 7 -39.84 22.50 42.32
N LYS A 8 -40.51 21.72 43.16
CA LYS A 8 -39.99 21.57 44.51
C LYS A 8 -38.85 20.57 44.49
N ILE A 9 -38.01 20.62 45.53
CA ILE A 9 -36.97 19.60 45.67
C ILE A 9 -37.63 18.24 45.66
N GLY A 10 -36.88 17.23 45.23
CA GLY A 10 -37.42 15.89 45.10
C GLY A 10 -38.44 15.69 43.99
N ASP A 11 -38.85 16.75 43.30
CA ASP A 11 -39.81 16.58 42.21
C ASP A 11 -39.19 15.89 41.01
N PHE A 12 -37.89 16.10 40.79
CA PHE A 12 -37.19 15.54 39.64
C PHE A 12 -36.64 14.17 40.02
N TYR A 13 -36.89 13.19 39.18
CA TYR A 13 -36.23 11.90 39.33
C TYR A 13 -34.75 12.03 38.96
N PRO A 14 -33.88 11.16 39.50
CA PRO A 14 -32.44 11.32 39.23
C PRO A 14 -32.06 11.11 37.77
N GLN A 15 -32.93 10.51 36.97
CA GLN A 15 -32.72 10.37 35.54
C GLN A 15 -33.64 11.34 34.82
N CYS A 16 -33.06 12.17 33.96
CA CYS A 16 -33.83 13.18 33.26
C CYS A 16 -33.51 13.15 31.77
N LEU A 17 -34.56 13.29 30.95
CA LEU A 17 -34.43 13.41 29.50
C LEU A 17 -34.58 14.87 29.12
N LEU A 18 -33.83 15.30 28.12
CA LEU A 18 -33.77 16.71 27.76
C LEU A 18 -34.01 16.91 26.26
N CYS A 19 -34.50 18.11 25.94
CA CYS A 19 -34.73 18.54 24.57
C CYS A 19 -34.74 20.07 24.61
N GLY A 20 -34.42 20.70 23.48
CA GLY A 20 -34.48 22.15 23.42
C GLY A 20 -35.91 22.68 23.43
N ASP A 21 -36.85 21.90 22.90
CA ASP A 21 -38.22 22.35 22.72
C ASP A 21 -39.02 21.89 23.92
N PRO A 22 -39.56 22.81 24.73
CA PRO A 22 -40.46 22.40 25.84
C PRO A 22 -41.75 21.73 25.37
N LEU A 23 -42.16 21.90 24.11
CA LEU A 23 -43.38 21.27 23.63
C LEU A 23 -43.14 19.84 23.14
N ARG A 24 -42.03 19.58 22.44
CA ARG A 24 -41.60 18.19 22.28
C ARG A 24 -41.45 17.49 23.64
N VAL A 25 -40.92 18.20 24.65
CA VAL A 25 -40.88 17.60 25.98
C VAL A 25 -42.29 17.30 26.47
N SER A 26 -43.20 18.25 26.25
CA SER A 26 -44.62 18.03 26.55
C SER A 26 -45.16 16.86 25.75
N TYR A 27 -44.77 16.76 24.48
CA TYR A 27 -45.19 15.63 23.67
C TYR A 27 -44.78 14.31 24.32
N ILE A 28 -43.53 14.23 24.79
CA ILE A 28 -43.06 12.98 25.39
C ILE A 28 -43.86 12.67 26.65
N ALA A 29 -44.18 13.70 27.43
CA ALA A 29 -44.90 13.49 28.69
C ALA A 29 -46.28 12.91 28.44
N LYS A 30 -47.05 13.55 27.56
CA LYS A 30 -48.45 13.17 27.37
C LYS A 30 -48.57 11.74 26.86
N LYS A 31 -47.68 11.34 25.95
CA LYS A 31 -47.89 10.18 25.11
C LYS A 31 -47.13 8.94 25.57
N PHE A 32 -46.07 9.10 26.36
CA PHE A 32 -45.24 7.98 26.79
C PHE A 32 -45.24 7.73 28.29
N LEU A 33 -45.59 8.71 29.11
CA LEU A 33 -45.44 8.59 30.55
C LEU A 33 -46.77 8.28 31.22
N GLN A 34 -46.72 7.44 32.25
CA GLN A 34 -47.85 7.20 33.14
C GLN A 34 -47.64 8.00 34.43
N ASP A 35 -48.74 8.49 34.99
CA ASP A 35 -48.70 9.37 36.17
C ASP A 35 -47.94 10.66 35.88
N ALA A 36 -48.05 11.12 34.64
CA ALA A 36 -47.32 12.29 34.17
C ALA A 36 -47.81 13.55 34.88
N LYS A 37 -46.91 14.53 35.02
CA LYS A 37 -47.20 15.68 35.86
C LYS A 37 -46.21 16.78 35.54
N GLU A 38 -46.71 17.93 35.06
CA GLU A 38 -45.86 19.08 34.88
C GLU A 38 -45.32 19.54 36.23
N ILE A 39 -44.00 19.71 36.33
CA ILE A 39 -43.35 20.06 37.59
C ILE A 39 -42.67 21.42 37.58
N THR A 40 -42.45 22.04 36.42
CA THR A 40 -41.81 23.35 36.35
C THR A 40 -42.29 24.06 35.10
N ASN A 41 -42.28 25.41 35.13
CA ASN A 41 -42.80 26.16 33.97
C ASN A 41 -42.29 27.59 33.90
N VAL A 42 -41.17 27.91 34.54
CA VAL A 42 -40.54 29.22 34.40
C VAL A 42 -40.25 29.51 32.93
N ARG A 43 -40.55 30.73 32.51
CA ARG A 43 -40.23 31.20 31.15
C ARG A 43 -40.87 30.35 30.05
N ASN A 44 -41.98 29.69 30.35
CA ASN A 44 -42.62 28.76 29.42
C ASN A 44 -41.73 27.57 29.07
N MET A 45 -40.74 27.24 29.93
CA MET A 45 -39.80 26.12 29.74
C MET A 45 -40.23 24.97 30.63
N LEU A 46 -41.00 24.04 30.08
CA LEU A 46 -41.65 23.01 30.87
C LEU A 46 -40.70 21.89 31.28
N GLY A 47 -41.01 21.28 32.43
CA GLY A 47 -40.39 20.03 32.82
C GLY A 47 -41.42 19.17 33.52
N PHE A 48 -41.28 17.87 33.35
CA PHE A 48 -42.30 16.92 33.76
C PHE A 48 -41.66 15.79 34.56
N SER A 49 -42.51 15.09 35.29
CA SER A 49 -42.12 13.86 35.98
C SER A 49 -43.23 12.85 35.80
N GLY A 50 -42.85 11.61 35.51
CA GLY A 50 -43.79 10.55 35.28
C GLY A 50 -43.11 9.21 35.44
N LYS A 51 -43.79 8.15 34.96
CA LYS A 51 -43.28 6.79 35.10
C LYS A 51 -43.35 6.08 33.76
N TYR A 52 -42.30 5.33 33.46
CA TYR A 52 -42.22 4.50 32.25
C TYR A 52 -41.91 3.07 32.67
N LYS A 53 -42.88 2.17 32.44
CA LYS A 53 -42.77 0.77 32.83
C LYS A 53 -42.36 0.62 34.30
N GLY A 54 -43.04 1.40 35.15
CA GLY A 54 -42.80 1.38 36.58
C GLY A 54 -41.62 2.20 37.07
N ARG A 55 -40.70 2.58 36.19
CA ARG A 55 -39.54 3.37 36.59
C ARG A 55 -39.81 4.84 36.36
N GLY A 56 -39.61 5.64 37.40
CA GLY A 56 -39.81 7.08 37.27
C GLY A 56 -38.69 7.74 36.51
N ILE A 57 -39.04 8.59 35.54
CA ILE A 57 -38.10 9.46 34.84
C ILE A 57 -38.66 10.89 34.84
N SER A 58 -37.82 11.83 34.42
CA SER A 58 -38.20 13.24 34.33
C SER A 58 -37.79 13.75 32.96
N LEU A 59 -38.50 14.77 32.50
CA LEU A 59 -38.24 15.44 31.24
C LEU A 59 -38.09 16.93 31.53
N MET A 60 -37.22 17.61 30.78
CA MET A 60 -36.95 19.02 30.97
C MET A 60 -36.65 19.63 29.60
N GLY A 61 -37.15 20.85 29.36
CA GLY A 61 -36.72 21.65 28.23
C GLY A 61 -35.51 22.50 28.60
N HIS A 62 -34.59 22.70 27.64
CA HIS A 62 -33.36 23.42 27.98
C HIS A 62 -33.06 24.62 27.10
N GLY A 63 -33.84 24.87 26.04
CA GLY A 63 -33.58 26.00 25.19
C GLY A 63 -32.55 25.69 24.11
N MET A 64 -32.20 26.75 23.40
CA MET A 64 -31.33 26.68 22.24
C MET A 64 -30.07 27.43 22.59
N GLY A 65 -28.93 26.79 22.37
CA GLY A 65 -27.66 27.42 22.63
C GLY A 65 -26.96 26.81 23.83
N ILE A 66 -25.63 26.80 23.78
CA ILE A 66 -24.83 26.32 24.90
C ILE A 66 -25.16 27.09 26.17
N ALA A 67 -25.25 28.42 26.05
CA ALA A 67 -25.59 29.29 27.17
C ALA A 67 -26.87 28.82 27.85
N SER A 68 -27.95 28.72 27.09
CA SER A 68 -29.22 28.28 27.65
C SER A 68 -29.12 26.89 28.27
N CYS A 69 -28.56 25.92 27.53
CA CYS A 69 -28.48 24.54 28.01
C CYS A 69 -27.70 24.46 29.32
N THR A 70 -26.59 25.18 29.40
CA THR A 70 -25.76 25.15 30.59
C THR A 70 -26.54 25.60 31.82
N ILE A 71 -27.41 26.60 31.65
CA ILE A 71 -28.14 27.11 32.81
C ILE A 71 -29.04 26.01 33.39
N TYR A 72 -29.82 25.35 32.54
CA TYR A 72 -30.77 24.37 33.06
C TYR A 72 -30.06 23.12 33.56
N VAL A 73 -28.92 22.75 32.95
CA VAL A 73 -28.23 21.54 33.38
C VAL A 73 -27.54 21.76 34.72
N THR A 74 -27.00 22.97 34.92
CA THR A 74 -26.36 23.29 36.19
C THR A 74 -27.36 23.22 37.33
N GLU A 75 -28.55 23.79 37.14
CA GLU A 75 -29.57 23.77 38.19
C GLU A 75 -30.14 22.38 38.38
N LEU A 76 -30.36 21.64 37.28
CA LEU A 76 -30.83 20.27 37.42
C LEU A 76 -29.91 19.43 38.30
N ILE A 77 -28.59 19.63 38.18
CA ILE A 77 -27.63 18.80 38.92
C ILE A 77 -27.50 19.29 40.35
N LYS A 78 -27.18 20.57 40.52
CA LYS A 78 -26.79 21.10 41.83
C LYS A 78 -27.97 21.20 42.79
N THR A 79 -29.18 21.43 42.28
CA THR A 79 -30.34 21.64 43.14
C THR A 79 -31.33 20.49 43.13
N TYR A 80 -31.63 19.90 41.97
CA TYR A 80 -32.64 18.86 41.86
C TYR A 80 -32.03 17.46 41.80
N GLN A 81 -30.74 17.33 42.09
CA GLN A 81 -30.06 16.06 42.35
C GLN A 81 -30.02 15.13 41.15
N VAL A 82 -30.25 15.65 39.94
CA VAL A 82 -30.27 14.79 38.77
C VAL A 82 -28.88 14.22 38.54
N LYS A 83 -28.81 12.91 38.30
CA LYS A 83 -27.56 12.17 38.13
C LYS A 83 -27.26 11.81 36.68
N GLU A 84 -28.28 11.56 35.86
CA GLU A 84 -28.10 11.08 34.50
C GLU A 84 -28.90 11.96 33.56
N LEU A 85 -28.22 12.54 32.58
CA LEU A 85 -28.83 13.48 31.65
C LEU A 85 -28.68 12.94 30.24
N LEU A 86 -29.81 12.70 29.58
CA LEU A 86 -29.87 12.22 28.20
C LEU A 86 -30.58 13.26 27.35
N ARG A 87 -29.83 14.01 26.53
CA ARG A 87 -30.45 14.89 25.56
C ARG A 87 -30.81 14.10 24.31
N ILE A 88 -32.04 14.29 23.83
CA ILE A 88 -32.49 13.85 22.51
C ILE A 88 -32.96 15.08 21.75
N GLY A 89 -32.80 15.03 20.43
CA GLY A 89 -33.19 16.16 19.61
C GLY A 89 -32.94 15.83 18.15
N THR A 90 -33.14 16.84 17.31
CA THR A 90 -32.77 16.72 15.91
C THR A 90 -31.38 17.31 15.71
N CYS A 91 -30.82 17.03 14.53
CA CYS A 91 -29.58 17.65 14.09
C CYS A 91 -29.54 17.56 12.58
N GLY A 92 -28.92 18.58 11.99
CA GLY A 92 -28.64 18.56 10.56
C GLY A 92 -27.38 17.81 10.19
N ALA A 93 -27.53 16.73 9.44
CA ALA A 93 -26.43 15.87 9.04
C ALA A 93 -25.54 16.56 8.03
N ILE A 94 -24.23 16.29 8.16
CA ILE A 94 -23.25 16.78 7.20
C ILE A 94 -22.39 15.66 6.62
N SER A 95 -22.52 14.44 7.09
CA SER A 95 -21.63 13.39 6.66
C SER A 95 -22.40 12.41 5.76
N PRO A 96 -21.80 11.91 4.68
CA PRO A 96 -22.50 10.91 3.85
C PRO A 96 -22.64 9.57 4.53
N LYS A 97 -21.96 9.36 5.66
CA LYS A 97 -22.12 8.17 6.48
C LYS A 97 -23.45 8.11 7.19
N VAL A 98 -24.25 9.16 7.13
CA VAL A 98 -25.54 9.17 7.80
C VAL A 98 -26.62 9.61 6.82
N GLY A 99 -27.83 9.09 7.04
CA GLY A 99 -28.96 9.39 6.19
C GLY A 99 -30.15 9.81 7.04
N LEU A 100 -31.24 10.14 6.35
CA LEU A 100 -32.46 10.49 7.07
C LEU A 100 -32.92 9.31 7.90
N LYS A 101 -33.59 9.60 9.02
CA LYS A 101 -34.12 8.66 10.00
C LYS A 101 -33.03 8.03 10.88
N ASP A 102 -31.75 8.27 10.59
CA ASP A 102 -30.67 7.75 11.43
C ASP A 102 -30.65 8.44 12.79
N ILE A 103 -30.42 7.66 13.83
CA ILE A 103 -30.12 8.19 15.14
C ILE A 103 -28.62 8.16 15.36
N ILE A 104 -28.07 9.30 15.79
CA ILE A 104 -26.63 9.50 16.00
C ILE A 104 -26.37 9.59 17.50
N MET A 105 -25.36 8.87 17.98
CA MET A 105 -24.82 9.02 19.35
C MET A 105 -23.54 9.83 19.30
N ALA A 106 -23.50 10.92 20.05
CA ALA A 106 -22.36 11.84 20.00
C ALA A 106 -21.34 11.47 21.08
N THR A 107 -20.36 10.64 20.70
CA THR A 107 -19.25 10.37 21.59
C THR A 107 -18.31 11.55 21.75
N GLY A 108 -18.52 12.62 20.98
CA GLY A 108 -17.79 13.86 21.20
C GLY A 108 -18.55 15.01 20.59
N ALA A 109 -18.43 16.18 21.20
CA ALA A 109 -19.06 17.40 20.69
C ALA A 109 -17.96 18.43 20.54
N SER A 110 -17.64 18.74 19.29
CA SER A 110 -16.78 19.86 18.96
C SER A 110 -17.58 21.16 19.06
N THR A 111 -16.86 22.29 19.03
CA THR A 111 -17.57 23.54 19.18
C THR A 111 -16.78 24.71 18.63
N ASP A 112 -17.54 25.74 18.27
CA ASP A 112 -17.02 27.06 17.92
C ASP A 112 -17.28 28.06 19.03
N SER A 113 -17.88 27.63 20.14
CA SER A 113 -18.03 28.43 21.33
C SER A 113 -16.68 28.64 22.01
N LYS A 114 -16.61 29.70 22.81
CA LYS A 114 -15.46 29.96 23.64
C LYS A 114 -15.63 29.46 25.07
N THR A 115 -16.79 28.90 25.38
CA THR A 115 -17.12 28.60 26.78
C THR A 115 -16.16 27.59 27.35
N ASN A 116 -15.73 26.64 26.53
CA ASN A 116 -14.87 25.60 27.06
C ASN A 116 -13.46 26.10 27.28
N ARG A 117 -12.99 27.02 26.42
CA ARG A 117 -11.70 27.63 26.68
C ARG A 117 -11.75 28.48 27.94
N VAL A 118 -12.90 29.12 28.19
CA VAL A 118 -13.06 29.89 29.42
C VAL A 118 -13.04 28.97 30.64
N ARG A 119 -13.77 27.85 30.57
CA ARG A 119 -13.74 26.87 31.65
C ARG A 119 -12.37 26.23 31.82
N PHE A 120 -11.61 26.09 30.73
CA PHE A 120 -10.51 25.14 30.66
C PHE A 120 -9.24 25.82 30.18
N LEU A 121 -8.77 26.81 30.96
CA LEU A 121 -7.37 27.21 30.92
C LEU A 121 -6.97 27.76 29.57
N ASN A 122 -7.93 28.18 28.76
CA ASN A 122 -7.65 28.54 27.38
C ASN A 122 -7.09 27.38 26.56
N HIS A 123 -7.17 26.13 27.06
CA HIS A 123 -6.73 24.96 26.31
C HIS A 123 -7.92 24.37 25.54
N ASP A 124 -7.79 23.12 25.07
CA ASP A 124 -8.83 22.45 24.31
C ASP A 124 -9.48 21.45 25.23
N LEU A 125 -10.78 21.60 25.44
CA LEU A 125 -11.56 20.63 26.18
C LEU A 125 -12.26 19.73 25.16
N SER A 126 -11.90 18.46 25.16
CA SER A 126 -12.61 17.48 24.35
C SER A 126 -13.86 17.11 25.15
N ALA A 127 -15.01 17.64 24.75
CA ALA A 127 -16.24 17.40 25.51
C ALA A 127 -16.86 16.09 25.06
N THR A 128 -17.16 15.23 26.01
CA THR A 128 -17.50 13.84 25.73
C THR A 128 -18.63 13.45 26.67
N PRO A 129 -19.36 12.39 26.34
CA PRO A 129 -20.38 11.88 27.28
C PRO A 129 -19.77 10.91 28.28
N ASP A 130 -20.60 10.54 29.25
CA ASP A 130 -20.29 9.44 30.15
C ASP A 130 -20.25 8.12 29.39
N PHE A 131 -19.20 7.32 29.62
CA PHE A 131 -19.05 6.11 28.81
C PHE A 131 -20.14 5.09 29.12
N GLU A 132 -20.41 4.88 30.40
CA GLU A 132 -21.39 3.90 30.80
C GLU A 132 -22.78 4.22 30.25
N LEU A 133 -23.11 5.52 30.09
CA LEU A 133 -24.36 5.89 29.41
C LEU A 133 -24.30 5.57 27.91
N SER A 134 -23.21 5.97 27.26
CA SER A 134 -23.02 5.56 25.86
C SER A 134 -23.12 4.05 25.71
N LEU A 135 -22.46 3.29 26.59
CA LEU A 135 -22.56 1.83 26.51
C LEU A 135 -24.01 1.36 26.60
N ARG A 136 -24.77 1.93 27.55
CA ARG A 136 -26.16 1.52 27.73
C ARG A 136 -26.98 1.84 26.49
N ALA A 137 -26.72 2.99 25.86
CA ALA A 137 -27.43 3.35 24.65
C ALA A 137 -27.14 2.36 23.51
N TYR A 138 -25.88 1.94 23.38
CA TYR A 138 -25.55 0.92 22.38
C TYR A 138 -26.28 -0.38 22.68
N GLN A 139 -26.29 -0.79 23.95
CA GLN A 139 -26.92 -2.05 24.30
C GLN A 139 -28.42 -2.02 24.01
N THR A 140 -29.05 -0.87 24.27
CA THR A 140 -30.48 -0.76 24.07
C THR A 140 -30.83 -0.73 22.59
N ALA A 141 -30.13 0.11 21.82
CA ALA A 141 -30.41 0.17 20.39
C ALA A 141 -30.22 -1.19 19.74
N LYS A 142 -29.18 -1.92 20.16
CA LYS A 142 -28.99 -3.25 19.60
C LYS A 142 -30.14 -4.18 19.96
N ARG A 143 -30.69 -4.03 21.17
CA ARG A 143 -31.88 -4.81 21.52
C ARG A 143 -33.08 -4.42 20.67
N LEU A 144 -33.22 -3.13 20.36
CA LEU A 144 -34.38 -2.60 19.67
C LEU A 144 -34.29 -2.69 18.16
N GLY A 145 -33.21 -3.23 17.61
CA GLY A 145 -33.11 -3.29 16.17
C GLY A 145 -32.78 -1.99 15.49
N ILE A 146 -32.27 -1.00 16.24
CA ILE A 146 -31.87 0.29 15.73
C ILE A 146 -30.37 0.28 15.47
N ASP A 147 -29.96 0.70 14.26
CA ASP A 147 -28.54 0.83 13.94
C ASP A 147 -28.05 2.20 14.37
N LEU A 148 -27.40 2.25 15.53
CA LEU A 148 -26.92 3.49 16.10
C LEU A 148 -25.69 3.95 15.32
N LYS A 149 -25.74 5.18 14.81
CA LYS A 149 -24.58 5.80 14.21
C LYS A 149 -23.85 6.53 15.32
N VAL A 150 -22.54 6.29 15.43
CA VAL A 150 -21.74 6.80 16.54
C VAL A 150 -20.59 7.63 15.99
N GLY A 151 -20.47 8.86 16.49
CA GLY A 151 -19.36 9.74 16.17
C GLY A 151 -19.54 11.09 16.83
N ASN A 152 -18.95 12.09 16.21
CA ASN A 152 -18.88 13.42 16.79
C ASN A 152 -19.99 14.29 16.24
N VAL A 153 -20.41 15.26 17.04
CA VAL A 153 -21.21 16.36 16.54
C VAL A 153 -20.43 17.64 16.77
N PHE A 154 -20.78 18.66 15.99
CA PHE A 154 -20.24 20.00 16.14
C PHE A 154 -21.34 20.89 16.70
N SER A 155 -21.18 21.33 17.96
CA SER A 155 -22.12 22.23 18.62
C SER A 155 -21.70 23.66 18.31
N SER A 156 -22.54 24.36 17.57
CA SER A 156 -22.22 25.71 17.13
C SER A 156 -23.08 26.74 17.86
N ASP A 157 -22.52 27.94 18.05
CA ASP A 157 -23.29 29.10 18.49
C ASP A 157 -24.23 29.62 17.40
N PHE A 158 -24.13 29.13 16.16
CA PHE A 158 -24.89 29.69 15.04
C PHE A 158 -25.81 28.63 14.46
N PHE A 159 -27.09 28.97 14.37
CA PHE A 159 -28.04 28.21 13.57
C PHE A 159 -27.88 28.57 12.10
N TYR A 160 -27.84 29.87 11.81
CA TYR A 160 -27.51 30.38 10.48
C TYR A 160 -26.01 30.57 10.47
N SER A 161 -25.28 29.59 9.94
CA SER A 161 -23.82 29.58 10.07
C SER A 161 -23.18 30.53 9.06
N PHE A 162 -22.06 31.10 9.46
CA PHE A 162 -21.21 31.83 8.52
C PHE A 162 -20.08 30.97 7.94
N GLU A 163 -20.04 29.68 8.25
CA GLU A 163 -18.94 28.82 7.85
C GLU A 163 -19.45 27.54 7.22
N THR A 164 -20.49 27.65 6.38
CA THR A 164 -21.04 26.45 5.77
C THR A 164 -20.03 25.79 4.87
N HIS A 165 -19.15 26.60 4.27
CA HIS A 165 -18.08 26.09 3.43
C HIS A 165 -17.13 25.17 4.19
N ALA A 166 -17.24 25.09 5.53
CA ALA A 166 -16.39 24.21 6.33
C ALA A 166 -17.00 22.84 6.63
N PHE A 167 -18.32 22.65 6.39
CA PHE A 167 -19.01 21.41 6.74
C PHE A 167 -18.32 20.16 6.19
N ASP A 168 -17.74 20.24 4.99
CA ASP A 168 -17.05 19.07 4.46
C ASP A 168 -15.87 18.71 5.34
N LEU A 169 -15.07 19.70 5.75
CA LEU A 169 -13.94 19.40 6.61
C LEU A 169 -14.41 18.79 7.93
N MET A 170 -15.53 19.30 8.48
CA MET A 170 -16.05 18.73 9.72
C MET A 170 -16.46 17.28 9.52
N ALA A 171 -17.22 17.00 8.45
CA ALA A 171 -17.66 15.65 8.13
C ALA A 171 -16.48 14.70 8.00
N LYS A 172 -15.38 15.20 7.43
CA LYS A 172 -14.19 14.39 7.23
C LYS A 172 -13.56 14.01 8.57
N TYR A 173 -13.59 14.93 9.55
CA TYR A 173 -13.07 14.65 10.88
C TYR A 173 -14.10 13.94 11.77
N ASN A 174 -15.02 13.18 11.14
CA ASN A 174 -15.97 12.33 11.84
C ASN A 174 -17.05 13.12 12.58
N HIS A 175 -17.41 14.32 12.11
CA HIS A 175 -18.61 14.99 12.62
C HIS A 175 -19.83 14.60 11.77
N LEU A 176 -20.80 13.96 12.41
CA LEU A 176 -21.91 13.41 11.66
C LEU A 176 -23.06 14.40 11.50
N ALA A 177 -23.16 15.38 12.38
CA ALA A 177 -24.23 16.37 12.26
C ALA A 177 -23.85 17.62 13.06
N ILE A 178 -24.66 18.66 12.90
CA ILE A 178 -24.45 19.92 13.58
C ILE A 178 -25.65 20.19 14.46
N GLU A 179 -25.40 20.48 15.73
CA GLU A 179 -26.47 20.99 16.57
C GLU A 179 -25.92 22.14 17.42
N MET A 180 -26.46 22.35 18.61
CA MET A 180 -26.21 23.62 19.29
C MET A 180 -25.96 23.55 20.79
N GLU A 181 -26.08 22.38 21.43
CA GLU A 181 -26.01 22.32 22.89
C GLU A 181 -25.01 21.29 23.39
N ALA A 182 -24.81 20.23 22.60
CA ALA A 182 -24.11 19.03 23.10
C ALA A 182 -22.79 19.37 23.78
N ALA A 183 -22.01 20.30 23.23
CA ALA A 183 -20.72 20.58 23.86
C ALA A 183 -20.90 21.25 25.22
N GLY A 184 -21.99 21.98 25.40
CA GLY A 184 -22.25 22.64 26.66
C GLY A 184 -22.72 21.64 27.69
N LEU A 185 -23.74 20.86 27.32
CA LEU A 185 -24.23 19.77 28.18
C LEU A 185 -23.08 18.85 28.62
N TYR A 186 -22.15 18.52 27.71
CA TYR A 186 -21.05 17.64 28.08
C TYR A 186 -20.08 18.32 29.04
N ALA A 187 -19.79 19.61 28.83
CA ALA A 187 -18.83 20.28 29.71
C ALA A 187 -19.41 20.54 31.09
N THR A 188 -20.68 20.93 31.15
CA THR A 188 -21.34 21.11 32.45
C THR A 188 -21.33 19.80 33.21
N ALA A 189 -21.78 18.73 32.55
CA ALA A 189 -21.76 17.40 33.18
C ALA A 189 -20.37 17.00 33.69
N MET A 190 -19.31 17.28 32.91
CA MET A 190 -17.96 16.96 33.37
C MET A 190 -17.54 17.83 34.55
N GLU A 191 -17.75 19.15 34.45
CA GLU A 191 -17.54 20.06 35.59
C GLU A 191 -18.24 19.57 36.86
N LEU A 192 -19.47 19.12 36.74
CA LEU A 192 -20.28 18.83 37.92
C LEU A 192 -20.38 17.34 38.22
N ASN A 193 -19.57 16.51 37.55
CA ASN A 193 -19.46 15.09 37.87
C ASN A 193 -20.79 14.33 37.73
N ALA A 194 -21.49 14.58 36.63
CA ALA A 194 -22.75 13.93 36.31
C ALA A 194 -22.65 13.20 34.98
N LYS A 195 -23.54 12.24 34.77
CA LYS A 195 -23.49 11.41 33.57
C LYS A 195 -24.42 12.00 32.52
N ALA A 196 -23.85 12.32 31.35
CA ALA A 196 -24.59 12.88 30.24
C ALA A 196 -24.33 12.08 28.98
N LEU A 197 -25.25 12.20 28.02
CA LEU A 197 -25.16 11.61 26.70
C LEU A 197 -26.14 12.36 25.81
N CYS A 198 -25.76 12.54 24.55
CA CYS A 198 -26.61 13.24 23.60
C CYS A 198 -26.90 12.34 22.42
N LEU A 199 -28.17 12.06 22.18
CA LEU A 199 -28.58 11.34 21.00
C LEU A 199 -29.24 12.29 20.02
N CYS A 200 -29.17 11.94 18.75
CA CYS A 200 -29.41 12.88 17.66
C CYS A 200 -30.16 12.19 16.54
N SER A 201 -31.32 12.72 16.18
CA SER A 201 -32.10 12.20 15.05
C SER A 201 -31.94 13.11 13.83
N VAL A 202 -31.84 12.49 12.65
CA VAL A 202 -31.58 13.20 11.39
C VAL A 202 -32.88 13.36 10.61
N SER A 203 -33.44 14.57 10.62
CA SER A 203 -34.61 14.90 9.82
C SER A 203 -34.26 15.71 8.56
N ASP A 204 -33.05 16.25 8.46
CA ASP A 204 -32.62 16.99 7.29
C ASP A 204 -31.15 16.69 7.07
N HIS A 205 -30.73 16.64 5.81
CA HIS A 205 -29.31 16.49 5.47
C HIS A 205 -28.80 17.80 4.89
N LEU A 206 -27.96 18.49 5.66
CA LEU A 206 -27.60 19.87 5.34
C LEU A 206 -26.95 20.04 3.96
N ILE A 207 -26.52 18.96 3.31
CA ILE A 207 -25.82 19.13 2.05
C ILE A 207 -26.45 18.31 0.95
N THR A 208 -26.80 17.06 1.25
CA THR A 208 -27.59 16.30 0.31
C THR A 208 -28.96 16.93 0.09
N LYS A 209 -29.43 17.72 1.06
CA LYS A 209 -30.70 18.45 1.05
C LYS A 209 -31.90 17.53 1.26
N GLU A 210 -31.68 16.23 1.49
CA GLU A 210 -32.78 15.33 1.81
C GLU A 210 -33.51 15.80 3.07
N ALA A 211 -34.83 15.59 3.09
CA ALA A 211 -35.67 16.03 4.19
C ALA A 211 -36.78 15.02 4.44
N LEU A 212 -37.17 14.89 5.70
CA LEU A 212 -38.27 14.01 6.07
C LEU A 212 -39.60 14.71 5.82
N SER A 213 -40.61 13.93 5.43
CA SER A 213 -41.96 14.46 5.39
C SER A 213 -42.47 14.62 6.82
N PRO A 214 -43.14 15.73 7.13
CA PRO A 214 -43.61 15.95 8.52
C PRO A 214 -44.26 14.73 9.18
N LYS A 215 -44.90 13.84 8.41
CA LYS A 215 -45.44 12.61 8.98
C LYS A 215 -44.34 11.60 9.30
N GLU A 216 -43.25 11.59 8.52
CA GLU A 216 -42.08 10.81 8.91
C GLU A 216 -41.35 11.43 10.10
N ARG A 217 -41.55 12.73 10.35
CA ARG A 217 -40.83 13.37 11.44
C ARG A 217 -41.30 12.87 12.81
N VAL A 218 -42.62 12.72 13.00
CA VAL A 218 -43.09 12.18 14.27
C VAL A 218 -42.67 10.72 14.41
N GLU A 219 -42.89 9.92 13.36
CA GLU A 219 -42.37 8.56 13.34
C GLU A 219 -40.92 8.53 13.80
N SER A 220 -40.09 9.35 13.15
CA SER A 220 -38.65 9.37 13.43
C SER A 220 -38.37 9.74 14.88
N PHE A 221 -38.94 10.86 15.34
CA PHE A 221 -38.75 11.25 16.73
C PHE A 221 -39.19 10.14 17.68
N ASP A 222 -40.32 9.50 17.38
CA ASP A 222 -40.85 8.46 18.26
C ASP A 222 -39.87 7.32 18.45
N ASN A 223 -39.08 6.99 17.43
CA ASN A 223 -38.07 5.94 17.58
C ASN A 223 -37.01 6.34 18.61
N MET A 224 -36.53 7.58 18.52
CA MET A 224 -35.56 8.07 19.49
C MET A 224 -36.14 8.04 20.90
N ILE A 225 -37.40 8.47 21.06
CA ILE A 225 -38.01 8.55 22.38
C ILE A 225 -38.04 7.19 23.06
N ILE A 226 -38.52 6.17 22.34
CA ILE A 226 -38.57 4.82 22.88
C ILE A 226 -37.18 4.34 23.26
N LEU A 227 -36.22 4.51 22.34
CA LEU A 227 -34.83 4.18 22.65
C LEU A 227 -34.41 4.88 23.93
N ALA A 228 -34.53 6.21 23.97
CA ALA A 228 -34.13 6.95 25.16
C ALA A 228 -34.88 6.47 26.40
N LEU A 229 -36.19 6.25 26.30
CA LEU A 229 -36.95 5.77 27.46
C LEU A 229 -36.57 4.34 27.81
N GLU A 230 -36.33 3.51 26.81
CA GLU A 230 -35.96 2.13 27.07
C GLU A 230 -34.64 2.02 27.82
N MET A 231 -33.73 2.99 27.65
CA MET A 231 -32.43 2.86 28.28
C MET A 231 -32.36 3.47 29.67
N MET A 232 -33.32 4.30 30.04
CA MET A 232 -33.49 4.63 31.45
C MET A 232 -34.31 3.58 32.19
N SER A 233 -34.49 2.41 31.60
CA SER A 233 -35.31 1.35 32.18
C SER A 233 -34.53 0.06 32.41
N MET B 1 6.42 67.24 33.67
CA MET B 1 6.34 66.38 34.85
C MET B 1 6.01 64.91 34.53
N THR B 2 5.85 64.56 33.26
CA THR B 2 5.64 63.18 32.83
C THR B 2 6.67 62.87 31.75
N PRO B 3 6.85 61.59 31.41
CA PRO B 3 7.89 61.26 30.42
C PRO B 3 7.71 61.95 29.08
N HIS B 4 6.47 62.30 28.71
CA HIS B 4 6.18 62.74 27.34
C HIS B 4 5.46 64.08 27.25
N ILE B 5 5.27 64.79 28.36
CA ILE B 5 4.57 66.08 28.34
C ILE B 5 5.34 67.07 29.20
N ASN B 6 5.58 68.27 28.64
CA ASN B 6 6.45 69.30 29.20
C ASN B 6 5.73 70.28 30.12
N ALA B 7 4.42 70.38 30.02
CA ALA B 7 3.68 71.41 30.72
C ALA B 7 3.87 71.28 32.23
N LYS B 8 3.41 72.31 32.93
CA LYS B 8 3.26 72.27 34.38
C LYS B 8 1.82 71.91 34.71
N ILE B 9 1.63 71.25 35.85
CA ILE B 9 0.29 70.91 36.28
C ILE B 9 -0.55 72.18 36.37
N GLY B 10 -1.82 72.07 35.94
CA GLY B 10 -2.72 73.21 35.85
C GLY B 10 -2.62 73.99 34.55
N ASP B 11 -1.70 73.60 33.65
CA ASP B 11 -1.60 74.25 32.35
C ASP B 11 -2.69 73.78 31.38
N PHE B 12 -3.11 72.52 31.47
CA PHE B 12 -4.17 72.02 30.62
C PHE B 12 -5.52 72.38 31.23
N TYR B 13 -6.43 72.89 30.41
CA TYR B 13 -7.82 72.99 30.83
C TYR B 13 -8.37 71.59 31.04
N PRO B 14 -9.52 71.43 31.70
CA PRO B 14 -10.13 70.10 31.78
C PRO B 14 -10.68 69.58 30.45
N GLN B 15 -10.98 70.45 29.49
CA GLN B 15 -11.42 70.05 28.16
C GLN B 15 -10.22 70.11 27.21
N CYS B 16 -9.98 69.03 26.46
CA CYS B 16 -8.83 68.96 25.57
C CYS B 16 -9.18 68.39 24.20
N LEU B 17 -8.63 69.00 23.15
CA LEU B 17 -8.80 68.56 21.78
C LEU B 17 -7.54 67.83 21.30
N LEU B 18 -7.74 66.80 20.46
CA LEU B 18 -6.67 65.87 20.12
C LEU B 18 -6.63 65.57 18.63
N CYS B 19 -5.45 65.69 18.04
CA CYS B 19 -5.18 65.31 16.66
C CYS B 19 -3.83 64.62 16.64
N GLY B 20 -3.69 63.62 15.78
CA GLY B 20 -2.43 62.90 15.70
C GLY B 20 -1.28 63.78 15.27
N ASP B 21 -1.55 64.75 14.38
CA ASP B 21 -0.52 65.61 13.82
C ASP B 21 -0.36 66.86 14.69
N PRO B 22 0.76 67.03 15.39
CA PRO B 22 0.94 68.27 16.17
C PRO B 22 0.97 69.52 15.32
N LEU B 23 1.14 69.41 14.00
CA LEU B 23 1.11 70.57 13.13
C LEU B 23 -0.31 71.04 12.82
N ARG B 24 -1.31 70.14 12.86
CA ARG B 24 -2.71 70.56 12.80
C ARG B 24 -3.18 71.13 14.13
N VAL B 25 -2.63 70.59 15.22
CA VAL B 25 -2.86 71.13 16.55
C VAL B 25 -2.34 72.56 16.64
N SER B 26 -1.07 72.76 16.23
CA SER B 26 -0.50 74.09 16.12
C SER B 26 -1.34 74.97 15.20
N TYR B 27 -1.85 74.41 14.10
CA TYR B 27 -2.69 75.16 13.17
C TYR B 27 -3.91 75.72 13.89
N ILE B 28 -4.63 74.86 14.62
CA ILE B 28 -5.86 75.30 15.29
C ILE B 28 -5.57 76.37 16.33
N ALA B 29 -4.37 76.35 16.92
CA ALA B 29 -4.05 77.30 17.98
C ALA B 29 -4.01 78.72 17.45
N LYS B 30 -3.45 78.91 16.25
CA LYS B 30 -3.17 80.20 15.68
C LYS B 30 -4.25 80.67 14.72
N LYS B 31 -5.18 79.79 14.34
CA LYS B 31 -6.33 80.19 13.52
C LYS B 31 -7.62 80.29 14.32
N PHE B 32 -7.71 79.63 15.46
CA PHE B 32 -8.98 79.51 16.16
C PHE B 32 -8.96 79.91 17.62
N LEU B 33 -7.79 79.99 18.27
CA LEU B 33 -7.70 80.16 19.71
C LEU B 33 -7.21 81.56 20.07
N GLN B 34 -7.84 82.17 21.06
CA GLN B 34 -7.39 83.48 21.54
C GLN B 34 -6.39 83.27 22.66
N ASP B 35 -5.26 83.98 22.56
CA ASP B 35 -4.21 83.91 23.56
C ASP B 35 -3.74 82.48 23.68
N ALA B 36 -2.92 82.04 22.74
CA ALA B 36 -2.55 80.64 22.58
C ALA B 36 -1.09 80.47 22.96
N LYS B 37 -0.83 79.70 24.00
CA LYS B 37 0.53 79.41 24.41
C LYS B 37 0.85 77.92 24.25
N GLU B 38 2.11 77.64 23.95
CA GLU B 38 2.60 76.28 23.71
C GLU B 38 3.02 75.70 25.05
N ILE B 39 2.11 74.94 25.68
CA ILE B 39 2.38 74.39 27.01
C ILE B 39 3.28 73.16 27.00
N THR B 40 3.42 72.45 25.88
CA THR B 40 4.31 71.30 25.88
C THR B 40 4.87 71.08 24.48
N ASN B 41 6.07 70.47 24.43
CA ASN B 41 6.69 70.23 23.12
C ASN B 41 7.66 69.06 23.11
N VAL B 42 7.51 68.10 24.03
CA VAL B 42 8.43 66.97 24.09
C VAL B 42 8.29 66.14 22.81
N ARG B 43 9.42 65.77 22.23
CA ARG B 43 9.46 64.95 21.02
C ARG B 43 8.76 65.64 19.83
N ASN B 44 8.72 66.98 19.85
CA ASN B 44 8.07 67.79 18.82
C ASN B 44 6.56 67.57 18.77
N MET B 45 5.99 67.02 19.85
CA MET B 45 4.56 66.75 19.98
C MET B 45 3.99 67.90 20.82
N LEU B 46 3.33 68.84 20.16
CA LEU B 46 3.02 70.13 20.77
C LEU B 46 1.65 70.12 21.44
N GLY B 47 1.52 70.99 22.44
CA GLY B 47 0.25 71.18 23.12
C GLY B 47 0.05 72.65 23.42
N PHE B 48 -1.22 73.04 23.54
CA PHE B 48 -1.59 74.45 23.60
C PHE B 48 -2.77 74.65 24.54
N SER B 49 -2.79 75.81 25.19
CA SER B 49 -3.93 76.24 25.98
C SER B 49 -4.30 77.64 25.54
N GLY B 50 -5.58 77.84 25.23
CA GLY B 50 -6.08 79.11 24.76
C GLY B 50 -7.55 79.23 25.07
N LYS B 51 -8.16 80.26 24.49
CA LYS B 51 -9.58 80.51 24.66
C LYS B 51 -10.24 80.49 23.29
N TYR B 52 -11.46 79.95 23.24
CA TYR B 52 -12.25 79.93 22.02
C TYR B 52 -13.62 80.47 22.36
N LYS B 53 -13.97 81.61 21.77
CA LYS B 53 -15.17 82.33 22.15
C LYS B 53 -15.19 82.52 23.68
N GLY B 54 -14.03 82.94 24.19
CA GLY B 54 -13.82 83.24 25.60
C GLY B 54 -13.56 82.04 26.49
N ARG B 55 -13.94 80.83 26.05
CA ARG B 55 -14.00 79.67 26.93
C ARG B 55 -12.76 78.79 26.82
N GLY B 56 -12.51 78.06 27.91
CA GLY B 56 -11.25 77.36 28.11
C GLY B 56 -11.12 76.06 27.33
N ILE B 57 -10.21 76.06 26.36
CA ILE B 57 -9.96 74.93 25.47
C ILE B 57 -8.46 74.63 25.47
N SER B 58 -8.11 73.35 25.62
CA SER B 58 -6.74 72.89 25.45
C SER B 58 -6.62 72.02 24.20
N LEU B 59 -5.38 71.86 23.72
CA LEU B 59 -5.07 71.18 22.46
C LEU B 59 -3.82 70.33 22.64
N MET B 60 -3.84 69.09 22.11
CA MET B 60 -2.76 68.15 22.35
C MET B 60 -2.67 67.16 21.19
N GLY B 61 -1.46 66.94 20.69
CA GLY B 61 -1.23 65.92 19.68
C GLY B 61 -0.91 64.58 20.32
N HIS B 62 -1.47 63.52 19.75
CA HIS B 62 -1.37 62.19 20.34
C HIS B 62 -0.58 61.19 19.51
N GLY B 63 0.11 61.65 18.46
CA GLY B 63 0.87 60.74 17.62
C GLY B 63 0.01 59.75 16.85
N MET B 64 0.66 58.82 16.15
CA MET B 64 -0.02 57.91 15.25
C MET B 64 0.04 56.50 15.85
N GLY B 65 -1.13 55.90 16.06
CA GLY B 65 -1.14 54.53 16.50
C GLY B 65 -1.78 54.40 17.86
N ILE B 66 -2.31 53.21 18.17
CA ILE B 66 -2.95 52.99 19.46
C ILE B 66 -1.96 53.17 20.61
N ALA B 67 -0.71 52.74 20.41
CA ALA B 67 0.24 52.81 21.52
C ALA B 67 0.71 54.23 21.75
N SER B 68 0.90 54.99 20.66
CA SER B 68 1.29 56.39 20.80
C SER B 68 0.16 57.19 21.46
N CYS B 69 -1.09 56.94 21.03
CA CYS B 69 -2.23 57.68 21.54
C CYS B 69 -2.48 57.34 23.01
N THR B 70 -2.27 56.08 23.39
CA THR B 70 -2.53 55.64 24.76
C THR B 70 -1.61 56.35 25.76
N ILE B 71 -0.32 56.45 25.46
CA ILE B 71 0.61 57.11 26.36
C ILE B 71 0.09 58.50 26.73
N TYR B 72 -0.11 59.34 25.71
CA TYR B 72 -0.51 60.72 25.94
C TYR B 72 -1.81 60.81 26.72
N VAL B 73 -2.87 60.16 26.23
CA VAL B 73 -4.18 60.21 26.90
C VAL B 73 -4.07 59.78 28.35
N THR B 74 -3.25 58.75 28.61
CA THR B 74 -3.01 58.30 29.98
C THR B 74 -2.41 59.42 30.83
N GLU B 75 -1.44 60.13 30.28
CA GLU B 75 -0.78 61.20 31.02
C GLU B 75 -1.66 62.42 31.19
N LEU B 76 -2.44 62.78 30.14
CA LEU B 76 -3.38 63.91 30.23
C LEU B 76 -4.41 63.67 31.33
N ILE B 77 -4.92 62.45 31.41
CA ILE B 77 -5.90 62.12 32.44
C ILE B 77 -5.24 62.07 33.81
N LYS B 78 -4.28 61.15 33.97
CA LYS B 78 -3.74 60.80 35.28
C LYS B 78 -2.83 61.86 35.86
N THR B 79 -2.30 62.76 35.05
CA THR B 79 -1.45 63.80 35.61
C THR B 79 -2.04 65.19 35.42
N TYR B 80 -2.43 65.54 34.21
CA TYR B 80 -2.86 66.90 33.92
C TYR B 80 -4.37 67.11 34.06
N GLN B 81 -5.08 66.19 34.71
CA GLN B 81 -6.46 66.42 35.16
C GLN B 81 -7.42 66.68 34.00
N VAL B 82 -7.10 66.19 32.79
CA VAL B 82 -8.04 66.33 31.69
C VAL B 82 -9.23 65.41 31.90
N LYS B 83 -10.43 65.91 31.60
CA LYS B 83 -11.66 65.21 31.89
C LYS B 83 -12.50 64.91 30.66
N GLU B 84 -12.43 65.76 29.64
CA GLU B 84 -13.13 65.57 28.37
C GLU B 84 -12.06 65.57 27.29
N LEU B 85 -12.03 64.50 26.49
CA LEU B 85 -11.03 64.34 25.43
C LEU B 85 -11.76 64.16 24.09
N LEU B 86 -11.69 65.16 23.24
CA LEU B 86 -12.33 65.12 21.92
C LEU B 86 -11.22 64.96 20.88
N ARG B 87 -11.14 63.78 20.27
CA ARG B 87 -10.20 63.53 19.19
C ARG B 87 -10.86 63.86 17.86
N ILE B 88 -10.17 64.63 17.04
CA ILE B 88 -10.59 64.86 15.68
C ILE B 88 -9.43 64.44 14.77
N GLY B 89 -9.76 64.06 13.55
CA GLY B 89 -8.71 63.65 12.63
C GLY B 89 -9.29 63.09 11.35
N THR B 90 -8.42 62.43 10.60
CA THR B 90 -8.74 61.88 9.30
C THR B 90 -9.04 60.39 9.39
N CYS B 91 -9.69 59.90 8.36
CA CYS B 91 -10.00 58.48 8.23
C CYS B 91 -10.24 58.18 6.75
N GLY B 92 -10.13 56.90 6.40
CA GLY B 92 -10.40 56.45 5.06
C GLY B 92 -11.74 55.74 5.03
N ALA B 93 -12.65 56.24 4.22
CA ALA B 93 -13.99 55.67 4.18
C ALA B 93 -13.94 54.29 3.52
N ILE B 94 -14.85 53.43 3.97
CA ILE B 94 -14.93 52.09 3.41
C ILE B 94 -16.40 51.77 3.22
N SER B 95 -17.25 52.65 3.71
CA SER B 95 -18.67 52.38 3.60
C SER B 95 -19.30 53.17 2.46
N PRO B 96 -20.33 52.59 1.83
CA PRO B 96 -21.09 53.35 0.82
C PRO B 96 -21.93 54.48 1.40
N LYS B 97 -22.27 54.41 2.69
CA LYS B 97 -23.12 55.37 3.37
C LYS B 97 -22.41 56.71 3.65
N VAL B 98 -21.13 56.85 3.35
CA VAL B 98 -20.38 58.08 3.60
C VAL B 98 -19.49 58.36 2.40
N GLY B 99 -19.22 59.65 2.18
CA GLY B 99 -18.30 60.09 1.14
C GLY B 99 -17.25 61.05 1.66
N LEU B 100 -16.41 61.60 0.77
CA LEU B 100 -15.43 62.58 1.23
C LEU B 100 -16.14 63.83 1.75
N LYS B 101 -15.43 64.58 2.58
CA LYS B 101 -15.93 65.75 3.29
C LYS B 101 -16.97 65.40 4.36
N ASP B 102 -17.35 64.13 4.47
CA ASP B 102 -18.26 63.76 5.55
C ASP B 102 -17.51 63.75 6.88
N ILE B 103 -18.25 64.01 7.95
CA ILE B 103 -17.73 63.96 9.32
C ILE B 103 -18.40 62.80 10.05
N ILE B 104 -17.59 61.99 10.73
CA ILE B 104 -18.03 60.74 11.35
C ILE B 104 -17.86 60.82 12.86
N MET B 105 -18.92 60.49 13.58
CA MET B 105 -18.86 60.31 15.03
C MET B 105 -18.84 58.82 15.34
N ALA B 106 -17.77 58.38 16.00
CA ALA B 106 -17.51 56.96 16.28
C ALA B 106 -18.28 56.55 17.53
N THR B 107 -19.44 55.92 17.32
CA THR B 107 -20.16 55.31 18.44
C THR B 107 -19.44 54.06 18.95
N GLY B 108 -18.50 53.52 18.18
CA GLY B 108 -17.71 52.39 18.61
C GLY B 108 -16.46 52.34 17.77
N ALA B 109 -15.39 51.79 18.35
CA ALA B 109 -14.14 51.56 17.64
C ALA B 109 -13.82 50.08 17.73
N SER B 110 -13.88 49.39 16.61
CA SER B 110 -13.40 48.02 16.53
C SER B 110 -11.90 48.05 16.25
N THR B 111 -11.24 46.92 16.47
CA THR B 111 -9.78 46.96 16.38
C THR B 111 -9.20 45.60 15.99
N ASP B 112 -8.09 45.65 15.26
CA ASP B 112 -7.26 44.48 15.04
C ASP B 112 -6.07 44.39 16.03
N SER B 113 -6.01 45.30 17.01
CA SER B 113 -4.97 45.32 18.03
C SER B 113 -5.25 44.28 19.14
N LYS B 114 -4.19 43.86 19.84
CA LYS B 114 -4.34 42.99 21.00
C LYS B 114 -4.48 43.75 22.33
N THR B 115 -4.38 45.08 22.31
CA THR B 115 -4.20 45.81 23.57
C THR B 115 -5.40 45.65 24.47
N ASN B 116 -6.61 45.64 23.90
CA ASN B 116 -7.82 45.56 24.69
C ASN B 116 -8.09 44.15 25.21
N ARG B 117 -7.68 43.11 24.50
CA ARG B 117 -7.66 41.77 25.10
C ARG B 117 -6.70 41.71 26.29
N VAL B 118 -5.53 42.34 26.18
CA VAL B 118 -4.58 42.39 27.30
C VAL B 118 -5.15 43.20 28.45
N ARG B 119 -5.80 44.33 28.16
CA ARG B 119 -6.49 45.10 29.20
C ARG B 119 -7.68 44.35 29.77
N PHE B 120 -8.39 43.59 28.94
CA PHE B 120 -9.74 43.15 29.29
C PHE B 120 -9.91 41.64 29.27
N LEU B 121 -8.99 40.93 29.94
CA LEU B 121 -9.14 39.53 30.33
C LEU B 121 -9.16 38.58 29.14
N ASN B 122 -8.56 38.95 28.02
CA ASN B 122 -8.63 38.22 26.74
C ASN B 122 -10.06 38.07 26.22
N HIS B 123 -10.96 38.98 26.59
CA HIS B 123 -12.32 38.97 26.08
C HIS B 123 -12.49 40.08 25.04
N ASP B 124 -13.74 40.36 24.71
CA ASP B 124 -14.12 41.35 23.68
C ASP B 124 -14.56 42.62 24.39
N LEU B 125 -13.64 43.59 24.48
CA LEU B 125 -13.98 44.91 25.02
C LEU B 125 -14.64 45.75 23.92
N SER B 126 -15.91 46.11 24.13
CA SER B 126 -16.62 46.99 23.20
C SER B 126 -16.25 48.43 23.52
N ALA B 127 -15.27 48.96 22.80
CA ALA B 127 -14.67 50.27 23.08
C ALA B 127 -15.62 51.36 22.57
N THR B 128 -16.21 52.12 23.50
CA THR B 128 -17.22 53.09 23.12
C THR B 128 -16.81 54.48 23.61
N PRO B 129 -17.45 55.54 23.16
CA PRO B 129 -17.22 56.86 23.73
C PRO B 129 -18.25 57.15 24.81
N ASP B 130 -18.04 58.25 25.51
CA ASP B 130 -18.99 58.73 26.50
C ASP B 130 -20.20 59.32 25.78
N PHE B 131 -21.39 58.92 26.23
CA PHE B 131 -22.64 59.28 25.55
C PHE B 131 -22.91 60.78 25.63
N GLU B 132 -22.63 61.40 26.79
CA GLU B 132 -22.75 62.85 26.94
C GLU B 132 -22.08 63.57 25.78
N LEU B 133 -20.78 63.32 25.62
CA LEU B 133 -20.03 63.97 24.55
C LEU B 133 -20.66 63.66 23.20
N SER B 134 -21.13 62.43 23.00
CA SER B 134 -21.75 62.11 21.72
C SER B 134 -23.08 62.83 21.56
N LEU B 135 -23.84 62.99 22.65
CA LEU B 135 -25.06 63.80 22.58
C LEU B 135 -24.73 65.23 22.19
N ARG B 136 -23.64 65.78 22.73
CA ARG B 136 -23.28 67.16 22.44
C ARG B 136 -22.73 67.33 21.03
N ALA B 137 -22.23 66.27 20.41
CA ALA B 137 -21.82 66.36 19.03
C ALA B 137 -23.04 66.39 18.11
N TYR B 138 -24.01 65.52 18.39
CA TYR B 138 -25.21 65.48 17.56
C TYR B 138 -26.00 66.77 17.68
N GLN B 139 -26.13 67.31 18.90
CA GLN B 139 -26.84 68.58 19.07
C GLN B 139 -26.08 69.73 18.42
N THR B 140 -24.76 69.82 18.68
CA THR B 140 -23.99 70.91 18.12
C THR B 140 -23.98 70.86 16.60
N ALA B 141 -23.80 69.66 16.04
CA ALA B 141 -23.83 69.53 14.60
C ALA B 141 -25.18 69.92 14.04
N LYS B 142 -26.27 69.46 14.69
CA LYS B 142 -27.60 69.81 14.23
C LYS B 142 -27.80 71.32 14.22
N ARG B 143 -27.37 71.99 15.30
CA ARG B 143 -27.43 73.45 15.37
C ARG B 143 -26.63 74.10 14.25
N LEU B 144 -25.38 73.66 14.06
CA LEU B 144 -24.53 74.22 13.00
C LEU B 144 -24.93 73.73 11.58
N GLY B 145 -26.03 72.98 11.47
CA GLY B 145 -26.46 72.40 10.20
C GLY B 145 -25.47 71.45 9.58
N ILE B 146 -24.74 70.69 10.38
CA ILE B 146 -23.76 69.73 9.89
C ILE B 146 -24.42 68.36 9.78
N ASP B 147 -24.33 67.75 8.60
CA ASP B 147 -24.89 66.43 8.39
C ASP B 147 -23.89 65.43 8.96
N LEU B 148 -24.18 64.95 10.16
CA LEU B 148 -23.26 64.08 10.89
C LEU B 148 -23.50 62.63 10.51
N LYS B 149 -22.43 61.88 10.27
CA LYS B 149 -22.49 60.45 10.00
C LYS B 149 -22.14 59.71 11.28
N VAL B 150 -22.97 58.73 11.65
CA VAL B 150 -22.90 58.16 12.99
C VAL B 150 -22.80 56.64 12.89
N GLY B 151 -21.62 56.10 13.17
CA GLY B 151 -21.48 54.66 13.21
C GLY B 151 -20.12 54.26 13.74
N ASN B 152 -19.83 52.95 13.63
CA ASN B 152 -18.57 52.44 14.15
C ASN B 152 -17.43 52.84 13.22
N VAL B 153 -16.22 52.87 13.77
CA VAL B 153 -14.98 52.91 13.00
C VAL B 153 -14.14 51.66 13.31
N PHE B 154 -13.10 51.44 12.51
CA PHE B 154 -12.17 50.33 12.71
C PHE B 154 -10.80 50.92 12.95
N SER B 155 -10.27 50.71 14.16
CA SER B 155 -8.95 51.20 14.57
C SER B 155 -7.94 50.10 14.31
N SER B 156 -7.01 50.35 13.38
CA SER B 156 -6.09 49.34 12.92
C SER B 156 -4.69 49.67 13.42
N ASP B 157 -3.91 48.61 13.68
CA ASP B 157 -2.47 48.77 13.84
C ASP B 157 -1.75 49.00 12.51
N PHE B 158 -2.45 48.89 11.39
CA PHE B 158 -1.85 48.96 10.07
C PHE B 158 -2.51 50.09 9.26
N PHE B 159 -1.71 51.07 8.85
CA PHE B 159 -2.14 52.00 7.81
C PHE B 159 -2.12 51.29 6.45
N TYR B 160 -1.01 50.63 6.14
CA TYR B 160 -0.88 49.75 4.97
C TYR B 160 -1.41 48.36 5.33
N SER B 161 -2.71 48.19 5.13
CA SER B 161 -3.43 46.97 5.52
C SER B 161 -2.92 45.75 4.75
N PHE B 162 -2.90 44.61 5.44
CA PHE B 162 -2.74 43.30 4.82
C PHE B 162 -4.07 42.59 4.63
N GLU B 163 -5.16 43.23 5.03
CA GLU B 163 -6.49 42.67 4.94
C GLU B 163 -7.41 43.63 4.23
N THR B 164 -7.01 44.13 3.06
CA THR B 164 -7.92 44.99 2.30
C THR B 164 -9.14 44.23 1.77
N HIS B 165 -9.05 42.91 1.56
CA HIS B 165 -10.19 42.09 1.21
C HIS B 165 -11.29 42.11 2.27
N ALA B 166 -10.98 42.53 3.49
CA ALA B 166 -11.93 42.52 4.60
C ALA B 166 -12.82 43.78 4.64
N PHE B 167 -12.61 44.76 3.76
CA PHE B 167 -13.22 46.06 3.98
C PHE B 167 -14.73 46.00 3.83
N ASP B 168 -15.23 45.12 2.95
CA ASP B 168 -16.67 45.02 2.73
C ASP B 168 -17.38 44.45 3.95
N LEU B 169 -16.77 43.47 4.61
CA LEU B 169 -17.35 42.93 5.84
C LEU B 169 -17.47 44.00 6.91
N MET B 170 -16.42 44.80 7.11
CA MET B 170 -16.49 45.86 8.10
C MET B 170 -17.63 46.82 7.78
N ALA B 171 -17.71 47.25 6.52
CA ALA B 171 -18.80 48.11 6.08
C ALA B 171 -20.16 47.49 6.40
N LYS B 172 -20.37 46.23 6.03
CA LYS B 172 -21.65 45.59 6.30
C LYS B 172 -21.98 45.62 7.79
N TYR B 173 -20.95 45.55 8.65
CA TYR B 173 -21.13 45.62 10.09
C TYR B 173 -21.08 47.04 10.64
N ASN B 174 -21.27 48.05 9.77
CA ASN B 174 -21.51 49.43 10.14
C ASN B 174 -20.23 50.17 10.49
N HIS B 175 -19.10 49.72 9.93
CA HIS B 175 -17.83 50.42 10.07
C HIS B 175 -17.68 51.38 8.91
N LEU B 176 -17.69 52.68 9.21
CA LEU B 176 -17.75 53.71 8.19
C LEU B 176 -16.38 54.07 7.65
N ALA B 177 -15.32 53.89 8.45
CA ALA B 177 -13.97 54.24 8.05
C ALA B 177 -12.95 53.55 8.96
N ILE B 178 -11.70 53.66 8.57
CA ILE B 178 -10.55 53.07 9.26
C ILE B 178 -9.65 54.21 9.72
N GLU B 179 -9.20 54.13 10.96
CA GLU B 179 -8.16 55.01 11.49
C GLU B 179 -7.34 54.16 12.46
N MET B 180 -6.48 54.78 13.26
CA MET B 180 -5.52 54.00 14.03
C MET B 180 -5.53 54.27 15.53
N GLU B 181 -6.45 55.08 16.06
CA GLU B 181 -6.34 55.48 17.47
C GLU B 181 -7.61 55.38 18.31
N ALA B 182 -8.81 55.42 17.72
CA ALA B 182 -10.03 55.58 18.52
C ALA B 182 -10.20 54.46 19.55
N ALA B 183 -9.91 53.21 19.18
CA ALA B 183 -10.08 52.12 20.13
C ALA B 183 -9.14 52.26 21.33
N GLY B 184 -7.93 52.80 21.13
CA GLY B 184 -7.05 53.06 22.26
C GLY B 184 -7.52 54.21 23.13
N LEU B 185 -7.81 55.36 22.50
CA LEU B 185 -8.40 56.47 23.24
C LEU B 185 -9.61 56.01 24.05
N TYR B 186 -10.55 55.28 23.42
CA TYR B 186 -11.79 54.91 24.10
C TYR B 186 -11.54 53.99 25.29
N ALA B 187 -10.62 53.02 25.14
CA ALA B 187 -10.38 52.08 26.23
C ALA B 187 -9.58 52.74 27.36
N THR B 188 -8.64 53.62 26.99
CA THR B 188 -7.91 54.41 27.97
C THR B 188 -8.84 55.34 28.76
N ALA B 189 -9.80 55.97 28.08
CA ALA B 189 -10.79 56.77 28.80
C ALA B 189 -11.71 55.90 29.64
N MET B 190 -12.03 54.69 29.17
CA MET B 190 -12.81 53.78 29.99
C MET B 190 -12.03 53.31 31.22
N GLU B 191 -10.77 52.89 31.01
CA GLU B 191 -9.92 52.47 32.13
C GLU B 191 -9.81 53.56 33.18
N LEU B 192 -9.74 54.81 32.75
CA LEU B 192 -9.43 55.91 33.64
C LEU B 192 -10.66 56.73 34.02
N ASN B 193 -11.85 56.22 33.77
CA ASN B 193 -13.09 56.90 34.15
C ASN B 193 -13.13 58.34 33.64
N ALA B 194 -12.67 58.56 32.41
CA ALA B 194 -12.73 59.84 31.73
C ALA B 194 -13.79 59.79 30.62
N LYS B 195 -14.02 60.93 29.99
CA LYS B 195 -15.00 61.07 28.92
C LYS B 195 -14.28 61.36 27.62
N ALA B 196 -14.51 60.52 26.62
CA ALA B 196 -13.91 60.75 25.31
C ALA B 196 -14.93 60.51 24.23
N LEU B 197 -14.70 61.16 23.10
CA LEU B 197 -15.39 60.92 21.84
C LEU B 197 -14.36 61.14 20.74
N CYS B 198 -14.54 60.45 19.63
CA CYS B 198 -13.69 60.62 18.45
C CYS B 198 -14.55 61.10 17.28
N LEU B 199 -14.01 62.08 16.54
CA LEU B 199 -14.65 62.59 15.33
C LEU B 199 -13.72 62.36 14.15
N CYS B 200 -14.30 62.09 12.99
CA CYS B 200 -13.54 61.66 11.83
C CYS B 200 -14.01 62.33 10.55
N SER B 201 -13.05 62.85 9.80
CA SER B 201 -13.26 63.50 8.52
C SER B 201 -12.71 62.60 7.42
N VAL B 202 -13.50 62.43 6.36
CA VAL B 202 -13.12 61.60 5.22
C VAL B 202 -12.19 62.40 4.31
N SER B 203 -10.91 62.06 4.31
CA SER B 203 -9.93 62.68 3.44
C SER B 203 -9.64 61.86 2.20
N ASP B 204 -10.05 60.59 2.18
CA ASP B 204 -9.87 59.71 1.04
C ASP B 204 -10.81 58.52 1.21
N HIS B 205 -11.31 58.01 0.08
CA HIS B 205 -12.10 56.77 0.07
C HIS B 205 -11.19 55.63 -0.32
N LEU B 206 -11.14 54.60 0.51
CA LEU B 206 -10.26 53.47 0.21
C LEU B 206 -10.84 52.54 -0.85
N ILE B 207 -12.18 52.44 -0.91
CA ILE B 207 -12.87 51.58 -1.85
C ILE B 207 -12.96 52.28 -3.20
N THR B 208 -13.76 53.35 -3.26
CA THR B 208 -13.94 54.13 -4.49
C THR B 208 -12.70 54.91 -4.91
N LYS B 209 -11.60 54.83 -4.16
CA LYS B 209 -10.30 55.38 -4.57
C LYS B 209 -10.25 56.90 -4.64
N GLU B 210 -11.40 57.57 -4.61
CA GLU B 210 -11.44 59.02 -4.62
C GLU B 210 -10.60 59.60 -3.49
N ALA B 211 -10.04 60.80 -3.72
CA ALA B 211 -9.11 61.38 -2.77
C ALA B 211 -9.21 62.90 -2.77
N LEU B 212 -8.94 63.49 -1.61
CA LEU B 212 -9.05 64.94 -1.39
C LEU B 212 -8.02 65.41 -0.38
N SER B 213 -6.74 65.15 -0.65
CA SER B 213 -5.73 65.59 0.33
C SER B 213 -4.91 66.84 -0.01
N PRO B 214 -5.20 67.65 -1.10
CA PRO B 214 -4.35 68.82 -1.35
C PRO B 214 -4.93 70.18 -0.99
N LYS B 215 -6.23 70.40 -1.20
CA LYS B 215 -6.81 71.70 -0.85
C LYS B 215 -8.14 71.55 -0.14
N GLU B 216 -9.01 70.66 -0.63
CA GLU B 216 -10.29 70.46 0.03
C GLU B 216 -10.15 69.88 1.44
N ARG B 217 -8.93 69.50 1.85
CA ARG B 217 -8.62 69.06 3.20
C ARG B 217 -8.99 70.10 4.26
N VAL B 218 -8.17 71.14 4.38
CA VAL B 218 -8.39 72.19 5.38
C VAL B 218 -9.72 72.92 5.19
N GLU B 219 -10.37 72.78 4.03
CA GLU B 219 -11.73 73.29 3.89
C GLU B 219 -12.70 72.52 4.80
N SER B 220 -12.62 71.19 4.76
CA SER B 220 -13.47 70.36 5.62
C SER B 220 -12.81 70.00 6.95
N PHE B 221 -11.48 70.01 7.03
CA PHE B 221 -10.83 69.94 8.34
C PHE B 221 -11.33 71.06 9.25
N ASP B 222 -11.38 72.28 8.71
CA ASP B 222 -11.88 73.44 9.46
C ASP B 222 -13.35 73.26 9.84
N ASN B 223 -14.16 72.69 8.94
CA ASN B 223 -15.55 72.43 9.30
C ASN B 223 -15.65 71.52 10.52
N MET B 224 -14.73 70.58 10.65
CA MET B 224 -14.65 69.72 11.82
C MET B 224 -14.00 70.41 13.00
N ILE B 225 -13.06 71.34 12.74
CA ILE B 225 -12.47 72.13 13.84
C ILE B 225 -13.55 72.93 14.54
N ILE B 226 -14.48 73.50 13.77
CA ILE B 226 -15.51 74.36 14.33
C ILE B 226 -16.49 73.55 15.17
N LEU B 227 -16.97 72.42 14.63
CA LEU B 227 -17.82 71.51 15.41
C LEU B 227 -17.21 71.17 16.76
N ALA B 228 -15.89 70.92 16.79
CA ALA B 228 -15.25 70.46 18.01
C ALA B 228 -15.21 71.56 19.07
N LEU B 229 -14.72 72.75 18.69
CA LEU B 229 -14.71 73.86 19.63
C LEU B 229 -16.12 74.29 20.03
N GLU B 230 -17.09 74.21 19.10
CA GLU B 230 -18.46 74.63 19.39
C GLU B 230 -19.16 73.69 20.37
N MET B 231 -18.82 72.40 20.36
CA MET B 231 -19.36 71.48 21.36
C MET B 231 -18.58 71.52 22.67
N MET B 232 -17.36 72.06 22.67
CA MET B 232 -16.65 72.28 23.91
C MET B 232 -16.99 73.62 24.54
N SER B 233 -17.54 74.54 23.76
CA SER B 233 -18.08 75.80 24.26
C SER B 233 -19.40 75.56 25.00
N MET C 1 18.31 7.65 35.97
CA MET C 1 18.64 8.95 36.55
C MET C 1 17.60 10.04 36.26
N THR C 2 17.39 10.31 34.98
CA THR C 2 16.21 10.99 34.50
C THR C 2 15.38 9.96 33.76
N PRO C 3 14.10 10.25 33.49
CA PRO C 3 13.26 9.27 32.81
C PRO C 3 13.66 8.99 31.36
N HIS C 4 14.55 9.77 30.75
CA HIS C 4 14.79 9.67 29.32
C HIS C 4 16.25 9.49 28.95
N ILE C 5 17.15 9.55 29.93
CA ILE C 5 18.59 9.47 29.74
C ILE C 5 19.14 8.69 30.93
N ASN C 6 20.00 7.71 30.65
CA ASN C 6 20.52 6.85 31.71
C ASN C 6 22.04 6.92 31.84
N ALA C 7 22.61 8.09 31.53
CA ALA C 7 24.03 8.31 31.67
C ALA C 7 24.40 8.61 33.11
N LYS C 8 25.63 8.27 33.48
CA LYS C 8 26.20 8.65 34.76
C LYS C 8 26.45 10.15 34.80
N ILE C 9 26.61 10.68 36.01
CA ILE C 9 27.00 12.07 36.14
C ILE C 9 28.40 12.25 35.58
N GLY C 10 28.63 13.36 34.87
CA GLY C 10 29.90 13.57 34.23
C GLY C 10 30.08 12.85 32.91
N ASP C 11 29.10 12.04 32.48
CA ASP C 11 29.20 11.36 31.19
C ASP C 11 29.19 12.35 30.03
N PHE C 12 28.22 13.27 30.03
CA PHE C 12 28.11 14.28 28.99
C PHE C 12 29.16 15.38 29.18
N TYR C 13 29.87 15.74 28.10
CA TYR C 13 30.76 16.90 28.14
C TYR C 13 29.90 18.16 28.14
N PRO C 14 30.47 19.32 28.51
CA PRO C 14 29.63 20.53 28.56
C PRO C 14 29.14 21.00 27.19
N GLN C 15 29.69 20.46 26.10
CA GLN C 15 29.31 20.81 24.73
C GLN C 15 28.72 19.58 24.06
N CYS C 16 27.57 19.75 23.42
CA CYS C 16 26.83 18.63 22.89
C CYS C 16 26.21 18.98 21.55
N LEU C 17 26.31 18.05 20.60
CA LEU C 17 25.64 18.14 19.32
C LEU C 17 24.34 17.36 19.40
N LEU C 18 23.32 17.83 18.68
CA LEU C 18 22.01 17.17 18.73
C LEU C 18 21.52 16.87 17.32
N CYS C 19 20.88 15.71 17.17
CA CYS C 19 20.05 15.37 16.02
C CYS C 19 18.80 14.69 16.54
N GLY C 20 17.71 14.81 15.79
CA GLY C 20 16.53 14.02 16.12
C GLY C 20 16.82 12.53 16.03
N ASP C 21 17.63 12.13 15.05
CA ASP C 21 17.77 10.74 14.68
C ASP C 21 18.96 10.19 15.44
N PRO C 22 18.75 9.27 16.40
CA PRO C 22 19.90 8.72 17.15
C PRO C 22 20.85 7.88 16.29
N LEU C 23 20.39 7.38 15.13
CA LEU C 23 21.27 6.68 14.20
C LEU C 23 22.22 7.64 13.48
N ARG C 24 21.80 8.89 13.24
CA ARG C 24 22.78 9.85 12.73
C ARG C 24 23.77 10.21 13.82
N VAL C 25 23.31 10.21 15.07
CA VAL C 25 24.19 10.38 16.22
C VAL C 25 25.22 9.25 16.30
N SER C 26 24.76 8.00 16.25
CA SER C 26 25.67 6.85 16.21
C SER C 26 26.61 6.92 15.01
N TYR C 27 26.12 7.42 13.86
CA TYR C 27 26.96 7.54 12.68
C TYR C 27 28.13 8.50 12.92
N ILE C 28 27.84 9.67 13.50
CA ILE C 28 28.87 10.64 13.79
C ILE C 28 29.86 10.07 14.77
N ALA C 29 29.36 9.35 15.78
CA ALA C 29 30.24 8.79 16.79
C ALA C 29 31.27 7.87 16.16
N LYS C 30 30.79 6.88 15.40
CA LYS C 30 31.66 5.87 14.83
C LYS C 30 32.61 6.48 13.81
N LYS C 31 32.11 7.42 13.00
CA LYS C 31 32.88 7.96 11.89
C LYS C 31 33.78 9.13 12.28
N PHE C 32 33.47 9.88 13.33
CA PHE C 32 34.19 11.13 13.55
C PHE C 32 34.93 11.25 14.88
N LEU C 33 34.64 10.41 15.86
CA LEU C 33 35.15 10.57 17.21
C LEU C 33 36.19 9.49 17.56
N GLN C 34 37.16 9.88 18.37
CA GLN C 34 38.09 8.95 18.99
C GLN C 34 37.60 8.60 20.38
N ASP C 35 37.74 7.33 20.77
CA ASP C 35 37.31 6.83 22.07
C ASP C 35 35.80 7.03 22.29
N ALA C 36 35.03 6.87 21.24
CA ALA C 36 33.59 7.05 21.34
C ALA C 36 33.00 6.00 22.28
N LYS C 37 32.08 6.45 23.14
CA LYS C 37 31.38 5.58 24.07
C LYS C 37 29.92 5.94 24.00
N GLU C 38 29.04 4.93 24.01
CA GLU C 38 27.59 5.13 24.17
C GLU C 38 27.28 5.35 25.64
N ILE C 39 26.67 6.48 25.97
CA ILE C 39 26.43 6.84 27.36
C ILE C 39 24.95 6.78 27.74
N THR C 40 24.04 6.74 26.77
CA THR C 40 22.63 6.63 27.09
C THR C 40 21.90 5.95 25.95
N ASN C 41 20.85 5.22 26.29
CA ASN C 41 20.14 4.49 25.26
C ASN C 41 18.68 4.29 25.61
N VAL C 42 18.11 5.09 26.53
CA VAL C 42 16.72 4.94 26.92
C VAL C 42 15.83 5.15 25.71
N ARG C 43 14.79 4.34 25.62
CA ARG C 43 13.85 4.43 24.50
C ARG C 43 14.57 4.30 23.15
N ASN C 44 15.80 3.73 23.14
CA ASN C 44 16.64 3.59 21.96
C ASN C 44 17.18 4.93 21.48
N MET C 45 17.10 6.00 22.31
CA MET C 45 17.53 7.35 21.94
C MET C 45 18.99 7.53 22.38
N LEU C 46 19.90 7.22 21.48
CA LEU C 46 21.32 7.09 21.80
C LEU C 46 21.95 8.43 22.12
N GLY C 47 22.95 8.40 22.99
CA GLY C 47 23.89 9.50 23.15
C GLY C 47 25.27 8.94 23.40
N PHE C 48 26.28 9.75 23.09
CA PHE C 48 27.66 9.30 23.00
C PHE C 48 28.62 10.38 23.49
N SER C 49 29.77 9.93 23.98
CA SER C 49 30.85 10.85 24.33
C SER C 49 32.14 10.35 23.73
N GLY C 50 32.94 11.29 23.23
CA GLY C 50 34.23 10.95 22.67
C GLY C 50 35.05 12.19 22.49
N LYS C 51 36.19 12.03 21.81
CA LYS C 51 37.05 13.16 21.53
C LYS C 51 37.10 13.41 20.03
N TYR C 52 37.13 14.69 19.65
CA TYR C 52 37.32 15.09 18.26
C TYR C 52 38.51 16.03 18.20
N LYS C 53 39.56 15.60 17.51
CA LYS C 53 40.78 16.38 17.45
C LYS C 53 41.27 16.71 18.86
N GLY C 54 41.30 15.67 19.71
CA GLY C 54 41.86 15.78 21.04
C GLY C 54 40.93 16.31 22.10
N ARG C 55 39.76 16.83 21.72
CA ARG C 55 38.87 17.53 22.64
C ARG C 55 37.56 16.76 22.82
N GLY C 56 37.02 16.79 24.04
CA GLY C 56 35.82 16.04 24.34
C GLY C 56 34.58 16.72 23.81
N ILE C 57 33.64 15.90 23.33
CA ILE C 57 32.36 16.39 22.83
C ILE C 57 31.33 15.27 22.97
N SER C 58 30.08 15.65 23.24
CA SER C 58 29.01 14.68 23.34
C SER C 58 27.98 14.85 22.23
N LEU C 59 27.29 13.76 21.95
CA LEU C 59 26.25 13.69 20.93
C LEU C 59 25.00 13.10 21.55
N MET C 60 23.84 13.65 21.22
CA MET C 60 22.60 13.15 21.79
C MET C 60 21.47 13.26 20.77
N GLY C 61 20.70 12.18 20.64
CA GLY C 61 19.46 12.27 19.90
C GLY C 61 18.37 12.95 20.71
N HIS C 62 17.44 13.62 20.01
CA HIS C 62 16.34 14.30 20.69
C HIS C 62 14.96 14.00 20.09
N GLY C 63 14.87 13.03 19.18
CA GLY C 63 13.57 12.73 18.63
C GLY C 63 12.97 13.88 17.80
N MET C 64 11.70 13.68 17.44
CA MET C 64 11.00 14.58 16.52
C MET C 64 9.86 15.34 17.18
N GLY C 65 9.81 16.65 16.92
CA GLY C 65 8.80 17.54 17.44
C GLY C 65 9.31 18.35 18.64
N ILE C 66 8.67 19.51 18.87
CA ILE C 66 9.09 20.38 19.97
C ILE C 66 8.95 19.66 21.33
N ALA C 67 7.86 18.93 21.52
CA ALA C 67 7.67 18.28 22.81
C ALA C 67 8.86 17.38 23.12
N SER C 68 9.23 16.50 22.17
CA SER C 68 10.27 15.53 22.43
C SER C 68 11.62 16.22 22.56
N CYS C 69 11.91 17.15 21.64
CA CYS C 69 13.14 17.91 21.74
C CYS C 69 13.26 18.60 23.10
N THR C 70 12.14 19.12 23.65
CA THR C 70 12.18 19.89 24.89
C THR C 70 12.54 19.00 26.07
N ILE C 71 11.93 17.81 26.13
CA ILE C 71 12.27 16.80 27.13
C ILE C 71 13.79 16.61 27.24
N TYR C 72 14.43 16.24 26.10
CA TYR C 72 15.85 15.92 26.19
C TYR C 72 16.68 17.14 26.53
N VAL C 73 16.38 18.30 25.93
CA VAL C 73 17.21 19.48 26.17
C VAL C 73 17.09 19.92 27.63
N THR C 74 15.87 19.84 28.20
CA THR C 74 15.68 20.17 29.61
C THR C 74 16.57 19.30 30.51
N GLU C 75 16.59 17.99 30.25
CA GLU C 75 17.40 17.08 31.05
C GLU C 75 18.90 17.27 30.80
N LEU C 76 19.29 17.50 29.55
CA LEU C 76 20.70 17.76 29.28
C LEU C 76 21.23 18.92 30.12
N ILE C 77 20.47 20.01 30.20
CA ILE C 77 20.91 21.18 30.95
C ILE C 77 20.77 20.96 32.46
N LYS C 78 19.57 20.63 32.94
CA LYS C 78 19.31 20.65 34.38
C LYS C 78 20.04 19.53 35.11
N THR C 79 20.10 18.34 34.52
CA THR C 79 20.75 17.22 35.20
C THR C 79 22.20 17.03 34.77
N TYR C 80 22.49 17.17 33.48
CA TYR C 80 23.78 16.79 32.96
C TYR C 80 24.68 17.99 32.69
N GLN C 81 24.24 19.19 33.07
CA GLN C 81 25.08 20.38 33.10
C GLN C 81 25.65 20.76 31.73
N VAL C 82 25.04 20.28 30.64
CA VAL C 82 25.46 20.71 29.29
C VAL C 82 25.24 22.21 29.14
N LYS C 83 26.25 22.91 28.58
CA LYS C 83 26.24 24.36 28.48
C LYS C 83 26.07 24.91 27.07
N GLU C 84 26.50 24.18 26.04
CA GLU C 84 26.31 24.59 24.66
C GLU C 84 25.69 23.42 23.93
N LEU C 85 24.55 23.67 23.27
CA LEU C 85 23.82 22.67 22.50
C LEU C 85 23.71 23.13 21.06
N LEU C 86 24.13 22.28 20.14
CA LEU C 86 24.18 22.60 18.72
C LEU C 86 23.39 21.52 18.01
N ARG C 87 22.21 21.90 17.51
CA ARG C 87 21.39 21.02 16.71
C ARG C 87 21.83 21.06 15.25
N ILE C 88 22.01 19.87 14.68
CA ILE C 88 22.42 19.69 13.29
C ILE C 88 21.43 18.69 12.73
N GLY C 89 20.30 19.19 12.23
CA GLY C 89 19.24 18.30 11.78
C GLY C 89 18.92 18.40 10.30
N THR C 90 17.73 17.96 9.94
CA THR C 90 17.24 18.04 8.58
C THR C 90 16.04 18.98 8.53
N CYS C 91 15.83 19.58 7.35
CA CYS C 91 14.70 20.46 7.14
C CYS C 91 14.22 20.29 5.70
N GLY C 92 13.12 20.99 5.39
CA GLY C 92 12.54 21.03 4.04
C GLY C 92 12.55 22.44 3.46
N ALA C 93 13.05 22.56 2.23
CA ALA C 93 13.28 23.87 1.66
C ALA C 93 11.97 24.47 1.13
N ILE C 94 11.84 25.79 1.25
CA ILE C 94 10.64 26.48 0.80
C ILE C 94 10.91 27.65 -0.12
N SER C 95 12.14 28.23 -0.12
CA SER C 95 12.62 29.18 -1.11
C SER C 95 13.35 28.46 -2.23
N PRO C 96 13.54 29.11 -3.39
CA PRO C 96 14.39 28.53 -4.43
C PRO C 96 15.87 28.84 -4.27
N LYS C 97 16.23 29.73 -3.35
CA LYS C 97 17.62 30.10 -3.08
C LYS C 97 18.37 29.07 -2.23
N VAL C 98 17.81 27.89 -2.04
CA VAL C 98 18.45 26.82 -1.28
C VAL C 98 18.16 25.50 -1.98
N GLY C 99 19.16 24.60 -1.99
CA GLY C 99 19.08 23.35 -2.70
C GLY C 99 18.97 22.15 -1.79
N LEU C 100 19.05 20.97 -2.41
CA LEU C 100 18.73 19.74 -1.71
C LEU C 100 19.62 19.47 -0.49
N LYS C 101 20.90 19.84 -0.53
CA LYS C 101 21.80 19.50 0.56
C LYS C 101 22.35 20.73 1.30
N ASP C 102 21.65 21.85 1.22
CA ASP C 102 22.17 23.10 1.77
C ASP C 102 22.11 23.11 3.30
N ILE C 103 23.04 23.86 3.90
CA ILE C 103 23.11 24.03 5.34
C ILE C 103 22.59 25.42 5.71
N ILE C 104 21.67 25.46 6.66
CA ILE C 104 21.04 26.68 7.13
C ILE C 104 21.38 26.87 8.60
N MET C 105 21.74 28.10 8.98
CA MET C 105 21.82 28.52 10.36
C MET C 105 20.56 29.32 10.69
N ALA C 106 19.78 28.86 11.68
CA ALA C 106 18.49 29.47 11.98
C ALA C 106 18.72 30.58 13.01
N THR C 107 18.70 31.83 12.56
CA THR C 107 18.84 32.95 13.48
C THR C 107 17.57 33.18 14.27
N GLY C 108 16.47 32.54 13.87
CA GLY C 108 15.21 32.63 14.58
C GLY C 108 14.34 31.45 14.18
N ALA C 109 13.44 31.06 15.08
CA ALA C 109 12.57 29.92 14.82
C ALA C 109 11.15 30.33 15.12
N SER C 110 10.41 30.59 14.05
CA SER C 110 8.99 30.84 14.15
C SER C 110 8.31 29.50 14.38
N THR C 111 7.03 29.53 14.79
CA THR C 111 6.37 28.26 15.07
C THR C 111 4.86 28.38 14.94
N ASP C 112 4.21 27.24 14.69
CA ASP C 112 2.76 27.11 14.82
C ASP C 112 2.34 26.36 16.08
N SER C 113 3.29 26.07 16.97
CA SER C 113 3.06 25.42 18.25
C SER C 113 2.40 26.41 19.19
N LYS C 114 1.68 25.90 20.19
CA LYS C 114 1.25 26.76 21.28
C LYS C 114 2.24 26.83 22.44
N THR C 115 3.36 26.08 22.39
CA THR C 115 4.21 25.91 23.56
C THR C 115 4.79 27.24 24.03
N ASN C 116 5.20 28.10 23.10
CA ASN C 116 5.80 29.36 23.52
C ASN C 116 4.76 30.34 24.07
N ARG C 117 3.52 30.30 23.56
CA ARG C 117 2.47 31.09 24.18
C ARG C 117 2.16 30.59 25.60
N VAL C 118 2.31 29.29 25.83
CA VAL C 118 2.10 28.74 27.17
C VAL C 118 3.21 29.22 28.11
N ARG C 119 4.47 29.13 27.68
CA ARG C 119 5.59 29.55 28.51
C ARG C 119 5.62 31.06 28.73
N PHE C 120 5.07 31.84 27.79
CA PHE C 120 5.37 33.26 27.67
C PHE C 120 4.08 34.10 27.65
N LEU C 121 3.21 33.88 28.63
CA LEU C 121 2.15 34.85 28.94
C LEU C 121 1.20 35.09 27.77
N ASN C 122 1.05 34.12 26.88
CA ASN C 122 0.21 34.21 25.67
C ASN C 122 0.66 35.26 24.66
N HIS C 123 1.86 35.77 24.79
CA HIS C 123 2.41 36.76 23.89
C HIS C 123 3.25 36.06 22.82
N ASP C 124 4.04 36.85 22.07
CA ASP C 124 4.90 36.34 21.00
C ASP C 124 6.33 36.33 21.53
N LEU C 125 6.88 35.14 21.72
CA LEU C 125 8.29 34.99 22.06
C LEU C 125 9.11 34.83 20.78
N SER C 126 10.13 35.67 20.63
CA SER C 126 11.08 35.56 19.53
C SER C 126 12.15 34.52 19.90
N ALA C 127 11.86 33.26 19.58
CA ALA C 127 12.78 32.14 19.80
C ALA C 127 14.08 32.34 19.03
N THR C 128 15.20 32.52 19.72
CA THR C 128 16.43 32.88 19.04
C THR C 128 17.59 32.13 19.67
N PRO C 129 18.68 31.96 18.92
CA PRO C 129 19.85 31.26 19.43
C PRO C 129 20.78 32.21 20.17
N ASP C 130 21.76 31.63 20.84
CA ASP C 130 22.83 32.40 21.45
C ASP C 130 23.66 33.03 20.33
N PHE C 131 23.95 34.33 20.47
CA PHE C 131 24.66 35.03 19.42
C PHE C 131 26.10 34.54 19.26
N GLU C 132 26.84 34.38 20.37
CA GLU C 132 28.23 33.92 20.28
C GLU C 132 28.34 32.60 19.55
N LEU C 133 27.38 31.69 19.74
CA LEU C 133 27.37 30.45 18.96
C LEU C 133 27.09 30.73 17.49
N SER C 134 26.18 31.68 17.20
CA SER C 134 25.94 32.09 15.81
C SER C 134 27.22 32.55 15.15
N LEU C 135 27.93 33.47 15.80
CA LEU C 135 29.23 33.95 15.33
C LEU C 135 30.21 32.79 15.09
N ARG C 136 30.36 31.91 16.08
CA ARG C 136 31.28 30.78 15.92
C ARG C 136 30.93 29.96 14.69
N ALA C 137 29.64 29.74 14.44
CA ALA C 137 29.24 29.00 13.24
C ALA C 137 29.66 29.73 11.98
N TYR C 138 29.30 31.01 11.88
CA TYR C 138 29.57 31.79 10.67
C TYR C 138 31.06 31.82 10.34
N GLN C 139 31.94 32.08 11.33
CA GLN C 139 33.37 32.22 11.08
C GLN C 139 34.04 30.89 10.79
N THR C 140 33.73 29.87 11.59
CA THR C 140 34.25 28.54 11.33
C THR C 140 33.84 28.03 9.94
N ALA C 141 32.58 28.25 9.54
CA ALA C 141 32.13 27.83 8.21
C ALA C 141 32.88 28.58 7.10
N LYS C 142 33.05 29.89 7.27
CA LYS C 142 33.91 30.64 6.36
C LYS C 142 35.34 30.08 6.35
N ARG C 143 35.96 29.95 7.54
CA ARG C 143 37.28 29.34 7.65
C ARG C 143 37.37 28.04 6.88
N LEU C 144 36.40 27.16 7.10
CA LEU C 144 36.39 25.82 6.50
C LEU C 144 35.98 25.81 5.04
N GLY C 145 35.35 26.87 4.53
CA GLY C 145 34.90 26.89 3.15
C GLY C 145 33.63 26.10 2.93
N ILE C 146 32.63 26.30 3.81
CA ILE C 146 31.32 25.65 3.70
C ILE C 146 30.27 26.74 3.57
N ASP C 147 29.42 26.65 2.54
CA ASP C 147 28.35 27.62 2.33
C ASP C 147 27.27 27.48 3.39
N LEU C 148 27.07 28.54 4.17
CA LEU C 148 26.12 28.57 5.29
C LEU C 148 25.13 29.69 5.01
N LYS C 149 23.93 29.32 4.54
CA LYS C 149 22.85 30.28 4.34
C LYS C 149 22.18 30.56 5.68
N VAL C 150 21.94 31.83 5.96
CA VAL C 150 21.57 32.27 7.29
C VAL C 150 20.19 32.92 7.22
N GLY C 151 19.27 32.42 8.04
CA GLY C 151 17.97 33.07 8.16
C GLY C 151 17.13 32.37 9.20
N ASN C 152 15.84 32.70 9.19
CA ASN C 152 14.88 32.06 10.06
C ASN C 152 14.49 30.70 9.50
N VAL C 153 14.06 29.81 10.39
CA VAL C 153 13.30 28.64 10.01
C VAL C 153 11.94 28.74 10.67
N PHE C 154 11.05 27.85 10.27
CA PHE C 154 9.73 27.70 10.86
C PHE C 154 9.67 26.31 11.47
N SER C 155 9.42 26.24 12.79
CA SER C 155 9.30 24.96 13.48
C SER C 155 7.82 24.61 13.61
N SER C 156 7.42 23.53 12.95
CA SER C 156 6.02 23.17 12.87
C SER C 156 5.76 21.94 13.73
N ASP C 157 4.52 21.84 14.20
CA ASP C 157 4.03 20.62 14.82
C ASP C 157 3.69 19.56 13.77
N PHE C 158 3.89 19.86 12.48
CA PHE C 158 3.45 19.01 11.38
C PHE C 158 4.60 18.77 10.41
N PHE C 159 4.90 17.48 10.14
CA PHE C 159 5.72 17.14 9.00
C PHE C 159 4.91 17.23 7.73
N TYR C 160 3.68 16.70 7.76
CA TYR C 160 2.74 16.74 6.63
C TYR C 160 1.81 17.94 6.84
N SER C 161 2.20 19.06 6.27
CA SER C 161 1.58 20.35 6.55
C SER C 161 0.17 20.45 5.98
N PHE C 162 -0.71 21.14 6.72
CA PHE C 162 -2.03 21.51 6.24
C PHE C 162 -2.06 22.93 5.70
N GLU C 163 -0.91 23.59 5.60
CA GLU C 163 -0.84 25.00 5.25
C GLU C 163 0.20 25.24 4.18
N THR C 164 0.24 24.35 3.16
CA THR C 164 1.28 24.44 2.13
C THR C 164 1.15 25.73 1.31
N HIS C 165 -0.08 26.25 1.18
CA HIS C 165 -0.33 27.52 0.52
C HIS C 165 0.32 28.72 1.21
N ALA C 166 0.84 28.55 2.43
CA ALA C 166 1.51 29.62 3.18
C ALA C 166 3.02 29.56 3.09
N PHE C 167 3.58 28.53 2.45
CA PHE C 167 5.03 28.42 2.30
C PHE C 167 5.61 29.70 1.69
N ASP C 168 4.94 30.28 0.70
CA ASP C 168 5.46 31.48 0.05
C ASP C 168 5.42 32.68 0.99
N LEU C 169 4.33 32.85 1.75
CA LEU C 169 4.32 33.89 2.78
C LEU C 169 5.50 33.73 3.73
N MET C 170 5.76 32.48 4.16
CA MET C 170 6.85 32.20 5.09
C MET C 170 8.19 32.57 4.48
N ALA C 171 8.46 32.04 3.27
CA ALA C 171 9.67 32.39 2.53
C ALA C 171 9.82 33.91 2.38
N LYS C 172 8.73 34.61 2.06
CA LYS C 172 8.80 36.07 1.95
C LYS C 172 9.30 36.68 3.26
N TYR C 173 8.90 36.12 4.40
CA TYR C 173 9.34 36.65 5.69
C TYR C 173 10.67 36.05 6.13
N ASN C 174 11.54 35.70 5.19
CA ASN C 174 12.90 35.26 5.50
C ASN C 174 12.94 33.92 6.25
N HIS C 175 12.08 32.99 5.87
CA HIS C 175 12.18 31.63 6.39
C HIS C 175 12.71 30.76 5.27
N LEU C 176 13.92 30.23 5.46
CA LEU C 176 14.61 29.48 4.42
C LEU C 176 14.26 28.02 4.40
N ALA C 177 13.67 27.50 5.49
CA ALA C 177 13.28 26.10 5.50
C ALA C 177 12.33 25.87 6.67
N ILE C 178 11.73 24.68 6.68
CA ILE C 178 10.84 24.22 7.75
C ILE C 178 11.48 23.00 8.40
N GLU C 179 11.43 22.96 9.73
CA GLU C 179 11.77 21.77 10.51
C GLU C 179 10.81 21.71 11.69
N MET C 180 11.16 20.96 12.74
CA MET C 180 10.16 20.71 13.78
C MET C 180 10.66 20.86 15.21
N GLU C 181 11.86 21.43 15.43
CA GLU C 181 12.49 21.43 16.75
C GLU C 181 13.19 22.72 17.13
N ALA C 182 13.69 23.52 16.17
CA ALA C 182 14.46 24.70 16.50
C ALA C 182 13.78 25.55 17.58
N ALA C 183 12.48 25.83 17.39
CA ALA C 183 11.79 26.74 18.30
C ALA C 183 11.78 26.22 19.73
N GLY C 184 11.56 24.90 19.89
CA GLY C 184 11.60 24.31 21.22
C GLY C 184 12.99 24.34 21.82
N LEU C 185 13.99 23.90 21.06
CA LEU C 185 15.36 24.01 21.53
C LEU C 185 15.66 25.44 21.97
N TYR C 186 15.32 26.41 21.13
CA TYR C 186 15.61 27.81 21.44
C TYR C 186 14.86 28.24 22.70
N ALA C 187 13.56 27.95 22.75
CA ALA C 187 12.78 28.36 23.92
C ALA C 187 13.33 27.75 25.20
N THR C 188 13.62 26.43 25.17
CA THR C 188 14.09 25.75 26.38
C THR C 188 15.43 26.31 26.82
N ALA C 189 16.33 26.57 25.87
CA ALA C 189 17.61 27.14 26.22
C ALA C 189 17.50 28.59 26.68
N MET C 190 16.45 29.30 26.29
CA MET C 190 16.27 30.63 26.87
C MET C 190 15.74 30.50 28.30
N GLU C 191 14.80 29.57 28.50
CA GLU C 191 14.22 29.33 29.82
C GLU C 191 15.31 28.98 30.82
N LEU C 192 16.22 28.08 30.43
CA LEU C 192 17.24 27.55 31.31
C LEU C 192 18.56 28.26 31.21
N ASN C 193 18.59 29.41 30.53
CA ASN C 193 19.82 30.22 30.47
C ASN C 193 21.01 29.40 29.96
N ALA C 194 20.82 28.72 28.83
CA ALA C 194 21.89 27.98 28.17
C ALA C 194 22.06 28.48 26.74
N LYS C 195 23.16 28.05 26.10
CA LYS C 195 23.53 28.48 24.75
C LYS C 195 23.12 27.41 23.74
N ALA C 196 22.30 27.79 22.75
CA ALA C 196 21.76 26.87 21.77
C ALA C 196 21.84 27.48 20.38
N LEU C 197 21.96 26.62 19.37
CA LEU C 197 22.04 27.03 17.97
C LEU C 197 21.60 25.87 17.11
N CYS C 198 20.85 26.17 16.06
CA CYS C 198 20.35 25.13 15.16
C CYS C 198 20.93 25.34 13.77
N LEU C 199 21.54 24.27 13.24
CA LEU C 199 21.95 24.17 11.84
C LEU C 199 21.11 23.08 11.18
N CYS C 200 20.82 23.28 9.89
CA CYS C 200 19.83 22.48 9.17
C CYS C 200 20.38 22.07 7.82
N SER C 201 20.44 20.76 7.57
CA SER C 201 20.69 20.26 6.21
C SER C 201 19.35 20.00 5.51
N VAL C 202 19.16 20.61 4.34
CA VAL C 202 17.97 20.32 3.53
C VAL C 202 17.94 18.82 3.22
N SER C 203 16.79 18.20 3.42
CA SER C 203 16.59 16.79 3.11
C SER C 203 15.41 16.56 2.20
N ASP C 204 14.50 17.54 2.11
CA ASP C 204 13.40 17.55 1.16
C ASP C 204 13.27 18.96 0.60
N HIS C 205 12.89 19.08 -0.66
CA HIS C 205 12.51 20.39 -1.19
C HIS C 205 11.00 20.40 -1.38
N LEU C 206 10.32 21.22 -0.57
CA LEU C 206 8.86 21.29 -0.54
C LEU C 206 8.27 21.86 -1.82
N ILE C 207 9.09 22.51 -2.63
CA ILE C 207 8.62 23.06 -3.90
C ILE C 207 9.24 22.23 -5.03
N THR C 208 10.49 22.54 -5.35
CA THR C 208 11.08 22.19 -6.63
C THR C 208 12.06 21.03 -6.55
N LYS C 209 11.62 19.92 -5.97
CA LYS C 209 12.39 18.68 -5.93
C LYS C 209 11.62 17.63 -5.15
N GLU C 210 12.33 16.58 -4.76
CA GLU C 210 11.76 15.57 -3.87
C GLU C 210 12.64 15.43 -2.64
N ALA C 211 13.15 14.22 -2.41
CA ALA C 211 13.48 13.81 -1.06
C ALA C 211 14.62 12.80 -1.06
N LEU C 212 15.40 12.84 0.02
CA LEU C 212 16.42 11.86 0.33
C LEU C 212 15.80 10.67 1.04
N SER C 213 16.41 9.50 0.85
CA SER C 213 15.99 8.28 1.52
C SER C 213 16.39 8.32 3.00
N PRO C 214 15.80 7.44 3.82
CA PRO C 214 16.25 7.31 5.22
C PRO C 214 17.75 7.10 5.35
N LYS C 215 18.33 6.20 4.53
CA LYS C 215 19.77 5.99 4.61
C LYS C 215 20.52 7.26 4.26
N GLU C 216 20.01 8.01 3.25
CA GLU C 216 20.64 9.27 2.84
C GLU C 216 20.54 10.33 3.93
N ARG C 217 19.40 10.40 4.63
CA ARG C 217 19.30 11.33 5.75
C ARG C 217 20.39 11.11 6.80
N VAL C 218 21.00 9.92 6.87
CA VAL C 218 22.05 9.65 7.86
C VAL C 218 23.43 10.07 7.33
N GLU C 219 23.79 9.68 6.10
CA GLU C 219 25.18 9.72 5.64
C GLU C 219 25.55 10.88 4.70
N SER C 220 24.59 11.74 4.34
CA SER C 220 24.77 12.69 3.24
C SER C 220 25.10 14.09 3.72
N PHE C 221 25.45 14.29 4.99
CA PHE C 221 25.55 15.62 5.58
C PHE C 221 26.85 15.85 6.33
N ASP C 222 27.92 15.18 5.90
CA ASP C 222 29.19 15.24 6.64
C ASP C 222 29.74 16.65 6.74
N ASN C 223 29.44 17.53 5.79
CA ASN C 223 29.92 18.90 5.93
C ASN C 223 29.28 19.59 7.12
N MET C 224 27.97 19.42 7.29
CA MET C 224 27.32 19.96 8.48
C MET C 224 27.99 19.41 9.74
N ILE C 225 28.13 18.07 9.80
CA ILE C 225 28.78 17.40 10.92
C ILE C 225 30.13 18.04 11.22
N ILE C 226 30.95 18.23 10.19
CA ILE C 226 32.31 18.71 10.39
C ILE C 226 32.31 20.19 10.80
N LEU C 227 31.39 20.97 10.23
CA LEU C 227 31.20 22.34 10.70
C LEU C 227 30.90 22.35 12.21
N ALA C 228 29.97 21.49 12.62
CA ALA C 228 29.61 21.41 14.04
C ALA C 228 30.80 20.98 14.89
N LEU C 229 31.43 19.86 14.53
CA LEU C 229 32.57 19.38 15.31
C LEU C 229 33.66 20.44 15.37
N GLU C 230 33.92 21.14 14.25
CA GLU C 230 34.96 22.16 14.27
C GLU C 230 34.56 23.37 15.12
N MET C 231 33.26 23.66 15.23
CA MET C 231 32.82 24.79 16.05
C MET C 231 33.12 24.59 17.54
N MET C 232 33.09 23.35 18.01
CA MET C 232 33.22 23.03 19.43
C MET C 232 34.67 22.84 19.84
N SER C 233 35.61 23.02 18.92
CA SER C 233 37.03 22.78 19.22
C SER C 233 37.70 23.98 19.90
N MET D 1 -42.70 28.64 8.78
CA MET D 1 -42.39 29.81 7.96
C MET D 1 -40.96 30.27 8.17
N THR D 2 -40.52 30.25 9.42
CA THR D 2 -39.13 30.05 9.82
C THR D 2 -39.16 28.92 10.83
N PRO D 3 -38.04 28.26 11.09
CA PRO D 3 -38.08 27.10 12.02
C PRO D 3 -38.47 27.49 13.44
N HIS D 4 -38.45 28.78 13.78
CA HIS D 4 -38.69 29.18 15.15
C HIS D 4 -39.76 30.25 15.33
N ILE D 5 -40.36 30.77 14.25
CA ILE D 5 -41.40 31.79 14.35
C ILE D 5 -42.63 31.37 13.55
N ASN D 6 -43.79 31.36 14.21
CA ASN D 6 -45.06 30.83 13.73
C ASN D 6 -45.97 31.85 13.03
N ALA D 7 -45.46 33.05 12.73
CA ALA D 7 -46.27 34.16 12.24
C ALA D 7 -46.28 34.18 10.71
N LYS D 8 -47.27 34.87 10.16
CA LYS D 8 -47.34 35.17 8.74
C LYS D 8 -46.57 36.44 8.43
N ILE D 9 -46.19 36.61 7.17
CA ILE D 9 -45.56 37.86 6.75
C ILE D 9 -46.53 39.00 7.00
N GLY D 10 -46.04 40.06 7.64
CA GLY D 10 -46.88 41.17 8.04
C GLY D 10 -47.54 41.02 9.40
N ASP D 11 -47.37 39.88 10.07
CA ASP D 11 -47.87 39.76 11.43
C ASP D 11 -47.07 40.60 12.43
N PHE D 12 -45.91 41.15 12.04
CA PHE D 12 -45.11 42.01 12.91
C PHE D 12 -45.11 43.43 12.36
N TYR D 13 -45.37 44.41 13.25
CA TYR D 13 -44.98 45.78 12.95
C TYR D 13 -43.45 45.83 12.87
N PRO D 14 -42.86 46.85 12.23
CA PRO D 14 -41.40 46.86 12.10
C PRO D 14 -40.66 47.35 13.34
N GLN D 15 -41.37 47.62 14.43
CA GLN D 15 -40.75 47.89 15.73
C GLN D 15 -41.16 46.77 16.69
N CYS D 16 -40.16 46.06 17.22
CA CYS D 16 -40.44 44.98 18.15
C CYS D 16 -39.76 45.21 19.49
N LEU D 17 -40.46 44.84 20.56
CA LEU D 17 -39.96 44.92 21.91
C LEU D 17 -39.58 43.51 22.34
N LEU D 18 -38.33 43.34 22.77
CA LEU D 18 -37.76 42.03 23.03
C LEU D 18 -37.50 41.84 24.52
N CYS D 19 -37.87 40.66 25.02
CA CYS D 19 -37.44 40.15 26.32
C CYS D 19 -37.25 38.66 26.19
N GLY D 20 -36.34 38.10 27.01
CA GLY D 20 -36.05 36.68 26.91
C GLY D 20 -37.14 35.79 27.47
N ASP D 21 -37.90 36.28 28.44
CA ASP D 21 -38.97 35.50 29.05
C ASP D 21 -40.24 35.75 28.26
N PRO D 22 -40.79 34.73 27.59
CA PRO D 22 -42.04 34.95 26.83
C PRO D 22 -43.24 35.19 27.72
N LEU D 23 -43.17 34.77 28.98
CA LEU D 23 -44.24 35.06 29.94
C LEU D 23 -44.23 36.54 30.37
N ARG D 24 -43.06 37.19 30.36
CA ARG D 24 -43.03 38.64 30.54
C ARG D 24 -43.49 39.36 29.29
N VAL D 25 -43.20 38.79 28.12
CA VAL D 25 -43.79 39.29 26.88
C VAL D 25 -45.32 39.25 26.97
N SER D 26 -45.88 38.09 27.34
CA SER D 26 -47.33 37.98 27.44
C SER D 26 -47.90 38.83 28.58
N TYR D 27 -47.14 38.99 29.67
CA TYR D 27 -47.58 39.90 30.73
C TYR D 27 -47.73 41.31 30.18
N ILE D 28 -46.75 41.75 29.40
CA ILE D 28 -46.83 43.06 28.77
C ILE D 28 -48.08 43.17 27.90
N ALA D 29 -48.35 42.14 27.09
CA ALA D 29 -49.49 42.20 26.18
C ALA D 29 -50.80 42.38 26.93
N LYS D 30 -50.97 41.66 28.04
CA LYS D 30 -52.24 41.74 28.77
C LYS D 30 -52.41 43.13 29.40
N LYS D 31 -51.38 43.64 30.06
CA LYS D 31 -51.53 44.79 30.93
C LYS D 31 -51.28 46.12 30.22
N PHE D 32 -50.61 46.12 29.06
CA PHE D 32 -50.18 47.38 28.47
C PHE D 32 -50.67 47.63 27.05
N LEU D 33 -51.14 46.62 26.33
CA LEU D 33 -51.48 46.82 24.93
C LEU D 33 -52.99 46.72 24.70
N GLN D 34 -53.45 47.44 23.66
CA GLN D 34 -54.84 47.39 23.25
C GLN D 34 -55.03 46.30 22.19
N ASP D 35 -55.86 45.30 22.50
CA ASP D 35 -56.25 44.29 21.53
C ASP D 35 -55.05 43.46 21.08
N ALA D 36 -54.19 43.11 22.04
CA ALA D 36 -52.99 42.36 21.74
C ALA D 36 -53.34 41.00 21.19
N LYS D 37 -52.69 40.63 20.09
CA LYS D 37 -52.93 39.36 19.41
C LYS D 37 -51.65 38.55 19.51
N GLU D 38 -51.78 37.31 19.97
CA GLU D 38 -50.66 36.37 19.91
C GLU D 38 -50.44 35.93 18.46
N ILE D 39 -49.24 36.20 17.94
CA ILE D 39 -48.95 35.98 16.52
C ILE D 39 -47.95 34.86 16.26
N THR D 40 -47.33 34.29 17.29
CA THR D 40 -46.40 33.17 17.14
C THR D 40 -46.25 32.46 18.48
N ASN D 41 -45.80 31.21 18.42
CA ASN D 41 -45.71 30.39 19.63
C ASN D 41 -44.80 29.16 19.50
N VAL D 42 -44.01 29.09 18.42
CA VAL D 42 -43.14 27.93 18.25
C VAL D 42 -42.24 27.81 19.47
N ARG D 43 -42.12 26.60 20.01
CA ARG D 43 -41.22 26.33 21.14
C ARG D 43 -41.64 27.05 22.42
N ASN D 44 -42.93 27.35 22.54
CA ASN D 44 -43.50 28.10 23.68
C ASN D 44 -42.95 29.51 23.78
N MET D 45 -42.37 30.01 22.69
CA MET D 45 -41.70 31.30 22.61
C MET D 45 -42.74 32.24 22.00
N LEU D 46 -43.38 33.03 22.85
CA LEU D 46 -44.56 33.79 22.45
C LEU D 46 -44.17 35.15 21.90
N GLY D 47 -44.88 35.58 20.86
CA GLY D 47 -44.80 36.94 20.37
C GLY D 47 -46.19 37.50 20.09
N PHE D 48 -46.26 38.83 20.02
CA PHE D 48 -47.55 39.50 19.98
C PHE D 48 -47.45 40.75 19.13
N SER D 49 -48.59 41.13 18.54
CA SER D 49 -48.82 42.45 17.99
C SER D 49 -49.96 43.11 18.74
N GLY D 50 -49.91 44.42 18.84
CA GLY D 50 -50.84 45.16 19.67
C GLY D 50 -50.72 46.64 19.41
N LYS D 51 -51.45 47.42 20.20
CA LYS D 51 -51.42 48.86 20.04
C LYS D 51 -51.13 49.51 21.38
N TYR D 52 -50.39 50.62 21.34
CA TYR D 52 -50.10 51.43 22.53
C TYR D 52 -50.26 52.89 22.14
N LYS D 53 -51.26 53.55 22.72
CA LYS D 53 -51.59 54.92 22.37
C LYS D 53 -51.88 55.05 20.87
N GLY D 54 -52.66 54.11 20.34
CA GLY D 54 -52.97 54.06 18.93
C GLY D 54 -51.85 53.65 18.01
N ARG D 55 -50.70 53.27 18.55
CA ARG D 55 -49.49 52.92 17.81
C ARG D 55 -49.37 51.41 17.69
N GLY D 56 -49.13 50.93 16.47
CA GLY D 56 -48.80 49.52 16.29
C GLY D 56 -47.41 49.21 16.84
N ILE D 57 -47.33 48.17 17.68
CA ILE D 57 -46.06 47.74 18.28
C ILE D 57 -46.04 46.21 18.34
N SER D 58 -44.85 45.62 18.24
CA SER D 58 -44.75 44.16 18.36
C SER D 58 -43.90 43.75 19.56
N LEU D 59 -44.17 42.55 20.05
CA LEU D 59 -43.42 41.94 21.14
C LEU D 59 -42.97 40.55 20.73
N MET D 60 -41.71 40.20 21.07
CA MET D 60 -41.18 38.87 20.77
C MET D 60 -40.25 38.41 21.89
N GLY D 61 -40.46 37.17 22.36
CA GLY D 61 -39.50 36.55 23.25
C GLY D 61 -38.35 35.92 22.49
N HIS D 62 -37.16 35.87 23.12
CA HIS D 62 -35.96 35.42 22.43
C HIS D 62 -35.07 34.45 23.22
N GLY D 63 -35.51 33.94 24.36
CA GLY D 63 -34.72 32.97 25.11
C GLY D 63 -33.47 33.55 25.79
N MET D 64 -32.72 32.66 26.43
CA MET D 64 -31.50 33.03 27.13
C MET D 64 -30.26 32.75 26.28
N GLY D 65 -29.35 33.71 26.21
CA GLY D 65 -28.06 33.50 25.62
C GLY D 65 -27.94 34.10 24.23
N ILE D 66 -26.69 34.42 23.86
CA ILE D 66 -26.44 35.03 22.56
C ILE D 66 -26.97 34.15 21.42
N ALA D 67 -26.81 32.83 21.56
CA ALA D 67 -27.17 31.91 20.47
C ALA D 67 -28.66 31.91 20.22
N SER D 68 -29.47 31.80 21.28
CA SER D 68 -30.92 31.89 21.14
C SER D 68 -31.34 33.25 20.61
N CYS D 69 -30.76 34.32 21.17
CA CYS D 69 -31.11 35.66 20.73
C CYS D 69 -30.84 35.84 19.26
N THR D 70 -29.66 35.42 18.81
CA THR D 70 -29.28 35.64 17.43
C THR D 70 -30.21 34.92 16.47
N ILE D 71 -30.76 33.77 16.90
CA ILE D 71 -31.69 33.01 16.07
C ILE D 71 -32.91 33.86 15.75
N TYR D 72 -33.58 34.36 16.79
CA TYR D 72 -34.84 35.08 16.62
C TYR D 72 -34.64 36.42 15.96
N VAL D 73 -33.58 37.14 16.34
CA VAL D 73 -33.36 38.45 15.75
C VAL D 73 -33.10 38.32 14.25
N THR D 74 -32.35 37.29 13.86
CA THR D 74 -32.09 37.09 12.43
C THR D 74 -33.38 36.87 11.66
N GLU D 75 -34.23 35.96 12.14
CA GLU D 75 -35.49 35.67 11.47
C GLU D 75 -36.40 36.89 11.48
N LEU D 76 -36.42 37.64 12.58
CA LEU D 76 -37.24 38.85 12.66
C LEU D 76 -36.88 39.83 11.57
N ILE D 77 -35.58 40.03 11.31
CA ILE D 77 -35.14 41.03 10.36
C ILE D 77 -35.23 40.51 8.93
N LYS D 78 -34.78 39.28 8.70
CA LYS D 78 -34.64 38.78 7.34
C LYS D 78 -35.97 38.35 6.76
N THR D 79 -36.80 37.70 7.57
CA THR D 79 -38.08 37.15 7.15
C THR D 79 -39.26 38.04 7.52
N TYR D 80 -39.34 38.47 8.78
CA TYR D 80 -40.54 39.17 9.27
C TYR D 80 -40.43 40.68 9.21
N GLN D 81 -39.41 41.23 8.55
CA GLN D 81 -39.37 42.66 8.24
C GLN D 81 -39.47 43.53 9.48
N VAL D 82 -38.70 43.17 10.52
CA VAL D 82 -38.50 44.03 11.68
C VAL D 82 -37.24 44.85 11.43
N LYS D 83 -37.39 46.18 11.53
CA LYS D 83 -36.31 47.13 11.29
C LYS D 83 -35.81 47.79 12.56
N GLU D 84 -36.60 47.77 13.63
CA GLU D 84 -36.24 48.44 14.88
C GLU D 84 -36.54 47.47 16.01
N LEU D 85 -35.52 47.18 16.84
CA LEU D 85 -35.64 46.19 17.90
C LEU D 85 -35.17 46.82 19.19
N LEU D 86 -35.95 46.65 20.26
CA LEU D 86 -35.63 47.26 21.55
C LEU D 86 -35.67 46.17 22.60
N ARG D 87 -34.54 45.91 23.23
CA ARG D 87 -34.45 44.83 24.21
C ARG D 87 -34.52 45.38 25.62
N ILE D 88 -35.36 44.76 26.44
CA ILE D 88 -35.51 45.11 27.85
C ILE D 88 -35.43 43.83 28.67
N GLY D 89 -35.01 43.98 29.93
CA GLY D 89 -34.93 42.83 30.83
C GLY D 89 -34.15 43.18 32.08
N THR D 90 -33.97 42.17 32.94
CA THR D 90 -33.17 42.40 34.13
C THR D 90 -31.69 42.28 33.79
N CYS D 91 -30.85 42.80 34.68
CA CYS D 91 -29.40 42.63 34.60
C CYS D 91 -28.78 42.87 35.98
N GLY D 92 -27.82 42.02 36.33
CA GLY D 92 -27.11 42.14 37.60
C GLY D 92 -26.02 43.18 37.60
N ALA D 93 -26.15 44.19 38.46
CA ALA D 93 -25.23 45.30 38.39
C ALA D 93 -23.91 44.95 39.06
N ILE D 94 -22.83 45.57 38.56
CA ILE D 94 -21.49 45.33 39.04
C ILE D 94 -20.80 46.66 39.31
N SER D 95 -21.39 47.72 38.84
CA SER D 95 -20.69 48.98 39.03
C SER D 95 -21.30 49.79 40.18
N PRO D 96 -20.48 50.52 40.93
CA PRO D 96 -20.99 51.34 42.03
C PRO D 96 -21.61 52.65 41.58
N LYS D 97 -21.78 52.87 40.28
CA LYS D 97 -22.55 54.00 39.79
C LYS D 97 -24.02 53.67 39.62
N VAL D 98 -24.43 52.40 39.80
CA VAL D 98 -25.85 52.06 39.66
C VAL D 98 -26.30 51.31 40.90
N GLY D 99 -27.62 51.30 41.11
CA GLY D 99 -28.24 50.65 42.24
C GLY D 99 -29.59 50.10 41.85
N LEU D 100 -30.24 49.47 42.82
CA LEU D 100 -31.53 48.83 42.57
C LEU D 100 -32.53 49.83 41.99
N LYS D 101 -33.40 49.31 41.09
CA LYS D 101 -34.43 50.06 40.38
C LYS D 101 -33.91 50.89 39.21
N ASP D 102 -32.59 51.12 39.13
CA ASP D 102 -32.04 51.89 38.03
C ASP D 102 -32.27 51.17 36.70
N ILE D 103 -32.36 51.96 35.63
CA ILE D 103 -32.49 51.49 34.25
C ILE D 103 -31.21 51.88 33.53
N ILE D 104 -30.51 50.91 32.97
CA ILE D 104 -29.24 51.11 32.26
C ILE D 104 -29.52 51.06 30.77
N MET D 105 -28.88 51.96 30.01
CA MET D 105 -28.88 51.88 28.56
C MET D 105 -27.48 51.55 28.04
N ALA D 106 -27.40 50.50 27.21
CA ALA D 106 -26.12 49.93 26.79
C ALA D 106 -25.66 50.63 25.52
N THR D 107 -24.68 51.53 25.68
CA THR D 107 -23.96 52.08 24.54
C THR D 107 -22.85 51.16 24.00
N GLY D 108 -22.52 50.09 24.72
CA GLY D 108 -21.67 49.03 24.18
C GLY D 108 -21.94 47.74 24.93
N ALA D 109 -21.79 46.61 24.23
CA ALA D 109 -21.95 45.30 24.88
C ALA D 109 -20.68 44.48 24.69
N SER D 110 -19.85 44.43 25.74
CA SER D 110 -18.68 43.55 25.75
C SER D 110 -19.11 42.10 25.98
N THR D 111 -18.21 41.15 25.70
CA THR D 111 -18.59 39.75 25.78
C THR D 111 -17.39 38.82 25.96
N ASP D 112 -17.68 37.64 26.51
CA ASP D 112 -16.72 36.55 26.54
C ASP D 112 -17.08 35.46 25.53
N SER D 113 -18.07 35.72 24.67
CA SER D 113 -18.43 34.85 23.55
C SER D 113 -17.37 34.94 22.44
N LYS D 114 -17.22 33.86 21.69
CA LYS D 114 -16.43 33.92 20.46
C LYS D 114 -17.24 34.37 19.24
N THR D 115 -18.57 34.53 19.37
CA THR D 115 -19.45 34.73 18.21
C THR D 115 -19.02 35.91 17.34
N ASN D 116 -18.63 37.02 17.96
CA ASN D 116 -18.18 38.17 17.18
C ASN D 116 -16.79 38.02 16.59
N ARG D 117 -15.91 37.24 17.20
CA ARG D 117 -14.66 36.94 16.52
C ARG D 117 -14.92 36.11 15.27
N VAL D 118 -15.83 35.13 15.34
CA VAL D 118 -16.20 34.32 14.18
C VAL D 118 -16.79 35.21 13.08
N ARG D 119 -17.77 36.05 13.46
CA ARG D 119 -18.41 36.99 12.54
C ARG D 119 -17.42 37.97 11.92
N PHE D 120 -16.33 38.29 12.62
CA PHE D 120 -15.59 39.53 12.35
C PHE D 120 -14.08 39.31 12.41
N LEU D 121 -13.59 38.33 11.64
CA LEU D 121 -12.18 38.24 11.25
C LEU D 121 -11.22 37.97 12.41
N ASN D 122 -11.70 37.32 13.47
CA ASN D 122 -10.91 37.08 14.68
C ASN D 122 -10.36 38.37 15.31
N HIS D 123 -10.99 39.49 15.04
CA HIS D 123 -10.63 40.77 15.63
C HIS D 123 -11.72 41.17 16.62
N ASP D 124 -11.64 42.40 17.09
CA ASP D 124 -12.54 42.87 18.14
C ASP D 124 -13.64 43.67 17.45
N LEU D 125 -14.86 43.17 17.50
CA LEU D 125 -16.01 43.92 17.02
C LEU D 125 -16.59 44.68 18.19
N SER D 126 -16.56 46.01 18.12
CA SER D 126 -17.20 46.83 19.13
C SER D 126 -18.71 46.80 18.93
N ALA D 127 -19.40 45.93 19.68
CA ALA D 127 -20.83 45.73 19.54
C ALA D 127 -21.56 46.90 20.19
N THR D 128 -22.25 47.71 19.39
CA THR D 128 -22.83 49.00 19.76
C THR D 128 -24.25 49.12 19.20
N PRO D 129 -25.11 49.90 19.86
CA PRO D 129 -26.49 50.05 19.42
C PRO D 129 -26.59 51.10 18.32
N ASP D 130 -27.80 51.28 17.81
CA ASP D 130 -28.03 52.37 16.85
C ASP D 130 -28.23 53.68 17.60
N PHE D 131 -27.68 54.75 17.04
CA PHE D 131 -27.62 56.01 17.78
C PHE D 131 -28.98 56.72 17.84
N GLU D 132 -29.78 56.67 16.78
CA GLU D 132 -31.09 57.30 16.84
C GLU D 132 -31.95 56.67 17.92
N LEU D 133 -31.86 55.34 18.07
CA LEU D 133 -32.66 54.69 19.10
C LEU D 133 -32.17 55.13 20.48
N SER D 134 -30.86 55.28 20.64
CA SER D 134 -30.31 55.62 21.93
C SER D 134 -30.66 57.06 22.32
N LEU D 135 -30.69 57.96 21.33
CA LEU D 135 -31.22 59.30 21.55
C LEU D 135 -32.70 59.26 21.92
N ARG D 136 -33.49 58.52 21.15
CA ARG D 136 -34.92 58.48 21.41
C ARG D 136 -35.19 57.96 22.81
N ALA D 137 -34.39 56.99 23.26
CA ALA D 137 -34.51 56.49 24.63
C ALA D 137 -34.10 57.56 25.64
N TYR D 138 -32.98 58.25 25.39
CA TYR D 138 -32.51 59.28 26.31
C TYR D 138 -33.51 60.41 26.42
N GLN D 139 -34.07 60.85 25.28
CA GLN D 139 -35.07 61.91 25.29
C GLN D 139 -36.37 61.46 25.94
N THR D 140 -36.85 60.27 25.58
CA THR D 140 -38.05 59.76 26.24
C THR D 140 -37.83 59.65 27.74
N ALA D 141 -36.65 59.20 28.15
CA ALA D 141 -36.36 59.12 29.59
C ALA D 141 -36.55 60.49 30.24
N LYS D 142 -35.94 61.52 29.66
CA LYS D 142 -36.00 62.85 30.28
C LYS D 142 -37.44 63.29 30.43
N ARG D 143 -38.25 63.10 29.38
CA ARG D 143 -39.65 63.52 29.43
C ARG D 143 -40.44 62.73 30.47
N LEU D 144 -40.04 61.49 30.73
CA LEU D 144 -40.69 60.69 31.76
C LEU D 144 -40.08 60.92 33.13
N GLY D 145 -39.02 61.72 33.23
CA GLY D 145 -38.37 61.94 34.50
C GLY D 145 -37.56 60.79 35.04
N ILE D 146 -36.99 59.96 34.16
CA ILE D 146 -36.21 58.79 34.56
C ILE D 146 -34.75 59.14 34.43
N ASP D 147 -33.95 58.72 35.43
CA ASP D 147 -32.52 59.02 35.47
C ASP D 147 -31.76 57.88 34.78
N LEU D 148 -31.68 57.98 33.45
CA LEU D 148 -31.09 56.94 32.62
C LEU D 148 -29.61 56.80 32.91
N LYS D 149 -29.21 55.65 33.44
CA LYS D 149 -27.78 55.33 33.57
C LYS D 149 -27.29 54.76 32.24
N VAL D 150 -26.12 55.21 31.78
CA VAL D 150 -25.63 54.97 30.43
C VAL D 150 -24.20 54.48 30.47
N GLY D 151 -23.95 53.29 29.93
CA GLY D 151 -22.60 52.73 29.93
C GLY D 151 -22.59 51.40 29.20
N ASN D 152 -21.42 50.74 29.20
CA ASN D 152 -21.33 49.40 28.63
C ASN D 152 -22.02 48.39 29.55
N VAL D 153 -22.49 47.30 28.94
CA VAL D 153 -22.88 46.11 29.68
C VAL D 153 -21.94 44.99 29.22
N PHE D 154 -21.90 43.89 29.99
CA PHE D 154 -21.11 42.71 29.63
C PHE D 154 -22.05 41.55 29.38
N SER D 155 -22.08 41.08 28.13
CA SER D 155 -22.87 39.92 27.76
C SER D 155 -21.99 38.69 27.94
N SER D 156 -22.39 37.78 28.82
CA SER D 156 -21.58 36.62 29.09
C SER D 156 -22.30 35.38 28.58
N ASP D 157 -21.51 34.34 28.24
CA ASP D 157 -22.09 33.04 27.95
C ASP D 157 -22.48 32.28 29.22
N PHE D 158 -22.16 32.82 30.38
CA PHE D 158 -22.37 32.14 31.64
C PHE D 158 -23.40 32.91 32.46
N PHE D 159 -24.43 32.21 32.93
CA PHE D 159 -25.20 32.74 34.04
C PHE D 159 -24.45 32.50 35.35
N TYR D 160 -24.05 31.26 35.61
CA TYR D 160 -23.16 30.95 36.72
C TYR D 160 -21.71 31.14 36.26
N SER D 161 -21.14 32.30 36.58
CA SER D 161 -19.85 32.74 36.07
C SER D 161 -18.67 32.02 36.74
N PHE D 162 -17.60 31.82 35.97
CA PHE D 162 -16.34 31.31 36.47
C PHE D 162 -15.31 32.42 36.68
N GLU D 163 -15.69 33.68 36.49
CA GLU D 163 -14.75 34.80 36.66
C GLU D 163 -15.37 35.91 37.51
N THR D 164 -16.01 35.55 38.63
CA THR D 164 -16.59 36.58 39.48
C THR D 164 -15.55 37.49 40.08
N HIS D 165 -14.29 37.00 40.19
CA HIS D 165 -13.15 37.83 40.56
C HIS D 165 -12.81 38.87 39.53
N ALA D 166 -13.48 38.86 38.37
CA ALA D 166 -13.17 39.80 37.30
C ALA D 166 -14.17 40.93 37.22
N PHE D 167 -15.26 40.84 37.99
CA PHE D 167 -16.35 41.81 37.90
C PHE D 167 -15.89 43.23 38.24
N ASP D 168 -15.02 43.38 39.23
CA ASP D 168 -14.51 44.72 39.59
C ASP D 168 -13.80 45.36 38.41
N LEU D 169 -12.97 44.59 37.71
CA LEU D 169 -12.24 45.13 36.57
C LEU D 169 -13.19 45.54 35.45
N MET D 170 -14.27 44.77 35.26
CA MET D 170 -15.30 45.17 34.30
C MET D 170 -15.91 46.50 34.69
N ALA D 171 -16.37 46.62 35.94
CA ALA D 171 -16.92 47.87 36.43
C ALA D 171 -15.96 49.03 36.16
N LYS D 172 -14.68 48.85 36.50
CA LYS D 172 -13.67 49.87 36.26
C LYS D 172 -13.71 50.37 34.82
N TYR D 173 -13.86 49.46 33.85
CA TYR D 173 -13.94 49.83 32.44
C TYR D 173 -15.35 50.18 32.00
N ASN D 174 -16.17 50.74 32.89
CA ASN D 174 -17.46 51.32 32.54
C ASN D 174 -18.48 50.27 32.15
N HIS D 175 -18.40 49.08 32.76
CA HIS D 175 -19.41 48.05 32.59
C HIS D 175 -20.37 48.10 33.77
N LEU D 176 -21.62 48.49 33.52
CA LEU D 176 -22.56 48.78 34.60
C LEU D 176 -23.20 47.54 35.16
N ALA D 177 -23.46 46.54 34.31
CA ALA D 177 -24.13 45.32 34.74
C ALA D 177 -23.76 44.20 33.78
N ILE D 178 -24.17 42.99 34.13
CA ILE D 178 -23.97 41.81 33.29
C ILE D 178 -25.31 41.26 32.86
N GLU D 179 -25.41 40.90 31.58
CA GLU D 179 -26.54 40.15 31.05
C GLU D 179 -26.00 39.16 30.04
N MET D 180 -26.86 38.63 29.17
CA MET D 180 -26.47 37.45 28.41
C MET D 180 -26.77 37.53 26.91
N GLU D 181 -27.25 38.66 26.41
CA GLU D 181 -27.64 38.69 24.99
C GLU D 181 -27.23 39.95 24.27
N ALA D 182 -26.92 41.04 24.99
CA ALA D 182 -26.85 42.34 24.30
C ALA D 182 -25.83 42.32 23.17
N ALA D 183 -24.67 41.68 23.38
CA ALA D 183 -23.65 41.62 22.34
C ALA D 183 -24.13 40.90 21.08
N GLY D 184 -25.02 39.93 21.24
CA GLY D 184 -25.57 39.20 20.10
C GLY D 184 -26.66 39.98 19.40
N LEU D 185 -27.50 40.68 20.16
CA LEU D 185 -28.45 41.58 19.54
C LEU D 185 -27.74 42.59 18.67
N TYR D 186 -26.76 43.29 19.24
CA TYR D 186 -26.11 44.37 18.51
C TYR D 186 -25.40 43.83 17.27
N ALA D 187 -24.66 42.73 17.42
CA ALA D 187 -23.92 42.16 16.30
C ALA D 187 -24.85 41.74 15.16
N THR D 188 -26.00 41.13 15.48
CA THR D 188 -26.91 40.70 14.42
C THR D 188 -27.50 41.91 13.70
N ALA D 189 -27.95 42.91 14.46
CA ALA D 189 -28.44 44.15 13.87
C ALA D 189 -27.36 44.81 13.01
N MET D 190 -26.12 44.87 13.49
CA MET D 190 -25.06 45.43 12.64
C MET D 190 -24.87 44.59 11.39
N GLU D 191 -24.98 43.26 11.52
CA GLU D 191 -24.85 42.39 10.36
C GLU D 191 -25.94 42.69 9.33
N LEU D 192 -27.17 42.91 9.79
CA LEU D 192 -28.35 42.93 8.95
C LEU D 192 -28.90 44.34 8.76
N ASN D 193 -28.06 45.35 8.97
CA ASN D 193 -28.44 46.73 8.67
C ASN D 193 -29.71 47.14 9.42
N ALA D 194 -29.86 46.65 10.65
CA ALA D 194 -31.00 46.95 11.49
C ALA D 194 -30.58 47.77 12.71
N LYS D 195 -31.56 48.43 13.34
CA LYS D 195 -31.33 49.34 14.45
C LYS D 195 -31.79 48.65 15.72
N ALA D 196 -30.92 48.65 16.74
CA ALA D 196 -31.27 47.98 17.99
C ALA D 196 -30.63 48.70 19.17
N LEU D 197 -31.18 48.44 20.35
CA LEU D 197 -30.71 49.03 21.58
C LEU D 197 -31.20 48.14 22.70
N CYS D 198 -30.43 48.09 23.78
CA CYS D 198 -30.75 47.30 24.97
C CYS D 198 -30.89 48.25 26.14
N LEU D 199 -31.93 48.05 26.96
CA LEU D 199 -32.07 48.70 28.26
C LEU D 199 -32.38 47.60 29.26
N CYS D 200 -31.78 47.69 30.44
CA CYS D 200 -32.01 46.70 31.48
C CYS D 200 -32.17 47.39 32.84
N SER D 201 -33.01 46.79 33.67
CA SER D 201 -33.32 47.32 34.99
C SER D 201 -32.57 46.51 36.02
N VAL D 202 -31.95 47.21 36.97
CA VAL D 202 -31.15 46.59 38.02
C VAL D 202 -32.08 46.04 39.11
N SER D 203 -32.16 44.72 39.18
CA SER D 203 -32.91 43.99 40.19
C SER D 203 -32.01 43.68 41.38
N ASP D 204 -30.83 43.14 41.09
CA ASP D 204 -29.81 42.76 42.07
C ASP D 204 -28.50 43.44 41.71
N HIS D 205 -27.68 43.69 42.72
CA HIS D 205 -26.33 44.22 42.51
C HIS D 205 -25.34 43.13 42.90
N LEU D 206 -24.62 42.60 41.89
CA LEU D 206 -23.80 41.42 42.12
C LEU D 206 -22.60 41.68 43.02
N ILE D 207 -22.30 42.95 43.35
CA ILE D 207 -21.13 43.29 44.14
C ILE D 207 -21.53 43.43 45.61
N THR D 208 -22.31 44.45 45.93
CA THR D 208 -22.78 44.70 47.29
C THR D 208 -23.90 43.75 47.74
N LYS D 209 -24.59 43.08 46.80
CA LYS D 209 -25.50 41.96 47.06
C LYS D 209 -26.90 42.31 47.55
N GLU D 210 -27.47 43.42 47.09
CA GLU D 210 -28.83 43.83 47.46
C GLU D 210 -29.85 43.44 46.38
N ALA D 211 -31.09 43.17 46.81
CA ALA D 211 -32.08 42.55 45.93
C ALA D 211 -33.47 43.13 46.18
N LEU D 212 -34.14 43.53 45.11
CA LEU D 212 -35.52 43.98 45.18
C LEU D 212 -36.45 42.85 45.61
N SER D 213 -37.63 43.24 46.12
CA SER D 213 -38.65 42.30 46.49
C SER D 213 -39.58 42.07 45.31
N PRO D 214 -40.22 40.90 45.23
CA PRO D 214 -41.06 40.60 44.05
C PRO D 214 -42.27 41.52 43.87
N LYS D 215 -42.60 42.37 44.85
CA LYS D 215 -43.49 43.49 44.59
C LYS D 215 -42.72 44.69 44.06
N GLU D 216 -41.54 44.95 44.63
CA GLU D 216 -40.63 45.94 44.08
C GLU D 216 -40.11 45.53 42.72
N ARG D 217 -39.98 44.22 42.49
CA ARG D 217 -39.53 43.74 41.18
C ARG D 217 -40.56 44.04 40.11
N VAL D 218 -41.85 43.88 40.42
CA VAL D 218 -42.89 44.09 39.42
C VAL D 218 -42.98 45.57 39.07
N GLU D 219 -42.98 46.44 40.08
CA GLU D 219 -43.05 47.87 39.80
C GLU D 219 -41.83 48.36 39.04
N SER D 220 -40.64 47.91 39.47
CA SER D 220 -39.40 48.28 38.79
C SER D 220 -39.44 47.89 37.33
N PHE D 221 -39.95 46.69 37.03
CA PHE D 221 -40.06 46.23 35.65
C PHE D 221 -41.12 47.01 34.88
N ASP D 222 -42.33 47.13 35.45
CA ASP D 222 -43.39 47.95 34.84
C ASP D 222 -42.84 49.31 34.41
N ASN D 223 -41.95 49.88 35.23
CA ASN D 223 -41.38 51.18 34.93
C ASN D 223 -40.58 51.17 33.64
N MET D 224 -39.80 50.10 33.41
CA MET D 224 -39.03 50.00 32.18
C MET D 224 -39.96 49.87 30.98
N ILE D 225 -41.02 49.05 31.11
CA ILE D 225 -42.00 48.85 30.04
C ILE D 225 -42.55 50.18 29.57
N ILE D 226 -43.10 50.96 30.52
CA ILE D 226 -43.64 52.28 30.20
C ILE D 226 -42.63 53.09 29.40
N LEU D 227 -41.36 53.09 29.84
CA LEU D 227 -40.31 53.76 29.09
C LEU D 227 -40.25 53.23 27.66
N ALA D 228 -40.15 51.91 27.51
CA ALA D 228 -39.94 51.31 26.19
C ALA D 228 -41.12 51.56 25.27
N LEU D 229 -42.35 51.43 25.78
CA LEU D 229 -43.52 51.71 24.96
C LEU D 229 -43.62 53.19 24.61
N GLU D 230 -43.18 54.08 25.50
CA GLU D 230 -43.28 55.50 25.22
C GLU D 230 -42.30 55.93 24.14
N MET D 231 -41.11 55.32 24.09
CA MET D 231 -40.20 55.68 23.00
C MET D 231 -40.66 55.09 21.68
N MET D 232 -41.41 53.98 21.70
CA MET D 232 -42.05 53.47 20.49
C MET D 232 -43.53 53.87 20.39
N SER D 233 -43.95 54.89 21.14
CA SER D 233 -45.26 55.54 20.96
C SER D 233 -45.30 56.27 19.64
N MET E 1 4.29 62.82 -1.74
CA MET E 1 4.86 61.55 -2.16
C MET E 1 4.17 60.38 -1.45
N THR E 2 4.33 60.36 -0.13
CA THR E 2 3.62 59.48 0.79
C THR E 2 3.07 60.36 1.91
N PRO E 3 1.97 59.96 2.54
CA PRO E 3 1.30 60.88 3.46
C PRO E 3 2.10 61.21 4.72
N HIS E 4 3.22 60.55 4.96
CA HIS E 4 3.92 60.73 6.23
C HIS E 4 5.34 61.26 6.10
N ILE E 5 5.89 61.33 4.88
CA ILE E 5 7.24 61.79 4.62
C ILE E 5 7.21 62.83 3.51
N ASN E 6 7.86 63.96 3.74
CA ASN E 6 7.89 65.15 2.92
C ASN E 6 8.98 65.14 1.86
N ALA E 7 9.92 64.20 1.93
CA ALA E 7 11.11 64.26 1.11
C ALA E 7 10.79 63.96 -0.35
N LYS E 8 11.65 64.47 -1.24
CA LYS E 8 11.62 64.10 -2.63
C LYS E 8 12.42 62.82 -2.82
N ILE E 9 12.07 62.07 -3.87
CA ILE E 9 12.73 60.77 -4.07
C ILE E 9 14.22 60.99 -4.27
N GLY E 10 15.02 60.19 -3.60
CA GLY E 10 16.46 60.35 -3.64
C GLY E 10 17.02 61.18 -2.52
N ASP E 11 16.18 61.78 -1.67
CA ASP E 11 16.70 62.55 -0.54
C ASP E 11 17.37 61.67 0.51
N PHE E 12 16.89 60.43 0.69
CA PHE E 12 17.48 59.51 1.65
C PHE E 12 18.63 58.74 1.01
N TYR E 13 19.72 58.60 1.75
CA TYR E 13 20.77 57.67 1.40
C TYR E 13 20.23 56.26 1.61
N PRO E 14 20.92 55.22 1.13
CA PRO E 14 20.40 53.85 1.34
C PRO E 14 20.55 53.34 2.76
N GLN E 15 21.37 53.98 3.58
CA GLN E 15 21.53 53.65 5.00
C GLN E 15 20.90 54.76 5.82
N CYS E 16 20.09 54.37 6.81
CA CYS E 16 19.36 55.35 7.61
C CYS E 16 19.39 54.97 9.09
N LEU E 17 19.61 55.97 9.95
CA LEU E 17 19.50 55.81 11.40
C LEU E 17 18.12 56.24 11.88
N LEU E 18 17.63 55.56 12.92
CA LEU E 18 16.24 55.72 13.35
C LEU E 18 16.15 55.89 14.87
N CYS E 19 15.32 56.84 15.29
CA CYS E 19 14.94 57.01 16.68
C CYS E 19 13.48 57.46 16.73
N GLY E 20 12.80 57.12 17.82
CA GLY E 20 11.43 57.57 17.98
C GLY E 20 11.33 59.08 18.13
N ASP E 21 12.30 59.70 18.78
CA ASP E 21 12.25 61.12 19.13
C ASP E 21 12.89 61.93 18.00
N PRO E 22 12.13 62.77 17.29
CA PRO E 22 12.75 63.55 16.19
C PRO E 22 13.73 64.62 16.67
N LEU E 23 13.47 65.27 17.80
CA LEU E 23 14.44 66.21 18.35
C LEU E 23 15.74 65.51 18.71
N ARG E 24 15.63 64.26 19.14
CA ARG E 24 16.81 63.41 19.24
C ARG E 24 17.48 63.24 17.88
N VAL E 25 16.69 63.09 16.81
CA VAL E 25 17.24 62.91 15.46
C VAL E 25 17.84 64.21 14.95
N SER E 26 17.18 65.34 15.24
CA SER E 26 17.75 66.65 14.93
C SER E 26 19.05 66.89 15.69
N TYR E 27 19.17 66.35 16.91
CA TYR E 27 20.42 66.48 17.65
C TYR E 27 21.54 65.67 17.01
N ILE E 28 21.21 64.55 16.35
CA ILE E 28 22.24 63.80 15.64
C ILE E 28 22.73 64.56 14.42
N ALA E 29 21.80 65.15 13.66
CA ALA E 29 22.17 65.86 12.44
C ALA E 29 23.17 66.98 12.73
N LYS E 30 22.98 67.68 13.85
CA LYS E 30 23.82 68.84 14.17
C LYS E 30 25.17 68.42 14.74
N LYS E 31 25.16 67.67 15.85
CA LYS E 31 26.41 67.35 16.52
C LYS E 31 27.32 66.44 15.73
N PHE E 32 26.86 65.78 14.66
CA PHE E 32 27.61 64.66 14.11
C PHE E 32 27.77 64.66 12.60
N LEU E 33 26.82 65.25 11.88
CA LEU E 33 26.85 65.24 10.43
C LEU E 33 27.37 66.58 9.89
N GLN E 34 27.92 66.53 8.68
CA GLN E 34 28.45 67.74 8.07
C GLN E 34 27.34 68.49 7.34
N ASP E 35 27.12 68.13 6.06
CA ASP E 35 26.18 68.84 5.20
C ASP E 35 24.82 69.03 5.84
N ALA E 36 24.09 67.92 6.02
CA ALA E 36 22.92 67.90 6.89
C ALA E 36 21.85 68.90 6.47
N LYS E 37 20.85 68.43 5.74
CA LYS E 37 19.74 69.25 5.25
C LYS E 37 18.46 68.53 5.63
N GLU E 38 17.68 69.07 6.56
CA GLU E 38 16.35 68.54 6.85
C GLU E 38 15.60 68.19 5.57
N ILE E 39 15.16 66.93 5.46
CA ILE E 39 14.52 66.44 4.23
C ILE E 39 13.04 66.14 4.37
N THR E 40 12.53 65.98 5.59
CA THR E 40 11.13 65.66 5.79
C THR E 40 10.73 66.28 7.12
N ASN E 41 9.44 66.62 7.25
CA ASN E 41 8.95 67.19 8.49
C ASN E 41 7.44 67.12 8.61
N VAL E 42 6.82 66.10 8.00
CA VAL E 42 5.40 65.88 8.20
C VAL E 42 5.15 65.54 9.66
N ARG E 43 4.12 66.14 10.24
CA ARG E 43 3.77 65.87 11.63
C ARG E 43 4.92 66.16 12.57
N ASN E 44 5.79 67.09 12.18
CA ASN E 44 6.97 67.46 12.94
C ASN E 44 7.96 66.31 13.07
N MET E 45 7.73 65.21 12.36
CA MET E 45 8.60 64.04 12.43
C MET E 45 9.74 64.24 11.46
N LEU E 46 10.89 64.70 11.96
CA LEU E 46 11.98 65.18 11.12
C LEU E 46 12.88 64.04 10.64
N GLY E 47 13.50 64.27 9.47
CA GLY E 47 14.56 63.42 8.94
C GLY E 47 15.56 64.29 8.22
N PHE E 48 16.80 63.76 8.05
CA PHE E 48 17.90 64.66 7.73
C PHE E 48 18.83 64.42 6.53
N SER E 49 19.54 63.30 6.42
CA SER E 49 20.57 63.19 5.37
C SER E 49 21.80 64.11 5.50
N GLY E 50 22.97 63.53 5.64
CA GLY E 50 24.19 64.28 5.81
C GLY E 50 25.40 63.39 5.67
N LYS E 51 26.56 63.91 6.05
CA LYS E 51 27.80 63.16 5.90
C LYS E 51 28.47 62.92 7.25
N TYR E 52 28.93 61.69 7.47
CA TYR E 52 29.71 61.32 8.63
C TYR E 52 31.01 60.72 8.13
N LYS E 53 32.14 61.35 8.46
CA LYS E 53 33.45 60.94 7.95
C LYS E 53 33.44 60.82 6.42
N GLY E 54 32.82 61.81 5.78
CA GLY E 54 32.70 61.86 4.34
C GLY E 54 31.72 60.89 3.72
N ARG E 55 31.14 59.98 4.51
CA ARG E 55 30.18 59.02 4.01
C ARG E 55 28.78 59.57 4.22
N GLY E 56 27.90 59.34 3.23
CA GLY E 56 26.54 59.81 3.34
C GLY E 56 25.70 58.92 4.24
N ILE E 57 24.93 59.57 5.12
CA ILE E 57 24.01 58.88 6.02
C ILE E 57 22.74 59.71 6.13
N SER E 58 21.59 59.04 6.29
CA SER E 58 20.32 59.70 6.57
C SER E 58 19.86 59.36 7.98
N LEU E 59 19.00 60.22 8.52
CA LEU E 59 18.41 60.01 9.84
C LEU E 59 16.90 60.23 9.72
N MET E 60 16.13 59.60 10.63
CA MET E 60 14.68 59.71 10.56
C MET E 60 14.02 59.33 11.88
N GLY E 61 13.19 60.24 12.42
CA GLY E 61 12.32 59.87 13.53
C GLY E 61 11.20 58.95 13.10
N HIS E 62 10.80 58.04 13.99
CA HIS E 62 9.71 57.12 13.67
C HIS E 62 8.56 57.11 14.66
N GLY E 63 8.62 57.88 15.74
CA GLY E 63 7.52 57.96 16.66
C GLY E 63 7.46 56.75 17.57
N MET E 64 6.35 56.65 18.30
CA MET E 64 6.23 55.73 19.42
C MET E 64 5.19 54.64 19.12
N GLY E 65 5.59 53.39 19.34
CA GLY E 65 4.77 52.20 19.15
C GLY E 65 5.04 51.49 17.83
N ILE E 66 4.72 50.19 17.81
CA ILE E 66 4.89 49.35 16.63
C ILE E 66 4.23 49.97 15.40
N ALA E 67 2.96 50.37 15.52
CA ALA E 67 2.20 50.86 14.36
C ALA E 67 2.82 52.10 13.74
N SER E 68 3.25 53.05 14.58
CA SER E 68 3.89 54.27 14.06
C SER E 68 5.21 53.92 13.41
N CYS E 69 6.04 53.12 14.10
CA CYS E 69 7.29 52.71 13.48
C CYS E 69 7.04 52.00 12.15
N THR E 70 6.03 51.13 12.11
CA THR E 70 5.74 50.39 10.88
C THR E 70 5.43 51.34 9.73
N ILE E 71 4.67 52.41 10.02
CA ILE E 71 4.29 53.35 8.97
C ILE E 71 5.53 53.94 8.30
N TYR E 72 6.47 54.43 9.11
CA TYR E 72 7.63 55.11 8.55
C TYR E 72 8.62 54.15 7.90
N VAL E 73 8.84 52.99 8.51
CA VAL E 73 9.78 52.03 7.93
C VAL E 73 9.26 51.53 6.59
N THR E 74 7.94 51.35 6.49
CA THR E 74 7.35 50.87 5.24
C THR E 74 7.57 51.87 4.12
N GLU E 75 7.34 53.16 4.39
CA GLU E 75 7.56 54.18 3.37
C GLU E 75 9.04 54.36 3.05
N LEU E 76 9.93 54.18 4.05
CA LEU E 76 11.36 54.31 3.79
C LEU E 76 11.86 53.22 2.85
N ILE E 77 11.32 52.02 2.97
CA ILE E 77 11.78 50.91 2.13
C ILE E 77 11.14 50.97 0.75
N LYS E 78 9.81 51.14 0.67
CA LYS E 78 9.11 51.03 -0.60
C LYS E 78 9.24 52.31 -1.45
N THR E 79 9.09 53.48 -0.85
CA THR E 79 9.16 54.71 -1.63
C THR E 79 10.56 55.29 -1.71
N TYR E 80 11.32 55.33 -0.60
CA TYR E 80 12.64 55.96 -0.60
C TYR E 80 13.80 55.00 -0.76
N GLN E 81 13.53 53.70 -0.83
CA GLN E 81 14.53 52.69 -1.19
C GLN E 81 15.69 52.61 -0.20
N VAL E 82 15.40 52.84 1.08
CA VAL E 82 16.40 52.62 2.12
C VAL E 82 16.68 51.12 2.21
N LYS E 83 17.97 50.76 2.29
CA LYS E 83 18.40 49.38 2.29
C LYS E 83 18.78 48.86 3.67
N GLU E 84 19.31 49.73 4.53
CA GLU E 84 19.71 49.38 5.89
C GLU E 84 19.07 50.36 6.86
N LEU E 85 18.42 49.83 7.90
CA LEU E 85 17.78 50.63 8.92
C LEU E 85 18.37 50.24 10.26
N LEU E 86 19.07 51.19 10.89
CA LEU E 86 19.72 50.99 12.18
C LEU E 86 19.00 51.81 13.24
N ARG E 87 18.22 51.14 14.09
CA ARG E 87 17.44 51.82 15.12
C ARG E 87 18.28 51.97 16.37
N ILE E 88 18.24 53.17 16.95
CA ILE E 88 18.87 53.43 18.23
C ILE E 88 17.80 54.03 19.12
N GLY E 89 18.05 54.01 20.42
CA GLY E 89 17.09 54.57 21.33
C GLY E 89 17.31 54.03 22.73
N THR E 90 16.38 54.40 23.60
CA THR E 90 16.40 54.07 25.02
C THR E 90 15.43 52.92 25.30
N CYS E 91 15.77 52.12 26.29
CA CYS E 91 14.93 50.99 26.71
C CYS E 91 15.11 50.82 28.20
N GLY E 92 14.06 50.35 28.86
CA GLY E 92 14.16 50.04 30.27
C GLY E 92 14.59 48.62 30.52
N ALA E 93 15.69 48.44 31.27
CA ALA E 93 16.21 47.09 31.50
C ALA E 93 15.33 46.32 32.47
N ILE E 94 15.25 45.01 32.28
CA ILE E 94 14.52 44.14 33.19
C ILE E 94 15.35 42.97 33.68
N SER E 95 16.60 42.90 33.29
CA SER E 95 17.45 41.76 33.52
C SER E 95 18.57 42.14 34.49
N PRO E 96 18.99 41.20 35.34
CA PRO E 96 20.23 41.42 36.09
C PRO E 96 21.47 41.38 35.23
N LYS E 97 21.36 40.84 34.01
CA LYS E 97 22.49 40.73 33.12
C LYS E 97 22.92 42.07 32.53
N VAL E 98 22.09 43.09 32.63
CA VAL E 98 22.46 44.41 32.13
C VAL E 98 22.18 45.45 33.20
N GLY E 99 22.85 46.60 33.06
CA GLY E 99 22.66 47.71 33.98
C GLY E 99 22.91 49.00 33.23
N LEU E 100 22.75 50.11 33.95
CA LEU E 100 22.81 51.44 33.37
C LEU E 100 24.06 51.63 32.51
N LYS E 101 23.88 52.31 31.37
CA LYS E 101 24.93 52.58 30.37
C LYS E 101 25.12 51.47 29.34
N ASP E 102 24.71 50.25 29.65
CA ASP E 102 24.96 49.14 28.72
C ASP E 102 24.29 49.42 27.38
N ILE E 103 24.88 48.89 26.31
CA ILE E 103 24.27 48.93 24.98
C ILE E 103 23.83 47.51 24.59
N ILE E 104 22.54 47.35 24.35
CA ILE E 104 21.92 46.04 24.11
C ILE E 104 21.69 45.87 22.61
N MET E 105 22.26 44.82 22.02
CA MET E 105 21.97 44.45 20.63
C MET E 105 20.86 43.39 20.64
N ALA E 106 19.76 43.68 19.93
CA ALA E 106 18.54 42.87 20.03
C ALA E 106 18.53 41.81 18.94
N THR E 107 18.93 40.59 19.26
CA THR E 107 18.86 39.53 18.27
C THR E 107 17.44 38.98 18.07
N GLY E 108 16.48 39.46 18.86
CA GLY E 108 15.09 39.05 18.69
C GLY E 108 14.20 40.01 19.44
N ALA E 109 12.98 40.17 18.95
CA ALA E 109 12.05 41.13 19.52
C ALA E 109 10.74 40.43 19.81
N SER E 110 10.55 40.05 21.06
CA SER E 110 9.27 39.54 21.48
C SER E 110 8.25 40.67 21.49
N THR E 111 6.97 40.32 21.66
CA THR E 111 5.97 41.37 21.65
C THR E 111 4.67 40.85 22.25
N ASP E 112 3.93 41.76 22.88
CA ASP E 112 2.52 41.56 23.18
C ASP E 112 1.61 42.11 22.10
N SER E 113 2.15 42.55 20.97
CA SER E 113 1.31 43.06 19.90
C SER E 113 0.69 41.92 19.08
N LYS E 114 -0.43 42.22 18.42
CA LYS E 114 -1.07 41.26 17.52
C LYS E 114 -0.58 41.37 16.10
N THR E 115 0.29 42.33 15.80
CA THR E 115 0.56 42.70 14.42
C THR E 115 1.23 41.55 13.66
N ASN E 116 2.15 40.86 14.30
CA ASN E 116 2.84 39.78 13.61
C ASN E 116 1.92 38.59 13.38
N ARG E 117 0.95 38.37 14.28
CA ARG E 117 -0.03 37.32 14.04
C ARG E 117 -0.94 37.67 12.86
N VAL E 118 -1.28 38.95 12.71
CA VAL E 118 -2.00 39.37 11.52
C VAL E 118 -1.12 39.19 10.30
N ARG E 119 0.16 39.53 10.44
CA ARG E 119 1.13 39.38 9.36
C ARG E 119 1.35 37.90 8.99
N PHE E 120 1.29 36.99 9.98
CA PHE E 120 1.95 35.71 9.83
C PHE E 120 1.05 34.54 10.26
N LEU E 121 -0.12 34.41 9.63
CA LEU E 121 -0.97 33.21 9.70
C LEU E 121 -1.55 32.96 11.07
N ASN E 122 -1.60 33.99 11.92
CA ASN E 122 -1.88 33.78 13.33
C ASN E 122 -0.89 32.83 14.02
N HIS E 123 0.34 32.70 13.51
CA HIS E 123 1.35 31.90 14.16
C HIS E 123 2.32 32.81 14.91
N ASP E 124 3.47 32.26 15.34
CA ASP E 124 4.49 32.98 16.12
C ASP E 124 5.62 33.36 15.16
N LEU E 125 5.56 34.58 14.62
CA LEU E 125 6.71 35.08 13.88
C LEU E 125 7.86 35.37 14.86
N SER E 126 9.00 34.71 14.68
CA SER E 126 10.19 35.13 15.42
C SER E 126 10.77 36.36 14.74
N ALA E 127 10.59 37.55 15.35
CA ALA E 127 11.08 38.80 14.75
C ALA E 127 12.56 38.99 15.07
N THR E 128 13.41 38.99 14.05
CA THR E 128 14.85 38.97 14.20
C THR E 128 15.45 40.03 13.30
N PRO E 129 16.65 40.51 13.62
CA PRO E 129 17.32 41.45 12.72
C PRO E 129 17.99 40.70 11.58
N ASP E 130 18.55 41.48 10.65
CA ASP E 130 19.41 40.91 9.60
C ASP E 130 20.77 40.53 10.18
N PHE E 131 21.27 39.35 9.83
CA PHE E 131 22.40 38.78 10.55
C PHE E 131 23.69 39.57 10.32
N GLU E 132 23.93 40.00 9.07
CA GLU E 132 25.19 40.70 8.77
C GLU E 132 25.28 42.05 9.49
N LEU E 133 24.14 42.73 9.71
CA LEU E 133 24.17 43.95 10.51
C LEU E 133 24.56 43.65 11.96
N SER E 134 23.91 42.64 12.54
CA SER E 134 24.28 42.17 13.87
C SER E 134 25.76 41.82 13.92
N LEU E 135 26.27 41.17 12.88
CA LEU E 135 27.69 40.85 12.81
C LEU E 135 28.50 42.13 12.78
N ARG E 136 28.09 43.09 11.94
CA ARG E 136 28.79 44.36 11.83
C ARG E 136 28.77 45.13 13.14
N ALA E 137 27.62 45.17 13.82
CA ALA E 137 27.55 45.85 15.11
C ALA E 137 28.51 45.22 16.11
N TYR E 138 28.60 43.89 16.12
CA TYR E 138 29.52 43.22 17.01
C TYR E 138 30.97 43.63 16.72
N GLN E 139 31.38 43.58 15.46
CA GLN E 139 32.74 43.93 15.09
C GLN E 139 33.02 45.40 15.38
N THR E 140 32.17 46.31 14.90
CA THR E 140 32.37 47.73 15.17
C THR E 140 32.48 48.00 16.67
N ALA E 141 31.62 47.33 17.46
CA ALA E 141 31.68 47.47 18.90
C ALA E 141 33.07 47.14 19.43
N LYS E 142 33.56 45.93 19.14
CA LYS E 142 34.85 45.50 19.66
C LYS E 142 35.97 46.42 19.19
N ARG E 143 35.88 46.92 17.94
CA ARG E 143 36.86 47.88 17.45
C ARG E 143 36.89 49.14 18.29
N LEU E 144 35.76 49.51 18.89
CA LEU E 144 35.67 50.68 19.76
C LEU E 144 35.80 50.36 21.25
N GLY E 145 35.80 49.08 21.64
CA GLY E 145 35.81 48.75 23.05
C GLY E 145 34.50 49.02 23.77
N ILE E 146 33.40 48.54 23.21
CA ILE E 146 32.10 48.63 23.85
C ILE E 146 31.64 47.21 24.19
N ASP E 147 31.35 46.97 25.46
CA ASP E 147 30.88 45.65 25.91
C ASP E 147 29.41 45.50 25.51
N LEU E 148 29.19 45.03 24.30
CA LEU E 148 27.85 44.93 23.74
C LEU E 148 27.10 43.79 24.41
N LYS E 149 25.99 44.12 25.07
CA LYS E 149 25.11 43.11 25.63
C LYS E 149 24.15 42.64 24.55
N VAL E 150 24.07 41.33 24.34
CA VAL E 150 23.30 40.76 23.24
C VAL E 150 22.21 39.86 23.82
N GLY E 151 20.96 40.15 23.46
CA GLY E 151 19.87 39.28 23.84
C GLY E 151 18.62 39.62 23.06
N ASN E 152 17.47 39.25 23.62
CA ASN E 152 16.18 39.70 23.10
C ASN E 152 15.78 41.02 23.77
N VAL E 153 14.76 41.64 23.19
CA VAL E 153 14.00 42.68 23.85
C VAL E 153 12.52 42.34 23.68
N PHE E 154 11.70 42.93 24.54
CA PHE E 154 10.25 42.80 24.46
C PHE E 154 9.71 44.15 24.02
N SER E 155 9.09 44.17 22.84
CA SER E 155 8.39 45.32 22.29
C SER E 155 6.93 45.26 22.75
N SER E 156 6.50 46.27 23.51
CA SER E 156 5.14 46.30 24.04
C SER E 156 4.34 47.44 23.44
N ASP E 157 3.03 47.21 23.34
CA ASP E 157 2.07 48.26 23.02
C ASP E 157 1.77 49.17 24.20
N PHE E 158 2.24 48.85 25.40
CA PHE E 158 1.96 49.64 26.60
C PHE E 158 3.25 50.22 27.15
N PHE E 159 3.35 51.55 27.21
CA PHE E 159 4.42 52.15 27.99
C PHE E 159 4.21 51.91 29.48
N TYR E 160 2.98 52.13 29.96
CA TYR E 160 2.56 51.83 31.32
C TYR E 160 1.94 50.44 31.28
N SER E 161 2.78 49.44 31.55
CA SER E 161 2.35 48.05 31.44
C SER E 161 1.19 47.78 32.39
N PHE E 162 0.35 46.84 32.00
CA PHE E 162 -0.62 46.21 32.89
C PHE E 162 -0.13 44.87 33.40
N GLU E 163 1.10 44.46 33.08
CA GLU E 163 1.69 43.16 33.42
C GLU E 163 3.10 43.31 33.99
N THR E 164 3.34 44.30 34.86
CA THR E 164 4.67 44.42 35.46
C THR E 164 5.07 43.17 36.24
N HIS E 165 4.08 42.43 36.75
CA HIS E 165 4.38 41.18 37.44
C HIS E 165 5.06 40.17 36.54
N ALA E 166 5.01 40.38 35.22
CA ALA E 166 5.55 39.46 34.23
C ALA E 166 6.98 39.80 33.80
N PHE E 167 7.53 40.90 34.30
CA PHE E 167 8.89 41.30 33.91
C PHE E 167 9.91 40.24 34.31
N ASP E 168 9.75 39.61 35.48
CA ASP E 168 10.69 38.58 35.91
C ASP E 168 10.71 37.40 34.92
N LEU E 169 9.54 36.96 34.47
CA LEU E 169 9.49 35.92 33.45
C LEU E 169 10.25 36.34 32.18
N MET E 170 10.03 37.56 31.70
CA MET E 170 10.66 37.99 30.45
C MET E 170 12.17 37.98 30.57
N ALA E 171 12.69 38.44 31.71
CA ALA E 171 14.12 38.40 31.99
C ALA E 171 14.64 36.96 31.99
N LYS E 172 13.92 36.05 32.67
CA LYS E 172 14.31 34.65 32.67
C LYS E 172 14.53 34.15 31.24
N TYR E 173 13.62 34.50 30.31
CA TYR E 173 13.69 34.05 28.92
C TYR E 173 14.59 34.95 28.07
N ASN E 174 15.57 35.60 28.70
CA ASN E 174 16.65 36.31 28.02
C ASN E 174 16.21 37.62 27.35
N HIS E 175 15.15 38.25 27.84
CA HIS E 175 14.84 39.62 27.43
C HIS E 175 15.54 40.59 28.36
N LEU E 176 16.51 41.34 27.83
CA LEU E 176 17.28 42.26 28.67
C LEU E 176 16.56 43.58 28.96
N ALA E 177 15.62 43.99 28.10
CA ALA E 177 14.91 45.25 28.30
C ALA E 177 13.60 45.25 27.52
N ILE E 178 12.75 46.21 27.87
CA ILE E 178 11.46 46.46 27.24
C ILE E 178 11.57 47.76 26.45
N GLU E 179 11.06 47.74 25.23
CA GLU E 179 10.87 48.95 24.44
C GLU E 179 9.57 48.76 23.67
N MET E 180 9.38 49.53 22.58
CA MET E 180 8.07 49.53 21.91
C MET E 180 8.09 49.51 20.38
N GLU E 181 9.22 49.28 19.70
CA GLU E 181 9.16 49.25 18.24
C GLU E 181 9.93 48.13 17.58
N ALA E 182 10.91 47.51 18.22
CA ALA E 182 11.82 46.60 17.52
C ALA E 182 11.07 45.51 16.77
N ALA E 183 10.05 44.91 17.40
CA ALA E 183 9.32 43.81 16.76
C ALA E 183 8.60 44.28 15.50
N GLY E 184 8.08 45.51 15.52
CA GLY E 184 7.46 46.05 14.30
C GLY E 184 8.48 46.31 13.22
N LEU E 185 9.60 46.93 13.58
CA LEU E 185 10.67 47.18 12.64
C LEU E 185 11.25 45.88 12.09
N TYR E 186 11.48 44.90 12.95
CA TYR E 186 12.05 43.65 12.50
C TYR E 186 11.12 42.93 11.55
N ALA E 187 9.80 42.97 11.82
CA ALA E 187 8.82 42.30 10.97
C ALA E 187 8.63 43.03 9.64
N THR E 188 8.52 44.37 9.69
CA THR E 188 8.45 45.17 8.47
C THR E 188 9.62 44.87 7.54
N ALA E 189 10.83 44.79 8.10
CA ALA E 189 12.04 44.57 7.30
C ALA E 189 12.09 43.16 6.70
N MET E 190 11.68 42.12 7.45
CA MET E 190 11.55 40.80 6.83
C MET E 190 10.44 40.79 5.79
N GLU E 191 9.38 41.58 5.98
CA GLU E 191 8.31 41.67 4.97
C GLU E 191 8.85 42.21 3.65
N LEU E 192 9.69 43.24 3.71
CA LEU E 192 10.13 44.00 2.56
C LEU E 192 11.60 43.76 2.20
N ASN E 193 12.19 42.68 2.75
CA ASN E 193 13.51 42.21 2.32
C ASN E 193 14.58 43.29 2.47
N ALA E 194 14.61 43.91 3.64
CA ALA E 194 15.56 44.95 4.02
C ALA E 194 16.35 44.49 5.23
N LYS E 195 17.43 45.22 5.51
CA LYS E 195 18.42 44.86 6.53
C LYS E 195 18.23 45.79 7.72
N ALA E 196 17.77 45.24 8.84
CA ALA E 196 17.42 46.03 10.01
C ALA E 196 18.08 45.44 11.25
N LEU E 197 18.23 46.30 12.26
CA LEU E 197 18.84 45.97 13.54
C LEU E 197 18.46 47.03 14.56
N CYS E 198 18.33 46.63 15.81
CA CYS E 198 17.92 47.54 16.88
C CYS E 198 18.98 47.51 17.96
N LEU E 199 19.41 48.70 18.40
CA LEU E 199 20.34 48.86 19.51
C LEU E 199 19.67 49.73 20.55
N CYS E 200 19.86 49.37 21.82
CA CYS E 200 19.16 49.98 22.94
C CYS E 200 20.16 50.35 24.03
N SER E 201 19.95 51.53 24.61
CA SER E 201 20.82 52.03 25.66
C SER E 201 20.07 52.03 26.99
N VAL E 202 20.69 51.48 28.01
CA VAL E 202 20.02 51.31 29.31
C VAL E 202 20.17 52.57 30.15
N SER E 203 19.07 53.29 30.32
CA SER E 203 19.03 54.49 31.14
C SER E 203 18.13 54.35 32.36
N ASP E 204 17.32 53.29 32.45
CA ASP E 204 16.41 53.04 33.56
C ASP E 204 16.19 51.55 33.73
N HIS E 205 16.41 51.05 34.96
CA HIS E 205 16.17 49.66 35.30
C HIS E 205 14.79 49.57 35.95
N LEU E 206 13.84 48.97 35.24
CA LEU E 206 12.49 48.82 35.79
C LEU E 206 12.46 47.96 37.05
N ILE E 207 13.52 47.21 37.34
CA ILE E 207 13.54 46.27 38.46
C ILE E 207 14.39 46.78 39.63
N THR E 208 15.67 47.11 39.38
CA THR E 208 16.54 47.70 40.39
C THR E 208 16.33 49.19 40.55
N LYS E 209 15.27 49.75 39.93
CA LYS E 209 14.89 51.15 40.03
C LYS E 209 16.03 52.15 39.84
N GLU E 210 17.21 51.64 39.48
CA GLU E 210 18.36 52.52 39.30
C GLU E 210 18.16 53.39 38.06
N ALA E 211 18.79 54.56 38.08
CA ALA E 211 18.67 55.49 36.97
C ALA E 211 19.87 56.42 36.97
N LEU E 212 20.08 57.10 35.85
CA LEU E 212 21.25 57.95 35.65
C LEU E 212 20.92 59.40 36.00
N SER E 213 21.82 60.31 35.62
CA SER E 213 21.61 61.74 35.70
C SER E 213 21.48 62.31 34.30
N PRO E 214 20.58 63.30 34.08
CA PRO E 214 20.30 63.77 32.71
C PRO E 214 21.53 64.06 31.86
N LYS E 215 22.69 64.32 32.49
CA LYS E 215 23.94 64.48 31.74
C LYS E 215 24.64 63.17 31.47
N GLU E 216 24.50 62.17 32.35
CA GLU E 216 24.98 60.84 32.02
C GLU E 216 24.16 60.22 30.89
N ARG E 217 22.88 60.61 30.77
CA ARG E 217 22.02 60.13 29.70
C ARG E 217 22.44 60.68 28.35
N VAL E 218 22.63 62.00 28.25
CA VAL E 218 23.19 62.55 27.01
C VAL E 218 24.60 62.03 26.78
N GLU E 219 25.33 61.72 27.86
CA GLU E 219 26.63 61.06 27.74
C GLU E 219 26.49 59.67 27.13
N SER E 220 25.56 58.88 27.67
CA SER E 220 25.42 57.50 27.21
C SER E 220 24.95 57.45 25.77
N PHE E 221 23.87 58.18 25.47
CA PHE E 221 23.31 58.24 24.12
C PHE E 221 24.37 58.69 23.12
N ASP E 222 25.24 59.62 23.52
CA ASP E 222 26.38 60.01 22.68
C ASP E 222 27.28 58.81 22.37
N ASN E 223 27.50 57.95 23.35
CA ASN E 223 28.35 56.79 23.11
C ASN E 223 27.71 55.79 22.15
N MET E 224 26.37 55.85 21.98
CA MET E 224 25.68 54.94 21.06
C MET E 224 25.63 55.48 19.64
N ILE E 225 25.41 56.80 19.47
CA ILE E 225 25.51 57.42 18.15
C ILE E 225 26.79 56.97 17.46
N ILE E 226 27.92 57.11 18.18
CA ILE E 226 29.25 56.90 17.60
C ILE E 226 29.36 55.51 16.98
N LEU E 227 28.95 54.49 17.74
CA LEU E 227 28.96 53.13 17.23
C LEU E 227 28.00 52.96 16.05
N ALA E 228 26.82 53.60 16.12
CA ALA E 228 25.84 53.47 15.04
C ALA E 228 26.36 54.08 13.75
N LEU E 229 26.98 55.26 13.84
CA LEU E 229 27.54 55.90 12.65
C LEU E 229 28.85 55.23 12.20
N GLU E 230 29.71 54.82 13.14
CA GLU E 230 30.91 54.09 12.74
C GLU E 230 30.58 52.80 12.01
N MET E 231 29.43 52.18 12.31
CA MET E 231 29.02 50.93 11.67
C MET E 231 28.24 51.15 10.38
N MET E 232 27.77 52.38 10.12
CA MET E 232 27.24 52.74 8.81
C MET E 232 28.33 53.13 7.81
N SER E 233 29.58 52.75 8.07
CA SER E 233 30.73 53.13 7.24
C SER E 233 31.81 52.05 7.24
N MET F 1 9.06 3.21 2.50
CA MET F 1 8.56 4.00 1.38
C MET F 1 8.17 5.41 1.85
N THR F 2 8.47 5.73 3.11
CA THR F 2 8.29 7.05 3.71
C THR F 2 9.59 7.43 4.41
N PRO F 3 9.75 8.71 4.82
CA PRO F 3 11.00 9.09 5.49
C PRO F 3 11.22 8.52 6.91
N HIS F 4 10.19 8.06 7.59
CA HIS F 4 10.36 7.63 8.97
C HIS F 4 10.10 6.15 9.19
N ILE F 5 9.82 5.42 8.12
CA ILE F 5 9.46 4.00 8.14
C ILE F 5 10.10 3.39 6.90
N ASN F 6 10.88 2.31 7.08
CA ASN F 6 11.50 1.63 5.94
C ASN F 6 10.96 0.22 5.75
N ALA F 7 9.64 0.07 5.89
CA ALA F 7 8.95 -1.16 5.58
C ALA F 7 8.35 -1.05 4.19
N LYS F 8 7.96 -2.20 3.66
CA LYS F 8 7.19 -2.22 2.43
C LYS F 8 5.73 -2.18 2.78
N ILE F 9 4.94 -1.60 1.87
CA ILE F 9 3.50 -1.80 1.92
C ILE F 9 3.24 -3.30 2.01
N GLY F 10 2.24 -3.66 2.80
CA GLY F 10 1.94 -5.04 3.07
C GLY F 10 2.63 -5.61 4.28
N ASP F 11 3.74 -5.01 4.71
CA ASP F 11 4.48 -5.53 5.87
C ASP F 11 3.70 -5.35 7.17
N PHE F 12 2.94 -4.27 7.29
CA PHE F 12 2.10 -4.00 8.46
C PHE F 12 0.76 -4.67 8.23
N TYR F 13 0.31 -5.41 9.25
CA TYR F 13 -1.03 -5.92 9.25
C TYR F 13 -2.01 -4.74 9.33
N PRO F 14 -3.31 -4.96 9.12
CA PRO F 14 -4.26 -3.82 9.15
C PRO F 14 -4.57 -3.29 10.53
N GLN F 15 -4.08 -3.92 11.58
CA GLN F 15 -4.27 -3.45 12.95
C GLN F 15 -2.91 -3.35 13.62
N CYS F 16 -2.59 -2.19 14.17
CA CYS F 16 -1.27 -2.03 14.75
C CYS F 16 -1.38 -1.56 16.19
N LEU F 17 -0.53 -2.12 17.05
CA LEU F 17 -0.45 -1.72 18.46
C LEU F 17 0.72 -0.75 18.56
N LEU F 18 0.48 0.41 19.18
CA LEU F 18 1.46 1.49 19.22
C LEU F 18 1.91 1.78 20.65
N CYS F 19 3.19 2.13 20.78
CA CYS F 19 3.80 2.54 22.03
C CYS F 19 4.79 3.64 21.70
N GLY F 20 4.99 4.54 22.66
CA GLY F 20 5.97 5.59 22.46
C GLY F 20 7.39 5.06 22.42
N ASP F 21 7.66 3.98 23.16
CA ASP F 21 9.02 3.51 23.39
C ASP F 21 9.31 2.31 22.50
N PRO F 22 10.24 2.43 21.56
CA PRO F 22 10.49 1.30 20.65
C PRO F 22 11.13 0.11 21.33
N LEU F 23 11.95 0.34 22.37
CA LEU F 23 12.43 -0.80 23.16
C LEU F 23 11.28 -1.53 23.81
N ARG F 24 10.25 -0.80 24.27
CA ARG F 24 9.07 -1.48 24.77
C ARG F 24 8.38 -2.26 23.67
N VAL F 25 8.35 -1.69 22.45
CA VAL F 25 7.83 -2.41 21.30
C VAL F 25 8.65 -3.67 21.04
N SER F 26 9.97 -3.58 21.23
CA SER F 26 10.83 -4.76 21.09
C SER F 26 10.49 -5.84 22.11
N TYR F 27 10.36 -5.45 23.38
CA TYR F 27 9.98 -6.39 24.44
C TYR F 27 8.70 -7.16 24.07
N ILE F 28 7.68 -6.45 23.60
CA ILE F 28 6.41 -7.07 23.25
C ILE F 28 6.56 -8.05 22.09
N ALA F 29 7.23 -7.64 21.02
CA ALA F 29 7.47 -8.60 19.95
C ALA F 29 8.11 -9.89 20.49
N LYS F 30 9.17 -9.75 21.29
CA LYS F 30 9.91 -10.92 21.77
C LYS F 30 9.04 -11.80 22.67
N LYS F 31 8.34 -11.20 23.63
CA LYS F 31 7.69 -11.96 24.69
C LYS F 31 6.32 -12.50 24.28
N PHE F 32 5.55 -11.76 23.48
CA PHE F 32 4.14 -12.07 23.32
C PHE F 32 3.73 -12.56 21.93
N LEU F 33 4.51 -12.28 20.90
CA LEU F 33 4.19 -12.67 19.54
C LEU F 33 4.95 -13.94 19.14
N GLN F 34 4.35 -14.73 18.25
CA GLN F 34 5.07 -15.77 17.54
C GLN F 34 5.49 -15.24 16.18
N ASP F 35 6.65 -15.71 15.71
CA ASP F 35 7.10 -15.41 14.34
C ASP F 35 7.31 -13.92 14.12
N ALA F 36 7.66 -13.17 15.16
CA ALA F 36 7.82 -11.72 15.01
C ALA F 36 9.10 -11.39 14.26
N LYS F 37 8.97 -10.46 13.31
CA LYS F 37 10.06 -9.96 12.48
C LYS F 37 10.00 -8.45 12.51
N GLU F 38 11.15 -7.82 12.80
CA GLU F 38 11.29 -6.37 12.70
C GLU F 38 11.06 -5.94 11.24
N ILE F 39 10.20 -4.94 11.05
CA ILE F 39 9.86 -4.49 9.70
C ILE F 39 10.30 -3.05 9.43
N THR F 40 10.60 -2.26 10.45
CA THR F 40 11.06 -0.89 10.23
C THR F 40 12.01 -0.53 11.37
N ASN F 41 12.93 0.41 11.07
CA ASN F 41 13.92 0.79 12.11
C ASN F 41 14.56 2.13 11.84
N VAL F 42 13.95 2.99 11.02
CA VAL F 42 14.46 4.34 10.86
C VAL F 42 14.49 5.02 12.21
N ARG F 43 15.53 5.83 12.41
CA ARG F 43 15.72 6.62 13.62
C ARG F 43 15.66 5.78 14.90
N ASN F 44 15.94 4.47 14.78
CA ASN F 44 15.80 3.49 15.84
C ASN F 44 14.36 3.25 16.30
N MET F 45 13.38 3.70 15.53
CA MET F 45 11.97 3.57 15.88
C MET F 45 11.48 2.23 15.32
N LEU F 46 11.54 1.20 16.15
CA LEU F 46 11.28 -0.16 15.67
C LEU F 46 9.79 -0.41 15.44
N GLY F 47 9.49 -1.23 14.43
CA GLY F 47 8.16 -1.80 14.27
C GLY F 47 8.27 -3.25 13.87
N PHE F 48 7.26 -4.03 14.26
CA PHE F 48 7.28 -5.48 14.08
C PHE F 48 5.94 -5.98 13.58
N SER F 49 5.99 -7.13 12.92
CA SER F 49 4.80 -7.90 12.59
C SER F 49 5.01 -9.33 13.06
N GLY F 50 3.92 -9.92 13.52
CA GLY F 50 3.98 -11.26 14.09
C GLY F 50 2.58 -11.76 14.33
N LYS F 51 2.48 -12.76 15.20
CA LYS F 51 1.18 -13.36 15.44
C LYS F 51 0.90 -13.52 16.92
N TYR F 52 -0.39 -13.46 17.26
CA TYR F 52 -0.88 -13.71 18.61
C TYR F 52 -2.21 -14.45 18.49
N LYS F 53 -2.31 -15.58 19.18
CA LYS F 53 -3.45 -16.49 19.03
C LYS F 53 -3.75 -16.75 17.55
N GLY F 54 -2.68 -16.86 16.75
CA GLY F 54 -2.80 -17.07 15.33
C GLY F 54 -3.19 -15.86 14.53
N ARG F 55 -3.36 -14.71 15.19
CA ARG F 55 -3.82 -13.51 14.51
C ARG F 55 -2.64 -12.61 14.19
N GLY F 56 -2.66 -12.04 12.98
CA GLY F 56 -1.59 -11.17 12.56
C GLY F 56 -1.71 -9.84 13.24
N ILE F 57 -0.64 -9.41 13.93
CA ILE F 57 -0.63 -8.09 14.54
C ILE F 57 0.71 -7.41 14.35
N SER F 58 0.65 -6.10 14.12
CA SER F 58 1.83 -5.29 14.01
C SER F 58 1.98 -4.44 15.26
N LEU F 59 3.24 -4.14 15.60
CA LEU F 59 3.63 -3.24 16.67
C LEU F 59 4.45 -2.11 16.06
N MET F 60 4.30 -0.89 16.59
CA MET F 60 5.08 0.23 16.06
C MET F 60 5.26 1.25 17.16
N GLY F 61 6.51 1.68 17.32
CA GLY F 61 6.81 2.78 18.21
C GLY F 61 6.53 4.10 17.54
N HIS F 62 6.08 5.07 18.33
CA HIS F 62 5.77 6.39 17.78
C HIS F 62 6.46 7.56 18.45
N GLY F 63 7.38 7.33 19.41
CA GLY F 63 8.09 8.44 20.06
C GLY F 63 7.24 9.30 20.97
N MET F 64 7.82 10.42 21.40
CA MET F 64 7.21 11.27 22.42
C MET F 64 6.63 12.54 21.83
N GLY F 65 5.34 12.77 22.10
CA GLY F 65 4.69 14.03 21.79
C GLY F 65 3.85 13.95 20.53
N ILE F 66 2.85 14.83 20.48
CA ILE F 66 1.81 14.78 19.45
C ILE F 66 2.42 14.89 18.07
N ALA F 67 3.45 15.72 17.94
CA ALA F 67 4.08 15.88 16.63
C ALA F 67 4.73 14.56 16.18
N SER F 68 5.47 13.90 17.08
CA SER F 68 6.09 12.64 16.70
C SER F 68 5.04 11.59 16.42
N CYS F 69 4.03 11.50 17.28
CA CYS F 69 2.98 10.51 17.09
C CYS F 69 2.22 10.74 15.78
N THR F 70 1.95 12.01 15.46
CA THR F 70 1.22 12.33 14.23
C THR F 70 1.95 11.82 12.99
N ILE F 71 3.27 12.00 12.96
CA ILE F 71 4.09 11.59 11.81
C ILE F 71 3.90 10.10 11.53
N TYR F 72 4.25 9.27 12.51
CA TYR F 72 4.17 7.82 12.35
C TYR F 72 2.76 7.39 12.01
N VAL F 73 1.78 7.86 12.78
CA VAL F 73 0.37 7.51 12.55
C VAL F 73 -0.07 7.90 11.13
N THR F 74 0.32 9.09 10.67
CA THR F 74 -0.05 9.50 9.32
C THR F 74 0.56 8.54 8.31
N GLU F 75 1.82 8.16 8.50
CA GLU F 75 2.47 7.29 7.51
C GLU F 75 1.91 5.87 7.59
N LEU F 76 1.62 5.37 8.81
CA LEU F 76 1.01 4.05 8.93
C LEU F 76 -0.29 3.94 8.12
N ILE F 77 -1.11 4.99 8.17
CA ILE F 77 -2.44 4.95 7.58
C ILE F 77 -2.38 5.19 6.08
N LYS F 78 -1.65 6.23 5.68
CA LYS F 78 -1.70 6.72 4.32
C LYS F 78 -0.89 5.83 3.38
N THR F 79 0.31 5.45 3.82
CA THR F 79 1.13 4.53 3.02
C THR F 79 0.86 3.06 3.36
N TYR F 80 0.93 2.71 4.65
CA TYR F 80 0.92 1.30 5.03
C TYR F 80 -0.48 0.72 5.25
N GLN F 81 -1.53 1.51 4.99
CA GLN F 81 -2.93 1.06 4.96
C GLN F 81 -3.40 0.42 6.28
N VAL F 82 -2.77 0.78 7.40
CA VAL F 82 -3.25 0.37 8.72
C VAL F 82 -4.63 0.97 8.98
N LYS F 83 -5.54 0.14 9.49
CA LYS F 83 -6.92 0.59 9.69
C LYS F 83 -7.30 0.68 11.15
N GLU F 84 -6.60 -0.02 12.04
CA GLU F 84 -6.90 0.00 13.46
C GLU F 84 -5.61 0.26 14.21
N LEU F 85 -5.62 1.33 14.99
CA LEU F 85 -4.49 1.73 15.79
C LEU F 85 -4.89 1.68 17.24
N LEU F 86 -4.13 0.94 18.03
CA LEU F 86 -4.41 0.72 19.44
C LEU F 86 -3.16 1.10 20.19
N ARG F 87 -3.22 2.21 20.92
CA ARG F 87 -2.03 2.75 21.59
C ARG F 87 -2.04 2.44 23.07
N ILE F 88 -0.89 1.99 23.57
CA ILE F 88 -0.69 1.84 25.01
C ILE F 88 0.46 2.75 25.45
N GLY F 89 0.53 2.96 26.76
CA GLY F 89 1.58 3.78 27.33
C GLY F 89 1.26 4.06 28.78
N THR F 90 2.20 4.75 29.42
CA THR F 90 2.01 5.16 30.81
C THR F 90 1.40 6.55 30.89
N CYS F 91 0.86 6.88 32.07
CA CYS F 91 0.29 8.19 32.32
C CYS F 91 0.42 8.54 33.80
N GLY F 92 0.34 9.84 34.07
CA GLY F 92 0.43 10.36 35.42
C GLY F 92 -0.94 10.69 35.93
N ALA F 93 -1.38 9.98 36.97
CA ALA F 93 -2.70 10.21 37.51
C ALA F 93 -2.79 11.61 38.09
N ILE F 94 -3.91 12.28 37.79
CA ILE F 94 -4.26 13.53 38.43
C ILE F 94 -5.57 13.46 39.19
N SER F 95 -6.29 12.36 39.08
CA SER F 95 -7.63 12.43 39.63
C SER F 95 -7.77 11.41 40.75
N PRO F 96 -8.70 11.65 41.68
CA PRO F 96 -8.95 10.68 42.75
C PRO F 96 -9.75 9.48 42.28
N LYS F 97 -10.27 9.50 41.05
CA LYS F 97 -11.00 8.31 40.62
C LYS F 97 -10.08 7.16 40.22
N VAL F 98 -8.78 7.41 40.10
CA VAL F 98 -7.83 6.37 39.71
C VAL F 98 -6.72 6.31 40.74
N GLY F 99 -6.06 5.16 40.78
CA GLY F 99 -4.83 5.01 41.54
C GLY F 99 -3.79 4.26 40.71
N LEU F 100 -2.55 4.30 41.21
CA LEU F 100 -1.45 3.59 40.57
C LEU F 100 -1.87 2.17 40.26
N LYS F 101 -1.40 1.67 39.10
CA LYS F 101 -1.68 0.36 38.53
C LYS F 101 -3.00 0.34 37.71
N ASP F 102 -3.88 1.32 37.84
CA ASP F 102 -5.09 1.33 37.04
C ASP F 102 -4.78 1.40 35.55
N ILE F 103 -5.60 0.75 34.75
CA ILE F 103 -5.61 0.94 33.30
C ILE F 103 -6.76 1.86 32.93
N ILE F 104 -6.44 2.93 32.21
CA ILE F 104 -7.38 3.96 31.79
C ILE F 104 -7.63 3.80 30.29
N MET F 105 -8.91 3.80 29.90
CA MET F 105 -9.34 3.96 28.52
C MET F 105 -9.73 5.42 28.30
N ALA F 106 -9.02 6.11 27.41
CA ALA F 106 -9.25 7.53 27.18
C ALA F 106 -10.36 7.71 26.15
N THR F 107 -11.55 8.07 26.62
CA THR F 107 -12.64 8.37 25.70
C THR F 107 -12.63 9.82 25.20
N GLY F 108 -11.68 10.61 25.64
CA GLY F 108 -11.59 11.99 25.25
C GLY F 108 -10.16 12.39 25.47
N ALA F 109 -9.59 13.22 24.58
CA ALA F 109 -8.22 13.65 24.79
C ALA F 109 -8.17 15.16 24.59
N SER F 110 -8.15 15.89 25.70
CA SER F 110 -7.92 17.33 25.71
C SER F 110 -6.43 17.61 25.50
N THR F 111 -6.10 18.88 25.26
CA THR F 111 -4.71 19.18 24.96
C THR F 111 -4.43 20.66 25.14
N ASP F 112 -3.16 20.96 25.40
CA ASP F 112 -2.64 22.33 25.31
C ASP F 112 -1.96 22.60 23.97
N SER F 113 -1.98 21.63 23.07
CA SER F 113 -1.40 21.80 21.75
C SER F 113 -2.29 22.70 20.91
N LYS F 114 -1.69 23.41 19.96
CA LYS F 114 -2.49 24.15 18.97
C LYS F 114 -2.86 23.33 17.74
N THR F 115 -2.34 22.09 17.59
CA THR F 115 -2.51 21.34 16.34
C THR F 115 -3.96 21.16 15.93
N ASN F 116 -4.84 20.82 16.88
CA ASN F 116 -6.21 20.58 16.47
C ASN F 116 -6.89 21.87 16.04
N ARG F 117 -6.45 23.01 16.58
CA ARG F 117 -6.96 24.28 16.09
C ARG F 117 -6.49 24.54 14.67
N VAL F 118 -5.22 24.24 14.38
CA VAL F 118 -4.71 24.35 13.00
C VAL F 118 -5.49 23.41 12.07
N ARG F 119 -5.65 22.16 12.49
CA ARG F 119 -6.40 21.18 11.72
C ARG F 119 -7.84 21.63 11.47
N PHE F 120 -8.47 22.28 12.46
CA PHE F 120 -9.93 22.29 12.55
C PHE F 120 -10.48 23.72 12.75
N LEU F 121 -10.19 24.62 11.81
CA LEU F 121 -10.92 25.88 11.70
C LEU F 121 -10.72 26.81 12.88
N ASN F 122 -9.65 26.64 13.66
CA ASN F 122 -9.36 27.40 14.88
C ASN F 122 -10.40 27.18 15.97
N HIS F 123 -11.24 26.18 15.83
CA HIS F 123 -12.26 25.87 16.82
C HIS F 123 -11.74 24.80 17.77
N ASP F 124 -12.65 24.24 18.58
CA ASP F 124 -12.36 23.19 19.56
C ASP F 124 -12.75 21.86 18.96
N LEU F 125 -11.76 21.07 18.52
CA LEU F 125 -11.98 19.68 18.11
C LEU F 125 -12.11 18.79 19.34
N SER F 126 -13.21 18.05 19.44
CA SER F 126 -13.32 17.04 20.48
C SER F 126 -12.59 15.81 19.95
N ALA F 127 -11.37 15.54 20.43
CA ALA F 127 -10.59 14.41 19.94
C ALA F 127 -11.05 13.16 20.66
N THR F 128 -11.52 12.17 19.92
CA THR F 128 -12.16 11.03 20.53
C THR F 128 -11.74 9.75 19.85
N PRO F 129 -11.88 8.61 20.51
CA PRO F 129 -11.50 7.34 19.87
C PRO F 129 -12.68 6.74 19.12
N ASP F 130 -12.41 5.64 18.44
CA ASP F 130 -13.42 4.87 17.74
C ASP F 130 -14.28 4.11 18.74
N PHE F 131 -15.60 4.22 18.58
CA PHE F 131 -16.47 3.59 19.57
C PHE F 131 -16.46 2.07 19.49
N GLU F 132 -16.29 1.48 18.31
CA GLU F 132 -16.22 0.03 18.23
C GLU F 132 -14.99 -0.50 18.96
N LEU F 133 -13.85 0.18 18.80
CA LEU F 133 -12.66 -0.21 19.55
C LEU F 133 -12.91 -0.10 21.05
N SER F 134 -13.58 0.98 21.47
CA SER F 134 -13.82 1.18 22.89
C SER F 134 -14.71 0.08 23.47
N LEU F 135 -15.68 -0.41 22.68
CA LEU F 135 -16.47 -1.57 23.10
C LEU F 135 -15.60 -2.82 23.20
N ARG F 136 -14.62 -2.97 22.29
CA ARG F 136 -13.73 -4.14 22.34
C ARG F 136 -12.81 -4.11 23.56
N ALA F 137 -12.33 -2.93 23.94
CA ALA F 137 -11.59 -2.80 25.18
C ALA F 137 -12.45 -3.18 26.38
N TYR F 138 -13.70 -2.74 26.41
CA TYR F 138 -14.55 -2.97 27.57
C TYR F 138 -14.88 -4.45 27.75
N GLN F 139 -15.28 -5.12 26.66
CA GLN F 139 -15.61 -6.54 26.77
C GLN F 139 -14.39 -7.39 27.06
N THR F 140 -13.22 -7.00 26.54
CA THR F 140 -12.00 -7.75 26.83
C THR F 140 -11.52 -7.52 28.24
N ALA F 141 -11.59 -6.27 28.73
CA ALA F 141 -11.27 -6.05 30.14
C ALA F 141 -12.14 -6.89 31.06
N LYS F 142 -13.46 -6.97 30.77
CA LYS F 142 -14.37 -7.79 31.56
C LYS F 142 -13.95 -9.27 31.54
N ARG F 143 -13.70 -9.81 30.35
CA ARG F 143 -13.23 -11.20 30.25
C ARG F 143 -11.95 -11.43 31.05
N LEU F 144 -11.02 -10.49 31.00
CA LEU F 144 -9.71 -10.67 31.62
C LEU F 144 -9.68 -10.32 33.10
N GLY F 145 -10.73 -9.69 33.61
CA GLY F 145 -10.76 -9.33 35.02
C GLY F 145 -10.18 -7.98 35.34
N ILE F 146 -9.95 -7.15 34.35
CA ILE F 146 -9.32 -5.85 34.55
C ILE F 146 -10.41 -4.83 34.88
N ASP F 147 -10.20 -4.04 35.94
CA ASP F 147 -11.18 -3.02 36.32
C ASP F 147 -10.87 -1.78 35.52
N LEU F 148 -11.48 -1.67 34.35
CA LEU F 148 -11.07 -0.70 33.34
C LEU F 148 -11.62 0.68 33.69
N LYS F 149 -10.72 1.62 33.98
CA LYS F 149 -11.10 3.00 34.26
C LYS F 149 -11.33 3.74 32.95
N VAL F 150 -12.37 4.55 32.90
CA VAL F 150 -12.77 5.22 31.67
C VAL F 150 -12.99 6.70 31.96
N GLY F 151 -12.38 7.54 31.13
CA GLY F 151 -12.52 8.97 31.28
C GLY F 151 -11.69 9.66 30.23
N ASN F 152 -11.53 10.97 30.39
CA ASN F 152 -10.66 11.74 29.52
C ASN F 152 -9.21 11.69 30.01
N VAL F 153 -8.28 11.88 29.08
CA VAL F 153 -6.90 12.22 29.42
C VAL F 153 -6.62 13.62 28.89
N PHE F 154 -5.53 14.19 29.36
CA PHE F 154 -5.07 15.48 28.86
C PHE F 154 -3.73 15.23 28.19
N SER F 155 -3.60 15.59 26.91
CA SER F 155 -2.39 15.34 26.14
C SER F 155 -1.60 16.63 26.09
N SER F 156 -0.43 16.65 26.73
CA SER F 156 0.32 17.87 26.91
C SER F 156 1.55 17.89 26.02
N ASP F 157 1.94 19.10 25.62
CA ASP F 157 3.17 19.32 24.87
C ASP F 157 4.38 19.39 25.81
N PHE F 158 4.14 19.37 27.13
CA PHE F 158 5.19 19.47 28.15
C PHE F 158 5.20 18.20 28.99
N PHE F 159 6.37 17.57 29.11
CA PHE F 159 6.58 16.60 30.18
C PHE F 159 6.78 17.33 31.50
N TYR F 160 7.62 18.36 31.49
CA TYR F 160 7.80 19.23 32.66
C TYR F 160 6.86 20.41 32.51
N SER F 161 5.66 20.25 33.06
CA SER F 161 4.60 21.23 32.91
C SER F 161 4.98 22.56 33.55
N PHE F 162 4.48 23.65 32.95
CA PHE F 162 4.53 24.97 33.54
C PHE F 162 3.21 25.35 34.17
N GLU F 163 2.30 24.39 34.33
CA GLU F 163 0.94 24.67 34.78
C GLU F 163 0.47 23.60 35.77
N THR F 164 1.35 23.19 36.69
CA THR F 164 1.00 22.15 37.65
C THR F 164 -0.10 22.58 38.59
N HIS F 165 -0.28 23.88 38.78
CA HIS F 165 -1.38 24.39 39.59
C HIS F 165 -2.72 24.08 38.98
N ALA F 166 -2.75 23.68 37.70
CA ALA F 166 -3.99 23.49 36.97
C ALA F 166 -4.50 22.05 37.03
N PHE F 167 -3.81 21.13 37.72
CA PHE F 167 -4.14 19.72 37.58
C PHE F 167 -5.45 19.38 38.27
N ASP F 168 -5.79 20.15 39.32
CA ASP F 168 -7.06 19.93 40.02
C ASP F 168 -8.24 20.29 39.13
N LEU F 169 -8.23 21.50 38.54
CA LEU F 169 -9.25 21.84 37.54
C LEU F 169 -9.36 20.74 36.47
N MET F 170 -8.23 20.35 35.89
CA MET F 170 -8.24 19.31 34.87
C MET F 170 -8.92 18.05 35.40
N ALA F 171 -8.57 17.66 36.62
CA ALA F 171 -9.19 16.48 37.22
C ALA F 171 -10.67 16.70 37.49
N LYS F 172 -11.06 17.92 37.89
CA LYS F 172 -12.46 18.23 38.13
C LYS F 172 -13.31 17.95 36.88
N TYR F 173 -12.78 18.30 35.71
CA TYR F 173 -13.44 18.04 34.43
C TYR F 173 -13.18 16.64 33.89
N ASN F 174 -13.05 15.64 34.76
CA ASN F 174 -13.00 14.25 34.34
C ASN F 174 -11.76 13.93 33.51
N HIS F 175 -10.61 14.57 33.81
CA HIS F 175 -9.32 14.15 33.27
C HIS F 175 -8.62 13.32 34.33
N LEU F 176 -8.44 12.03 34.03
CA LEU F 176 -7.91 11.10 35.01
C LEU F 176 -6.39 11.12 35.08
N ALA F 177 -5.75 11.48 33.98
CA ALA F 177 -4.31 11.31 33.89
C ALA F 177 -3.80 12.23 32.79
N ILE F 178 -2.50 12.50 32.83
CA ILE F 178 -1.80 13.28 31.81
C ILE F 178 -0.87 12.36 31.04
N GLU F 179 -0.85 12.53 29.73
CA GLU F 179 0.11 11.89 28.84
C GLU F 179 0.37 12.88 27.71
N MET F 180 0.83 12.40 26.56
CA MET F 180 1.45 13.33 25.63
C MET F 180 1.18 13.07 24.15
N GLU F 181 0.41 12.04 23.80
CA GLU F 181 0.16 11.73 22.41
C GLU F 181 -1.30 11.51 22.08
N ALA F 182 -2.17 11.27 23.07
CA ALA F 182 -3.51 10.77 22.78
C ALA F 182 -4.27 11.69 21.83
N ALA F 183 -4.30 12.99 22.12
CA ALA F 183 -5.05 13.93 21.27
C ALA F 183 -4.59 13.87 19.81
N GLY F 184 -3.29 13.67 19.57
CA GLY F 184 -2.76 13.63 18.22
C GLY F 184 -3.08 12.36 17.49
N LEU F 185 -2.96 11.22 18.16
CA LEU F 185 -3.45 9.97 17.62
C LEU F 185 -4.91 10.08 17.23
N TYR F 186 -5.77 10.55 18.16
CA TYR F 186 -7.19 10.64 17.88
C TYR F 186 -7.44 11.59 16.69
N ALA F 187 -6.82 12.76 16.72
CA ALA F 187 -7.11 13.72 15.65
C ALA F 187 -6.65 13.19 14.29
N THR F 188 -5.47 12.59 14.23
CA THR F 188 -4.96 12.08 12.95
C THR F 188 -5.88 10.99 12.41
N ALA F 189 -6.38 10.12 13.30
CA ALA F 189 -7.25 9.06 12.83
C ALA F 189 -8.62 9.58 12.40
N MET F 190 -9.09 10.67 13.00
CA MET F 190 -10.33 11.28 12.52
C MET F 190 -10.13 11.90 11.14
N GLU F 191 -9.05 12.65 10.97
CA GLU F 191 -8.72 13.22 9.68
C GLU F 191 -8.72 12.15 8.59
N LEU F 192 -8.19 10.98 8.88
CA LEU F 192 -7.88 9.97 7.87
C LEU F 192 -8.83 8.78 7.92
N ASN F 193 -9.97 8.92 8.61
CA ASN F 193 -11.03 7.91 8.62
C ASN F 193 -10.52 6.54 9.09
N ALA F 194 -9.65 6.55 10.10
CA ALA F 194 -9.17 5.34 10.72
C ALA F 194 -9.73 5.20 12.12
N LYS F 195 -9.61 3.98 12.65
CA LYS F 195 -10.07 3.63 13.99
C LYS F 195 -8.89 3.62 14.94
N ALA F 196 -9.04 4.30 16.08
CA ALA F 196 -7.96 4.49 17.03
C ALA F 196 -8.53 4.48 18.46
N LEU F 197 -7.71 4.05 19.41
CA LEU F 197 -8.09 3.98 20.82
C LEU F 197 -6.81 3.98 21.66
N CYS F 198 -6.82 4.76 22.74
CA CYS F 198 -5.65 4.86 23.59
C CYS F 198 -5.97 4.28 24.97
N LEU F 199 -5.13 3.35 25.43
CA LEU F 199 -5.17 2.80 26.78
C LEU F 199 -3.89 3.21 27.51
N CYS F 200 -4.01 3.60 28.78
CA CYS F 200 -2.87 4.12 29.54
C CYS F 200 -2.76 3.45 30.91
N SER F 201 -1.52 3.30 31.38
CA SER F 201 -1.25 2.67 32.67
C SER F 201 -0.74 3.71 33.66
N VAL F 202 -1.35 3.76 34.84
CA VAL F 202 -1.03 4.76 35.86
C VAL F 202 0.23 4.32 36.58
N SER F 203 1.37 4.92 36.21
CA SER F 203 2.66 4.52 36.78
C SER F 203 3.09 5.38 37.97
N ASP F 204 2.58 6.59 38.09
CA ASP F 204 2.89 7.44 39.24
C ASP F 204 1.82 8.53 39.34
N HIS F 205 1.88 9.30 40.43
CA HIS F 205 0.90 10.35 40.72
C HIS F 205 1.54 11.72 40.58
N LEU F 206 1.03 12.52 39.63
CA LEU F 206 1.53 13.88 39.46
C LEU F 206 1.17 14.77 40.63
N ILE F 207 0.27 14.30 41.51
CA ILE F 207 -0.28 15.12 42.56
C ILE F 207 0.17 14.66 43.95
N THR F 208 0.47 13.38 44.13
CA THR F 208 1.10 12.91 45.36
C THR F 208 2.59 12.60 45.21
N LYS F 209 3.08 12.45 43.98
CA LYS F 209 4.44 12.02 43.68
C LYS F 209 4.71 10.58 44.07
N GLU F 210 3.75 9.89 44.70
CA GLU F 210 3.86 8.45 44.85
C GLU F 210 4.08 7.81 43.49
N ALA F 211 4.89 6.75 43.46
CA ALA F 211 5.22 6.09 42.21
C ALA F 211 5.21 4.59 42.42
N LEU F 212 5.16 3.85 41.32
CA LEU F 212 5.13 2.40 41.37
C LEU F 212 6.54 1.85 41.54
N SER F 213 6.68 0.84 42.40
CA SER F 213 7.93 0.11 42.46
C SER F 213 8.28 -0.42 41.07
N PRO F 214 9.56 -0.57 40.76
CA PRO F 214 9.93 -1.15 39.44
C PRO F 214 9.18 -2.43 39.11
N LYS F 215 9.07 -3.34 40.09
CA LYS F 215 8.31 -4.57 39.89
C LYS F 215 6.86 -4.26 39.54
N GLU F 216 6.23 -3.37 40.32
CA GLU F 216 4.84 -3.03 40.05
C GLU F 216 4.69 -2.36 38.69
N ARG F 217 5.74 -1.65 38.27
CA ARG F 217 5.74 -0.98 36.99
C ARG F 217 5.67 -1.97 35.83
N VAL F 218 6.46 -3.04 35.90
CA VAL F 218 6.46 -4.02 34.82
C VAL F 218 5.17 -4.81 34.83
N GLU F 219 4.69 -5.16 36.03
CA GLU F 219 3.50 -5.99 36.14
C GLU F 219 2.25 -5.30 35.60
N SER F 220 2.07 -4.01 35.92
CA SER F 220 0.89 -3.30 35.44
C SER F 220 0.98 -3.04 33.94
N PHE F 221 2.19 -2.77 33.45
CA PHE F 221 2.35 -2.61 32.00
C PHE F 221 2.10 -3.92 31.27
N ASP F 222 2.51 -5.06 31.86
CA ASP F 222 2.23 -6.34 31.23
C ASP F 222 0.73 -6.58 31.12
N ASN F 223 -0.01 -6.27 32.20
CA ASN F 223 -1.46 -6.43 32.18
C ASN F 223 -2.09 -5.64 31.02
N MET F 224 -1.64 -4.40 30.83
CA MET F 224 -2.12 -3.58 29.73
C MET F 224 -1.81 -4.21 28.37
N ILE F 225 -0.56 -4.69 28.17
CA ILE F 225 -0.18 -5.36 26.93
C ILE F 225 -1.11 -6.53 26.64
N ILE F 226 -1.26 -7.43 27.62
CA ILE F 226 -2.15 -8.57 27.44
C ILE F 226 -3.54 -8.11 27.02
N LEU F 227 -4.03 -7.04 27.63
CA LEU F 227 -5.35 -6.54 27.26
C LEU F 227 -5.36 -6.12 25.80
N ALA F 228 -4.35 -5.38 25.35
CA ALA F 228 -4.32 -4.92 23.97
C ALA F 228 -4.30 -6.09 22.99
N LEU F 229 -3.32 -6.99 23.14
CA LEU F 229 -3.21 -8.12 22.21
C LEU F 229 -4.48 -8.96 22.22
N GLU F 230 -5.03 -9.25 23.41
CA GLU F 230 -6.30 -9.95 23.46
C GLU F 230 -7.39 -9.17 22.73
N MET F 231 -7.39 -7.84 22.85
CA MET F 231 -8.35 -7.01 22.13
C MET F 231 -8.29 -7.25 20.64
N MET F 232 -7.09 -7.52 20.11
CA MET F 232 -6.84 -7.65 18.68
C MET F 232 -6.82 -9.10 18.17
N SER F 233 -7.19 -10.08 19.01
CA SER F 233 -7.21 -11.49 18.59
C SER F 233 -8.62 -11.98 18.25
N MET G 1 -18.90 -8.74 -36.65
CA MET G 1 -19.70 -9.77 -35.98
C MET G 1 -18.77 -10.69 -35.17
N THR G 2 -17.70 -11.16 -35.79
CA THR G 2 -16.60 -11.80 -35.10
C THR G 2 -15.31 -11.14 -35.58
N PRO G 3 -14.24 -11.18 -34.78
CA PRO G 3 -13.05 -10.39 -35.11
C PRO G 3 -12.40 -10.72 -36.43
N HIS G 4 -12.61 -11.92 -36.99
CA HIS G 4 -11.96 -12.30 -38.23
C HIS G 4 -12.93 -12.71 -39.34
N ILE G 5 -14.24 -12.69 -39.08
CA ILE G 5 -15.25 -12.96 -40.10
C ILE G 5 -16.20 -11.78 -40.20
N ASN G 6 -16.37 -11.29 -41.42
CA ASN G 6 -17.14 -10.11 -41.81
C ASN G 6 -18.60 -10.41 -42.10
N ALA G 7 -18.96 -11.68 -42.25
CA ALA G 7 -20.27 -12.04 -42.79
C ALA G 7 -21.35 -11.80 -41.75
N LYS G 8 -22.50 -11.36 -42.22
CA LYS G 8 -23.60 -11.14 -41.31
C LYS G 8 -24.21 -12.48 -40.92
N ILE G 9 -24.89 -12.49 -39.78
CA ILE G 9 -25.55 -13.70 -39.30
C ILE G 9 -26.54 -14.18 -40.37
N GLY G 10 -26.68 -15.50 -40.50
CA GLY G 10 -27.52 -16.11 -41.50
C GLY G 10 -26.85 -16.35 -42.84
N ASP G 11 -25.73 -15.67 -43.10
CA ASP G 11 -25.07 -15.80 -44.39
C ASP G 11 -24.49 -17.19 -44.62
N PHE G 12 -24.27 -17.97 -43.57
CA PHE G 12 -23.51 -19.21 -43.66
C PHE G 12 -24.43 -20.43 -43.66
N TYR G 13 -24.40 -21.18 -44.76
CA TYR G 13 -25.06 -22.48 -44.79
C TYR G 13 -24.41 -23.41 -43.76
N PRO G 14 -25.16 -24.36 -43.19
CA PRO G 14 -24.59 -25.20 -42.12
C PRO G 14 -23.53 -26.20 -42.57
N GLN G 15 -23.23 -26.28 -43.87
CA GLN G 15 -22.19 -27.13 -44.40
C GLN G 15 -21.12 -26.26 -45.05
N CYS G 16 -19.86 -26.51 -44.70
CA CYS G 16 -18.80 -25.62 -45.11
C CYS G 16 -17.59 -26.37 -45.66
N LEU G 17 -17.03 -25.81 -46.72
CA LEU G 17 -15.82 -26.34 -47.35
C LEU G 17 -14.66 -25.44 -46.95
N LEU G 18 -13.67 -26.02 -46.30
CA LEU G 18 -12.54 -25.26 -45.77
C LEU G 18 -11.29 -25.59 -46.56
N CYS G 19 -10.50 -24.56 -46.84
CA CYS G 19 -9.20 -24.73 -47.49
C CYS G 19 -8.25 -23.68 -46.91
N GLY G 20 -6.96 -24.00 -46.90
CA GLY G 20 -5.98 -23.07 -46.34
C GLY G 20 -5.84 -21.80 -47.16
N ASP G 21 -5.95 -21.91 -48.50
CA ASP G 21 -5.70 -20.78 -49.40
C ASP G 21 -7.02 -20.09 -49.71
N PRO G 22 -7.16 -18.80 -49.40
CA PRO G 22 -8.42 -18.10 -49.76
C PRO G 22 -8.55 -17.84 -51.26
N LEU G 23 -7.44 -17.59 -51.97
CA LEU G 23 -7.51 -17.40 -53.41
C LEU G 23 -7.98 -18.66 -54.13
N ARG G 24 -7.67 -19.82 -53.60
CA ARG G 24 -8.24 -21.02 -54.20
C ARG G 24 -9.63 -21.32 -53.70
N VAL G 25 -9.98 -20.86 -52.49
CA VAL G 25 -11.38 -20.83 -52.07
C VAL G 25 -12.21 -19.99 -53.04
N SER G 26 -11.64 -18.88 -53.52
CA SER G 26 -12.28 -18.09 -54.56
C SER G 26 -12.51 -18.93 -55.81
N TYR G 27 -11.42 -19.49 -56.35
CA TYR G 27 -11.48 -20.45 -57.44
C TYR G 27 -12.68 -21.40 -57.34
N ILE G 28 -12.86 -22.04 -56.18
CA ILE G 28 -13.94 -23.01 -56.05
C ILE G 28 -15.31 -22.34 -56.13
N ALA G 29 -15.45 -21.15 -55.53
CA ALA G 29 -16.71 -20.43 -55.64
C ALA G 29 -17.00 -20.07 -57.09
N LYS G 30 -16.00 -19.55 -57.79
CA LYS G 30 -16.18 -19.15 -59.19
C LYS G 30 -16.35 -20.36 -60.08
N LYS G 31 -15.37 -21.27 -60.07
CA LYS G 31 -15.35 -22.32 -61.08
C LYS G 31 -16.32 -23.46 -60.79
N PHE G 32 -16.79 -23.64 -59.56
CA PHE G 32 -17.60 -24.81 -59.24
C PHE G 32 -18.99 -24.56 -58.62
N LEU G 33 -19.36 -23.31 -58.34
CA LEU G 33 -20.63 -23.00 -57.70
C LEU G 33 -21.46 -22.08 -58.57
N GLN G 34 -22.78 -22.15 -58.37
CA GLN G 34 -23.73 -21.20 -58.93
C GLN G 34 -24.22 -20.27 -57.82
N ASP G 35 -24.56 -19.03 -58.18
CA ASP G 35 -24.96 -18.00 -57.22
C ASP G 35 -23.83 -17.65 -56.25
N ALA G 36 -22.60 -17.49 -56.78
CA ALA G 36 -21.38 -17.43 -55.99
C ALA G 36 -21.18 -16.01 -55.45
N LYS G 37 -21.46 -15.82 -54.16
CA LYS G 37 -21.43 -14.52 -53.51
C LYS G 37 -20.46 -14.54 -52.34
N GLU G 38 -19.50 -13.61 -52.36
CA GLU G 38 -18.53 -13.49 -51.27
C GLU G 38 -19.20 -12.95 -50.02
N ILE G 39 -18.94 -13.58 -48.88
CA ILE G 39 -19.58 -13.16 -47.65
C ILE G 39 -18.62 -12.60 -46.59
N THR G 40 -17.31 -12.81 -46.73
CA THR G 40 -16.38 -12.35 -45.71
C THR G 40 -15.02 -12.13 -46.35
N ASN G 41 -14.30 -11.12 -45.82
CA ASN G 41 -13.02 -10.73 -46.41
C ASN G 41 -12.06 -10.13 -45.39
N VAL G 42 -12.23 -10.37 -44.09
CA VAL G 42 -11.32 -9.81 -43.10
C VAL G 42 -9.93 -10.43 -43.25
N ARG G 43 -8.91 -9.59 -43.22
CA ARG G 43 -7.53 -10.02 -43.40
C ARG G 43 -7.34 -10.72 -44.75
N ASN G 44 -8.13 -10.33 -45.74
CA ASN G 44 -8.09 -10.92 -47.08
C ASN G 44 -8.46 -12.39 -47.10
N MET G 45 -9.05 -12.89 -46.01
CA MET G 45 -9.43 -14.31 -45.91
C MET G 45 -10.84 -14.46 -46.47
N LEU G 46 -10.91 -14.70 -47.77
CA LEU G 46 -12.17 -14.70 -48.50
C LEU G 46 -13.00 -15.93 -48.15
N GLY G 47 -14.32 -15.72 -48.08
CA GLY G 47 -15.28 -16.78 -47.85
C GLY G 47 -16.57 -16.53 -48.60
N PHE G 48 -17.18 -17.60 -49.12
CA PHE G 48 -18.28 -17.46 -50.06
C PHE G 48 -19.46 -18.32 -49.63
N SER G 49 -20.62 -17.98 -50.19
CA SER G 49 -21.82 -18.80 -50.11
C SER G 49 -22.42 -18.97 -51.49
N GLY G 50 -23.05 -20.11 -51.73
CA GLY G 50 -23.51 -20.40 -53.07
C GLY G 50 -24.21 -21.75 -53.14
N LYS G 51 -24.27 -22.29 -54.36
CA LYS G 51 -25.06 -23.48 -54.61
C LYS G 51 -24.28 -24.46 -55.49
N TYR G 52 -24.75 -25.71 -55.45
CA TYR G 52 -24.22 -26.81 -56.25
C TYR G 52 -25.23 -27.94 -56.16
N LYS G 53 -25.78 -28.38 -57.29
CA LYS G 53 -26.83 -29.40 -57.30
C LYS G 53 -28.03 -29.00 -56.44
N GLY G 54 -28.46 -27.74 -56.58
CA GLY G 54 -29.57 -27.23 -55.80
C GLY G 54 -29.31 -27.17 -54.31
N ARG G 55 -28.06 -27.23 -53.90
CA ARG G 55 -27.69 -27.36 -52.50
C ARG G 55 -27.02 -26.08 -52.01
N GLY G 56 -27.30 -25.73 -50.76
CA GLY G 56 -26.64 -24.58 -50.16
C GLY G 56 -25.34 -25.01 -49.51
N ILE G 57 -24.24 -24.39 -49.93
CA ILE G 57 -22.93 -24.67 -49.36
C ILE G 57 -22.14 -23.37 -49.28
N SER G 58 -21.41 -23.21 -48.18
CA SER G 58 -20.49 -22.10 -48.02
C SER G 58 -19.05 -22.61 -48.15
N LEU G 59 -18.17 -21.71 -48.60
CA LEU G 59 -16.74 -21.94 -48.60
C LEU G 59 -16.10 -21.02 -47.57
N MET G 60 -14.88 -21.36 -47.15
CA MET G 60 -14.16 -20.53 -46.20
C MET G 60 -12.68 -20.85 -46.21
N GLY G 61 -11.85 -19.86 -46.51
CA GLY G 61 -10.43 -20.00 -46.25
C GLY G 61 -10.12 -19.96 -44.76
N HIS G 62 -9.11 -20.74 -44.36
CA HIS G 62 -8.77 -20.84 -42.94
C HIS G 62 -7.32 -20.53 -42.58
N GLY G 63 -6.48 -20.15 -43.54
CA GLY G 63 -5.08 -19.85 -43.24
C GLY G 63 -4.21 -21.09 -43.02
N MET G 64 -2.98 -20.84 -42.58
CA MET G 64 -1.99 -21.89 -42.34
C MET G 64 -1.75 -22.09 -40.84
N GLY G 65 -2.01 -23.30 -40.36
CA GLY G 65 -1.57 -23.70 -39.03
C GLY G 65 -2.73 -23.97 -38.09
N ILE G 66 -2.44 -24.79 -37.06
CA ILE G 66 -3.47 -25.18 -36.09
C ILE G 66 -4.09 -23.94 -35.43
N ALA G 67 -3.25 -22.99 -35.00
CA ALA G 67 -3.77 -21.80 -34.31
C ALA G 67 -4.75 -21.05 -35.20
N SER G 68 -4.28 -20.68 -36.41
CA SER G 68 -5.09 -20.01 -37.42
C SER G 68 -6.39 -20.75 -37.67
N CYS G 69 -6.32 -21.99 -38.18
CA CYS G 69 -7.56 -22.67 -38.57
C CYS G 69 -8.51 -22.86 -37.38
N THR G 70 -7.96 -22.92 -36.16
CA THR G 70 -8.80 -23.01 -34.97
C THR G 70 -9.65 -21.77 -34.80
N ILE G 71 -9.08 -20.59 -35.10
CA ILE G 71 -9.81 -19.34 -34.93
C ILE G 71 -11.04 -19.35 -35.80
N TYR G 72 -10.81 -19.50 -37.10
CA TYR G 72 -11.90 -19.50 -38.07
C TYR G 72 -12.94 -20.58 -37.73
N VAL G 73 -12.48 -21.81 -37.49
CA VAL G 73 -13.41 -22.91 -37.25
C VAL G 73 -14.20 -22.68 -35.96
N THR G 74 -13.55 -22.10 -34.95
CA THR G 74 -14.29 -21.78 -33.74
C THR G 74 -15.39 -20.77 -34.02
N GLU G 75 -15.08 -19.76 -34.83
CA GLU G 75 -16.06 -18.73 -35.14
C GLU G 75 -17.17 -19.27 -36.05
N LEU G 76 -16.79 -20.13 -37.02
CA LEU G 76 -17.77 -20.76 -37.90
C LEU G 76 -18.82 -21.51 -37.11
N ILE G 77 -18.38 -22.31 -36.14
CA ILE G 77 -19.31 -23.15 -35.40
C ILE G 77 -20.14 -22.33 -34.44
N LYS G 78 -19.49 -21.57 -33.56
CA LYS G 78 -20.25 -21.01 -32.46
C LYS G 78 -20.88 -19.65 -32.76
N THR G 79 -20.49 -18.98 -33.83
CA THR G 79 -21.24 -17.81 -34.28
C THR G 79 -22.19 -18.12 -35.43
N TYR G 80 -21.72 -18.80 -36.47
CA TYR G 80 -22.47 -18.97 -37.71
C TYR G 80 -23.27 -20.27 -37.77
N GLN G 81 -23.34 -21.01 -36.66
CA GLN G 81 -23.90 -22.36 -36.56
C GLN G 81 -23.57 -23.29 -37.73
N VAL G 82 -22.35 -23.22 -38.25
CA VAL G 82 -21.90 -24.21 -39.23
C VAL G 82 -21.81 -25.57 -38.53
N LYS G 83 -22.45 -26.58 -39.14
CA LYS G 83 -22.62 -27.88 -38.51
C LYS G 83 -21.65 -28.95 -39.03
N GLU G 84 -21.16 -28.79 -40.27
CA GLU G 84 -20.34 -29.80 -40.92
C GLU G 84 -19.23 -29.10 -41.67
N LEU G 85 -18.00 -29.51 -41.40
CA LEU G 85 -16.82 -28.81 -41.89
C LEU G 85 -15.92 -29.78 -42.64
N LEU G 86 -15.65 -29.49 -43.91
CA LEU G 86 -14.96 -30.40 -44.81
C LEU G 86 -13.74 -29.66 -45.29
N ARG G 87 -12.58 -29.97 -44.71
CA ARG G 87 -11.35 -29.37 -45.19
C ARG G 87 -10.82 -30.16 -46.36
N ILE G 88 -10.33 -29.43 -47.36
CA ILE G 88 -9.57 -29.99 -48.45
C ILE G 88 -8.35 -29.11 -48.66
N GLY G 89 -7.47 -29.56 -49.54
CA GLY G 89 -6.16 -28.96 -49.71
C GLY G 89 -5.16 -30.07 -49.93
N THR G 90 -3.89 -29.69 -49.95
CA THR G 90 -2.82 -30.60 -50.30
C THR G 90 -2.08 -31.12 -49.07
N CYS G 91 -1.19 -32.09 -49.30
CA CYS G 91 -0.33 -32.64 -48.27
C CYS G 91 0.97 -33.13 -48.89
N GLY G 92 1.97 -33.34 -48.04
CA GLY G 92 3.20 -33.98 -48.45
C GLY G 92 3.18 -35.45 -48.08
N ALA G 93 3.36 -36.30 -49.08
CA ALA G 93 3.29 -37.74 -48.87
C ALA G 93 4.55 -38.22 -48.16
N ILE G 94 4.38 -39.03 -47.11
CA ILE G 94 5.48 -39.69 -46.44
C ILE G 94 5.39 -41.22 -46.46
N SER G 95 4.30 -41.78 -47.05
CA SER G 95 4.08 -43.22 -47.08
C SER G 95 4.31 -43.81 -48.48
N PRO G 96 4.92 -44.99 -48.57
CA PRO G 96 4.92 -45.70 -49.85
C PRO G 96 3.51 -46.06 -50.31
N LYS G 97 2.61 -46.36 -49.37
CA LYS G 97 1.24 -46.80 -49.66
C LYS G 97 0.39 -45.76 -50.37
N VAL G 98 0.91 -44.55 -50.55
CA VAL G 98 0.23 -43.51 -51.33
C VAL G 98 1.21 -42.98 -52.35
N GLY G 99 0.67 -42.42 -53.43
CA GLY G 99 1.52 -41.90 -54.48
C GLY G 99 1.06 -40.52 -54.88
N LEU G 100 1.56 -40.03 -56.01
CA LEU G 100 1.17 -38.72 -56.50
C LEU G 100 -0.33 -38.69 -56.78
N LYS G 101 -0.89 -37.48 -56.73
CA LYS G 101 -2.32 -37.19 -56.94
C LYS G 101 -3.29 -38.19 -56.33
N ASP G 102 -2.87 -38.87 -55.26
CA ASP G 102 -3.81 -39.63 -54.44
C ASP G 102 -4.58 -38.69 -53.52
N ILE G 103 -5.71 -39.18 -53.02
CA ILE G 103 -6.58 -38.45 -52.09
C ILE G 103 -6.65 -39.24 -50.80
N ILE G 104 -6.11 -38.68 -49.72
CA ILE G 104 -6.04 -39.33 -48.42
C ILE G 104 -7.22 -38.84 -47.60
N MET G 105 -7.87 -39.75 -46.89
CA MET G 105 -8.93 -39.40 -45.95
C MET G 105 -8.41 -39.60 -44.52
N ALA G 106 -8.31 -38.51 -43.77
CA ALA G 106 -7.66 -38.51 -42.46
C ALA G 106 -8.61 -39.08 -41.42
N THR G 107 -8.51 -40.39 -41.18
CA THR G 107 -9.19 -41.02 -40.05
C THR G 107 -8.56 -40.62 -38.72
N GLY G 108 -7.38 -40.02 -38.74
CA GLY G 108 -6.77 -39.53 -37.52
C GLY G 108 -5.78 -38.45 -37.84
N ALA G 109 -5.62 -37.53 -36.90
CA ALA G 109 -4.64 -36.45 -37.03
C ALA G 109 -3.75 -36.43 -35.78
N SER G 110 -2.53 -36.94 -35.95
CA SER G 110 -1.48 -36.80 -34.95
C SER G 110 -0.84 -35.41 -35.09
N THR G 111 -0.20 -34.95 -34.02
CA THR G 111 0.43 -33.64 -34.11
C THR G 111 1.60 -33.47 -33.14
N ASP G 112 2.57 -32.63 -33.55
CA ASP G 112 3.62 -32.14 -32.67
C ASP G 112 3.25 -30.87 -31.91
N SER G 113 1.96 -30.51 -31.90
CA SER G 113 1.52 -29.31 -31.23
C SER G 113 1.22 -29.56 -29.76
N LYS G 114 1.25 -28.48 -28.99
CA LYS G 114 0.80 -28.61 -27.61
C LYS G 114 -0.67 -28.28 -27.43
N THR G 115 -1.34 -27.81 -28.50
CA THR G 115 -2.72 -27.33 -28.40
C THR G 115 -3.61 -28.36 -27.73
N ASN G 116 -3.53 -29.61 -28.17
CA ASN G 116 -4.43 -30.62 -27.65
C ASN G 116 -4.07 -31.01 -26.22
N ARG G 117 -2.77 -31.07 -25.90
CA ARG G 117 -2.38 -31.24 -24.51
C ARG G 117 -2.99 -30.15 -23.63
N VAL G 118 -2.94 -28.90 -24.09
CA VAL G 118 -3.55 -27.82 -23.32
C VAL G 118 -5.06 -28.04 -23.21
N ARG G 119 -5.70 -28.35 -24.34
CA ARG G 119 -7.15 -28.61 -24.36
C ARG G 119 -7.53 -29.75 -23.43
N PHE G 120 -6.77 -30.84 -23.44
CA PHE G 120 -7.23 -32.13 -22.91
C PHE G 120 -6.31 -32.62 -21.78
N LEU G 121 -6.32 -31.90 -20.66
CA LEU G 121 -5.80 -32.39 -19.37
C LEU G 121 -4.33 -32.82 -19.40
N ASN G 122 -3.52 -32.32 -20.33
CA ASN G 122 -2.14 -32.75 -20.49
C ASN G 122 -2.03 -34.24 -20.83
N HIS G 123 -3.08 -34.82 -21.40
CA HIS G 123 -3.08 -36.19 -21.88
C HIS G 123 -3.08 -36.20 -23.40
N ASP G 124 -3.14 -37.40 -23.97
CA ASP G 124 -3.11 -37.61 -25.41
C ASP G 124 -4.55 -37.57 -25.93
N LEU G 125 -4.87 -36.58 -26.73
CA LEU G 125 -6.20 -36.50 -27.35
C LEU G 125 -6.11 -37.18 -28.71
N SER G 126 -6.89 -38.24 -28.89
CA SER G 126 -6.96 -38.91 -30.18
C SER G 126 -7.86 -38.10 -31.09
N ALA G 127 -7.26 -37.37 -32.02
CA ALA G 127 -7.97 -36.38 -32.83
C ALA G 127 -8.57 -37.09 -34.04
N THR G 128 -9.88 -37.32 -34.01
CA THR G 128 -10.57 -38.09 -35.02
C THR G 128 -11.63 -37.24 -35.72
N PRO G 129 -11.86 -37.44 -37.02
CA PRO G 129 -12.96 -36.75 -37.70
C PRO G 129 -14.27 -37.42 -37.32
N ASP G 130 -15.36 -36.90 -37.90
CA ASP G 130 -16.69 -37.45 -37.64
C ASP G 130 -16.90 -38.68 -38.51
N PHE G 131 -17.61 -39.68 -37.96
CA PHE G 131 -17.71 -40.95 -38.66
C PHE G 131 -18.62 -40.88 -39.88
N GLU G 132 -19.78 -40.22 -39.77
CA GLU G 132 -20.70 -40.18 -40.90
C GLU G 132 -20.11 -39.45 -42.09
N LEU G 133 -19.25 -38.44 -41.84
CA LEU G 133 -18.59 -37.72 -42.93
C LEU G 133 -17.47 -38.53 -43.57
N SER G 134 -16.82 -39.41 -42.80
CA SER G 134 -15.91 -40.35 -43.43
C SER G 134 -16.68 -41.40 -44.23
N LEU G 135 -17.77 -41.90 -43.63
CA LEU G 135 -18.64 -42.90 -44.28
C LEU G 135 -19.26 -42.35 -45.56
N ARG G 136 -19.74 -41.10 -45.52
CA ARG G 136 -20.20 -40.44 -46.74
C ARG G 136 -19.05 -40.21 -47.70
N ALA G 137 -17.85 -39.95 -47.19
CA ALA G 137 -16.71 -39.67 -48.07
C ALA G 137 -16.24 -40.91 -48.79
N TYR G 138 -16.26 -42.07 -48.13
CA TYR G 138 -15.91 -43.29 -48.83
C TYR G 138 -16.90 -43.59 -49.96
N GLN G 139 -18.22 -43.54 -49.64
CA GLN G 139 -19.26 -43.87 -50.62
C GLN G 139 -19.13 -43.02 -51.88
N THR G 140 -19.05 -41.70 -51.70
CA THR G 140 -18.85 -40.81 -52.83
C THR G 140 -17.57 -41.14 -53.59
N ALA G 141 -16.54 -41.64 -52.89
CA ALA G 141 -15.25 -41.91 -53.52
C ALA G 141 -15.36 -43.03 -54.56
N LYS G 142 -15.86 -44.20 -54.14
CA LYS G 142 -16.08 -45.30 -55.07
C LYS G 142 -16.98 -44.86 -56.22
N ARG G 143 -18.11 -44.21 -55.89
CA ARG G 143 -19.07 -43.77 -56.88
C ARG G 143 -18.44 -42.93 -58.00
N LEU G 144 -17.36 -42.22 -57.71
CA LEU G 144 -16.69 -41.41 -58.72
C LEU G 144 -15.48 -42.10 -59.32
N GLY G 145 -15.25 -43.37 -58.96
CA GLY G 145 -14.09 -44.06 -59.49
C GLY G 145 -12.79 -43.39 -59.10
N ILE G 146 -12.67 -42.96 -57.85
CA ILE G 146 -11.42 -42.41 -57.33
C ILE G 146 -10.91 -43.31 -56.21
N ASP G 147 -9.60 -43.53 -56.19
CA ASP G 147 -8.90 -44.43 -55.28
C ASP G 147 -8.61 -43.69 -53.98
N LEU G 148 -9.42 -43.93 -52.96
CA LEU G 148 -9.36 -43.17 -51.71
C LEU G 148 -8.40 -43.87 -50.74
N LYS G 149 -7.24 -43.26 -50.54
CA LYS G 149 -6.26 -43.77 -49.58
C LYS G 149 -6.64 -43.29 -48.18
N VAL G 150 -6.63 -44.19 -47.22
CA VAL G 150 -7.17 -43.90 -45.90
C VAL G 150 -6.10 -44.18 -44.82
N GLY G 151 -6.07 -43.31 -43.81
CA GLY G 151 -5.20 -43.47 -42.67
C GLY G 151 -4.95 -42.14 -41.99
N ASN G 152 -4.07 -42.18 -40.99
CA ASN G 152 -3.73 -40.99 -40.23
C ASN G 152 -2.89 -40.02 -41.05
N VAL G 153 -2.94 -38.74 -40.65
CA VAL G 153 -2.01 -37.71 -41.09
C VAL G 153 -1.28 -37.16 -39.87
N PHE G 154 -0.15 -36.48 -40.12
CA PHE G 154 0.57 -35.79 -39.05
C PHE G 154 0.49 -34.28 -39.28
N SER G 155 -0.20 -33.58 -38.36
CA SER G 155 -0.35 -32.12 -38.40
C SER G 155 0.83 -31.47 -37.67
N SER G 156 1.71 -30.79 -38.41
CA SER G 156 2.89 -30.17 -37.83
C SER G 156 2.77 -28.65 -37.79
N ASP G 157 3.27 -28.05 -36.68
CA ASP G 157 3.47 -26.61 -36.59
C ASP G 157 4.57 -26.13 -37.51
N PHE G 158 5.29 -27.06 -38.14
CA PHE G 158 6.43 -26.72 -38.97
C PHE G 158 6.13 -27.13 -40.40
N PHE G 159 6.07 -26.14 -41.28
CA PHE G 159 6.19 -26.46 -42.69
C PHE G 159 7.60 -27.02 -42.85
N TYR G 160 8.60 -26.16 -42.71
CA TYR G 160 10.00 -26.56 -42.77
C TYR G 160 10.33 -27.32 -41.48
N SER G 161 10.45 -28.64 -41.59
CA SER G 161 10.57 -29.50 -40.42
C SER G 161 12.02 -29.58 -39.93
N PHE G 162 12.16 -29.85 -38.63
CA PHE G 162 13.44 -30.22 -38.03
C PHE G 162 13.48 -31.69 -37.67
N GLU G 163 12.43 -32.45 -38.01
CA GLU G 163 12.27 -33.85 -37.66
C GLU G 163 12.08 -34.73 -38.91
N THR G 164 12.81 -34.42 -40.00
CA THR G 164 12.70 -35.25 -41.20
C THR G 164 13.18 -36.67 -40.97
N HIS G 165 14.29 -36.84 -40.24
CA HIS G 165 14.74 -38.17 -39.84
C HIS G 165 13.62 -39.02 -39.24
N ALA G 166 12.52 -38.40 -38.80
CA ALA G 166 11.39 -39.09 -38.22
C ALA G 166 10.28 -39.42 -39.21
N PHE G 167 10.45 -39.06 -40.49
CA PHE G 167 9.37 -39.24 -41.45
C PHE G 167 8.98 -40.72 -41.60
N ASP G 168 9.98 -41.61 -41.74
CA ASP G 168 9.71 -43.04 -41.89
C ASP G 168 8.92 -43.58 -40.72
N LEU G 169 9.19 -43.10 -39.50
CA LEU G 169 8.53 -43.67 -38.34
C LEU G 169 7.04 -43.32 -38.33
N MET G 170 6.68 -42.09 -38.73
CA MET G 170 5.27 -41.74 -38.83
C MET G 170 4.56 -42.61 -39.86
N ALA G 171 5.10 -42.69 -41.08
CA ALA G 171 4.54 -43.57 -42.11
C ALA G 171 4.38 -44.99 -41.56
N LYS G 172 5.43 -45.55 -40.98
CA LYS G 172 5.32 -46.87 -40.35
C LYS G 172 4.09 -46.93 -39.46
N TYR G 173 3.88 -45.90 -38.65
CA TYR G 173 2.74 -45.87 -37.76
C TYR G 173 1.43 -45.43 -38.45
N ASN G 174 1.41 -45.45 -39.78
CA ASN G 174 0.20 -45.27 -40.60
C ASN G 174 -0.20 -43.80 -40.78
N HIS G 175 0.78 -42.91 -40.74
CA HIS G 175 0.58 -41.52 -41.11
C HIS G 175 1.05 -41.38 -42.56
N LEU G 176 0.11 -41.14 -43.47
CA LEU G 176 0.43 -41.20 -44.89
C LEU G 176 0.83 -39.87 -45.48
N ALA G 177 0.49 -38.76 -44.84
CA ALA G 177 0.88 -37.45 -45.35
C ALA G 177 0.93 -36.45 -44.21
N ILE G 178 1.66 -35.37 -44.45
CA ILE G 178 1.92 -34.33 -43.45
C ILE G 178 1.29 -33.03 -43.95
N GLU G 179 0.29 -32.53 -43.22
CA GLU G 179 -0.26 -31.20 -43.43
C GLU G 179 -0.28 -30.47 -42.09
N MET G 180 -0.79 -29.26 -42.05
CA MET G 180 -0.54 -28.43 -40.88
C MET G 180 -1.76 -28.05 -40.06
N GLU G 181 -2.96 -28.53 -40.41
CA GLU G 181 -4.18 -28.03 -39.77
C GLU G 181 -5.13 -29.11 -39.28
N ALA G 182 -5.09 -30.33 -39.84
CA ALA G 182 -6.14 -31.32 -39.58
C ALA G 182 -6.40 -31.52 -38.09
N ALA G 183 -5.32 -31.67 -37.30
CA ALA G 183 -5.49 -31.94 -35.87
C ALA G 183 -6.20 -30.80 -35.15
N GLY G 184 -6.00 -29.56 -35.61
CA GLY G 184 -6.72 -28.43 -35.03
C GLY G 184 -8.20 -28.46 -35.38
N LEU G 185 -8.51 -28.63 -36.67
CA LEU G 185 -9.90 -28.75 -37.13
C LEU G 185 -10.67 -29.83 -36.36
N TYR G 186 -10.11 -31.04 -36.29
CA TYR G 186 -10.79 -32.12 -35.57
C TYR G 186 -10.95 -31.79 -34.11
N ALA G 187 -9.87 -31.31 -33.49
CA ALA G 187 -9.92 -31.01 -32.07
C ALA G 187 -10.95 -29.92 -31.78
N THR G 188 -10.95 -28.86 -32.61
CA THR G 188 -11.97 -27.82 -32.41
C THR G 188 -13.36 -28.40 -32.60
N ALA G 189 -13.54 -29.20 -33.66
CA ALA G 189 -14.82 -29.85 -33.93
C ALA G 189 -15.29 -30.69 -32.75
N MET G 190 -14.39 -31.50 -32.18
CA MET G 190 -14.76 -32.25 -30.98
C MET G 190 -15.13 -31.32 -29.82
N GLU G 191 -14.40 -30.21 -29.66
CA GLU G 191 -14.71 -29.28 -28.58
C GLU G 191 -16.16 -28.81 -28.66
N LEU G 192 -16.62 -28.52 -29.88
CA LEU G 192 -17.86 -27.78 -30.11
C LEU G 192 -18.96 -28.66 -30.72
N ASN G 193 -18.95 -29.98 -30.43
CA ASN G 193 -20.02 -30.91 -30.86
C ASN G 193 -20.28 -30.83 -32.36
N ALA G 194 -19.27 -30.46 -33.14
CA ALA G 194 -19.41 -30.35 -34.58
C ALA G 194 -18.82 -31.57 -35.29
N LYS G 195 -19.25 -31.76 -36.53
CA LYS G 195 -18.82 -32.86 -37.38
C LYS G 195 -17.87 -32.29 -38.42
N ALA G 196 -16.74 -32.94 -38.64
CA ALA G 196 -15.79 -32.46 -39.63
C ALA G 196 -15.01 -33.64 -40.19
N LEU G 197 -14.18 -33.34 -41.18
CA LEU G 197 -13.34 -34.33 -41.84
C LEU G 197 -12.34 -33.57 -42.68
N CYS G 198 -11.11 -34.06 -42.75
CA CYS G 198 -10.12 -33.52 -43.67
C CYS G 198 -9.84 -34.53 -44.77
N LEU G 199 -9.84 -34.04 -46.01
CA LEU G 199 -9.39 -34.77 -47.19
C LEU G 199 -8.08 -34.18 -47.68
N CYS G 200 -7.43 -34.87 -48.61
CA CYS G 200 -6.02 -34.60 -48.90
C CYS G 200 -5.74 -34.85 -50.37
N SER G 201 -4.61 -34.30 -50.84
CA SER G 201 -4.15 -34.55 -52.20
C SER G 201 -2.62 -34.38 -52.28
N VAL G 202 -1.94 -35.37 -52.83
CA VAL G 202 -0.48 -35.42 -52.89
C VAL G 202 -0.04 -34.70 -54.16
N SER G 203 0.39 -33.45 -54.04
CA SER G 203 1.07 -32.79 -55.13
C SER G 203 2.57 -32.99 -55.08
N ASP G 204 3.12 -33.24 -53.89
CA ASP G 204 4.52 -33.56 -53.69
C ASP G 204 4.59 -34.74 -52.71
N HIS G 205 5.59 -35.58 -52.92
CA HIS G 205 5.94 -36.66 -52.00
C HIS G 205 7.29 -36.30 -51.38
N LEU G 206 7.39 -36.39 -50.05
CA LEU G 206 8.51 -35.77 -49.36
C LEU G 206 9.76 -36.65 -49.35
N ILE G 207 9.59 -37.97 -49.14
CA ILE G 207 10.76 -38.82 -48.97
C ILE G 207 11.39 -39.22 -50.31
N THR G 208 10.61 -39.33 -51.38
CA THR G 208 11.18 -39.65 -52.69
C THR G 208 11.05 -38.52 -53.70
N LYS G 209 10.68 -37.32 -53.25
CA LYS G 209 10.86 -36.03 -53.95
C LYS G 209 10.20 -35.92 -55.34
N GLU G 210 9.26 -36.80 -55.72
CA GLU G 210 8.47 -36.50 -56.90
C GLU G 210 7.55 -35.32 -56.61
N ALA G 211 7.15 -34.63 -57.67
CA ALA G 211 6.27 -33.47 -57.57
C ALA G 211 5.60 -33.23 -58.90
N LEU G 212 4.31 -32.93 -58.86
CA LEU G 212 3.58 -32.56 -60.06
C LEU G 212 4.07 -31.20 -60.54
N SER G 213 3.92 -30.96 -61.85
CA SER G 213 4.18 -29.66 -62.46
C SER G 213 2.92 -28.82 -62.41
N PRO G 214 3.03 -27.48 -62.59
CA PRO G 214 1.89 -26.60 -62.27
C PRO G 214 0.57 -27.05 -62.89
N LYS G 215 0.60 -27.44 -64.17
CA LYS G 215 -0.55 -28.08 -64.80
C LYS G 215 -1.14 -29.13 -63.88
N GLU G 216 -0.45 -30.27 -63.71
CA GLU G 216 -1.06 -31.44 -63.06
C GLU G 216 -1.74 -31.13 -61.73
N ARG G 217 -1.22 -30.17 -60.97
CA ARG G 217 -1.87 -29.81 -59.71
C ARG G 217 -3.22 -29.14 -59.95
N VAL G 218 -3.30 -28.30 -60.99
CA VAL G 218 -4.57 -27.69 -61.38
C VAL G 218 -5.64 -28.78 -61.59
N GLU G 219 -5.32 -29.79 -62.40
CA GLU G 219 -6.23 -30.93 -62.54
C GLU G 219 -6.37 -31.70 -61.23
N SER G 220 -5.26 -31.93 -60.51
CA SER G 220 -5.29 -32.81 -59.35
C SER G 220 -6.19 -32.29 -58.24
N PHE G 221 -6.35 -30.97 -58.13
CA PHE G 221 -7.20 -30.41 -57.09
C PHE G 221 -8.69 -30.48 -57.46
N ASP G 222 -9.01 -30.32 -58.74
CA ASP G 222 -10.42 -30.31 -59.16
C ASP G 222 -11.16 -31.60 -58.79
N ASN G 223 -10.48 -32.75 -58.81
CA ASN G 223 -11.19 -33.99 -58.50
C ASN G 223 -11.54 -34.06 -57.02
N MET G 224 -10.66 -33.57 -56.15
CA MET G 224 -10.98 -33.51 -54.74
C MET G 224 -12.14 -32.55 -54.50
N ILE G 225 -12.17 -31.44 -55.24
CA ILE G 225 -13.30 -30.51 -55.19
C ILE G 225 -14.61 -31.23 -55.49
N ILE G 226 -14.66 -31.94 -56.60
CA ILE G 226 -15.89 -32.64 -56.98
C ILE G 226 -16.30 -33.59 -55.87
N LEU G 227 -15.34 -34.39 -55.36
CA LEU G 227 -15.66 -35.34 -54.31
C LEU G 227 -16.10 -34.62 -53.03
N ALA G 228 -15.40 -33.53 -52.68
CA ALA G 228 -15.88 -32.66 -51.61
C ALA G 228 -17.30 -32.18 -51.90
N LEU G 229 -17.50 -31.57 -53.06
CA LEU G 229 -18.83 -31.06 -53.40
C LEU G 229 -19.87 -32.16 -53.39
N GLU G 230 -19.50 -33.35 -53.86
CA GLU G 230 -20.50 -34.40 -54.13
C GLU G 230 -21.09 -34.94 -52.84
N MET G 231 -20.25 -35.24 -51.84
CA MET G 231 -20.77 -35.78 -50.58
C MET G 231 -21.46 -34.70 -49.77
N MET G 232 -21.24 -33.42 -50.08
CA MET G 232 -22.02 -32.34 -49.47
C MET G 232 -23.41 -32.18 -50.10
N SER G 233 -23.69 -32.94 -51.16
CA SER G 233 -24.99 -32.91 -51.82
C SER G 233 -25.83 -34.09 -51.36
N MET H 1 16.86 -12.60 10.74
CA MET H 1 15.82 -12.06 9.83
C MET H 1 15.23 -13.14 8.96
N THR H 2 16.04 -13.69 8.04
CA THR H 2 15.62 -14.80 7.20
C THR H 2 16.50 -16.00 7.55
N PRO H 3 16.18 -17.20 7.06
CA PRO H 3 17.04 -18.37 7.34
C PRO H 3 18.43 -18.32 6.68
N HIS H 4 18.65 -17.46 5.70
CA HIS H 4 19.90 -17.47 4.96
C HIS H 4 20.57 -16.11 4.90
N ILE H 5 19.87 -15.04 5.30
CA ILE H 5 20.47 -13.73 5.41
C ILE H 5 20.27 -13.17 6.81
N ASN H 6 21.27 -12.40 7.21
CA ASN H 6 21.60 -12.12 8.59
C ASN H 6 21.59 -10.64 8.90
N ALA H 7 21.24 -9.79 7.94
CA ALA H 7 21.34 -8.36 8.10
C ALA H 7 20.05 -7.78 8.64
N LYS H 8 20.15 -6.55 9.16
CA LYS H 8 18.98 -5.82 9.60
C LYS H 8 18.35 -5.14 8.38
N ILE H 9 17.04 -4.99 8.41
CA ILE H 9 16.41 -4.32 7.28
C ILE H 9 16.96 -2.90 7.20
N GLY H 10 17.16 -2.40 5.98
CA GLY H 10 17.88 -1.17 5.77
C GLY H 10 19.38 -1.32 5.67
N ASP H 11 19.94 -2.49 5.98
CA ASP H 11 21.38 -2.66 5.83
C ASP H 11 21.81 -2.71 4.36
N PHE H 12 20.92 -3.19 3.47
CA PHE H 12 21.18 -3.25 2.03
C PHE H 12 20.74 -1.94 1.36
N TYR H 13 21.58 -1.40 0.47
CA TYR H 13 21.16 -0.29 -0.36
C TYR H 13 20.16 -0.78 -1.39
N PRO H 14 19.47 0.12 -2.09
CA PRO H 14 18.48 -0.33 -3.09
C PRO H 14 19.12 -1.01 -4.30
N GLN H 15 20.44 -0.88 -4.47
CA GLN H 15 21.16 -1.37 -5.64
C GLN H 15 22.15 -2.43 -5.18
N CYS H 16 21.99 -3.66 -5.66
CA CYS H 16 22.83 -4.77 -5.20
C CYS H 16 23.44 -5.51 -6.38
N LEU H 17 24.77 -5.58 -6.38
CA LEU H 17 25.53 -6.49 -7.21
C LEU H 17 25.57 -7.86 -6.55
N LEU H 18 25.55 -8.91 -7.39
CA LEU H 18 25.52 -10.30 -6.93
C LEU H 18 26.56 -11.09 -7.70
N CYS H 19 27.26 -11.96 -6.99
CA CYS H 19 28.08 -13.01 -7.58
C CYS H 19 27.71 -14.31 -6.90
N GLY H 20 27.84 -15.41 -7.64
CA GLY H 20 27.72 -16.70 -7.01
C GLY H 20 28.71 -16.89 -5.90
N ASP H 21 29.89 -16.30 -6.02
CA ASP H 21 31.00 -16.62 -5.13
C ASP H 21 31.15 -15.50 -4.10
N PRO H 22 30.92 -15.78 -2.79
CA PRO H 22 31.06 -14.73 -1.78
C PRO H 22 32.48 -14.21 -1.64
N LEU H 23 33.49 -14.99 -2.05
CA LEU H 23 34.85 -14.47 -2.02
C LEU H 23 35.10 -13.46 -3.13
N ARG H 24 34.37 -13.57 -4.26
CA ARG H 24 34.42 -12.48 -5.25
C ARG H 24 33.68 -11.25 -4.74
N VAL H 25 32.60 -11.46 -3.98
CA VAL H 25 31.93 -10.36 -3.28
C VAL H 25 32.87 -9.69 -2.31
N SER H 26 33.61 -10.48 -1.51
CA SER H 26 34.64 -9.93 -0.62
C SER H 26 35.68 -9.16 -1.40
N TYR H 27 36.12 -9.73 -2.53
CA TYR H 27 37.16 -9.09 -3.31
C TYR H 27 36.69 -7.73 -3.81
N ILE H 28 35.43 -7.65 -4.26
CA ILE H 28 34.90 -6.36 -4.72
C ILE H 28 34.85 -5.37 -3.57
N ALA H 29 34.43 -5.82 -2.38
CA ALA H 29 34.30 -4.93 -1.23
C ALA H 29 35.64 -4.30 -0.87
N LYS H 30 36.70 -5.11 -0.83
CA LYS H 30 38.00 -4.66 -0.35
C LYS H 30 38.72 -3.81 -1.36
N LYS H 31 38.46 -4.01 -2.64
CA LYS H 31 39.26 -3.36 -3.67
C LYS H 31 38.60 -2.08 -4.23
N PHE H 32 37.26 -1.99 -4.21
CA PHE H 32 36.54 -0.97 -4.96
C PHE H 32 35.58 -0.10 -4.14
N LEU H 33 35.24 -0.49 -2.91
CA LEU H 33 34.31 0.27 -2.09
C LEU H 33 35.03 0.92 -0.91
N GLN H 34 34.49 2.05 -0.44
CA GLN H 34 34.94 2.73 0.75
C GLN H 34 33.94 2.51 1.87
N ASP H 35 34.42 2.59 3.12
CA ASP H 35 33.59 2.30 4.31
C ASP H 35 32.87 0.96 4.20
N ALA H 36 33.62 -0.06 3.77
CA ALA H 36 33.03 -1.37 3.56
C ALA H 36 32.61 -1.99 4.89
N LYS H 37 31.42 -2.58 4.91
CA LYS H 37 30.89 -3.23 6.09
C LYS H 37 30.31 -4.57 5.66
N GLU H 38 30.75 -5.66 6.30
CA GLU H 38 30.10 -6.95 6.10
C GLU H 38 28.78 -6.96 6.85
N ILE H 39 27.68 -7.17 6.12
CA ILE H 39 26.34 -7.10 6.70
C ILE H 39 25.66 -8.46 6.86
N THR H 40 26.19 -9.52 6.24
CA THR H 40 25.63 -10.86 6.43
C THR H 40 26.71 -11.91 6.15
N ASN H 41 26.53 -13.08 6.77
CA ASN H 41 27.50 -14.18 6.65
C ASN H 41 26.90 -15.55 6.98
N VAL H 42 25.58 -15.74 6.98
CA VAL H 42 25.01 -17.05 7.23
C VAL H 42 25.52 -18.01 6.14
N ARG H 43 25.84 -19.24 6.55
CA ARG H 43 26.34 -20.25 5.62
C ARG H 43 27.60 -19.78 4.88
N ASN H 44 28.31 -18.80 5.44
CA ASN H 44 29.51 -18.23 4.84
C ASN H 44 29.22 -17.43 3.57
N MET H 45 27.95 -17.13 3.29
CA MET H 45 27.56 -16.41 2.09
C MET H 45 27.55 -14.91 2.38
N LEU H 46 28.71 -14.29 2.20
CA LEU H 46 28.91 -12.92 2.61
C LEU H 46 28.10 -11.94 1.76
N GLY H 47 27.80 -10.79 2.38
CA GLY H 47 27.18 -9.66 1.75
C GLY H 47 27.71 -8.39 2.40
N PHE H 48 27.91 -7.34 1.60
CA PHE H 48 28.57 -6.12 2.04
C PHE H 48 27.77 -4.88 1.64
N SER H 49 27.95 -3.82 2.42
CA SER H 49 27.50 -2.49 2.04
C SER H 49 28.65 -1.51 2.19
N GLY H 50 28.68 -0.55 1.27
CA GLY H 50 29.77 0.40 1.21
C GLY H 50 29.46 1.44 0.16
N LYS H 51 30.46 2.26 -0.13
CA LYS H 51 30.28 3.38 -1.05
C LYS H 51 31.22 3.22 -2.23
N TYR H 52 30.68 3.49 -3.42
CA TYR H 52 31.50 3.57 -4.64
C TYR H 52 31.45 5.02 -5.13
N LYS H 53 32.61 5.68 -5.08
CA LYS H 53 32.70 7.09 -5.41
C LYS H 53 31.61 7.87 -4.69
N GLY H 54 31.48 7.62 -3.38
CA GLY H 54 30.51 8.28 -2.52
C GLY H 54 29.07 7.81 -2.62
N ARG H 55 28.78 6.78 -3.40
CA ARG H 55 27.41 6.31 -3.55
C ARG H 55 27.22 4.93 -2.94
N GLY H 56 26.13 4.77 -2.19
CA GLY H 56 25.84 3.48 -1.59
C GLY H 56 25.64 2.40 -2.65
N ILE H 57 26.10 1.20 -2.32
CA ILE H 57 25.84 0.01 -3.11
C ILE H 57 26.13 -1.18 -2.23
N SER H 58 25.30 -2.21 -2.37
CA SER H 58 25.55 -3.46 -1.67
C SER H 58 26.06 -4.54 -2.63
N LEU H 59 26.56 -5.61 -2.04
CA LEU H 59 27.00 -6.79 -2.73
C LEU H 59 26.56 -7.98 -1.90
N MET H 60 26.26 -9.11 -2.57
CA MET H 60 25.71 -10.30 -1.94
C MET H 60 26.12 -11.50 -2.80
N GLY H 61 26.50 -12.60 -2.14
CA GLY H 61 26.71 -13.85 -2.83
C GLY H 61 25.41 -14.63 -2.95
N HIS H 62 25.25 -15.37 -4.07
CA HIS H 62 24.00 -16.12 -4.27
C HIS H 62 24.17 -17.63 -4.37
N GLY H 63 25.39 -18.15 -4.32
CA GLY H 63 25.57 -19.58 -4.43
C GLY H 63 25.57 -20.01 -5.88
N MET H 64 25.56 -21.32 -6.08
CA MET H 64 25.58 -21.89 -7.42
C MET H 64 24.25 -22.59 -7.70
N GLY H 65 23.68 -22.36 -8.88
CA GLY H 65 22.44 -23.01 -9.26
C GLY H 65 21.21 -22.13 -9.07
N ILE H 66 20.21 -22.34 -9.93
CA ILE H 66 18.93 -21.63 -9.86
C ILE H 66 18.32 -21.74 -8.46
N ALA H 67 18.28 -22.95 -7.93
CA ALA H 67 17.80 -23.17 -6.56
C ALA H 67 18.40 -22.17 -5.59
N SER H 68 19.75 -22.15 -5.48
CA SER H 68 20.42 -21.27 -4.52
C SER H 68 20.21 -19.80 -4.86
N CYS H 69 20.42 -19.40 -6.11
CA CYS H 69 20.25 -18.01 -6.48
C CYS H 69 18.85 -17.50 -6.14
N THR H 70 17.82 -18.35 -6.27
CA THR H 70 16.45 -17.93 -6.10
C THR H 70 16.18 -17.62 -4.64
N ILE H 71 16.77 -18.39 -3.72
CA ILE H 71 16.59 -18.14 -2.29
C ILE H 71 17.06 -16.74 -1.95
N TYR H 72 18.28 -16.39 -2.37
CA TYR H 72 18.88 -15.13 -1.96
C TYR H 72 18.20 -13.96 -2.65
N VAL H 73 17.96 -14.06 -3.97
CA VAL H 73 17.25 -13.01 -4.67
C VAL H 73 15.87 -12.78 -4.06
N THR H 74 15.17 -13.87 -3.72
CA THR H 74 13.83 -13.74 -3.15
C THR H 74 13.90 -12.95 -1.85
N GLU H 75 14.87 -13.30 -1.01
CA GLU H 75 15.06 -12.63 0.27
C GLU H 75 15.51 -11.18 0.07
N LEU H 76 16.46 -10.93 -0.84
CA LEU H 76 16.87 -9.57 -1.09
C LEU H 76 15.69 -8.65 -1.39
N ILE H 77 14.74 -9.12 -2.20
CA ILE H 77 13.64 -8.29 -2.70
C ILE H 77 12.55 -8.12 -1.66
N LYS H 78 12.09 -9.24 -1.10
CA LYS H 78 10.93 -9.25 -0.23
C LYS H 78 11.28 -8.78 1.17
N THR H 79 12.46 -9.12 1.67
CA THR H 79 12.79 -8.68 3.01
C THR H 79 13.63 -7.40 3.01
N TYR H 80 14.63 -7.29 2.12
CA TYR H 80 15.60 -6.22 2.16
C TYR H 80 15.34 -5.12 1.14
N GLN H 81 14.26 -5.22 0.36
CA GLN H 81 13.76 -4.14 -0.48
C GLN H 81 14.76 -3.68 -1.52
N VAL H 82 15.67 -4.58 -1.91
CA VAL H 82 16.53 -4.28 -3.05
C VAL H 82 15.67 -4.09 -4.28
N LYS H 83 16.03 -3.09 -5.10
CA LYS H 83 15.28 -2.69 -6.28
C LYS H 83 16.00 -3.07 -7.57
N GLU H 84 17.31 -2.98 -7.61
CA GLU H 84 18.07 -3.31 -8.80
C GLU H 84 19.07 -4.40 -8.44
N LEU H 85 19.05 -5.48 -9.22
CA LEU H 85 19.89 -6.65 -8.95
C LEU H 85 20.77 -6.88 -10.18
N LEU H 86 22.08 -6.79 -10.00
CA LEU H 86 23.03 -6.95 -11.10
C LEU H 86 23.96 -8.12 -10.82
N ARG H 87 23.71 -9.25 -11.48
CA ARG H 87 24.63 -10.38 -11.38
C ARG H 87 25.86 -10.10 -12.23
N ILE H 88 27.04 -10.36 -11.65
CA ILE H 88 28.31 -10.31 -12.40
C ILE H 88 29.02 -11.62 -12.10
N GLY H 89 28.72 -12.66 -12.87
CA GLY H 89 29.29 -13.98 -12.64
C GLY H 89 30.32 -14.41 -13.67
N THR H 90 30.53 -15.72 -13.75
CA THR H 90 31.42 -16.36 -14.72
C THR H 90 30.60 -17.33 -15.57
N CYS H 91 31.10 -17.63 -16.78
CA CYS H 91 30.37 -18.47 -17.72
C CYS H 91 31.35 -19.16 -18.66
N GLY H 92 30.86 -20.19 -19.33
CA GLY H 92 31.63 -20.92 -20.34
C GLY H 92 31.12 -20.63 -21.75
N ALA H 93 32.03 -20.16 -22.60
CA ALA H 93 31.66 -19.84 -23.99
C ALA H 93 31.42 -21.09 -24.81
N ILE H 94 30.41 -21.03 -25.66
CA ILE H 94 30.15 -22.12 -26.60
C ILE H 94 30.22 -21.69 -28.06
N SER H 95 30.08 -20.41 -28.35
CA SER H 95 30.03 -19.75 -29.64
C SER H 95 31.43 -19.26 -30.05
N PRO H 96 31.70 -19.17 -31.35
CA PRO H 96 32.95 -18.54 -31.79
C PRO H 96 32.93 -17.02 -31.71
N LYS H 97 31.75 -16.41 -31.48
CA LYS H 97 31.62 -14.97 -31.38
C LYS H 97 32.29 -14.37 -30.14
N VAL H 98 32.77 -15.21 -29.20
CA VAL H 98 33.45 -14.73 -27.99
C VAL H 98 34.64 -15.61 -27.63
N GLY H 99 35.51 -15.06 -26.79
CA GLY H 99 36.63 -15.76 -26.21
C GLY H 99 36.81 -15.41 -24.74
N LEU H 100 37.90 -15.89 -24.15
CA LEU H 100 38.07 -15.83 -22.69
C LEU H 100 38.10 -14.39 -22.19
N LYS H 101 37.57 -14.19 -20.98
CA LYS H 101 37.51 -12.92 -20.27
C LYS H 101 36.56 -11.89 -20.90
N ASP H 102 35.93 -12.20 -22.03
CA ASP H 102 34.90 -11.34 -22.59
C ASP H 102 33.70 -11.23 -21.64
N ILE H 103 33.04 -10.08 -21.67
CA ILE H 103 31.84 -9.82 -20.88
C ILE H 103 30.61 -9.91 -21.76
N ILE H 104 29.68 -10.77 -21.39
CA ILE H 104 28.42 -10.96 -22.07
C ILE H 104 27.32 -10.32 -21.22
N MET H 105 26.40 -9.60 -21.87
CA MET H 105 25.13 -9.19 -21.29
C MET H 105 24.06 -10.19 -21.75
N ALA H 106 23.37 -10.81 -20.80
CA ALA H 106 22.35 -11.80 -21.12
C ALA H 106 21.00 -11.11 -21.34
N THR H 107 20.61 -10.92 -22.60
CA THR H 107 19.28 -10.40 -22.89
C THR H 107 18.20 -11.45 -22.73
N GLY H 108 18.60 -12.70 -22.53
CA GLY H 108 17.68 -13.79 -22.30
C GLY H 108 18.45 -14.92 -21.65
N ALA H 109 17.75 -15.74 -20.88
CA ALA H 109 18.36 -16.89 -20.22
C ALA H 109 17.45 -18.09 -20.43
N SER H 110 17.80 -18.92 -21.42
CA SER H 110 17.19 -20.23 -21.58
C SER H 110 17.62 -21.13 -20.42
N THR H 111 17.05 -22.33 -20.37
CA THR H 111 17.37 -23.18 -19.23
C THR H 111 16.84 -24.58 -19.47
N ASP H 112 17.49 -25.54 -18.83
CA ASP H 112 17.00 -26.90 -18.74
C ASP H 112 16.39 -27.18 -17.38
N SER H 113 16.24 -26.16 -16.55
CA SER H 113 15.53 -26.32 -15.28
C SER H 113 14.03 -26.49 -15.54
N LYS H 114 13.36 -27.11 -14.57
CA LYS H 114 11.90 -27.16 -14.57
C LYS H 114 11.28 -26.03 -13.73
N THR H 115 12.09 -25.14 -13.15
CA THR H 115 11.54 -24.16 -12.21
C THR H 115 10.59 -23.19 -12.90
N ASN H 116 10.92 -22.72 -14.10
CA ASN H 116 10.03 -21.76 -14.75
C ASN H 116 8.74 -22.43 -15.19
N ARG H 117 8.83 -23.69 -15.64
CA ARG H 117 7.61 -24.44 -15.95
C ARG H 117 6.72 -24.57 -14.73
N VAL H 118 7.32 -24.75 -13.55
CA VAL H 118 6.56 -24.82 -12.30
C VAL H 118 5.96 -23.45 -11.98
N ARG H 119 6.74 -22.37 -12.12
CA ARG H 119 6.22 -21.04 -11.84
C ARG H 119 5.11 -20.64 -12.82
N PHE H 120 5.20 -21.08 -14.07
CA PHE H 120 4.48 -20.45 -15.17
C PHE H 120 3.70 -21.50 -15.96
N LEU H 121 2.70 -22.11 -15.30
CA LEU H 121 1.63 -22.89 -15.94
C LEU H 121 2.12 -24.01 -16.87
N ASN H 122 3.32 -24.55 -16.69
CA ASN H 122 3.90 -25.57 -17.57
C ASN H 122 4.22 -25.06 -18.96
N HIS H 123 4.11 -23.76 -19.20
CA HIS H 123 4.44 -23.20 -20.50
C HIS H 123 5.88 -22.69 -20.49
N ASP H 124 6.24 -21.99 -21.56
CA ASP H 124 7.58 -21.48 -21.79
C ASP H 124 7.64 -20.03 -21.27
N LEU H 125 8.31 -19.82 -20.14
CA LEU H 125 8.63 -18.47 -19.67
C LEU H 125 9.89 -18.01 -20.38
N SER H 126 9.84 -16.89 -21.07
CA SER H 126 11.04 -16.32 -21.66
C SER H 126 11.66 -15.43 -20.59
N ALA H 127 12.71 -15.93 -19.95
CA ALA H 127 13.32 -15.24 -18.81
C ALA H 127 14.19 -14.12 -19.36
N THR H 128 13.90 -12.89 -18.98
CA THR H 128 14.54 -11.73 -19.59
C THR H 128 14.96 -10.75 -18.50
N PRO H 129 15.99 -9.96 -18.75
CA PRO H 129 16.36 -8.89 -17.81
C PRO H 129 15.42 -7.71 -17.92
N ASP H 130 15.59 -6.76 -17.01
CA ASP H 130 14.85 -5.52 -17.07
C ASP H 130 15.50 -4.64 -18.13
N PHE H 131 14.68 -4.03 -19.00
CA PHE H 131 15.24 -3.32 -20.15
C PHE H 131 16.02 -2.06 -19.75
N GLU H 132 15.51 -1.27 -18.79
CA GLU H 132 16.27 -0.09 -18.37
C GLU H 132 17.62 -0.47 -17.77
N LEU H 133 17.67 -1.56 -16.99
CA LEU H 133 18.97 -2.05 -16.52
C LEU H 133 19.89 -2.43 -17.69
N SER H 134 19.35 -3.13 -18.68
CA SER H 134 20.17 -3.56 -19.81
C SER H 134 20.56 -2.36 -20.66
N LEU H 135 19.64 -1.42 -20.85
CA LEU H 135 20.00 -0.16 -21.48
C LEU H 135 21.15 0.51 -20.74
N ARG H 136 21.04 0.60 -19.42
CA ARG H 136 22.08 1.22 -18.60
C ARG H 136 23.43 0.53 -18.74
N ALA H 137 23.45 -0.81 -18.73
CA ALA H 137 24.70 -1.53 -18.97
C ALA H 137 25.28 -1.21 -20.34
N TYR H 138 24.44 -1.19 -21.37
CA TYR H 138 24.89 -0.80 -22.70
C TYR H 138 25.55 0.58 -22.69
N GLN H 139 24.89 1.58 -22.11
CA GLN H 139 25.48 2.92 -22.18
C GLN H 139 26.75 3.05 -21.34
N THR H 140 26.83 2.35 -20.19
CA THR H 140 28.05 2.43 -19.38
C THR H 140 29.22 1.76 -20.07
N ALA H 141 28.97 0.62 -20.71
CA ALA H 141 30.02 -0.06 -21.47
C ALA H 141 30.53 0.84 -22.58
N LYS H 142 29.62 1.44 -23.34
CA LYS H 142 29.99 2.42 -24.36
C LYS H 142 30.86 3.51 -23.75
N ARG H 143 30.45 4.06 -22.60
CA ARG H 143 31.16 5.15 -21.97
C ARG H 143 32.56 4.74 -21.51
N LEU H 144 32.67 3.59 -20.83
CA LEU H 144 33.95 3.16 -20.32
C LEU H 144 34.86 2.55 -21.39
N GLY H 145 34.34 2.28 -22.57
CA GLY H 145 35.11 1.57 -23.59
C GLY H 145 35.31 0.09 -23.35
N ILE H 146 34.24 -0.63 -22.98
CA ILE H 146 34.27 -2.09 -22.86
C ILE H 146 33.37 -2.67 -23.95
N ASP H 147 33.79 -3.79 -24.51
CA ASP H 147 33.13 -4.36 -25.69
C ASP H 147 32.12 -5.43 -25.28
N LEU H 148 31.07 -4.97 -24.60
CA LEU H 148 29.99 -5.84 -24.15
C LEU H 148 29.37 -6.64 -25.30
N LYS H 149 29.52 -7.96 -25.25
CA LYS H 149 28.83 -8.87 -26.14
C LYS H 149 27.41 -9.04 -25.64
N VAL H 150 26.46 -9.18 -26.56
CA VAL H 150 25.03 -9.15 -26.23
C VAL H 150 24.35 -10.32 -26.92
N GLY H 151 23.52 -11.04 -26.16
CA GLY H 151 22.87 -12.22 -26.67
C GLY H 151 22.28 -13.02 -25.52
N ASN H 152 21.84 -14.23 -25.83
CA ASN H 152 21.32 -15.08 -24.80
C ASN H 152 22.44 -15.83 -24.06
N VAL H 153 22.06 -16.30 -22.89
CA VAL H 153 22.84 -17.20 -22.07
C VAL H 153 21.93 -18.41 -21.86
N PHE H 154 22.54 -19.56 -21.59
CA PHE H 154 21.82 -20.79 -21.23
C PHE H 154 22.15 -21.14 -19.80
N SER H 155 21.12 -21.25 -18.94
CA SER H 155 21.28 -21.44 -17.49
C SER H 155 21.00 -22.90 -17.20
N SER H 156 22.02 -23.65 -16.81
CA SER H 156 21.84 -25.08 -16.70
C SER H 156 21.85 -25.51 -15.24
N ASP H 157 21.22 -26.65 -15.01
CA ASP H 157 21.32 -27.28 -13.70
C ASP H 157 22.61 -28.08 -13.56
N PHE H 158 23.40 -28.20 -14.64
CA PHE H 158 24.61 -29.02 -14.65
C PHE H 158 25.84 -28.17 -14.97
N PHE H 159 26.80 -28.14 -14.05
CA PHE H 159 28.12 -27.69 -14.47
C PHE H 159 28.76 -28.70 -15.41
N TYR H 160 28.79 -29.98 -15.00
CA TYR H 160 29.29 -31.08 -15.82
C TYR H 160 28.13 -31.64 -16.65
N SER H 161 28.04 -31.15 -17.87
CA SER H 161 26.89 -31.34 -18.73
C SER H 161 26.80 -32.76 -19.29
N PHE H 162 25.57 -33.21 -19.50
CA PHE H 162 25.26 -34.44 -20.24
C PHE H 162 24.82 -34.20 -21.67
N GLU H 163 24.70 -32.95 -22.11
CA GLU H 163 24.23 -32.62 -23.44
C GLU H 163 25.24 -31.77 -24.18
N THR H 164 26.53 -32.08 -24.03
CA THR H 164 27.57 -31.30 -24.69
C THR H 164 27.45 -31.36 -26.21
N HIS H 165 26.79 -32.41 -26.72
CA HIS H 165 26.48 -32.47 -28.14
C HIS H 165 25.55 -31.34 -28.58
N ALA H 166 24.88 -30.65 -27.66
CA ALA H 166 23.89 -29.65 -28.02
C ALA H 166 24.43 -28.22 -28.06
N PHE H 167 25.72 -28.01 -27.78
CA PHE H 167 26.24 -26.65 -27.62
C PHE H 167 26.28 -25.91 -28.94
N ASP H 168 26.48 -26.64 -30.03
CA ASP H 168 26.41 -26.05 -31.35
C ASP H 168 25.02 -25.48 -31.62
N LEU H 169 23.98 -26.27 -31.32
CA LEU H 169 22.62 -25.81 -31.53
C LEU H 169 22.30 -24.61 -30.64
N MET H 170 22.87 -24.60 -29.43
CA MET H 170 22.75 -23.48 -28.52
C MET H 170 23.41 -22.24 -29.09
N ALA H 171 24.62 -22.38 -29.65
CA ALA H 171 25.29 -21.21 -30.20
C ALA H 171 24.61 -20.72 -31.47
N LYS H 172 24.10 -21.67 -32.27
CA LYS H 172 23.26 -21.34 -33.41
C LYS H 172 22.11 -20.43 -33.02
N TYR H 173 21.51 -20.65 -31.84
CA TYR H 173 20.35 -19.87 -31.41
C TYR H 173 20.71 -18.64 -30.57
N ASN H 174 21.86 -18.02 -30.84
CA ASN H 174 22.32 -16.83 -30.12
C ASN H 174 22.59 -17.04 -28.62
N HIS H 175 22.97 -18.24 -28.21
CA HIS H 175 23.49 -18.43 -26.87
C HIS H 175 25.01 -18.33 -26.91
N LEU H 176 25.52 -17.25 -26.32
CA LEU H 176 26.95 -16.99 -26.29
C LEU H 176 27.69 -17.82 -25.23
N ALA H 177 27.00 -18.29 -24.19
CA ALA H 177 27.73 -18.92 -23.10
C ALA H 177 26.74 -19.71 -22.24
N ILE H 178 27.30 -20.57 -21.38
CA ILE H 178 26.53 -21.39 -20.43
C ILE H 178 26.92 -21.00 -19.01
N GLU H 179 25.92 -20.81 -18.15
CA GLU H 179 26.12 -20.61 -16.69
C GLU H 179 24.90 -21.21 -15.98
N MET H 180 24.67 -20.86 -14.70
CA MET H 180 23.73 -21.67 -13.92
C MET H 180 22.74 -20.91 -13.04
N GLU H 181 22.67 -19.59 -13.11
CA GLU H 181 21.75 -18.82 -12.28
C GLU H 181 20.88 -17.82 -13.03
N ALA H 182 21.26 -17.40 -14.24
CA ALA H 182 20.59 -16.25 -14.84
C ALA H 182 19.09 -16.47 -14.99
N ALA H 183 18.65 -17.67 -15.41
CA ALA H 183 17.21 -17.85 -15.57
C ALA H 183 16.47 -17.76 -14.23
N GLY H 184 17.09 -18.22 -13.14
CA GLY H 184 16.45 -18.12 -11.84
C GLY H 184 16.41 -16.69 -11.32
N LEU H 185 17.53 -15.98 -11.39
CA LEU H 185 17.53 -14.56 -11.09
C LEU H 185 16.43 -13.83 -11.88
N TYR H 186 16.32 -14.11 -13.19
CA TYR H 186 15.39 -13.35 -14.02
C TYR H 186 13.93 -13.65 -13.67
N ALA H 187 13.58 -14.93 -13.58
CA ALA H 187 12.20 -15.30 -13.27
C ALA H 187 11.80 -14.79 -11.89
N THR H 188 12.73 -14.81 -10.93
CA THR H 188 12.40 -14.37 -9.58
C THR H 188 12.14 -12.87 -9.55
N ALA H 189 12.93 -12.10 -10.29
CA ALA H 189 12.68 -10.67 -10.30
C ALA H 189 11.42 -10.33 -11.08
N MET H 190 11.03 -11.19 -12.04
CA MET H 190 9.75 -11.01 -12.72
C MET H 190 8.57 -11.35 -11.82
N GLU H 191 8.70 -12.40 -11.01
CA GLU H 191 7.64 -12.74 -10.06
C GLU H 191 7.38 -11.57 -9.12
N LEU H 192 8.45 -11.03 -8.52
CA LEU H 192 8.42 -10.04 -7.45
C LEU H 192 8.56 -8.61 -7.95
N ASN H 193 8.45 -8.37 -9.27
CA ASN H 193 8.38 -7.03 -9.83
C ASN H 193 9.62 -6.17 -9.47
N ALA H 194 10.80 -6.77 -9.62
CA ALA H 194 12.05 -6.04 -9.39
C ALA H 194 12.86 -6.03 -10.67
N LYS H 195 13.92 -5.22 -10.67
CA LYS H 195 14.77 -5.05 -11.85
C LYS H 195 16.04 -5.89 -11.72
N ALA H 196 16.33 -6.69 -12.75
CA ALA H 196 17.47 -7.60 -12.73
C ALA H 196 18.20 -7.54 -14.09
N LEU H 197 19.47 -7.95 -14.03
CA LEU H 197 20.34 -8.03 -15.20
C LEU H 197 21.47 -8.99 -14.85
N CYS H 198 21.98 -9.69 -15.88
CA CYS H 198 23.09 -10.61 -15.69
C CYS H 198 24.21 -10.27 -16.67
N LEU H 199 25.38 -9.92 -16.12
CA LEU H 199 26.62 -9.88 -16.87
C LEU H 199 27.40 -11.13 -16.48
N CYS H 200 28.24 -11.60 -17.40
CA CYS H 200 29.08 -12.75 -17.15
C CYS H 200 30.40 -12.56 -17.87
N SER H 201 31.48 -12.93 -17.19
CA SER H 201 32.83 -13.00 -17.75
C SER H 201 33.14 -14.45 -18.12
N VAL H 202 33.69 -14.65 -19.31
CA VAL H 202 34.01 -16.00 -19.77
C VAL H 202 35.21 -16.52 -18.97
N SER H 203 34.96 -17.53 -18.13
CA SER H 203 35.97 -18.18 -17.33
C SER H 203 36.37 -19.55 -17.86
N ASP H 204 35.67 -20.06 -18.87
CA ASP H 204 35.94 -21.36 -19.46
C ASP H 204 35.54 -21.26 -20.91
N HIS H 205 36.20 -22.04 -21.77
CA HIS H 205 35.72 -22.20 -23.15
C HIS H 205 35.48 -23.68 -23.41
N LEU H 206 34.23 -24.04 -23.69
CA LEU H 206 33.84 -25.46 -23.70
C LEU H 206 34.38 -26.21 -24.91
N ILE H 207 34.53 -25.53 -26.04
CA ILE H 207 35.11 -26.19 -27.22
C ILE H 207 36.62 -26.02 -27.22
N THR H 208 37.08 -24.76 -27.25
CA THR H 208 38.50 -24.44 -27.39
C THR H 208 39.27 -24.49 -26.07
N LYS H 209 38.93 -25.47 -25.23
CA LYS H 209 39.63 -25.89 -24.01
C LYS H 209 39.81 -24.88 -22.88
N GLU H 210 40.07 -23.60 -23.18
CA GLU H 210 40.54 -22.61 -22.21
C GLU H 210 39.75 -22.66 -20.90
N ALA H 211 40.45 -22.50 -19.77
CA ALA H 211 39.82 -22.51 -18.44
C ALA H 211 40.70 -21.78 -17.44
N LEU H 212 40.07 -21.10 -16.47
CA LEU H 212 40.76 -20.25 -15.50
C LEU H 212 40.81 -20.91 -14.13
N SER H 213 41.78 -20.48 -13.32
CA SER H 213 41.99 -21.03 -11.98
C SER H 213 40.94 -20.48 -10.99
N PRO H 214 40.73 -21.19 -9.87
CA PRO H 214 39.92 -20.61 -8.79
C PRO H 214 40.31 -19.20 -8.39
N LYS H 215 41.60 -18.95 -8.10
CA LYS H 215 42.03 -17.61 -7.72
C LYS H 215 41.80 -16.60 -8.84
N GLU H 216 42.02 -17.02 -10.09
CA GLU H 216 41.82 -16.13 -11.24
C GLU H 216 40.36 -15.85 -11.50
N ARG H 217 39.45 -16.70 -11.03
CA ARG H 217 38.02 -16.45 -11.17
C ARG H 217 37.51 -15.37 -10.23
N VAL H 218 38.25 -15.06 -9.17
CA VAL H 218 37.85 -13.96 -8.29
C VAL H 218 38.59 -12.66 -8.60
N GLU H 219 39.69 -12.70 -9.35
CA GLU H 219 40.57 -11.55 -9.53
C GLU H 219 40.81 -11.11 -10.97
N SER H 220 40.34 -11.85 -11.99
CA SER H 220 40.62 -11.50 -13.38
C SER H 220 39.58 -10.59 -14.03
N PHE H 221 38.57 -10.13 -13.29
CA PHE H 221 37.37 -9.58 -13.93
C PHE H 221 37.09 -8.12 -13.51
N ASP H 222 38.13 -7.35 -13.22
CA ASP H 222 37.92 -5.99 -12.75
C ASP H 222 37.11 -5.15 -13.73
N ASN H 223 37.30 -5.39 -15.03
CA ASN H 223 36.53 -4.66 -16.03
C ASN H 223 35.04 -4.90 -15.87
N MET H 224 34.66 -6.14 -15.50
CA MET H 224 33.25 -6.43 -15.27
C MET H 224 32.78 -5.78 -13.97
N ILE H 225 33.61 -5.85 -12.92
CA ILE H 225 33.30 -5.21 -11.65
C ILE H 225 33.13 -3.72 -11.84
N ILE H 226 34.07 -3.09 -12.57
CA ILE H 226 33.99 -1.64 -12.70
C ILE H 226 32.75 -1.23 -13.49
N LEU H 227 32.45 -1.95 -14.58
CA LEU H 227 31.26 -1.64 -15.37
C LEU H 227 29.99 -1.76 -14.54
N ALA H 228 29.90 -2.78 -13.69
CA ALA H 228 28.72 -2.92 -12.84
C ALA H 228 28.63 -1.77 -11.84
N LEU H 229 29.75 -1.45 -11.18
CA LEU H 229 29.74 -0.36 -10.20
C LEU H 229 29.40 0.96 -10.85
N GLU H 230 29.94 1.20 -12.04
CA GLU H 230 29.66 2.45 -12.71
C GLU H 230 28.21 2.55 -13.14
N MET H 231 27.60 1.43 -13.56
CA MET H 231 26.22 1.53 -14.02
C MET H 231 25.22 1.77 -12.88
N MET H 232 25.64 1.55 -11.64
CA MET H 232 24.85 1.80 -10.44
C MET H 232 25.04 3.22 -9.85
N SER H 233 25.63 4.14 -10.61
CA SER H 233 25.87 5.50 -10.12
C SER H 233 24.75 6.44 -10.51
N MET I 1 -16.89 -58.82 -2.69
CA MET I 1 -17.66 -58.06 -3.66
C MET I 1 -16.88 -56.82 -4.13
N THR I 2 -15.98 -57.03 -5.08
CA THR I 2 -15.28 -56.00 -5.85
C THR I 2 -15.20 -56.50 -7.28
N PRO I 3 -14.93 -55.61 -8.26
CA PRO I 3 -14.94 -56.03 -9.66
C PRO I 3 -13.87 -57.04 -10.03
N HIS I 4 -12.98 -57.37 -9.09
CA HIS I 4 -11.79 -58.14 -9.43
C HIS I 4 -11.41 -59.21 -8.43
N ILE I 5 -12.00 -59.21 -7.23
CA ILE I 5 -11.75 -60.22 -6.21
C ILE I 5 -13.10 -60.55 -5.57
N ASN I 6 -13.42 -61.85 -5.48
CA ASN I 6 -14.72 -62.27 -4.97
C ASN I 6 -14.64 -62.91 -3.59
N ALA I 7 -13.58 -62.61 -2.83
CA ALA I 7 -13.44 -63.22 -1.52
C ALA I 7 -14.36 -62.55 -0.51
N LYS I 8 -14.76 -63.33 0.49
CA LYS I 8 -15.62 -62.82 1.55
C LYS I 8 -14.83 -61.94 2.50
N ILE I 9 -15.53 -61.13 3.27
CA ILE I 9 -14.87 -60.18 4.17
C ILE I 9 -14.12 -60.96 5.25
N GLY I 10 -12.80 -60.71 5.35
CA GLY I 10 -11.95 -61.38 6.32
C GLY I 10 -11.16 -62.57 5.81
N ASP I 11 -11.48 -63.09 4.61
CA ASP I 11 -10.84 -64.31 4.13
C ASP I 11 -9.35 -64.12 3.85
N PHE I 12 -8.97 -62.92 3.40
CA PHE I 12 -7.57 -62.62 3.15
C PHE I 12 -6.88 -62.35 4.48
N TYR I 13 -5.75 -63.02 4.69
CA TYR I 13 -4.93 -62.70 5.83
C TYR I 13 -4.30 -61.33 5.59
N PRO I 14 -3.66 -60.71 6.63
CA PRO I 14 -3.01 -59.41 6.43
C PRO I 14 -1.83 -59.47 5.45
N GLN I 15 -0.85 -60.32 5.74
CA GLN I 15 0.24 -60.51 4.80
C GLN I 15 -0.23 -61.33 3.62
N CYS I 16 0.33 -61.04 2.46
CA CYS I 16 -0.05 -61.67 1.21
C CYS I 16 1.14 -61.63 0.27
N LEU I 17 1.36 -62.72 -0.47
CA LEU I 17 2.39 -62.79 -1.50
C LEU I 17 1.76 -62.53 -2.85
N LEU I 18 2.55 -61.99 -3.78
CA LEU I 18 2.00 -61.54 -5.05
C LEU I 18 2.88 -61.99 -6.20
N CYS I 19 2.27 -62.07 -7.37
CA CYS I 19 3.04 -62.46 -8.55
C CYS I 19 2.17 -62.22 -9.77
N GLY I 20 2.82 -62.08 -10.91
CA GLY I 20 2.08 -61.77 -12.13
C GLY I 20 1.49 -62.96 -12.88
N ASP I 21 1.50 -64.14 -12.26
CA ASP I 21 1.01 -65.35 -12.88
C ASP I 21 0.23 -66.12 -11.83
N PRO I 22 -1.10 -66.22 -11.98
CA PRO I 22 -1.90 -66.93 -10.97
C PRO I 22 -1.55 -68.42 -10.90
N LEU I 23 -1.08 -69.00 -12.02
CA LEU I 23 -0.61 -70.38 -12.00
C LEU I 23 0.54 -70.54 -11.03
N ARG I 24 1.56 -69.67 -11.12
CA ARG I 24 2.63 -69.66 -10.12
C ARG I 24 2.06 -69.65 -8.71
N VAL I 25 1.09 -68.75 -8.45
CA VAL I 25 0.50 -68.66 -7.11
C VAL I 25 -0.18 -69.96 -6.69
N SER I 26 -0.89 -70.62 -7.63
CA SER I 26 -1.46 -71.93 -7.31
C SER I 26 -0.37 -72.96 -7.02
N TYR I 27 0.68 -72.99 -7.85
CA TYR I 27 1.85 -73.83 -7.57
C TYR I 27 2.35 -73.60 -6.14
N ILE I 28 2.50 -72.34 -5.76
CA ILE I 28 2.86 -72.04 -4.38
C ILE I 28 1.82 -72.59 -3.43
N ALA I 29 0.53 -72.48 -3.81
CA ALA I 29 -0.55 -72.90 -2.93
C ALA I 29 -0.55 -74.41 -2.74
N LYS I 30 -0.16 -75.17 -3.77
CA LYS I 30 -0.06 -76.61 -3.65
C LYS I 30 1.18 -77.02 -2.84
N LYS I 31 2.35 -76.48 -3.20
CA LYS I 31 3.62 -77.04 -2.76
C LYS I 31 4.05 -76.62 -1.35
N PHE I 32 3.61 -75.48 -0.85
CA PHE I 32 4.16 -74.95 0.40
C PHE I 32 3.14 -74.65 1.48
N LEU I 33 1.85 -74.69 1.19
CA LEU I 33 0.83 -74.28 2.14
C LEU I 33 -0.09 -75.44 2.46
N GLN I 34 -0.40 -75.59 3.75
CA GLN I 34 -1.34 -76.57 4.23
C GLN I 34 -2.62 -75.86 4.63
N ASP I 35 -3.74 -76.57 4.51
CA ASP I 35 -5.08 -75.99 4.71
C ASP I 35 -5.41 -74.92 3.65
N ALA I 36 -4.84 -75.07 2.45
CA ALA I 36 -4.82 -74.01 1.44
C ALA I 36 -5.96 -74.18 0.45
N LYS I 37 -6.89 -73.23 0.44
CA LYS I 37 -8.02 -73.25 -0.46
C LYS I 37 -8.11 -71.92 -1.21
N GLU I 38 -8.70 -71.99 -2.41
CA GLU I 38 -8.89 -70.82 -3.26
C GLU I 38 -9.89 -69.85 -2.64
N ILE I 39 -9.47 -68.60 -2.42
CA ILE I 39 -10.38 -67.55 -1.95
C ILE I 39 -10.92 -66.67 -3.07
N THR I 40 -10.35 -66.74 -4.27
CA THR I 40 -10.66 -65.80 -5.34
C THR I 40 -10.31 -66.44 -6.68
N ASN I 41 -11.16 -66.18 -7.70
CA ASN I 41 -10.86 -66.69 -9.04
C ASN I 41 -11.35 -65.76 -10.14
N VAL I 42 -11.83 -64.56 -9.79
CA VAL I 42 -12.32 -63.59 -10.76
C VAL I 42 -11.33 -63.42 -11.90
N ARG I 43 -11.83 -63.42 -13.12
CA ARG I 43 -11.02 -63.22 -14.33
C ARG I 43 -9.91 -64.24 -14.45
N ASN I 44 -9.98 -65.36 -13.70
CA ASN I 44 -8.93 -66.38 -13.65
C ASN I 44 -7.66 -65.92 -12.91
N MET I 45 -7.75 -64.86 -12.11
CA MET I 45 -6.63 -64.40 -11.28
C MET I 45 -6.85 -64.97 -9.88
N LEU I 46 -6.19 -66.09 -9.58
CA LEU I 46 -6.51 -66.87 -8.39
C LEU I 46 -5.89 -66.26 -7.14
N GLY I 47 -6.61 -66.39 -6.04
CA GLY I 47 -6.05 -66.08 -4.74
C GLY I 47 -6.38 -67.20 -3.78
N PHE I 48 -5.51 -67.40 -2.80
CA PHE I 48 -5.67 -68.47 -1.83
C PHE I 48 -5.38 -67.97 -0.44
N SER I 49 -5.96 -68.64 0.54
CA SER I 49 -5.61 -68.44 1.93
C SER I 49 -5.11 -69.78 2.47
N GLY I 50 -3.97 -69.74 3.15
CA GLY I 50 -3.34 -70.97 3.59
C GLY I 50 -2.54 -70.75 4.84
N LYS I 51 -1.88 -71.82 5.27
CA LYS I 51 -1.01 -71.77 6.43
C LYS I 51 0.41 -72.19 6.03
N TYR I 52 1.40 -71.40 6.43
CA TYR I 52 2.80 -71.74 6.28
C TYR I 52 3.37 -71.90 7.69
N LYS I 53 3.96 -73.07 7.96
CA LYS I 53 4.44 -73.41 9.29
C LYS I 53 3.40 -73.12 10.38
N GLY I 54 2.12 -73.31 10.02
CA GLY I 54 1.05 -73.06 10.97
C GLY I 54 0.89 -71.59 11.24
N ARG I 55 0.93 -70.78 10.18
CA ARG I 55 0.69 -69.36 10.32
C ARG I 55 -0.17 -68.88 9.15
N GLY I 56 -1.11 -68.00 9.45
CA GLY I 56 -1.94 -67.41 8.42
C GLY I 56 -1.11 -66.73 7.35
N ILE I 57 -1.33 -67.12 6.11
CA ILE I 57 -0.73 -66.46 4.95
C ILE I 57 -1.77 -66.46 3.84
N SER I 58 -1.74 -65.41 3.02
CA SER I 58 -2.58 -65.32 1.84
C SER I 58 -1.69 -65.16 0.61
N LEU I 59 -2.27 -65.48 -0.54
CA LEU I 59 -1.57 -65.40 -1.81
C LEU I 59 -2.54 -64.83 -2.83
N MET I 60 -2.00 -64.28 -3.91
CA MET I 60 -2.83 -63.55 -4.89
C MET I 60 -2.03 -63.22 -6.14
N GLY I 61 -2.60 -63.48 -7.33
CA GLY I 61 -1.99 -63.05 -8.56
C GLY I 61 -2.34 -61.60 -8.87
N HIS I 62 -1.56 -60.97 -9.76
CA HIS I 62 -1.80 -59.57 -10.07
C HIS I 62 -1.76 -59.16 -11.54
N GLY I 63 -1.46 -60.06 -12.47
CA GLY I 63 -1.39 -59.69 -13.88
C GLY I 63 -0.10 -58.96 -14.27
N MET I 64 -0.04 -58.61 -15.56
CA MET I 64 1.13 -57.95 -16.14
C MET I 64 0.87 -56.44 -16.29
N GLY I 65 1.78 -55.63 -15.79
CA GLY I 65 1.71 -54.21 -16.09
C GLY I 65 1.31 -53.39 -14.86
N ILE I 66 1.76 -52.13 -14.85
CA ILE I 66 1.45 -51.23 -13.75
C ILE I 66 -0.05 -51.11 -13.55
N ALA I 67 -0.80 -50.98 -14.65
CA ALA I 67 -2.24 -50.76 -14.53
C ALA I 67 -2.93 -51.96 -13.89
N SER I 68 -2.67 -53.16 -14.42
CA SER I 68 -3.21 -54.38 -13.80
C SER I 68 -2.74 -54.54 -12.35
N CYS I 69 -1.44 -54.42 -12.09
CA CYS I 69 -0.97 -54.56 -10.72
C CYS I 69 -1.74 -53.65 -9.77
N THR I 70 -1.88 -52.36 -10.14
CA THR I 70 -2.47 -51.38 -9.23
C THR I 70 -3.91 -51.71 -8.89
N ILE I 71 -4.67 -52.25 -9.84
CA ILE I 71 -6.07 -52.59 -9.60
C ILE I 71 -6.19 -53.55 -8.43
N TYR I 72 -5.52 -54.71 -8.51
CA TYR I 72 -5.65 -55.70 -7.46
C TYR I 72 -5.09 -55.21 -6.13
N VAL I 73 -3.93 -54.54 -6.15
CA VAL I 73 -3.28 -54.09 -4.92
C VAL I 73 -4.11 -53.02 -4.22
N THR I 74 -4.75 -52.16 -5.00
CA THR I 74 -5.71 -51.20 -4.44
C THR I 74 -6.87 -51.93 -3.76
N GLU I 75 -7.47 -52.90 -4.47
CA GLU I 75 -8.59 -53.65 -3.90
C GLU I 75 -8.15 -54.49 -2.70
N LEU I 76 -6.91 -54.99 -2.71
CA LEU I 76 -6.41 -55.77 -1.57
C LEU I 76 -6.33 -54.90 -0.33
N ILE I 77 -5.96 -53.62 -0.48
CA ILE I 77 -5.66 -52.77 0.67
C ILE I 77 -6.93 -52.18 1.26
N LYS I 78 -7.78 -51.59 0.42
CA LYS I 78 -8.98 -50.93 0.93
C LYS I 78 -10.07 -51.93 1.31
N THR I 79 -10.42 -52.83 0.38
CA THR I 79 -11.47 -53.80 0.63
C THR I 79 -11.03 -54.86 1.62
N TYR I 80 -9.94 -55.57 1.31
CA TYR I 80 -9.57 -56.80 2.00
C TYR I 80 -8.52 -56.62 3.07
N GLN I 81 -8.22 -55.39 3.47
CA GLN I 81 -7.43 -55.09 4.67
C GLN I 81 -6.00 -55.65 4.62
N VAL I 82 -5.46 -55.91 3.42
CA VAL I 82 -4.09 -56.41 3.32
C VAL I 82 -3.12 -55.33 3.76
N LYS I 83 -2.17 -55.70 4.64
CA LYS I 83 -1.26 -54.76 5.27
C LYS I 83 0.20 -54.91 4.87
N GLU I 84 0.61 -56.07 4.36
CA GLU I 84 1.95 -56.25 3.83
C GLU I 84 1.85 -57.00 2.53
N LEU I 85 2.48 -56.49 1.49
CA LEU I 85 2.41 -57.08 0.16
C LEU I 85 3.83 -57.36 -0.30
N LEU I 86 4.13 -58.63 -0.50
CA LEU I 86 5.44 -59.04 -0.99
C LEU I 86 5.26 -59.60 -2.40
N ARG I 87 5.72 -58.85 -3.39
CA ARG I 87 5.73 -59.33 -4.76
C ARG I 87 6.99 -60.14 -5.01
N ILE I 88 6.82 -61.30 -5.61
CA ILE I 88 7.93 -62.06 -6.16
C ILE I 88 7.63 -62.25 -7.64
N GLY I 89 8.68 -62.43 -8.42
CA GLY I 89 8.49 -62.44 -9.85
C GLY I 89 9.82 -62.61 -10.56
N THR I 90 9.76 -62.44 -11.87
CA THR I 90 10.91 -62.62 -12.73
C THR I 90 11.22 -61.31 -13.44
N CYS I 91 12.47 -61.19 -13.88
CA CYS I 91 12.94 -59.93 -14.42
C CYS I 91 14.10 -60.22 -15.34
N GLY I 92 14.20 -59.43 -16.40
CA GLY I 92 15.36 -59.45 -17.27
C GLY I 92 16.51 -58.62 -16.71
N ALA I 93 17.56 -59.30 -16.26
CA ALA I 93 18.73 -58.63 -15.72
C ALA I 93 19.40 -57.78 -16.80
N ILE I 94 19.98 -56.65 -16.38
CA ILE I 94 20.53 -55.67 -17.32
C ILE I 94 21.93 -55.26 -16.88
N SER I 95 22.25 -55.54 -15.69
CA SER I 95 23.53 -55.18 -15.11
C SER I 95 24.55 -56.29 -15.30
N PRO I 96 25.84 -55.96 -15.36
CA PRO I 96 26.86 -57.00 -15.18
C PRO I 96 26.98 -57.43 -13.74
N LYS I 97 26.47 -56.61 -12.83
CA LYS I 97 26.55 -56.88 -11.40
C LYS I 97 25.72 -58.09 -10.95
N VAL I 98 24.76 -58.53 -11.77
CA VAL I 98 23.89 -59.66 -11.46
C VAL I 98 23.94 -60.68 -12.59
N GLY I 99 23.61 -61.92 -12.25
CA GLY I 99 23.57 -62.99 -13.21
C GLY I 99 22.37 -63.89 -12.94
N LEU I 100 22.17 -64.85 -13.85
CA LEU I 100 20.99 -65.71 -13.80
C LEU I 100 20.90 -66.40 -12.46
N LYS I 101 19.67 -66.62 -12.00
CA LYS I 101 19.29 -67.26 -10.74
C LYS I 101 19.42 -66.33 -9.52
N ASP I 102 20.03 -65.15 -9.64
CA ASP I 102 20.15 -64.28 -8.48
C ASP I 102 18.80 -63.73 -8.06
N ILE I 103 18.68 -63.41 -6.77
CA ILE I 103 17.48 -62.75 -6.25
C ILE I 103 17.81 -61.28 -6.01
N ILE I 104 17.05 -60.40 -6.68
CA ILE I 104 17.24 -58.96 -6.60
C ILE I 104 16.18 -58.39 -5.68
N MET I 105 16.60 -57.57 -4.72
CA MET I 105 15.68 -56.77 -3.91
C MET I 105 15.63 -55.33 -4.45
N ALA I 106 14.42 -54.89 -4.83
CA ALA I 106 14.19 -53.59 -5.45
C ALA I 106 14.03 -52.51 -4.38
N THR I 107 15.12 -51.77 -4.12
CA THR I 107 15.07 -50.64 -3.20
C THR I 107 14.45 -49.40 -3.82
N GLY I 108 14.36 -49.37 -5.15
CA GLY I 108 13.61 -48.34 -5.86
C GLY I 108 13.20 -48.88 -7.21
N ALA I 109 12.04 -48.42 -7.70
CA ALA I 109 11.53 -48.80 -9.01
C ALA I 109 11.36 -47.55 -9.87
N SER I 110 12.29 -47.33 -10.78
CA SER I 110 12.14 -46.34 -11.81
C SER I 110 11.15 -46.84 -12.85
N THR I 111 10.74 -45.94 -13.75
CA THR I 111 9.68 -46.33 -14.67
C THR I 111 9.60 -45.40 -15.87
N ASP I 112 9.11 -45.96 -16.97
CA ASP I 112 8.75 -45.17 -18.14
C ASP I 112 7.27 -44.84 -18.19
N SER I 113 6.50 -45.22 -17.18
CA SER I 113 5.07 -44.97 -17.09
C SER I 113 4.79 -43.50 -16.76
N LYS I 114 3.54 -43.08 -17.07
CA LYS I 114 3.01 -41.75 -16.70
C LYS I 114 2.11 -41.77 -15.47
N THR I 115 1.87 -42.95 -14.90
CA THR I 115 0.96 -43.09 -13.77
C THR I 115 1.47 -42.32 -12.56
N ASN I 116 2.78 -42.29 -12.35
CA ASN I 116 3.30 -41.65 -11.15
C ASN I 116 3.29 -40.14 -11.24
N ARG I 117 3.54 -39.58 -12.44
CA ARG I 117 3.32 -38.15 -12.63
C ARG I 117 1.85 -37.78 -12.42
N VAL I 118 0.94 -38.66 -12.85
CA VAL I 118 -0.48 -38.38 -12.64
C VAL I 118 -0.81 -38.39 -11.16
N ARG I 119 -0.27 -39.35 -10.43
CA ARG I 119 -0.50 -39.39 -8.99
C ARG I 119 0.11 -38.19 -8.30
N PHE I 120 1.33 -37.82 -8.69
CA PHE I 120 2.20 -36.99 -7.87
C PHE I 120 2.52 -35.64 -8.51
N LEU I 121 1.48 -34.88 -8.89
CA LEU I 121 1.59 -33.47 -9.26
C LEU I 121 2.52 -33.23 -10.44
N ASN I 122 2.59 -34.19 -11.37
CA ASN I 122 3.51 -34.13 -12.51
C ASN I 122 4.98 -34.06 -12.10
N HIS I 123 5.32 -34.41 -10.89
CA HIS I 123 6.71 -34.37 -10.46
C HIS I 123 7.28 -35.79 -10.56
N ASP I 124 8.51 -35.96 -10.06
CA ASP I 124 9.18 -37.26 -10.05
C ASP I 124 8.91 -37.91 -8.70
N LEU I 125 8.01 -38.88 -8.67
CA LEU I 125 7.79 -39.69 -7.49
C LEU I 125 8.87 -40.78 -7.42
N SER I 126 9.53 -40.90 -6.27
CA SER I 126 10.56 -41.93 -6.12
C SER I 126 9.86 -43.13 -5.47
N ALA I 127 9.50 -44.13 -6.30
CA ALA I 127 8.72 -45.25 -5.80
C ALA I 127 9.66 -46.19 -5.05
N THR I 128 9.48 -46.28 -3.74
CA THR I 128 10.32 -47.09 -2.87
C THR I 128 9.46 -48.10 -2.12
N PRO I 129 10.06 -49.19 -1.63
CA PRO I 129 9.34 -50.14 -0.78
C PRO I 129 9.32 -49.65 0.66
N ASP I 130 8.50 -50.32 1.46
CA ASP I 130 8.60 -50.18 2.91
C ASP I 130 9.97 -50.66 3.38
N PHE I 131 10.72 -49.77 4.06
CA PHE I 131 12.06 -50.15 4.49
C PHE I 131 12.03 -51.26 5.53
N GLU I 132 10.98 -51.32 6.35
CA GLU I 132 10.84 -52.40 7.32
C GLU I 132 10.77 -53.76 6.64
N LEU I 133 10.08 -53.85 5.50
CA LEU I 133 9.99 -55.12 4.80
C LEU I 133 11.29 -55.48 4.10
N SER I 134 12.05 -54.48 3.65
CA SER I 134 13.33 -54.75 3.02
C SER I 134 14.34 -55.26 4.04
N LEU I 135 14.29 -54.72 5.25
CA LEU I 135 15.19 -55.16 6.30
C LEU I 135 14.88 -56.59 6.74
N ARG I 136 13.60 -56.90 6.88
CA ARG I 136 13.16 -58.28 7.08
C ARG I 136 13.68 -59.19 5.98
N ALA I 137 13.64 -58.72 4.73
CA ALA I 137 14.10 -59.56 3.62
C ALA I 137 15.60 -59.81 3.69
N TYR I 138 16.36 -58.79 4.09
CA TYR I 138 17.81 -58.92 4.21
C TYR I 138 18.18 -59.90 5.31
N GLN I 139 17.69 -59.67 6.52
CA GLN I 139 17.97 -60.56 7.63
C GLN I 139 17.50 -61.98 7.33
N THR I 140 16.37 -62.13 6.62
CA THR I 140 15.84 -63.45 6.32
C THR I 140 16.67 -64.16 5.25
N ALA I 141 17.01 -63.45 4.17
CA ALA I 141 17.83 -64.07 3.13
C ALA I 141 19.18 -64.55 3.66
N LYS I 142 19.79 -63.76 4.54
CA LYS I 142 21.07 -64.20 5.10
C LYS I 142 20.88 -65.36 6.07
N ARG I 143 19.72 -65.42 6.73
CA ARG I 143 19.35 -66.59 7.54
C ARG I 143 19.29 -67.85 6.68
N LEU I 144 18.84 -67.71 5.44
CA LEU I 144 18.68 -68.83 4.52
C LEU I 144 19.83 -68.94 3.52
N GLY I 145 20.92 -68.20 3.75
CA GLY I 145 22.09 -68.29 2.88
C GLY I 145 21.90 -67.79 1.48
N ILE I 146 21.04 -66.79 1.27
CA ILE I 146 20.74 -66.29 -0.07
C ILE I 146 21.62 -65.07 -0.32
N ASP I 147 22.24 -65.03 -1.51
CA ASP I 147 23.03 -63.86 -1.91
C ASP I 147 22.10 -62.83 -2.54
N LEU I 148 21.58 -61.93 -1.69
CA LEU I 148 20.58 -60.95 -2.11
C LEU I 148 21.27 -59.82 -2.88
N LYS I 149 20.96 -59.71 -4.17
CA LYS I 149 21.40 -58.56 -4.96
C LYS I 149 20.43 -57.41 -4.73
N VAL I 150 20.99 -56.21 -4.50
CA VAL I 150 20.23 -55.07 -4.01
C VAL I 150 20.50 -53.88 -4.92
N GLY I 151 19.44 -53.18 -5.31
CA GLY I 151 19.55 -52.02 -6.17
C GLY I 151 18.18 -51.55 -6.62
N ASN I 152 18.14 -50.92 -7.78
CA ASN I 152 16.89 -50.51 -8.42
C ASN I 152 16.54 -51.49 -9.54
N VAL I 153 15.25 -51.56 -9.83
CA VAL I 153 14.75 -52.05 -11.12
C VAL I 153 14.15 -50.89 -11.89
N PHE I 154 13.89 -51.15 -13.17
CA PHE I 154 13.12 -50.26 -14.05
C PHE I 154 11.84 -51.02 -14.38
N SER I 155 10.73 -50.62 -13.76
CA SER I 155 9.39 -51.04 -14.19
C SER I 155 9.03 -50.38 -15.52
N SER I 156 8.92 -51.18 -16.58
CA SER I 156 8.55 -50.62 -17.88
C SER I 156 7.10 -50.93 -18.23
N ASP I 157 6.54 -50.07 -19.10
CA ASP I 157 5.25 -50.33 -19.75
C ASP I 157 5.40 -51.24 -20.96
N PHE I 158 6.63 -51.60 -21.32
CA PHE I 158 6.91 -52.31 -22.56
C PHE I 158 7.69 -53.59 -22.26
N PHE I 159 7.18 -54.73 -22.73
CA PHE I 159 8.00 -55.95 -22.74
C PHE I 159 9.02 -55.88 -23.85
N TYR I 160 8.52 -55.71 -25.08
CA TYR I 160 9.35 -55.55 -26.27
C TYR I 160 9.68 -54.07 -26.36
N SER I 161 10.77 -53.69 -25.68
CA SER I 161 11.12 -52.29 -25.51
C SER I 161 11.56 -51.67 -26.82
N PHE I 162 11.21 -50.39 -27.00
CA PHE I 162 11.70 -49.61 -28.13
C PHE I 162 12.96 -48.84 -27.80
N GLU I 163 13.48 -49.00 -26.60
CA GLU I 163 14.61 -48.22 -26.08
C GLU I 163 15.69 -49.14 -25.57
N THR I 164 15.91 -50.26 -26.26
CA THR I 164 16.94 -51.20 -25.87
C THR I 164 18.34 -50.60 -25.90
N HIS I 165 18.57 -49.55 -26.70
CA HIS I 165 19.86 -48.85 -26.72
C HIS I 165 20.17 -48.13 -25.42
N ALA I 166 19.19 -48.01 -24.53
CA ALA I 166 19.31 -47.27 -23.28
C ALA I 166 19.56 -48.18 -22.10
N PHE I 167 19.47 -49.51 -22.32
CA PHE I 167 19.73 -50.48 -21.26
C PHE I 167 21.06 -50.23 -20.56
N ASP I 168 22.12 -49.93 -21.31
CA ASP I 168 23.40 -49.62 -20.67
C ASP I 168 23.25 -48.46 -19.69
N LEU I 169 22.56 -47.39 -20.11
CA LEU I 169 22.33 -46.25 -19.22
C LEU I 169 21.63 -46.69 -17.94
N MET I 170 20.52 -47.44 -18.08
CA MET I 170 19.81 -47.89 -16.89
C MET I 170 20.73 -48.66 -15.97
N ALA I 171 21.57 -49.53 -16.53
CA ALA I 171 22.51 -50.31 -15.74
C ALA I 171 23.49 -49.41 -15.02
N LYS I 172 24.01 -48.40 -15.72
CA LYS I 172 24.91 -47.44 -15.10
C LYS I 172 24.31 -46.87 -13.81
N TYR I 173 23.00 -46.57 -13.82
CA TYR I 173 22.36 -45.90 -12.70
C TYR I 173 21.81 -46.87 -11.66
N ASN I 174 22.43 -48.06 -11.55
CA ASN I 174 22.08 -49.06 -10.53
C ASN I 174 20.69 -49.67 -10.74
N HIS I 175 20.25 -49.79 -11.99
CA HIS I 175 19.06 -50.59 -12.31
C HIS I 175 19.54 -51.99 -12.68
N LEU I 176 19.18 -52.98 -11.85
CA LEU I 176 19.75 -54.32 -12.03
C LEU I 176 19.00 -55.14 -13.06
N ALA I 177 17.67 -54.99 -13.14
CA ALA I 177 16.84 -55.69 -14.10
C ALA I 177 15.66 -54.81 -14.51
N ILE I 178 14.85 -55.35 -15.42
CA ILE I 178 13.58 -54.76 -15.86
C ILE I 178 12.44 -55.73 -15.59
N GLU I 179 11.45 -55.29 -14.81
CA GLU I 179 10.16 -55.94 -14.79
C GLU I 179 9.09 -54.90 -15.12
N MET I 180 7.84 -55.10 -14.69
CA MET I 180 6.80 -54.17 -15.11
C MET I 180 5.78 -53.81 -14.04
N GLU I 181 5.99 -54.17 -12.81
CA GLU I 181 4.96 -53.94 -11.80
C GLU I 181 5.43 -53.20 -10.57
N ALA I 182 6.73 -53.22 -10.26
CA ALA I 182 7.21 -52.74 -8.96
C ALA I 182 6.83 -51.28 -8.71
N ALA I 183 6.88 -50.46 -9.75
CA ALA I 183 6.56 -49.03 -9.58
C ALA I 183 5.10 -48.84 -9.19
N GLY I 184 4.19 -49.60 -9.80
CA GLY I 184 2.79 -49.52 -9.42
C GLY I 184 2.55 -50.04 -8.02
N LEU I 185 3.18 -51.17 -7.67
CA LEU I 185 3.05 -51.69 -6.32
C LEU I 185 3.55 -50.68 -5.29
N TYR I 186 4.74 -50.13 -5.51
CA TYR I 186 5.29 -49.15 -4.58
C TYR I 186 4.37 -47.93 -4.45
N ALA I 187 3.95 -47.35 -5.58
CA ALA I 187 3.14 -46.13 -5.57
C ALA I 187 1.79 -46.36 -4.89
N THR I 188 1.13 -47.48 -5.18
CA THR I 188 -0.15 -47.77 -4.55
C THR I 188 -0.02 -47.93 -3.04
N ALA I 189 1.00 -48.68 -2.60
CA ALA I 189 1.21 -48.91 -1.16
C ALA I 189 1.65 -47.64 -0.44
N MET I 190 2.49 -46.82 -1.09
CA MET I 190 2.76 -45.49 -0.56
C MET I 190 1.46 -44.68 -0.51
N GLU I 191 0.71 -44.68 -1.62
CA GLU I 191 -0.57 -43.97 -1.66
C GLU I 191 -1.48 -44.41 -0.53
N LEU I 192 -1.65 -45.72 -0.38
CA LEU I 192 -2.63 -46.26 0.55
C LEU I 192 -2.05 -46.63 1.91
N ASN I 193 -0.80 -46.21 2.21
CA ASN I 193 -0.19 -46.41 3.52
C ASN I 193 -0.14 -47.89 3.88
N ALA I 194 0.33 -48.70 2.93
CA ALA I 194 0.62 -50.11 3.13
C ALA I 194 2.12 -50.34 3.14
N LYS I 195 2.54 -51.51 3.59
CA LYS I 195 3.94 -51.94 3.49
C LYS I 195 4.07 -52.85 2.29
N ALA I 196 5.02 -52.55 1.41
CA ALA I 196 5.25 -53.34 0.21
C ALA I 196 6.75 -53.51 -0.02
N LEU I 197 7.10 -54.58 -0.72
CA LEU I 197 8.47 -54.87 -1.16
C LEU I 197 8.41 -55.71 -2.43
N CYS I 198 9.51 -55.76 -3.16
CA CYS I 198 9.51 -56.52 -4.41
C CYS I 198 10.84 -57.22 -4.61
N LEU I 199 10.78 -58.54 -4.74
CA LEU I 199 11.92 -59.39 -5.02
C LEU I 199 11.78 -59.95 -6.42
N CYS I 200 12.90 -60.09 -7.11
CA CYS I 200 12.87 -60.60 -8.48
C CYS I 200 14.04 -61.54 -8.69
N SER I 201 13.73 -62.78 -9.06
CA SER I 201 14.77 -63.71 -9.50
C SER I 201 15.04 -63.51 -10.99
N VAL I 202 16.31 -63.62 -11.36
CA VAL I 202 16.71 -63.37 -12.73
C VAL I 202 16.34 -64.59 -13.57
N SER I 203 15.45 -64.38 -14.53
CA SER I 203 15.07 -65.42 -15.49
C SER I 203 15.96 -65.38 -16.72
N ASP I 204 16.12 -64.20 -17.31
CA ASP I 204 16.95 -64.00 -18.48
C ASP I 204 17.95 -62.91 -18.17
N HIS I 205 18.99 -62.81 -18.99
CA HIS I 205 19.89 -61.67 -19.00
C HIS I 205 19.80 -61.03 -20.37
N LEU I 206 19.37 -59.78 -20.43
CA LEU I 206 19.12 -59.13 -21.70
C LEU I 206 20.40 -58.75 -22.43
N ILE I 207 21.56 -58.93 -21.79
CA ILE I 207 22.84 -58.66 -22.41
C ILE I 207 23.48 -59.93 -22.95
N THR I 208 23.32 -61.04 -22.21
CA THR I 208 24.06 -62.28 -22.50
C THR I 208 23.12 -63.46 -22.76
N LYS I 209 23.13 -64.45 -21.86
CA LYS I 209 22.34 -65.68 -22.00
C LYS I 209 20.87 -65.34 -22.13
N GLU I 210 20.31 -65.53 -23.32
CA GLU I 210 18.94 -65.14 -23.60
C GLU I 210 17.95 -65.74 -22.61
N ALA I 211 18.25 -66.89 -22.03
CA ALA I 211 17.35 -67.53 -21.07
C ALA I 211 18.13 -68.53 -20.24
N LEU I 212 17.40 -69.43 -19.57
CA LEU I 212 17.98 -70.58 -18.91
C LEU I 212 17.30 -71.83 -19.47
N SER I 213 17.25 -72.89 -18.70
CA SER I 213 16.57 -74.09 -19.15
C SER I 213 15.07 -73.79 -19.23
N PRO I 214 14.43 -73.97 -20.39
CA PRO I 214 13.07 -73.46 -20.60
C PRO I 214 12.07 -74.04 -19.60
N LYS I 215 11.45 -73.14 -18.82
CA LYS I 215 10.55 -73.45 -17.71
C LYS I 215 10.99 -74.67 -16.87
N GLU I 216 12.30 -74.92 -16.81
CA GLU I 216 12.81 -76.09 -16.09
C GLU I 216 13.86 -75.69 -15.06
N ARG I 217 14.88 -74.92 -15.46
CA ARG I 217 15.74 -74.32 -14.44
C ARG I 217 15.01 -73.24 -13.67
N VAL I 218 13.87 -72.76 -14.19
CA VAL I 218 13.04 -71.79 -13.50
C VAL I 218 12.44 -72.35 -12.22
N GLU I 219 12.38 -73.68 -12.07
CA GLU I 219 11.91 -74.26 -10.82
C GLU I 219 12.73 -73.80 -9.61
N SER I 220 13.99 -73.39 -9.84
CA SER I 220 14.86 -72.85 -8.79
C SER I 220 14.31 -71.58 -8.13
N PHE I 221 13.23 -71.00 -8.65
CA PHE I 221 12.59 -69.86 -8.01
C PHE I 221 11.92 -70.26 -6.69
N ASP I 222 12.15 -71.51 -6.25
CA ASP I 222 11.69 -71.94 -4.93
C ASP I 222 12.48 -71.26 -3.82
N ASN I 223 13.76 -70.94 -4.07
CA ASN I 223 14.51 -70.10 -3.14
C ASN I 223 13.73 -68.84 -2.81
N MET I 224 13.22 -68.16 -3.85
CA MET I 224 12.47 -66.92 -3.64
C MET I 224 11.17 -67.18 -2.90
N ILE I 225 10.45 -68.24 -3.30
CA ILE I 225 9.20 -68.56 -2.63
C ILE I 225 9.45 -68.78 -1.15
N ILE I 226 10.42 -69.64 -0.83
CA ILE I 226 10.74 -69.90 0.57
C ILE I 226 11.21 -68.62 1.25
N LEU I 227 12.00 -67.81 0.54
CA LEU I 227 12.39 -66.50 1.06
C LEU I 227 11.16 -65.69 1.48
N ALA I 228 10.21 -65.51 0.55
CA ALA I 228 9.02 -64.73 0.88
C ALA I 228 8.29 -65.33 2.07
N LEU I 229 8.15 -66.66 2.09
CA LEU I 229 7.37 -67.32 3.14
C LEU I 229 8.03 -67.17 4.51
N GLU I 230 9.37 -67.27 4.57
CA GLU I 230 10.06 -67.20 5.87
C GLU I 230 9.98 -65.81 6.48
N MET I 231 10.10 -64.74 5.67
CA MET I 231 9.99 -63.39 6.22
C MET I 231 8.57 -63.09 6.65
N MET I 232 7.59 -63.75 6.04
CA MET I 232 6.21 -63.64 6.48
C MET I 232 5.94 -64.33 7.81
N SER I 233 6.92 -65.06 8.35
CA SER I 233 6.79 -65.70 9.66
C SER I 233 7.07 -64.70 10.76
N MET J 1 9.50 -19.04 -56.57
CA MET J 1 10.77 -18.90 -55.85
C MET J 1 10.67 -19.46 -54.44
N THR J 2 9.47 -19.33 -53.86
CA THR J 2 9.09 -20.04 -52.64
C THR J 2 7.60 -20.38 -52.76
N PRO J 3 7.14 -21.41 -52.04
CA PRO J 3 5.72 -21.81 -52.14
C PRO J 3 4.75 -20.86 -51.49
N HIS J 4 5.23 -19.77 -50.89
CA HIS J 4 4.37 -18.87 -50.13
C HIS J 4 4.58 -17.39 -50.47
N ILE J 5 5.66 -17.05 -51.13
CA ILE J 5 5.88 -15.71 -51.68
C ILE J 5 6.11 -15.87 -53.17
N ASN J 6 5.60 -14.94 -53.96
CA ASN J 6 5.80 -14.96 -55.41
C ASN J 6 6.71 -13.85 -55.89
N ALA J 7 7.37 -13.15 -54.97
CA ALA J 7 8.25 -12.05 -55.35
C ALA J 7 9.46 -12.60 -56.09
N LYS J 8 10.05 -11.75 -56.92
CA LYS J 8 11.31 -12.09 -57.57
C LYS J 8 12.46 -11.77 -56.63
N ILE J 9 13.62 -12.38 -56.91
CA ILE J 9 14.81 -12.07 -56.12
C ILE J 9 15.17 -10.61 -56.27
N GLY J 10 15.53 -9.97 -55.15
CA GLY J 10 15.84 -8.56 -55.11
C GLY J 10 14.66 -7.64 -54.92
N ASP J 11 13.43 -8.17 -54.98
CA ASP J 11 12.25 -7.35 -54.76
C ASP J 11 12.26 -6.72 -53.37
N PHE J 12 12.79 -7.45 -52.38
CA PHE J 12 12.75 -7.04 -50.98
C PHE J 12 13.97 -6.23 -50.62
N TYR J 13 13.76 -5.15 -49.86
CA TYR J 13 14.85 -4.49 -49.19
C TYR J 13 15.30 -5.33 -47.98
N PRO J 14 16.52 -5.14 -47.50
CA PRO J 14 16.97 -5.93 -46.34
C PRO J 14 16.20 -5.64 -45.05
N GLN J 15 15.46 -4.53 -44.95
CA GLN J 15 14.56 -4.27 -43.83
C GLN J 15 13.12 -4.50 -44.26
N CYS J 16 12.34 -5.14 -43.41
CA CYS J 16 10.95 -5.42 -43.74
C CYS J 16 10.09 -5.26 -42.49
N LEU J 17 8.99 -4.51 -42.62
CA LEU J 17 7.98 -4.41 -41.58
C LEU J 17 7.00 -5.59 -41.75
N LEU J 18 6.45 -6.06 -40.64
CA LEU J 18 5.58 -7.23 -40.67
C LEU J 18 4.30 -6.97 -39.87
N CYS J 19 3.23 -7.64 -40.26
CA CYS J 19 1.95 -7.57 -39.59
C CYS J 19 1.12 -8.75 -40.09
N GLY J 20 0.27 -9.31 -39.21
CA GLY J 20 -0.50 -10.47 -39.61
C GLY J 20 -1.47 -10.20 -40.74
N ASP J 21 -2.02 -8.99 -40.80
CA ASP J 21 -3.10 -8.66 -41.72
C ASP J 21 -2.54 -8.05 -42.99
N PRO J 22 -2.63 -8.73 -44.15
CA PRO J 22 -2.11 -8.12 -45.40
C PRO J 22 -2.84 -6.84 -45.82
N LEU J 23 -4.11 -6.68 -45.45
CA LEU J 23 -4.80 -5.43 -45.74
C LEU J 23 -4.20 -4.29 -44.93
N ARG J 24 -3.79 -4.55 -43.69
CA ARG J 24 -3.08 -3.54 -42.92
C ARG J 24 -1.70 -3.25 -43.50
N VAL J 25 -1.03 -4.28 -44.06
CA VAL J 25 0.17 -4.05 -44.86
C VAL J 25 -0.16 -3.15 -46.05
N SER J 26 -1.30 -3.40 -46.70
CA SER J 26 -1.71 -2.61 -47.87
C SER J 26 -2.05 -1.17 -47.46
N TYR J 27 -2.73 -1.01 -46.33
CA TYR J 27 -2.99 0.33 -45.80
C TYR J 27 -1.69 1.10 -45.58
N ILE J 28 -0.65 0.42 -45.10
CA ILE J 28 0.61 1.11 -44.86
C ILE J 28 1.28 1.48 -46.19
N ALA J 29 1.05 0.68 -47.23
CA ALA J 29 1.63 0.98 -48.53
C ALA J 29 1.09 2.30 -49.08
N LYS J 30 -0.23 2.39 -49.29
CA LYS J 30 -0.76 3.59 -49.92
C LYS J 30 -0.62 4.82 -49.00
N LYS J 31 -0.82 4.64 -47.70
CA LYS J 31 -0.85 5.82 -46.84
C LYS J 31 0.54 6.36 -46.54
N PHE J 32 1.58 5.53 -46.57
CA PHE J 32 2.83 5.95 -45.95
C PHE J 32 4.06 5.87 -46.84
N LEU J 33 4.05 4.99 -47.84
CA LEU J 33 5.22 4.84 -48.70
C LEU J 33 5.09 5.64 -49.99
N GLN J 34 6.23 6.06 -50.50
CA GLN J 34 6.32 6.64 -51.84
C GLN J 34 6.83 5.58 -52.80
N ASP J 35 6.24 5.53 -53.99
CA ASP J 35 6.64 4.57 -55.03
C ASP J 35 6.40 3.14 -54.57
N ALA J 36 5.21 2.90 -54.00
CA ALA J 36 4.86 1.60 -53.49
C ALA J 36 4.46 0.66 -54.63
N LYS J 37 4.53 -0.64 -54.35
CA LYS J 37 4.22 -1.66 -55.36
C LYS J 37 4.10 -3.05 -54.73
N GLU J 38 2.96 -3.70 -54.96
CA GLU J 38 2.75 -5.09 -54.55
C GLU J 38 3.84 -5.96 -55.17
N ILE J 39 4.66 -6.60 -54.32
CA ILE J 39 5.69 -7.52 -54.82
C ILE J 39 5.30 -9.00 -54.69
N THR J 40 4.28 -9.32 -53.90
CA THR J 40 3.87 -10.71 -53.74
C THR J 40 2.41 -10.76 -53.34
N ASN J 41 1.80 -11.93 -53.55
CA ASN J 41 0.36 -12.08 -53.25
C ASN J 41 -0.07 -13.53 -53.11
N VAL J 42 0.84 -14.48 -52.93
CA VAL J 42 0.45 -15.87 -52.77
C VAL J 42 -0.50 -16.00 -51.59
N ARG J 43 -1.58 -16.75 -51.79
CA ARG J 43 -2.56 -17.03 -50.74
C ARG J 43 -3.25 -15.75 -50.24
N ASN J 44 -3.15 -14.68 -51.02
CA ASN J 44 -3.66 -13.36 -50.65
C ASN J 44 -2.85 -12.72 -49.52
N MET J 45 -1.65 -13.23 -49.26
CA MET J 45 -0.76 -12.67 -48.25
C MET J 45 0.10 -11.63 -48.96
N LEU J 46 -0.27 -10.36 -48.82
CA LEU J 46 0.28 -9.30 -49.64
C LEU J 46 1.62 -8.85 -49.08
N GLY J 47 2.44 -8.30 -49.97
CA GLY J 47 3.72 -7.73 -49.60
C GLY J 47 4.01 -6.59 -50.55
N PHE J 48 4.84 -5.66 -50.08
CA PHE J 48 5.06 -4.43 -50.82
C PHE J 48 6.51 -4.02 -50.74
N SER J 49 6.88 -3.06 -51.57
CA SER J 49 8.17 -2.40 -51.44
C SER J 49 7.99 -0.95 -51.89
N GLY J 50 8.70 -0.06 -51.21
CA GLY J 50 8.54 1.35 -51.46
C GLY J 50 9.57 2.11 -50.68
N LYS J 51 9.35 3.42 -50.55
CA LYS J 51 10.29 4.25 -49.82
C LYS J 51 9.56 5.02 -48.71
N TYR J 52 10.32 5.39 -47.69
CA TYR J 52 9.84 6.27 -46.63
C TYR J 52 10.99 7.19 -46.29
N LYS J 53 10.78 8.49 -46.42
CA LYS J 53 11.84 9.47 -46.24
C LYS J 53 13.08 9.07 -47.02
N GLY J 54 12.86 8.72 -48.29
CA GLY J 54 13.95 8.31 -49.18
C GLY J 54 14.76 7.15 -48.64
N ARG J 55 14.09 6.04 -48.34
CA ARG J 55 14.74 4.90 -47.70
C ARG J 55 14.01 3.63 -48.11
N GLY J 56 14.77 2.57 -48.38
CA GLY J 56 14.16 1.33 -48.83
C GLY J 56 13.53 0.52 -47.70
N ILE J 57 12.20 0.41 -47.71
CA ILE J 57 11.48 -0.42 -46.76
C ILE J 57 10.50 -1.31 -47.53
N SER J 58 10.39 -2.56 -47.09
CA SER J 58 9.40 -3.48 -47.62
C SER J 58 8.39 -3.80 -46.52
N LEU J 59 7.31 -4.44 -46.92
CA LEU J 59 6.29 -4.89 -45.98
C LEU J 59 5.80 -6.25 -46.44
N MET J 60 5.11 -6.93 -45.55
CA MET J 60 4.79 -8.34 -45.74
C MET J 60 3.83 -8.78 -44.64
N GLY J 61 2.66 -9.29 -45.04
CA GLY J 61 1.81 -9.97 -44.08
C GLY J 61 2.36 -11.34 -43.74
N HIS J 62 2.06 -11.81 -42.52
CA HIS J 62 2.43 -13.16 -42.09
C HIS J 62 1.29 -13.99 -41.51
N GLY J 63 0.05 -13.50 -41.50
CA GLY J 63 -1.03 -14.33 -41.01
C GLY J 63 -0.96 -14.48 -39.50
N MET J 64 -1.80 -15.36 -38.97
CA MET J 64 -1.95 -15.51 -37.53
C MET J 64 -1.32 -16.81 -37.05
N GLY J 65 -0.79 -16.78 -35.82
CA GLY J 65 -0.23 -17.99 -35.24
C GLY J 65 1.26 -18.14 -35.47
N ILE J 66 1.90 -18.84 -34.53
CA ILE J 66 3.34 -19.10 -34.62
C ILE J 66 3.68 -19.82 -35.92
N ALA J 67 2.90 -20.84 -36.29
CA ALA J 67 3.26 -21.64 -37.45
C ALA J 67 3.24 -20.82 -38.73
N SER J 68 2.16 -20.04 -38.93
CA SER J 68 2.05 -19.19 -40.12
C SER J 68 3.17 -18.13 -40.14
N CYS J 69 3.38 -17.45 -39.01
CA CYS J 69 4.48 -16.48 -38.96
C CYS J 69 5.82 -17.13 -39.29
N THR J 70 6.05 -18.35 -38.78
CA THR J 70 7.35 -19.01 -39.00
C THR J 70 7.61 -19.21 -40.50
N ILE J 71 6.54 -19.53 -41.26
CA ILE J 71 6.69 -19.83 -42.69
C ILE J 71 7.23 -18.60 -43.43
N TYR J 72 6.53 -17.47 -43.31
CA TYR J 72 6.90 -16.27 -44.06
C TYR J 72 8.23 -15.71 -43.60
N VAL J 73 8.55 -15.81 -42.31
CA VAL J 73 9.81 -15.28 -41.81
C VAL J 73 11.00 -16.08 -42.34
N THR J 74 10.91 -17.41 -42.27
CA THR J 74 11.99 -18.26 -42.79
C THR J 74 12.26 -17.95 -44.26
N GLU J 75 11.21 -17.96 -45.09
CA GLU J 75 11.37 -17.69 -46.52
C GLU J 75 11.92 -16.30 -46.77
N LEU J 76 11.49 -15.30 -45.96
CA LEU J 76 12.03 -13.95 -46.06
C LEU J 76 13.53 -13.88 -45.70
N ILE J 77 14.00 -14.73 -44.78
CA ILE J 77 15.41 -14.72 -44.43
C ILE J 77 16.22 -15.55 -45.43
N LYS J 78 15.82 -16.80 -45.64
CA LYS J 78 16.63 -17.70 -46.48
C LYS J 78 16.67 -17.21 -47.92
N THR J 79 15.50 -17.17 -48.57
CA THR J 79 15.47 -16.80 -49.99
C THR J 79 15.77 -15.32 -50.21
N TYR J 80 15.08 -14.42 -49.48
CA TYR J 80 14.85 -13.07 -49.94
C TYR J 80 15.72 -12.01 -49.26
N GLN J 81 16.90 -12.38 -48.78
CA GLN J 81 17.88 -11.37 -48.34
C GLN J 81 17.61 -10.76 -46.96
N VAL J 82 16.36 -10.76 -46.49
CA VAL J 82 15.97 -9.88 -45.38
C VAL J 82 16.81 -10.12 -44.13
N LYS J 83 17.36 -9.03 -43.59
CA LYS J 83 18.18 -9.08 -42.37
C LYS J 83 17.49 -8.50 -41.13
N GLU J 84 16.48 -7.64 -41.31
CA GLU J 84 15.83 -6.96 -40.19
C GLU J 84 14.32 -7.05 -40.37
N LEU J 85 13.66 -7.65 -39.39
CA LEU J 85 12.21 -7.86 -39.42
C LEU J 85 11.63 -7.18 -38.19
N LEU J 86 10.83 -6.15 -38.40
CA LEU J 86 10.18 -5.42 -37.33
C LEU J 86 8.69 -5.69 -37.44
N ARG J 87 8.12 -6.32 -36.41
CA ARG J 87 6.71 -6.70 -36.45
C ARG J 87 5.84 -5.77 -35.62
N ILE J 88 4.69 -5.43 -36.16
CA ILE J 88 3.71 -4.61 -35.47
C ILE J 88 2.35 -5.27 -35.57
N GLY J 89 1.41 -4.74 -34.82
CA GLY J 89 0.10 -5.35 -34.70
C GLY J 89 -0.50 -5.03 -33.36
N THR J 90 -1.72 -5.52 -33.16
CA THR J 90 -2.43 -5.28 -31.92
C THR J 90 -2.09 -6.38 -30.92
N CYS J 91 -2.45 -6.13 -29.66
CA CYS J 91 -2.33 -7.13 -28.61
C CYS J 91 -3.33 -6.79 -27.52
N GLY J 92 -3.79 -7.82 -26.81
CA GLY J 92 -4.71 -7.64 -25.71
C GLY J 92 -3.95 -7.51 -24.41
N ALA J 93 -4.08 -6.35 -23.76
CA ALA J 93 -3.37 -6.08 -22.52
C ALA J 93 -3.91 -6.96 -21.40
N ILE J 94 -3.02 -7.36 -20.50
CA ILE J 94 -3.44 -8.14 -19.33
C ILE J 94 -2.85 -7.49 -18.07
N SER J 95 -2.02 -6.46 -18.24
CA SER J 95 -1.30 -5.94 -17.08
C SER J 95 -1.81 -4.55 -16.68
N PRO J 96 -1.83 -4.23 -15.38
CA PRO J 96 -2.20 -2.87 -14.97
C PRO J 96 -1.14 -1.84 -15.27
N LYS J 97 0.03 -2.25 -15.79
CA LYS J 97 1.07 -1.30 -16.14
C LYS J 97 0.85 -0.67 -17.52
N VAL J 98 0.02 -1.26 -18.35
CA VAL J 98 -0.26 -0.71 -19.66
C VAL J 98 -1.73 -0.38 -19.74
N GLY J 99 -2.05 0.59 -20.59
CA GLY J 99 -3.42 0.95 -20.87
C GLY J 99 -3.67 1.05 -22.36
N LEU J 100 -4.88 1.49 -22.73
CA LEU J 100 -5.26 1.62 -24.13
C LEU J 100 -4.43 2.69 -24.82
N LYS J 101 -4.13 2.46 -26.08
CA LYS J 101 -3.29 3.29 -26.94
C LYS J 101 -1.80 3.06 -26.64
N ASP J 102 -1.43 2.34 -25.59
CA ASP J 102 -0.03 2.15 -25.28
C ASP J 102 0.63 1.30 -26.35
N ILE J 103 1.90 1.58 -26.57
CA ILE J 103 2.72 0.79 -27.49
C ILE J 103 3.74 0.04 -26.66
N ILE J 104 3.75 -1.28 -26.82
CA ILE J 104 4.57 -2.19 -26.04
C ILE J 104 5.73 -2.68 -26.92
N MET J 105 6.96 -2.55 -26.40
CA MET J 105 8.11 -3.27 -26.95
C MET J 105 8.27 -4.60 -26.21
N ALA J 106 8.32 -5.69 -26.97
CA ALA J 106 8.48 -7.04 -26.42
C ALA J 106 9.96 -7.40 -26.32
N THR J 107 10.52 -7.31 -25.12
CA THR J 107 11.88 -7.78 -24.89
C THR J 107 11.91 -9.27 -24.61
N GLY J 108 10.77 -9.94 -24.65
CA GLY J 108 10.70 -11.37 -24.43
C GLY J 108 9.31 -11.81 -24.80
N ALA J 109 9.17 -13.04 -25.32
CA ALA J 109 7.88 -13.57 -25.74
C ALA J 109 7.72 -14.95 -25.11
N SER J 110 6.85 -15.07 -24.12
CA SER J 110 6.57 -16.38 -23.59
C SER J 110 5.67 -17.11 -24.58
N THR J 111 5.49 -18.42 -24.37
CA THR J 111 4.56 -19.11 -25.24
C THR J 111 3.97 -20.35 -24.58
N ASP J 112 2.74 -20.68 -25.00
CA ASP J 112 2.15 -21.97 -24.68
C ASP J 112 2.39 -23.00 -25.77
N SER J 113 3.12 -22.63 -26.83
CA SER J 113 3.38 -23.50 -27.96
C SER J 113 4.50 -24.48 -27.65
N LYS J 114 4.56 -25.57 -28.43
CA LYS J 114 5.61 -26.56 -28.29
C LYS J 114 6.78 -26.34 -29.25
N THR J 115 6.67 -25.35 -30.14
CA THR J 115 7.64 -25.21 -31.22
C THR J 115 9.06 -25.03 -30.66
N ASN J 116 9.21 -24.16 -29.64
CA ASN J 116 10.55 -23.93 -29.10
C ASN J 116 11.11 -25.18 -28.43
N ARG J 117 10.26 -25.92 -27.70
CA ARG J 117 10.71 -27.21 -27.19
C ARG J 117 11.17 -28.11 -28.35
N VAL J 118 10.31 -28.25 -29.37
CA VAL J 118 10.68 -28.99 -30.57
C VAL J 118 12.01 -28.48 -31.12
N ARG J 119 12.17 -27.15 -31.19
CA ARG J 119 13.38 -26.56 -31.76
C ARG J 119 14.61 -26.73 -30.86
N PHE J 120 14.42 -26.83 -29.53
CA PHE J 120 15.47 -26.58 -28.54
C PHE J 120 15.48 -27.66 -27.46
N LEU J 121 15.80 -28.90 -27.85
CA LEU J 121 16.20 -29.95 -26.95
C LEU J 121 15.17 -30.24 -25.88
N ASN J 122 13.90 -29.89 -26.15
CA ASN J 122 12.81 -29.98 -25.17
C ASN J 122 13.08 -29.15 -23.92
N HIS J 123 13.97 -28.16 -24.02
CA HIS J 123 14.26 -27.30 -22.88
C HIS J 123 13.41 -26.02 -22.98
N ASP J 124 13.86 -24.95 -22.35
CA ASP J 124 13.16 -23.67 -22.31
C ASP J 124 13.99 -22.66 -23.10
N LEU J 125 13.52 -22.32 -24.27
CA LEU J 125 14.20 -21.31 -25.07
C LEU J 125 13.63 -19.94 -24.71
N SER J 126 14.46 -19.06 -24.18
CA SER J 126 14.03 -17.70 -23.90
C SER J 126 14.11 -16.91 -25.21
N ALA J 127 12.96 -16.73 -25.86
CA ALA J 127 12.87 -16.19 -27.20
C ALA J 127 12.90 -14.66 -27.07
N THR J 128 13.97 -14.04 -27.57
CA THR J 128 14.23 -12.63 -27.29
C THR J 128 14.57 -11.94 -28.59
N PRO J 129 14.38 -10.62 -28.67
CA PRO J 129 14.66 -9.88 -29.91
C PRO J 129 16.12 -9.44 -30.00
N ASP J 130 16.47 -8.80 -31.12
CA ASP J 130 17.81 -8.25 -31.27
C ASP J 130 17.93 -6.95 -30.47
N PHE J 131 18.98 -6.85 -29.68
CA PHE J 131 19.14 -5.71 -28.77
C PHE J 131 19.23 -4.40 -29.55
N GLU J 132 19.93 -4.43 -30.70
CA GLU J 132 20.18 -3.21 -31.43
C GLU J 132 18.88 -2.60 -31.92
N LEU J 133 17.97 -3.45 -32.39
CA LEU J 133 16.65 -3.00 -32.81
C LEU J 133 15.89 -2.38 -31.64
N SER J 134 16.00 -3.01 -30.46
CA SER J 134 15.33 -2.48 -29.27
C SER J 134 15.87 -1.10 -28.89
N LEU J 135 17.20 -0.92 -28.94
CA LEU J 135 17.79 0.41 -28.78
C LEU J 135 17.22 1.42 -29.78
N ARG J 136 17.03 1.00 -31.03
CA ARG J 136 16.39 1.87 -32.02
C ARG J 136 14.97 2.22 -31.63
N ALA J 137 14.17 1.21 -31.24
CA ALA J 137 12.81 1.49 -30.81
C ALA J 137 12.79 2.45 -29.62
N TYR J 138 13.77 2.32 -28.73
CA TYR J 138 13.76 3.18 -27.54
C TYR J 138 14.09 4.62 -27.90
N GLN J 139 15.14 4.83 -28.67
CA GLN J 139 15.57 6.19 -28.98
C GLN J 139 14.61 6.90 -29.93
N THR J 140 13.99 6.15 -30.86
CA THR J 140 13.01 6.74 -31.79
C THR J 140 11.74 7.13 -31.06
N ALA J 141 11.23 6.23 -30.20
CA ALA J 141 10.11 6.60 -29.33
C ALA J 141 10.42 7.86 -28.57
N LYS J 142 11.65 7.97 -28.04
CA LYS J 142 12.06 9.15 -27.29
C LYS J 142 11.91 10.41 -28.14
N ARG J 143 12.43 10.38 -29.37
CA ARG J 143 12.31 11.52 -30.28
C ARG J 143 10.84 11.84 -30.59
N LEU J 144 10.03 10.81 -30.86
CA LEU J 144 8.64 11.01 -31.20
C LEU J 144 7.76 11.37 -30.00
N GLY J 145 8.27 11.27 -28.78
CA GLY J 145 7.46 11.51 -27.61
C GLY J 145 6.53 10.39 -27.22
N ILE J 146 6.83 9.15 -27.62
CA ILE J 146 6.01 8.00 -27.28
C ILE J 146 6.50 7.41 -25.97
N ASP J 147 5.57 7.15 -25.05
CA ASP J 147 5.88 6.54 -23.76
C ASP J 147 5.95 5.03 -23.94
N LEU J 148 7.08 4.57 -24.47
CA LEU J 148 7.19 3.18 -24.89
C LEU J 148 7.17 2.25 -23.67
N LYS J 149 6.22 1.33 -23.65
CA LYS J 149 6.14 0.33 -22.58
C LYS J 149 7.00 -0.88 -22.96
N VAL J 150 7.83 -1.35 -22.03
CA VAL J 150 8.75 -2.46 -22.25
C VAL J 150 8.46 -3.61 -21.29
N GLY J 151 8.36 -4.82 -21.85
CA GLY J 151 8.29 -6.03 -21.05
C GLY J 151 8.12 -7.25 -21.93
N ASN J 152 7.66 -8.35 -21.33
CA ASN J 152 7.36 -9.58 -22.06
C ASN J 152 5.94 -9.57 -22.62
N VAL J 153 5.76 -10.29 -23.72
CA VAL J 153 4.44 -10.72 -24.17
C VAL J 153 4.36 -12.24 -24.05
N PHE J 154 3.11 -12.74 -24.07
CA PHE J 154 2.79 -14.16 -24.17
C PHE J 154 2.20 -14.43 -25.54
N SER J 155 2.92 -15.23 -26.34
CA SER J 155 2.46 -15.65 -27.66
C SER J 155 1.70 -16.97 -27.46
N SER J 156 0.40 -16.93 -27.71
CA SER J 156 -0.45 -18.10 -27.48
C SER J 156 -0.82 -18.76 -28.80
N ASP J 157 -1.14 -20.06 -28.71
CA ASP J 157 -1.68 -20.77 -29.85
C ASP J 157 -3.19 -20.57 -29.97
N PHE J 158 -3.80 -19.88 -29.01
CA PHE J 158 -5.23 -19.74 -28.90
C PHE J 158 -5.56 -18.26 -28.91
N PHE J 159 -6.39 -17.83 -29.87
CA PHE J 159 -7.06 -16.55 -29.73
C PHE J 159 -8.16 -16.66 -28.68
N TYR J 160 -8.83 -17.81 -28.63
CA TYR J 160 -9.89 -18.04 -27.67
C TYR J 160 -9.32 -18.97 -26.61
N SER J 161 -8.71 -18.37 -25.60
CA SER J 161 -7.94 -19.11 -24.62
C SER J 161 -8.85 -19.98 -23.76
N PHE J 162 -8.31 -21.12 -23.33
CA PHE J 162 -8.92 -21.93 -22.28
C PHE J 162 -8.31 -21.66 -20.91
N GLU J 163 -7.43 -20.65 -20.80
CA GLU J 163 -6.72 -20.36 -19.56
C GLU J 163 -6.87 -18.90 -19.14
N THR J 164 -8.09 -18.36 -19.22
CA THR J 164 -8.27 -16.97 -18.80
C THR J 164 -8.06 -16.81 -17.31
N HIS J 165 -8.18 -17.89 -16.53
CA HIS J 165 -7.85 -17.82 -15.13
C HIS J 165 -6.37 -17.52 -14.89
N ALA J 166 -5.52 -17.68 -15.92
CA ALA J 166 -4.07 -17.56 -15.76
C ALA J 166 -3.55 -16.17 -16.06
N PHE J 167 -4.40 -15.25 -16.53
CA PHE J 167 -3.91 -13.96 -17.02
C PHE J 167 -3.27 -13.14 -15.91
N ASP J 168 -3.84 -13.16 -14.70
CA ASP J 168 -3.22 -12.46 -13.58
C ASP J 168 -1.79 -12.95 -13.37
N LEU J 169 -1.61 -14.26 -13.28
CA LEU J 169 -0.27 -14.80 -13.05
C LEU J 169 0.68 -14.40 -14.17
N MET J 170 0.20 -14.42 -15.40
CA MET J 170 1.02 -13.97 -16.51
C MET J 170 1.41 -12.50 -16.33
N ALA J 171 0.46 -11.68 -15.87
CA ALA J 171 0.73 -10.27 -15.68
C ALA J 171 1.70 -10.05 -14.54
N LYS J 172 1.56 -10.82 -13.46
CA LYS J 172 2.52 -10.73 -12.36
C LYS J 172 3.94 -11.04 -12.83
N TYR J 173 4.10 -11.95 -13.80
CA TYR J 173 5.42 -12.24 -14.37
C TYR J 173 5.79 -11.31 -15.53
N ASN J 174 5.33 -10.07 -15.51
CA ASN J 174 5.74 -9.04 -16.46
C ASN J 174 5.40 -9.37 -17.92
N HIS J 175 4.23 -10.01 -18.14
CA HIS J 175 3.66 -10.14 -19.48
C HIS J 175 2.61 -9.05 -19.65
N LEU J 176 2.91 -8.07 -20.51
CA LEU J 176 2.08 -6.88 -20.58
C LEU J 176 0.87 -7.10 -21.45
N ALA J 177 0.94 -8.04 -22.38
CA ALA J 177 -0.18 -8.30 -23.27
C ALA J 177 0.01 -9.67 -23.92
N ILE J 178 -1.03 -10.07 -24.65
CA ILE J 178 -1.09 -11.38 -25.29
C ILE J 178 -1.23 -11.16 -26.78
N GLU J 179 -0.41 -11.86 -27.55
CA GLU J 179 -0.58 -11.94 -28.98
C GLU J 179 -0.29 -13.38 -29.40
N MET J 180 0.09 -13.61 -30.67
CA MET J 180 0.06 -14.96 -31.21
C MET J 180 1.24 -15.36 -32.08
N GLU J 181 2.20 -14.48 -32.34
CA GLU J 181 3.29 -14.79 -33.25
C GLU J 181 4.67 -14.43 -32.71
N ALA J 182 4.77 -13.62 -31.63
CA ALA J 182 6.03 -12.99 -31.29
C ALA J 182 7.15 -14.02 -31.03
N ALA J 183 6.86 -15.06 -30.25
CA ALA J 183 7.90 -16.04 -29.93
C ALA J 183 8.32 -16.87 -31.14
N GLY J 184 7.42 -17.03 -32.11
CA GLY J 184 7.81 -17.66 -33.35
C GLY J 184 8.70 -16.77 -34.17
N LEU J 185 8.31 -15.51 -34.34
CA LEU J 185 9.19 -14.56 -35.01
C LEU J 185 10.57 -14.54 -34.37
N TYR J 186 10.62 -14.38 -33.04
CA TYR J 186 11.91 -14.32 -32.35
C TYR J 186 12.68 -15.62 -32.50
N ALA J 187 12.00 -16.76 -32.38
CA ALA J 187 12.68 -18.06 -32.46
C ALA J 187 13.28 -18.29 -33.84
N THR J 188 12.53 -17.90 -34.89
CA THR J 188 12.99 -18.11 -36.26
C THR J 188 14.12 -17.16 -36.61
N ALA J 189 14.05 -15.93 -36.12
CA ALA J 189 15.15 -14.97 -36.27
C ALA J 189 16.38 -15.41 -35.48
N MET J 190 16.20 -16.02 -34.30
CA MET J 190 17.37 -16.54 -33.60
C MET J 190 17.96 -17.76 -34.32
N GLU J 191 17.09 -18.61 -34.89
CA GLU J 191 17.58 -19.76 -35.64
C GLU J 191 18.40 -19.34 -36.86
N LEU J 192 17.91 -18.35 -37.60
CA LEU J 192 18.46 -17.96 -38.89
C LEU J 192 19.36 -16.73 -38.82
N ASN J 193 19.90 -16.40 -37.63
CA ASN J 193 20.86 -15.31 -37.45
C ASN J 193 20.38 -13.97 -38.05
N ALA J 194 19.13 -13.60 -37.74
CA ALA J 194 18.58 -12.35 -38.24
C ALA J 194 18.04 -11.51 -37.08
N LYS J 195 17.75 -10.25 -37.38
CA LYS J 195 17.42 -9.25 -36.36
C LYS J 195 15.91 -9.01 -36.34
N ALA J 196 15.28 -9.34 -35.20
CA ALA J 196 13.84 -9.21 -35.07
C ALA J 196 13.48 -8.39 -33.84
N LEU J 197 12.34 -7.70 -33.93
CA LEU J 197 11.72 -7.00 -32.82
C LEU J 197 10.22 -6.90 -33.06
N CYS J 198 9.45 -7.08 -31.99
CA CYS J 198 8.01 -6.94 -32.07
C CYS J 198 7.56 -5.75 -31.23
N LEU J 199 6.70 -4.92 -31.82
CA LEU J 199 5.99 -3.85 -31.14
C LEU J 199 4.51 -4.15 -31.28
N CYS J 200 3.76 -3.90 -30.23
CA CYS J 200 2.32 -4.14 -30.26
C CYS J 200 1.55 -3.01 -29.60
N SER J 201 0.38 -2.72 -30.16
CA SER J 201 -0.44 -1.59 -29.75
C SER J 201 -1.67 -2.11 -29.02
N VAL J 202 -2.01 -1.45 -27.93
CA VAL J 202 -3.07 -1.93 -27.04
C VAL J 202 -4.39 -1.34 -27.52
N SER J 203 -5.15 -2.16 -28.24
CA SER J 203 -6.50 -1.74 -28.62
C SER J 203 -7.56 -2.27 -27.67
N ASP J 204 -7.24 -3.33 -26.92
CA ASP J 204 -8.19 -3.96 -26.02
C ASP J 204 -7.48 -4.32 -24.73
N HIS J 205 -8.21 -4.24 -23.62
CA HIS J 205 -7.75 -4.72 -22.32
C HIS J 205 -8.60 -5.92 -21.93
N LEU J 206 -7.94 -7.07 -21.77
CA LEU J 206 -8.63 -8.33 -21.49
C LEU J 206 -9.12 -8.41 -20.05
N ILE J 207 -8.45 -7.72 -19.11
CA ILE J 207 -8.90 -7.64 -17.73
C ILE J 207 -10.01 -6.61 -17.58
N THR J 208 -9.65 -5.33 -17.40
CA THR J 208 -10.63 -4.25 -17.38
C THR J 208 -11.31 -4.17 -18.74
N LYS J 209 -12.23 -5.10 -19.02
CA LYS J 209 -12.67 -5.43 -20.38
C LYS J 209 -13.10 -4.25 -21.25
N GLU J 210 -12.23 -3.24 -21.41
CA GLU J 210 -12.55 -2.06 -22.19
C GLU J 210 -11.87 -2.13 -23.56
N ALA J 211 -12.05 -1.07 -24.33
CA ALA J 211 -11.65 -1.09 -25.72
C ALA J 211 -11.63 0.33 -26.25
N LEU J 212 -10.92 0.49 -27.37
CA LEU J 212 -10.87 1.73 -28.11
C LEU J 212 -12.02 1.74 -29.12
N SER J 213 -12.62 2.92 -29.31
CA SER J 213 -13.55 3.13 -30.40
C SER J 213 -12.86 2.81 -31.72
N PRO J 214 -13.62 2.59 -32.80
CA PRO J 214 -12.96 2.34 -34.10
C PRO J 214 -12.15 3.52 -34.62
N LYS J 215 -12.47 4.76 -34.24
CA LYS J 215 -11.65 5.88 -34.71
C LYS J 215 -10.34 5.97 -33.94
N GLU J 216 -10.36 5.65 -32.64
CA GLU J 216 -9.15 5.54 -31.86
C GLU J 216 -8.31 4.33 -32.26
N ARG J 217 -8.92 3.32 -32.89
CA ARG J 217 -8.17 2.15 -33.33
C ARG J 217 -7.21 2.49 -34.47
N VAL J 218 -7.71 3.18 -35.51
CA VAL J 218 -6.82 3.58 -36.59
C VAL J 218 -5.86 4.65 -36.15
N GLU J 219 -6.34 5.62 -35.36
CA GLU J 219 -5.47 6.67 -34.84
C GLU J 219 -4.25 6.07 -34.14
N SER J 220 -4.48 5.15 -33.20
CA SER J 220 -3.40 4.58 -32.39
C SER J 220 -2.54 3.62 -33.18
N PHE J 221 -3.14 2.82 -34.08
CA PHE J 221 -2.33 1.99 -34.97
C PHE J 221 -1.47 2.85 -35.89
N ASP J 222 -1.98 4.01 -36.30
CA ASP J 222 -1.17 4.92 -37.12
C ASP J 222 0.08 5.38 -36.35
N ASN J 223 -0.07 5.69 -35.05
CA ASN J 223 1.08 6.09 -34.23
C ASN J 223 2.18 5.05 -34.25
N MET J 224 1.80 3.77 -34.23
CA MET J 224 2.77 2.67 -34.24
C MET J 224 3.47 2.54 -35.59
N ILE J 225 2.72 2.66 -36.69
CA ILE J 225 3.33 2.70 -38.02
C ILE J 225 4.40 3.78 -38.08
N ILE J 226 4.03 5.01 -37.71
CA ILE J 226 4.99 6.11 -37.76
C ILE J 226 6.25 5.77 -36.98
N LEU J 227 6.09 5.25 -35.75
CA LEU J 227 7.27 4.85 -34.97
C LEU J 227 8.10 3.83 -35.75
N ALA J 228 7.46 2.76 -36.23
CA ALA J 228 8.20 1.69 -36.90
C ALA J 228 8.96 2.21 -38.12
N LEU J 229 8.29 3.02 -38.95
CA LEU J 229 8.93 3.58 -40.13
C LEU J 229 10.04 4.56 -39.77
N GLU J 230 9.86 5.32 -38.68
CA GLU J 230 10.91 6.23 -38.28
C GLU J 230 12.12 5.48 -37.74
N MET J 231 11.91 4.34 -37.08
CA MET J 231 13.07 3.59 -36.65
C MET J 231 13.78 2.89 -37.81
N MET J 232 13.07 2.65 -38.92
CA MET J 232 13.64 2.02 -40.10
C MET J 232 14.25 3.01 -41.09
N SER J 233 14.14 4.33 -40.85
CA SER J 233 14.79 5.33 -41.67
C SER J 233 16.16 5.70 -41.09
N MET K 1 42.33 -28.24 -7.72
CA MET K 1 42.33 -29.02 -8.95
C MET K 1 41.06 -28.91 -9.80
N THR K 2 39.91 -28.74 -9.16
CA THR K 2 38.65 -28.46 -9.85
C THR K 2 38.31 -26.97 -9.72
N PRO K 3 37.33 -26.47 -10.49
CA PRO K 3 36.93 -25.07 -10.30
C PRO K 3 36.33 -24.78 -8.92
N HIS K 4 35.91 -25.79 -8.18
CA HIS K 4 35.15 -25.56 -6.95
C HIS K 4 35.79 -26.15 -5.71
N ILE K 5 36.90 -26.87 -5.85
CA ILE K 5 37.65 -27.42 -4.71
C ILE K 5 39.14 -27.18 -4.95
N ASN K 6 39.86 -26.75 -3.92
CA ASN K 6 41.29 -26.52 -4.08
C ASN K 6 42.14 -27.47 -3.27
N ALA K 7 41.60 -28.60 -2.85
CA ALA K 7 42.43 -29.65 -2.27
C ALA K 7 43.22 -30.36 -3.39
N LYS K 8 44.22 -31.12 -2.97
CA LYS K 8 44.90 -32.07 -3.83
C LYS K 8 44.29 -33.45 -3.67
N ILE K 9 44.40 -34.28 -4.72
CA ILE K 9 44.09 -35.70 -4.57
C ILE K 9 44.83 -36.24 -3.37
N GLY K 10 44.16 -37.09 -2.60
CA GLY K 10 44.76 -37.55 -1.37
C GLY K 10 44.18 -36.85 -0.15
N ASP K 11 43.93 -35.54 -0.27
CA ASP K 11 43.48 -34.78 0.89
C ASP K 11 42.15 -35.30 1.43
N PHE K 12 41.27 -35.80 0.56
CA PHE K 12 40.00 -36.36 1.00
C PHE K 12 40.18 -37.85 1.28
N TYR K 13 39.67 -38.31 2.43
CA TYR K 13 39.55 -39.74 2.69
C TYR K 13 38.44 -40.32 1.82
N PRO K 14 38.28 -41.65 1.77
CA PRO K 14 37.24 -42.23 0.90
C PRO K 14 35.82 -42.13 1.45
N GLN K 15 35.65 -41.79 2.73
CA GLN K 15 34.36 -41.53 3.35
C GLN K 15 34.29 -40.05 3.70
N CYS K 16 33.22 -39.39 3.26
CA CYS K 16 33.07 -37.96 3.45
C CYS K 16 31.66 -37.67 3.96
N LEU K 17 31.57 -36.85 5.00
CA LEU K 17 30.31 -36.34 5.50
C LEU K 17 29.96 -35.06 4.77
N LEU K 18 28.67 -34.87 4.48
CA LEU K 18 28.22 -33.71 3.74
C LEU K 18 27.16 -32.92 4.50
N CYS K 19 27.28 -31.60 4.44
CA CYS K 19 26.21 -30.69 4.84
C CYS K 19 26.19 -29.53 3.87
N GLY K 20 25.01 -28.92 3.73
CA GLY K 20 24.91 -27.76 2.86
C GLY K 20 25.68 -26.56 3.39
N ASP K 21 25.78 -26.43 4.73
CA ASP K 21 26.27 -25.22 5.36
C ASP K 21 27.72 -25.41 5.75
N PRO K 22 28.67 -24.71 5.11
CA PRO K 22 30.09 -24.91 5.42
C PRO K 22 30.44 -24.54 6.85
N LEU K 23 29.68 -23.65 7.49
CA LEU K 23 29.99 -23.32 8.88
C LEU K 23 29.63 -24.47 9.81
N ARG K 24 28.55 -25.20 9.53
CA ARG K 24 28.30 -26.42 10.29
C ARG K 24 29.41 -27.45 10.06
N VAL K 25 29.91 -27.54 8.83
CA VAL K 25 31.06 -28.41 8.56
C VAL K 25 32.24 -28.02 9.46
N SER K 26 32.51 -26.71 9.56
CA SER K 26 33.61 -26.26 10.40
C SER K 26 33.34 -26.54 11.87
N TYR K 27 32.09 -26.40 12.28
CA TYR K 27 31.66 -26.80 13.61
C TYR K 27 32.10 -28.24 13.89
N ILE K 28 31.69 -29.18 13.02
CA ILE K 28 32.02 -30.58 13.22
C ILE K 28 33.52 -30.79 13.29
N ALA K 29 34.27 -30.13 12.41
CA ALA K 29 35.71 -30.32 12.37
C ALA K 29 36.36 -29.96 13.71
N LYS K 30 35.92 -28.85 14.32
CA LYS K 30 36.56 -28.36 15.52
C LYS K 30 36.08 -29.10 16.76
N LYS K 31 34.81 -29.53 16.80
CA LYS K 31 34.25 -30.17 17.98
C LYS K 31 34.42 -31.69 17.99
N PHE K 32 34.32 -32.35 16.83
CA PHE K 32 34.18 -33.80 16.81
C PHE K 32 35.32 -34.57 16.18
N LEU K 33 36.28 -33.91 15.55
CA LEU K 33 37.41 -34.61 14.98
C LEU K 33 38.66 -34.21 15.76
N GLN K 34 39.69 -35.04 15.63
CA GLN K 34 41.01 -34.78 16.17
C GLN K 34 41.97 -34.54 15.02
N ASP K 35 42.87 -33.56 15.19
CA ASP K 35 43.88 -33.25 14.20
C ASP K 35 43.24 -32.82 12.87
N ALA K 36 42.04 -32.24 12.96
CA ALA K 36 41.35 -31.78 11.76
C ALA K 36 42.16 -30.71 11.04
N LYS K 37 41.94 -30.61 9.73
CA LYS K 37 42.67 -29.67 8.90
C LYS K 37 41.77 -29.25 7.76
N GLU K 38 41.62 -27.96 7.56
CA GLU K 38 40.83 -27.47 6.45
C GLU K 38 41.59 -27.76 5.16
N ILE K 39 40.92 -28.37 4.19
CA ILE K 39 41.58 -28.84 2.96
C ILE K 39 41.11 -28.11 1.72
N THR K 40 40.02 -27.35 1.79
CA THR K 40 39.45 -26.66 0.64
C THR K 40 38.56 -25.51 1.12
N ASN K 41 38.58 -24.40 0.36
CA ASN K 41 37.84 -23.20 0.72
C ASN K 41 37.55 -22.32 -0.49
N VAL K 42 37.41 -22.92 -1.68
CA VAL K 42 36.89 -22.17 -2.83
C VAL K 42 35.47 -21.72 -2.52
N ARG K 43 35.16 -20.47 -2.92
CA ARG K 43 33.85 -19.89 -2.66
C ARG K 43 33.40 -20.00 -1.19
N ASN K 44 34.35 -20.08 -0.26
CA ASN K 44 34.05 -20.16 1.18
C ASN K 44 33.37 -21.46 1.57
N MET K 45 33.45 -22.45 0.71
CA MET K 45 32.83 -23.75 0.97
C MET K 45 33.89 -24.68 1.56
N LEU K 46 33.92 -24.72 2.89
CA LEU K 46 34.98 -25.37 3.62
C LEU K 46 34.92 -26.89 3.51
N GLY K 47 36.09 -27.51 3.42
CA GLY K 47 36.21 -28.94 3.61
C GLY K 47 37.34 -29.26 4.56
N PHE K 48 37.19 -30.36 5.28
CA PHE K 48 38.17 -30.78 6.27
C PHE K 48 38.40 -32.30 6.21
N SER K 49 39.55 -32.70 6.71
CA SER K 49 39.86 -34.11 6.94
C SER K 49 40.47 -34.20 8.33
N GLY K 50 39.97 -35.13 9.12
CA GLY K 50 40.57 -35.41 10.41
C GLY K 50 40.35 -36.85 10.82
N LYS K 51 40.47 -37.14 12.11
CA LYS K 51 40.26 -38.48 12.64
C LYS K 51 39.12 -38.47 13.65
N TYR K 52 38.29 -39.51 13.62
CA TYR K 52 37.22 -39.71 14.60
C TYR K 52 37.36 -41.12 15.16
N LYS K 53 37.81 -41.23 16.41
CA LYS K 53 38.11 -42.52 17.05
C LYS K 53 39.09 -43.34 16.20
N GLY K 54 40.18 -42.71 15.81
CA GLY K 54 41.22 -43.37 15.04
C GLY K 54 40.99 -43.45 13.55
N ARG K 55 39.78 -43.14 13.08
CA ARG K 55 39.42 -43.32 11.68
C ARG K 55 39.51 -41.99 10.94
N GLY K 56 40.35 -41.95 9.89
CA GLY K 56 40.34 -40.82 8.99
C GLY K 56 39.01 -40.68 8.29
N ILE K 57 38.40 -39.49 8.36
CA ILE K 57 37.19 -39.18 7.61
C ILE K 57 37.24 -37.72 7.15
N SER K 58 36.46 -37.43 6.12
CA SER K 58 36.49 -36.09 5.55
C SER K 58 35.13 -35.43 5.70
N LEU K 59 35.13 -34.11 5.56
CA LEU K 59 33.93 -33.30 5.70
C LEU K 59 33.88 -32.30 4.54
N MET K 60 32.68 -32.09 3.97
CA MET K 60 32.51 -31.18 2.84
C MET K 60 31.17 -30.47 2.92
N GLY K 61 31.16 -29.20 2.57
CA GLY K 61 29.93 -28.48 2.38
C GLY K 61 29.51 -28.51 0.92
N HIS K 62 28.19 -28.55 0.67
CA HIS K 62 27.70 -28.62 -0.70
C HIS K 62 26.78 -27.46 -1.10
N GLY K 63 26.61 -26.43 -0.25
CA GLY K 63 25.69 -25.40 -0.70
C GLY K 63 24.26 -25.93 -0.72
N MET K 64 23.36 -25.13 -1.27
CA MET K 64 21.92 -25.43 -1.27
C MET K 64 21.42 -25.70 -2.68
N GLY K 65 20.58 -26.73 -2.81
CA GLY K 65 19.93 -27.05 -4.07
C GLY K 65 20.68 -28.13 -4.86
N ILE K 66 19.96 -28.75 -5.79
CA ILE K 66 20.48 -29.92 -6.51
C ILE K 66 21.68 -29.54 -7.37
N ALA K 67 21.55 -28.44 -8.11
CA ALA K 67 22.66 -28.02 -8.97
C ALA K 67 23.95 -27.87 -8.19
N SER K 68 23.89 -27.21 -7.00
CA SER K 68 25.10 -27.02 -6.19
C SER K 68 25.61 -28.34 -5.62
N CYS K 69 24.71 -29.13 -5.04
CA CYS K 69 25.12 -30.42 -4.51
C CYS K 69 25.76 -31.27 -5.59
N THR K 70 25.19 -31.26 -6.79
CA THR K 70 25.68 -32.11 -7.86
C THR K 70 27.10 -31.74 -8.29
N ILE K 71 27.43 -30.44 -8.27
CA ILE K 71 28.81 -30.03 -8.55
C ILE K 71 29.77 -30.62 -7.53
N TYR K 72 29.46 -30.44 -6.25
CA TYR K 72 30.39 -30.90 -5.23
C TYR K 72 30.50 -32.42 -5.21
N VAL K 73 29.38 -33.12 -5.33
CA VAL K 73 29.38 -34.59 -5.26
C VAL K 73 30.18 -35.16 -6.43
N THR K 74 29.90 -34.68 -7.63
CA THR K 74 30.60 -35.12 -8.83
C THR K 74 32.12 -34.95 -8.68
N GLU K 75 32.56 -33.78 -8.22
CA GLU K 75 33.99 -33.54 -8.09
C GLU K 75 34.63 -34.40 -7.00
N LEU K 76 33.96 -34.56 -5.87
CA LEU K 76 34.49 -35.46 -4.85
C LEU K 76 34.73 -36.87 -5.40
N ILE K 77 33.77 -37.39 -6.18
CA ILE K 77 33.88 -38.75 -6.68
C ILE K 77 34.88 -38.82 -7.82
N LYS K 78 34.68 -37.98 -8.84
CA LYS K 78 35.49 -38.13 -10.05
C LYS K 78 36.93 -37.68 -9.83
N THR K 79 37.17 -36.70 -8.96
CA THR K 79 38.52 -36.21 -8.79
C THR K 79 39.19 -36.70 -7.51
N TYR K 80 38.53 -36.56 -6.36
CA TYR K 80 39.14 -36.85 -5.08
C TYR K 80 38.78 -38.24 -4.56
N GLN K 81 38.19 -39.08 -5.40
CA GLN K 81 38.04 -40.53 -5.17
C GLN K 81 37.17 -40.90 -3.96
N VAL K 82 36.34 -39.98 -3.44
CA VAL K 82 35.44 -40.34 -2.35
C VAL K 82 34.48 -41.44 -2.80
N LYS K 83 34.20 -42.37 -1.90
CA LYS K 83 33.40 -43.54 -2.25
C LYS K 83 32.15 -43.67 -1.40
N GLU K 84 32.18 -43.19 -0.16
CA GLU K 84 31.00 -43.17 0.70
C GLU K 84 30.70 -41.72 1.01
N LEU K 85 29.44 -41.31 0.78
CA LEU K 85 28.98 -39.95 1.07
C LEU K 85 27.78 -40.03 1.98
N LEU K 86 27.89 -39.43 3.15
CA LEU K 86 26.85 -39.43 4.15
C LEU K 86 26.40 -37.99 4.37
N ARG K 87 25.21 -37.66 3.90
CA ARG K 87 24.68 -36.30 3.98
C ARG K 87 23.78 -36.16 5.20
N ILE K 88 24.01 -35.10 5.98
CA ILE K 88 23.23 -34.81 7.17
C ILE K 88 22.79 -33.34 7.08
N GLY K 89 21.69 -33.02 7.76
CA GLY K 89 21.22 -31.65 7.75
C GLY K 89 19.78 -31.57 8.23
N THR K 90 19.19 -30.41 7.99
CA THR K 90 17.85 -30.07 8.45
C THR K 90 16.83 -30.22 7.32
N CYS K 91 15.60 -30.52 7.71
CA CYS K 91 14.50 -30.63 6.77
C CYS K 91 13.23 -30.19 7.50
N GLY K 92 12.21 -29.80 6.72
CA GLY K 92 10.95 -29.40 7.27
C GLY K 92 9.95 -30.53 7.17
N ALA K 93 9.46 -30.97 8.31
CA ALA K 93 8.56 -32.11 8.34
C ALA K 93 7.19 -31.73 7.78
N ILE K 94 6.58 -32.67 7.06
CA ILE K 94 5.23 -32.48 6.50
C ILE K 94 4.27 -33.60 6.88
N SER K 95 4.71 -34.61 7.62
CA SER K 95 3.94 -35.81 7.94
C SER K 95 3.63 -35.83 9.43
N PRO K 96 2.48 -36.38 9.83
CA PRO K 96 2.23 -36.52 11.27
C PRO K 96 3.10 -37.57 11.93
N LYS K 97 3.46 -38.65 11.21
CA LYS K 97 4.30 -39.70 11.83
C LYS K 97 5.74 -39.24 12.19
N VAL K 98 6.08 -37.96 12.14
CA VAL K 98 7.36 -37.46 12.62
C VAL K 98 7.14 -36.16 13.38
N GLY K 99 8.06 -35.85 14.27
CA GLY K 99 7.98 -34.66 15.09
C GLY K 99 9.34 -34.04 15.25
N LEU K 100 9.45 -33.03 16.11
CA LEU K 100 10.70 -32.31 16.27
C LEU K 100 11.74 -33.19 16.96
N LYS K 101 13.02 -32.88 16.71
CA LYS K 101 14.19 -33.61 17.18
C LYS K 101 14.34 -34.99 16.54
N ASP K 102 13.42 -35.37 15.65
CA ASP K 102 13.48 -36.67 14.99
C ASP K 102 14.53 -36.64 13.88
N ILE K 103 15.25 -37.76 13.73
CA ILE K 103 16.18 -37.94 12.63
C ILE K 103 15.55 -38.87 11.60
N ILE K 104 15.57 -38.44 10.33
CA ILE K 104 14.90 -39.14 9.23
C ILE K 104 15.96 -39.67 8.27
N MET K 105 15.85 -40.96 7.92
CA MET K 105 16.67 -41.57 6.88
C MET K 105 15.83 -41.61 5.61
N ALA K 106 16.36 -41.07 4.52
CA ALA K 106 15.60 -40.92 3.29
C ALA K 106 15.81 -42.14 2.40
N THR K 107 14.83 -43.05 2.40
CA THR K 107 14.98 -44.21 1.54
C THR K 107 14.71 -43.89 0.07
N GLY K 108 14.47 -42.62 -0.25
CA GLY K 108 14.21 -42.21 -1.61
C GLY K 108 14.00 -40.72 -1.68
N ALA K 109 14.33 -40.09 -2.81
CA ALA K 109 14.17 -38.65 -2.93
C ALA K 109 13.35 -38.32 -4.17
N SER K 110 12.08 -37.96 -3.95
CA SER K 110 11.27 -37.38 -5.00
C SER K 110 11.73 -35.94 -5.27
N THR K 111 11.36 -35.43 -6.44
CA THR K 111 11.83 -34.10 -6.80
C THR K 111 10.87 -33.45 -7.79
N ASP K 112 10.81 -32.12 -7.73
CA ASP K 112 10.22 -31.32 -8.79
C ASP K 112 11.28 -30.80 -9.76
N SER K 113 12.53 -31.20 -9.58
CA SER K 113 13.59 -30.81 -10.49
C SER K 113 13.46 -31.56 -11.82
N LYS K 114 13.98 -30.98 -12.89
CA LYS K 114 14.07 -31.72 -14.15
C LYS K 114 15.39 -32.48 -14.32
N THR K 115 16.27 -32.51 -13.29
CA THR K 115 17.62 -33.01 -13.51
C THR K 115 17.65 -34.51 -13.71
N ASN K 116 16.79 -35.25 -13.02
CA ASN K 116 16.80 -36.69 -13.21
C ASN K 116 16.21 -37.07 -14.58
N ARG K 117 15.18 -36.34 -15.01
CA ARG K 117 14.64 -36.53 -16.36
C ARG K 117 15.72 -36.36 -17.41
N VAL K 118 16.55 -35.31 -17.27
CA VAL K 118 17.64 -35.06 -18.23
C VAL K 118 18.69 -36.16 -18.15
N ARG K 119 18.93 -36.68 -16.94
CA ARG K 119 19.92 -37.72 -16.73
C ARG K 119 19.48 -39.05 -17.32
N PHE K 120 18.16 -39.28 -17.40
CA PHE K 120 17.62 -40.63 -17.47
C PHE K 120 16.44 -40.72 -18.44
N LEU K 121 16.67 -40.36 -19.71
CA LEU K 121 15.74 -40.67 -20.79
C LEU K 121 14.38 -40.00 -20.66
N ASN K 122 14.28 -38.88 -19.95
CA ASN K 122 12.99 -38.26 -19.64
C ASN K 122 11.99 -39.22 -18.98
N HIS K 123 12.48 -40.33 -18.46
CA HIS K 123 11.68 -41.24 -17.66
C HIS K 123 11.83 -40.86 -16.20
N ASP K 124 11.24 -41.66 -15.29
CA ASP K 124 11.22 -41.37 -13.87
C ASP K 124 12.32 -42.16 -13.17
N LEU K 125 13.39 -41.49 -12.74
CA LEU K 125 14.46 -42.11 -11.98
C LEU K 125 14.08 -42.16 -10.51
N SER K 126 14.06 -43.36 -9.93
CA SER K 126 13.76 -43.51 -8.51
C SER K 126 15.07 -43.28 -7.78
N ALA K 127 15.23 -42.09 -7.22
CA ALA K 127 16.51 -41.69 -6.65
C ALA K 127 16.63 -42.25 -5.24
N THR K 128 17.58 -43.14 -5.02
CA THR K 128 17.57 -43.96 -3.82
C THR K 128 18.98 -44.06 -3.27
N PRO K 129 19.12 -44.26 -1.96
CA PRO K 129 20.45 -44.40 -1.38
C PRO K 129 20.96 -45.81 -1.61
N ASP K 130 22.25 -45.98 -1.28
CA ASP K 130 22.87 -47.30 -1.25
C ASP K 130 22.41 -48.04 0.00
N PHE K 131 22.11 -49.32 -0.17
CA PHE K 131 21.38 -50.06 0.87
C PHE K 131 22.27 -50.42 2.05
N GLU K 132 23.52 -50.81 1.81
CA GLU K 132 24.42 -51.13 2.92
C GLU K 132 24.56 -49.93 3.85
N LEU K 133 24.73 -48.74 3.27
CA LEU K 133 24.73 -47.51 4.06
C LEU K 133 23.42 -47.35 4.84
N SER K 134 22.27 -47.48 4.16
CA SER K 134 21.00 -47.36 4.86
C SER K 134 20.87 -48.43 5.95
N LEU K 135 21.34 -49.64 5.65
CA LEU K 135 21.39 -50.71 6.64
C LEU K 135 22.28 -50.32 7.81
N ARG K 136 23.52 -49.92 7.51
CA ARG K 136 24.45 -49.51 8.55
C ARG K 136 23.89 -48.37 9.41
N ALA K 137 23.13 -47.47 8.77
CA ALA K 137 22.51 -46.37 9.51
C ALA K 137 21.51 -46.89 10.52
N TYR K 138 20.64 -47.80 10.09
CA TYR K 138 19.71 -48.44 11.02
C TYR K 138 20.45 -49.15 12.14
N GLN K 139 21.51 -49.89 11.80
CA GLN K 139 22.30 -50.63 12.77
C GLN K 139 22.93 -49.71 13.81
N THR K 140 23.60 -48.66 13.35
CA THR K 140 24.22 -47.74 14.30
C THR K 140 23.16 -47.05 15.17
N ALA K 141 22.03 -46.66 14.58
CA ALA K 141 21.00 -45.93 15.31
C ALA K 141 20.38 -46.79 16.41
N LYS K 142 20.05 -48.05 16.10
CA LYS K 142 19.65 -48.99 17.13
C LYS K 142 20.68 -49.05 18.25
N ARG K 143 21.97 -49.04 17.91
CA ARG K 143 23.00 -49.18 18.94
C ARG K 143 23.13 -47.94 19.80
N LEU K 144 22.92 -46.75 19.25
CA LEU K 144 23.06 -45.50 19.99
C LEU K 144 21.77 -45.05 20.65
N GLY K 145 20.71 -45.84 20.56
CA GLY K 145 19.46 -45.51 21.21
C GLY K 145 18.54 -44.59 20.44
N ILE K 146 18.79 -44.39 19.14
CA ILE K 146 18.02 -43.44 18.35
C ILE K 146 16.89 -44.19 17.67
N ASP K 147 15.72 -43.55 17.63
CA ASP K 147 14.54 -44.10 16.97
C ASP K 147 14.46 -43.47 15.58
N LEU K 148 14.98 -44.18 14.59
CA LEU K 148 15.18 -43.61 13.26
C LEU K 148 13.88 -43.62 12.47
N LYS K 149 13.43 -42.43 12.05
CA LYS K 149 12.28 -42.34 11.17
C LYS K 149 12.74 -42.57 9.73
N VAL K 150 12.11 -43.49 9.03
CA VAL K 150 12.57 -43.92 7.72
C VAL K 150 11.45 -43.72 6.71
N GLY K 151 11.79 -43.13 5.57
CA GLY K 151 10.80 -42.86 4.53
C GLY K 151 11.40 -42.00 3.43
N ASN K 152 10.51 -41.47 2.59
CA ASN K 152 10.93 -40.63 1.49
C ASN K 152 11.02 -39.16 1.90
N VAL K 153 11.91 -38.44 1.23
CA VAL K 153 11.91 -36.99 1.27
C VAL K 153 11.54 -36.48 -0.11
N PHE K 154 11.16 -35.21 -0.17
CA PHE K 154 10.87 -34.53 -1.43
C PHE K 154 11.91 -33.43 -1.60
N SER K 155 12.69 -33.52 -2.68
CA SER K 155 13.80 -32.61 -2.92
C SER K 155 13.32 -31.53 -3.88
N SER K 156 13.23 -30.30 -3.39
CA SER K 156 12.62 -29.22 -4.14
C SER K 156 13.68 -28.25 -4.63
N ASP K 157 13.46 -27.69 -5.81
CA ASP K 157 14.25 -26.58 -6.30
C ASP K 157 13.84 -25.26 -5.62
N PHE K 158 12.84 -25.29 -4.73
CA PHE K 158 12.28 -24.08 -4.13
C PHE K 158 12.34 -24.20 -2.62
N PHE K 159 12.99 -23.25 -1.96
CA PHE K 159 12.77 -23.10 -0.53
C PHE K 159 11.43 -22.43 -0.28
N TYR K 160 11.13 -21.36 -1.04
CA TYR K 160 9.83 -20.70 -0.99
C TYR K 160 8.95 -21.33 -2.05
N SER K 161 8.10 -22.23 -1.60
CA SER K 161 7.35 -23.11 -2.48
C SER K 161 6.14 -22.37 -3.04
N PHE K 162 5.86 -22.63 -4.32
CA PHE K 162 4.60 -22.23 -4.93
C PHE K 162 3.52 -23.32 -4.89
N GLU K 163 3.70 -24.39 -4.11
CA GLU K 163 2.78 -25.52 -4.10
C GLU K 163 2.59 -26.06 -2.69
N THR K 164 2.47 -25.17 -1.70
CA THR K 164 2.27 -25.61 -0.32
C THR K 164 0.94 -26.35 -0.17
N HIS K 165 0.00 -26.10 -1.05
CA HIS K 165 -1.28 -26.82 -1.04
C HIS K 165 -1.10 -28.30 -1.33
N ALA K 166 0.10 -28.74 -1.73
CA ALA K 166 0.36 -30.12 -2.08
C ALA K 166 1.14 -30.86 -1.01
N PHE K 167 1.45 -30.21 0.11
CA PHE K 167 2.25 -30.89 1.12
C PHE K 167 1.53 -32.08 1.71
N ASP K 168 0.20 -31.99 1.83
CA ASP K 168 -0.61 -33.10 2.35
C ASP K 168 -0.48 -34.33 1.45
N LEU K 169 -0.57 -34.13 0.14
CA LEU K 169 -0.44 -35.27 -0.78
C LEU K 169 0.96 -35.87 -0.71
N MET K 170 1.95 -35.01 -0.52
CA MET K 170 3.33 -35.45 -0.36
C MET K 170 3.47 -36.40 0.82
N ALA K 171 3.00 -35.98 2.00
CA ALA K 171 3.06 -36.82 3.19
C ALA K 171 2.16 -38.05 3.07
N LYS K 172 1.05 -37.93 2.32
CA LYS K 172 0.20 -39.08 2.01
C LYS K 172 0.94 -40.13 1.20
N TYR K 173 1.92 -39.72 0.41
CA TYR K 173 2.76 -40.68 -0.31
C TYR K 173 4.08 -40.99 0.40
N ASN K 174 4.08 -40.92 1.74
CA ASN K 174 5.23 -41.30 2.57
C ASN K 174 6.41 -40.32 2.48
N HIS K 175 6.15 -39.07 2.14
CA HIS K 175 7.20 -38.04 2.23
C HIS K 175 7.09 -37.36 3.58
N LEU K 176 8.08 -37.60 4.44
CA LEU K 176 8.05 -37.07 5.80
C LEU K 176 8.59 -35.65 5.87
N ALA K 177 9.35 -35.21 4.87
CA ALA K 177 9.99 -33.91 4.94
C ALA K 177 10.39 -33.44 3.55
N ILE K 178 10.52 -32.11 3.44
CA ILE K 178 11.05 -31.44 2.25
C ILE K 178 12.46 -30.95 2.56
N GLU K 179 13.38 -31.15 1.62
CA GLU K 179 14.73 -30.57 1.69
C GLU K 179 15.13 -30.29 0.24
N MET K 180 16.38 -29.93 0.00
CA MET K 180 16.70 -29.45 -1.33
C MET K 180 17.79 -30.20 -2.10
N GLU K 181 18.39 -31.26 -1.54
CA GLU K 181 19.59 -31.83 -2.16
C GLU K 181 19.54 -33.34 -2.40
N ALA K 182 18.74 -34.07 -1.61
CA ALA K 182 18.91 -35.52 -1.54
C ALA K 182 18.81 -36.18 -2.91
N ALA K 183 17.82 -35.78 -3.71
CA ALA K 183 17.57 -36.35 -5.03
C ALA K 183 18.76 -36.19 -5.96
N GLY K 184 19.46 -35.05 -5.84
CA GLY K 184 20.63 -34.81 -6.66
C GLY K 184 21.84 -35.55 -6.17
N LEU K 185 21.96 -35.73 -4.85
CA LEU K 185 23.03 -36.55 -4.31
C LEU K 185 22.82 -38.02 -4.63
N TYR K 186 21.59 -38.51 -4.50
CA TYR K 186 21.33 -39.91 -4.82
C TYR K 186 21.61 -40.18 -6.29
N ALA K 187 21.07 -39.33 -7.16
CA ALA K 187 21.25 -39.52 -8.59
C ALA K 187 22.72 -39.45 -8.97
N THR K 188 23.44 -38.47 -8.43
CA THR K 188 24.86 -38.35 -8.77
C THR K 188 25.63 -39.58 -8.31
N ALA K 189 25.38 -40.04 -7.09
CA ALA K 189 26.02 -41.26 -6.64
C ALA K 189 25.62 -42.45 -7.53
N MET K 190 24.39 -42.47 -8.02
CA MET K 190 23.98 -43.59 -8.86
C MET K 190 24.77 -43.60 -10.16
N GLU K 191 24.91 -42.42 -10.78
CA GLU K 191 25.59 -42.26 -12.06
C GLU K 191 27.05 -42.68 -11.98
N LEU K 192 27.69 -42.37 -10.86
CA LEU K 192 29.13 -42.53 -10.69
C LEU K 192 29.48 -43.75 -9.84
N ASN K 193 28.48 -44.58 -9.52
CA ASN K 193 28.69 -45.84 -8.79
C ASN K 193 29.36 -45.63 -7.43
N ALA K 194 28.79 -44.73 -6.64
CA ALA K 194 29.26 -44.47 -5.29
C ALA K 194 28.11 -44.69 -4.32
N LYS K 195 28.44 -44.76 -3.03
CA LYS K 195 27.48 -45.05 -1.96
C LYS K 195 27.12 -43.74 -1.26
N ALA K 196 25.84 -43.37 -1.31
CA ALA K 196 25.33 -42.15 -0.69
C ALA K 196 24.13 -42.48 0.20
N LEU K 197 23.92 -41.62 1.20
CA LEU K 197 22.76 -41.72 2.07
C LEU K 197 22.51 -40.34 2.64
N CYS K 198 21.25 -40.07 2.97
CA CYS K 198 20.84 -38.78 3.52
C CYS K 198 20.10 -39.00 4.83
N LEU K 199 20.59 -38.40 5.90
CA LEU K 199 19.85 -38.29 7.15
C LEU K 199 19.54 -36.81 7.37
N CYS K 200 18.36 -36.51 7.88
CA CYS K 200 17.95 -35.12 8.06
C CYS K 200 17.18 -34.97 9.36
N SER K 201 17.64 -34.05 10.22
CA SER K 201 16.97 -33.76 11.48
C SER K 201 15.89 -32.70 11.29
N VAL K 202 14.77 -32.90 11.99
CA VAL K 202 13.60 -32.01 11.89
C VAL K 202 13.76 -30.89 12.92
N SER K 203 14.05 -29.68 12.45
CA SER K 203 13.99 -28.50 13.31
C SER K 203 12.58 -27.92 13.35
N ASP K 204 11.95 -27.75 12.18
CA ASP K 204 10.64 -27.15 12.08
C ASP K 204 9.67 -28.11 11.42
N HIS K 205 8.41 -27.99 11.81
CA HIS K 205 7.32 -28.81 11.26
C HIS K 205 6.47 -27.92 10.37
N LEU K 206 6.51 -28.15 9.07
CA LEU K 206 5.83 -27.26 8.15
C LEU K 206 4.32 -27.29 8.34
N ILE K 207 3.77 -28.42 8.76
CA ILE K 207 2.33 -28.57 8.88
C ILE K 207 1.83 -27.92 10.17
N THR K 208 2.30 -28.43 11.30
CA THR K 208 1.86 -27.99 12.61
C THR K 208 2.57 -26.72 13.10
N LYS K 209 3.57 -26.24 12.37
CA LYS K 209 4.25 -24.98 12.65
C LYS K 209 5.08 -24.98 13.93
N GLU K 210 5.40 -26.16 14.49
CA GLU K 210 6.32 -26.19 15.61
C GLU K 210 7.73 -25.78 15.16
N ALA K 211 8.53 -25.34 16.12
CA ALA K 211 9.92 -24.99 15.89
C ALA K 211 10.73 -25.44 17.09
N LEU K 212 12.02 -25.71 16.87
CA LEU K 212 12.89 -26.21 17.93
C LEU K 212 13.54 -25.06 18.70
N SER K 213 13.64 -25.23 20.01
CA SER K 213 14.42 -24.33 20.83
C SER K 213 15.82 -24.20 20.22
N PRO K 214 16.36 -22.98 20.08
CA PRO K 214 17.70 -22.86 19.49
C PRO K 214 18.74 -23.54 20.35
N LYS K 215 18.57 -23.47 21.67
CA LYS K 215 19.37 -24.24 22.61
C LYS K 215 19.37 -25.72 22.24
N GLU K 216 18.18 -26.33 22.21
CA GLU K 216 18.10 -27.74 21.84
C GLU K 216 18.35 -27.97 20.35
N ARG K 217 18.17 -26.95 19.51
CA ARG K 217 18.40 -27.12 18.07
C ARG K 217 19.85 -27.51 17.78
N VAL K 218 20.81 -26.95 18.52
CA VAL K 218 22.19 -27.38 18.33
C VAL K 218 22.39 -28.79 18.85
N GLU K 219 21.72 -29.16 19.94
CA GLU K 219 21.93 -30.48 20.53
C GLU K 219 21.19 -31.56 19.77
N SER K 220 20.09 -31.22 19.10
CA SER K 220 19.47 -32.16 18.17
C SER K 220 20.39 -32.43 16.97
N PHE K 221 21.23 -31.47 16.61
CA PHE K 221 22.14 -31.67 15.48
C PHE K 221 23.32 -32.57 15.86
N ASP K 222 23.97 -32.28 16.99
CA ASP K 222 25.07 -33.14 17.47
C ASP K 222 24.62 -34.58 17.60
N ASN K 223 23.36 -34.80 18.02
CA ASN K 223 22.76 -36.12 17.96
C ASN K 223 23.02 -36.77 16.61
N MET K 224 22.51 -36.16 15.54
CA MET K 224 22.73 -36.64 14.18
C MET K 224 24.22 -36.78 13.89
N ILE K 225 25.01 -35.76 14.26
CA ILE K 225 26.45 -35.76 13.98
C ILE K 225 27.09 -37.04 14.50
N ILE K 226 26.82 -37.40 15.77
CA ILE K 226 27.41 -38.60 16.33
C ILE K 226 26.98 -39.84 15.56
N LEU K 227 25.69 -39.94 15.24
CA LEU K 227 25.23 -41.06 14.43
C LEU K 227 26.01 -41.17 13.13
N ALA K 228 26.26 -40.02 12.50
CA ALA K 228 26.98 -40.02 11.22
C ALA K 228 28.43 -40.48 11.39
N LEU K 229 29.15 -39.87 12.34
CA LEU K 229 30.55 -40.24 12.57
C LEU K 229 30.68 -41.68 13.03
N GLU K 230 29.73 -42.13 13.85
CA GLU K 230 29.74 -43.51 14.30
C GLU K 230 29.70 -44.48 13.12
N MET K 231 28.75 -44.29 12.19
CA MET K 231 28.62 -45.27 11.12
C MET K 231 29.82 -45.24 10.18
N MET K 232 30.53 -44.12 10.12
CA MET K 232 31.72 -44.04 9.28
C MET K 232 32.96 -44.56 9.98
N SER K 233 32.88 -44.83 11.28
CA SER K 233 34.01 -45.39 12.02
C SER K 233 33.72 -46.82 12.49
N MET L 1 6.89 -70.86 -27.48
CA MET L 1 7.31 -70.16 -28.69
C MET L 1 7.21 -68.62 -28.55
N THR L 2 6.37 -68.17 -27.64
CA THR L 2 6.46 -66.85 -27.03
C THR L 2 6.36 -66.98 -25.53
N PRO L 3 6.96 -66.06 -24.77
CA PRO L 3 6.88 -66.15 -23.30
C PRO L 3 5.47 -66.09 -22.73
N HIS L 4 4.48 -65.68 -23.51
CA HIS L 4 3.15 -65.43 -22.97
C HIS L 4 2.05 -66.22 -23.66
N ILE L 5 2.39 -67.03 -24.66
CA ILE L 5 1.44 -67.87 -25.37
C ILE L 5 1.98 -69.30 -25.46
N ASN L 6 1.10 -70.27 -25.24
CA ASN L 6 1.41 -71.70 -25.21
C ASN L 6 1.39 -72.35 -26.59
N ALA L 7 0.97 -71.63 -27.62
CA ALA L 7 0.54 -72.27 -28.86
C ALA L 7 1.69 -72.52 -29.81
N LYS L 8 1.59 -73.62 -30.54
CA LYS L 8 2.46 -73.87 -31.68
C LYS L 8 1.92 -73.14 -32.91
N ILE L 9 2.83 -72.82 -33.84
CA ILE L 9 2.51 -72.08 -35.05
C ILE L 9 1.28 -72.64 -35.77
N GLY L 10 0.59 -71.78 -36.52
CA GLY L 10 -0.61 -72.17 -37.23
C GLY L 10 -1.84 -72.38 -36.38
N ASP L 11 -1.71 -72.38 -35.05
CA ASP L 11 -2.86 -72.55 -34.17
C ASP L 11 -3.85 -71.40 -34.27
N PHE L 12 -3.40 -70.20 -34.65
CA PHE L 12 -4.25 -69.02 -34.69
C PHE L 12 -4.71 -68.75 -36.11
N TYR L 13 -6.03 -68.80 -36.33
CA TYR L 13 -6.60 -68.30 -37.56
C TYR L 13 -6.27 -66.82 -37.66
N PRO L 14 -6.17 -66.27 -38.88
CA PRO L 14 -5.78 -64.85 -39.01
C PRO L 14 -6.75 -63.84 -38.40
N GLN L 15 -7.95 -64.25 -37.97
CA GLN L 15 -8.96 -63.35 -37.42
C GLN L 15 -9.24 -63.73 -35.96
N CYS L 16 -9.09 -62.75 -35.05
CA CYS L 16 -9.05 -63.04 -33.62
C CYS L 16 -9.86 -62.03 -32.82
N LEU L 17 -10.69 -62.55 -31.92
CA LEU L 17 -11.47 -61.76 -30.97
C LEU L 17 -10.71 -61.67 -29.65
N LEU L 18 -10.84 -60.52 -28.98
CA LEU L 18 -10.06 -60.20 -27.78
C LEU L 18 -10.95 -59.67 -26.68
N CYS L 19 -10.83 -60.27 -25.50
CA CYS L 19 -11.38 -59.72 -24.27
C CYS L 19 -10.28 -59.74 -23.20
N GLY L 20 -10.59 -59.19 -22.05
CA GLY L 20 -9.61 -59.15 -20.98
C GLY L 20 -9.80 -60.25 -19.96
N ASP L 21 -11.03 -60.76 -19.83
CA ASP L 21 -11.34 -61.82 -18.88
C ASP L 21 -11.24 -63.15 -19.61
N PRO L 22 -10.22 -63.98 -19.33
CA PRO L 22 -10.10 -65.26 -20.05
C PRO L 22 -11.26 -66.21 -19.79
N LEU L 23 -11.92 -66.11 -18.63
CA LEU L 23 -13.16 -66.84 -18.40
C LEU L 23 -14.24 -66.46 -19.41
N ARG L 24 -14.21 -65.21 -19.87
CA ARG L 24 -15.16 -64.76 -20.88
C ARG L 24 -14.69 -65.08 -22.29
N VAL L 25 -13.39 -65.27 -22.48
CA VAL L 25 -12.91 -65.86 -23.73
C VAL L 25 -13.36 -67.31 -23.85
N SER L 26 -13.46 -68.01 -22.72
CA SER L 26 -13.98 -69.37 -22.76
C SER L 26 -15.48 -69.35 -23.06
N TYR L 27 -16.25 -68.64 -22.22
CA TYR L 27 -17.70 -68.52 -22.36
C TYR L 27 -18.10 -68.33 -23.81
N ILE L 28 -17.30 -67.56 -24.57
CA ILE L 28 -17.55 -67.46 -26.01
C ILE L 28 -17.39 -68.83 -26.67
N ALA L 29 -16.25 -69.49 -26.44
CA ALA L 29 -15.94 -70.74 -27.14
C ALA L 29 -16.90 -71.88 -26.76
N LYS L 30 -17.37 -71.92 -25.51
CA LYS L 30 -18.35 -72.94 -25.13
C LYS L 30 -19.67 -72.70 -25.83
N LYS L 31 -20.13 -71.46 -25.86
CA LYS L 31 -21.51 -71.18 -26.22
C LYS L 31 -21.71 -70.88 -27.72
N PHE L 32 -20.66 -70.52 -28.45
CA PHE L 32 -20.83 -70.02 -29.80
C PHE L 32 -19.92 -70.66 -30.83
N LEU L 33 -19.01 -71.54 -30.43
CA LEU L 33 -17.96 -72.04 -31.31
C LEU L 33 -18.07 -73.54 -31.50
N GLN L 34 -17.70 -73.99 -32.70
CA GLN L 34 -17.48 -75.40 -33.00
C GLN L 34 -16.00 -75.62 -33.24
N ASP L 35 -15.53 -76.84 -32.94
CA ASP L 35 -14.10 -77.15 -32.92
C ASP L 35 -13.37 -76.40 -31.81
N ALA L 36 -14.06 -76.16 -30.70
CA ALA L 36 -13.57 -75.30 -29.63
C ALA L 36 -12.45 -75.99 -28.87
N LYS L 37 -11.21 -75.68 -29.24
CA LYS L 37 -10.03 -76.22 -28.58
C LYS L 37 -9.20 -75.10 -27.97
N GLU L 38 -8.92 -75.23 -26.68
CA GLU L 38 -7.86 -74.45 -26.06
C GLU L 38 -6.58 -74.62 -26.85
N ILE L 39 -5.88 -73.52 -27.09
CA ILE L 39 -4.58 -73.56 -27.76
C ILE L 39 -3.49 -72.85 -26.97
N THR L 40 -3.86 -72.03 -25.98
CA THR L 40 -2.91 -71.31 -25.15
C THR L 40 -3.53 -71.22 -23.76
N ASN L 41 -2.68 -71.23 -22.75
CA ASN L 41 -3.15 -71.03 -21.39
C ASN L 41 -2.02 -70.62 -20.45
N VAL L 42 -0.96 -70.00 -20.99
CA VAL L 42 0.08 -69.44 -20.14
C VAL L 42 -0.50 -68.35 -19.24
N ARG L 43 -0.11 -68.38 -17.98
CA ARG L 43 -0.53 -67.40 -16.98
C ARG L 43 -2.00 -67.53 -16.60
N ASN L 44 -2.64 -68.65 -16.97
CA ASN L 44 -4.08 -68.88 -16.78
C ASN L 44 -4.94 -68.04 -17.72
N MET L 45 -4.35 -67.57 -18.83
CA MET L 45 -4.98 -66.66 -19.77
C MET L 45 -5.14 -67.43 -21.07
N LEU L 46 -6.39 -67.80 -21.37
CA LEU L 46 -6.71 -68.79 -22.38
C LEU L 46 -6.88 -68.16 -23.75
N GLY L 47 -6.54 -68.93 -24.77
CA GLY L 47 -6.91 -68.61 -26.14
C GLY L 47 -7.43 -69.85 -26.83
N PHE L 48 -8.38 -69.64 -27.75
CA PHE L 48 -9.06 -70.73 -28.44
C PHE L 48 -9.00 -70.52 -29.95
N SER L 49 -9.21 -71.62 -30.67
CA SER L 49 -9.37 -71.61 -32.12
C SER L 49 -10.54 -72.52 -32.46
N GLY L 50 -11.47 -72.02 -33.26
CA GLY L 50 -12.71 -72.71 -33.49
C GLY L 50 -13.40 -72.28 -34.77
N LYS L 51 -14.70 -72.59 -34.84
CA LYS L 51 -15.51 -72.34 -36.01
C LYS L 51 -16.87 -71.81 -35.58
N TYR L 52 -17.26 -70.67 -36.13
CA TYR L 52 -18.60 -70.12 -36.00
C TYR L 52 -19.20 -70.05 -37.40
N LYS L 53 -20.30 -70.78 -37.60
CA LYS L 53 -20.89 -70.95 -38.94
C LYS L 53 -19.85 -71.44 -39.95
N GLY L 54 -19.13 -72.48 -39.56
CA GLY L 54 -18.11 -73.08 -40.40
C GLY L 54 -16.99 -72.15 -40.82
N ARG L 55 -16.73 -71.08 -40.06
CA ARG L 55 -15.69 -70.11 -40.38
C ARG L 55 -14.61 -70.18 -39.31
N GLY L 56 -13.35 -70.12 -39.74
CA GLY L 56 -12.20 -70.22 -38.85
C GLY L 56 -11.86 -68.94 -38.12
N ILE L 57 -12.30 -68.85 -36.86
CA ILE L 57 -12.08 -67.68 -36.02
C ILE L 57 -11.28 -68.12 -34.80
N SER L 58 -10.52 -67.18 -34.24
CA SER L 58 -9.73 -67.42 -33.03
C SER L 58 -10.17 -66.45 -31.94
N LEU L 59 -9.88 -66.84 -30.69
CA LEU L 59 -10.22 -66.06 -29.50
C LEU L 59 -8.94 -65.91 -28.68
N MET L 60 -8.85 -64.83 -27.90
CA MET L 60 -7.63 -64.57 -27.12
C MET L 60 -7.81 -63.53 -26.03
N GLY L 61 -7.51 -63.90 -24.78
CA GLY L 61 -7.55 -62.93 -23.68
C GLY L 61 -6.25 -62.14 -23.57
N HIS L 62 -6.38 -60.85 -23.22
CA HIS L 62 -5.24 -59.95 -23.12
C HIS L 62 -5.11 -59.25 -21.77
N GLY L 63 -5.87 -59.67 -20.75
CA GLY L 63 -5.79 -59.07 -19.42
C GLY L 63 -6.01 -57.55 -19.39
N MET L 64 -5.85 -56.99 -18.19
CA MET L 64 -6.17 -55.59 -17.93
C MET L 64 -4.97 -54.67 -18.11
N GLY L 65 -5.17 -53.57 -18.83
CA GLY L 65 -4.19 -52.52 -19.01
C GLY L 65 -3.53 -52.56 -20.37
N ILE L 66 -3.07 -51.39 -20.82
CA ILE L 66 -2.40 -51.24 -22.10
C ILE L 66 -1.14 -52.12 -22.17
N ALA L 67 -0.42 -52.24 -21.04
CA ALA L 67 0.85 -52.96 -21.06
C ALA L 67 0.64 -54.47 -21.12
N SER L 68 -0.41 -54.97 -20.46
CA SER L 68 -0.83 -56.36 -20.63
C SER L 68 -1.34 -56.62 -22.04
N CYS L 69 -2.19 -55.71 -22.55
CA CYS L 69 -2.73 -55.89 -23.88
C CYS L 69 -1.66 -55.79 -24.94
N THR L 70 -0.64 -54.96 -24.72
CA THR L 70 0.38 -54.75 -25.75
C THR L 70 1.22 -56.00 -25.94
N ILE L 71 1.48 -56.75 -24.87
CA ILE L 71 2.31 -57.94 -24.94
C ILE L 71 1.65 -58.97 -25.85
N TYR L 72 0.40 -59.31 -25.52
CA TYR L 72 -0.31 -60.36 -26.25
C TYR L 72 -0.59 -59.95 -27.69
N VAL L 73 -0.96 -58.69 -27.91
CA VAL L 73 -1.25 -58.23 -29.27
C VAL L 73 -0.02 -58.36 -30.15
N THR L 74 1.12 -57.91 -29.64
CA THR L 74 2.38 -57.99 -30.37
C THR L 74 2.72 -59.43 -30.71
N GLU L 75 2.62 -60.31 -29.71
CA GLU L 75 2.94 -61.73 -29.91
C GLU L 75 1.97 -62.41 -30.86
N LEU L 76 0.73 -61.90 -30.98
CA LEU L 76 -0.23 -62.43 -31.96
C LEU L 76 0.15 -62.05 -33.39
N ILE L 77 0.63 -60.82 -33.59
CA ILE L 77 0.79 -60.30 -34.94
C ILE L 77 2.11 -60.76 -35.57
N LYS L 78 3.24 -60.47 -34.90
CA LYS L 78 4.56 -60.71 -35.49
C LYS L 78 4.91 -62.19 -35.58
N THR L 79 4.31 -63.04 -34.73
CA THR L 79 4.67 -64.44 -34.55
C THR L 79 3.59 -65.42 -34.98
N TYR L 80 2.36 -65.29 -34.49
CA TYR L 80 1.27 -66.17 -34.89
C TYR L 80 0.54 -65.67 -36.14
N GLN L 81 1.12 -64.68 -36.84
CA GLN L 81 0.61 -64.14 -38.10
C GLN L 81 -0.85 -63.66 -38.05
N VAL L 82 -1.40 -63.38 -36.86
CA VAL L 82 -2.76 -62.88 -36.76
C VAL L 82 -2.86 -61.53 -37.47
N LYS L 83 -3.86 -61.39 -38.34
CA LYS L 83 -3.97 -60.28 -39.26
C LYS L 83 -5.07 -59.27 -38.93
N GLU L 84 -6.05 -59.65 -38.12
CA GLU L 84 -7.18 -58.79 -37.81
C GLU L 84 -7.57 -59.04 -36.37
N LEU L 85 -7.63 -57.97 -35.56
CA LEU L 85 -7.90 -58.09 -34.14
C LEU L 85 -9.11 -57.25 -33.79
N LEU L 86 -10.04 -57.84 -33.03
CA LEU L 86 -11.31 -57.20 -32.70
C LEU L 86 -11.53 -57.33 -31.20
N ARG L 87 -11.43 -56.21 -30.49
CA ARG L 87 -11.65 -56.20 -29.05
C ARG L 87 -13.13 -56.04 -28.76
N ILE L 88 -13.59 -56.69 -27.69
CA ILE L 88 -14.94 -56.55 -27.17
C ILE L 88 -14.85 -56.58 -25.65
N GLY L 89 -15.53 -55.64 -25.01
CA GLY L 89 -15.49 -55.61 -23.56
C GLY L 89 -16.54 -54.67 -23.03
N THR L 90 -16.62 -54.59 -21.71
CA THR L 90 -17.50 -53.65 -21.03
C THR L 90 -16.74 -52.36 -20.74
N CYS L 91 -17.45 -51.24 -20.84
CA CYS L 91 -16.88 -49.95 -20.47
C CYS L 91 -17.91 -49.11 -19.75
N GLY L 92 -17.44 -48.37 -18.75
CA GLY L 92 -18.30 -47.39 -18.10
C GLY L 92 -18.48 -46.18 -18.98
N ALA L 93 -19.74 -45.82 -19.24
CA ALA L 93 -20.02 -44.65 -20.04
C ALA L 93 -19.83 -43.39 -19.22
N ILE L 94 -19.39 -42.33 -19.89
CA ILE L 94 -19.22 -41.02 -19.27
C ILE L 94 -19.94 -39.92 -20.03
N SER L 95 -20.66 -40.25 -21.09
CA SER L 95 -21.34 -39.29 -21.92
C SER L 95 -22.85 -39.44 -21.80
N PRO L 96 -23.59 -38.33 -21.78
CA PRO L 96 -25.05 -38.44 -21.83
C PRO L 96 -25.54 -39.11 -23.10
N LYS L 97 -24.79 -38.97 -24.20
CA LYS L 97 -25.18 -39.49 -25.52
C LYS L 97 -25.37 -41.01 -25.56
N VAL L 98 -25.04 -41.74 -24.49
CA VAL L 98 -25.15 -43.19 -24.46
C VAL L 98 -25.68 -43.64 -23.10
N GLY L 99 -26.20 -44.87 -23.08
CA GLY L 99 -26.76 -45.44 -21.87
C GLY L 99 -26.56 -46.93 -21.85
N LEU L 100 -26.98 -47.55 -20.74
CA LEU L 100 -26.87 -48.99 -20.55
C LEU L 100 -27.36 -49.73 -21.79
N LYS L 101 -26.68 -50.84 -22.11
CA LYS L 101 -26.95 -51.77 -23.21
C LYS L 101 -26.42 -51.29 -24.58
N ASP L 102 -25.92 -50.07 -24.70
CA ASP L 102 -25.46 -49.55 -25.99
C ASP L 102 -24.10 -50.13 -26.38
N ILE L 103 -23.86 -50.22 -27.70
CA ILE L 103 -22.59 -50.72 -28.25
C ILE L 103 -21.82 -49.56 -28.86
N ILE L 104 -20.59 -49.39 -28.41
CA ILE L 104 -19.74 -48.27 -28.78
C ILE L 104 -18.58 -48.80 -29.64
N MET L 105 -18.61 -48.45 -30.93
CA MET L 105 -17.39 -48.52 -31.72
C MET L 105 -16.52 -47.31 -31.35
N ALA L 106 -15.21 -47.51 -31.39
CA ALA L 106 -14.25 -46.48 -31.01
C ALA L 106 -13.48 -46.08 -32.26
N THR L 107 -13.71 -44.88 -32.76
CA THR L 107 -12.98 -44.41 -33.93
C THR L 107 -11.66 -43.74 -33.55
N GLY L 108 -11.36 -43.65 -32.25
CA GLY L 108 -10.12 -43.19 -31.69
C GLY L 108 -10.09 -43.47 -30.20
N ALA L 109 -8.93 -43.83 -29.65
CA ALA L 109 -8.79 -43.99 -28.21
C ALA L 109 -7.75 -42.98 -27.70
N SER L 110 -8.19 -42.07 -26.84
CA SER L 110 -7.31 -41.17 -26.14
C SER L 110 -6.81 -41.86 -24.87
N THR L 111 -5.76 -41.32 -24.26
CA THR L 111 -5.12 -42.05 -23.16
C THR L 111 -4.25 -41.14 -22.28
N ASP L 112 -4.24 -41.43 -20.99
CA ASP L 112 -3.34 -40.80 -20.03
C ASP L 112 -2.05 -41.61 -19.79
N SER L 113 -1.82 -42.67 -20.55
CA SER L 113 -0.57 -43.43 -20.49
C SER L 113 0.51 -42.70 -21.30
N LYS L 114 1.78 -42.97 -20.96
CA LYS L 114 2.92 -42.40 -21.67
C LYS L 114 3.37 -43.26 -22.86
N THR L 115 2.70 -44.39 -23.12
CA THR L 115 3.21 -45.39 -24.05
C THR L 115 3.38 -44.83 -25.46
N ASN L 116 2.38 -44.08 -25.95
CA ASN L 116 2.44 -43.60 -27.33
C ASN L 116 3.44 -42.46 -27.50
N ARG L 117 3.66 -41.66 -26.44
CA ARG L 117 4.75 -40.69 -26.46
C ARG L 117 6.12 -41.37 -26.52
N VAL L 118 6.28 -42.56 -25.90
CA VAL L 118 7.51 -43.31 -26.12
C VAL L 118 7.58 -43.86 -27.55
N ARG L 119 6.47 -44.48 -28.01
CA ARG L 119 6.42 -44.96 -29.40
C ARG L 119 6.67 -43.84 -30.41
N PHE L 120 6.12 -42.64 -30.17
CA PHE L 120 5.93 -41.65 -31.23
C PHE L 120 6.61 -40.29 -30.95
N LEU L 121 7.94 -40.31 -30.70
CA LEU L 121 8.81 -39.12 -30.73
C LEU L 121 8.41 -38.02 -29.75
N ASN L 122 7.72 -38.38 -28.67
CA ASN L 122 7.19 -37.45 -27.67
C ASN L 122 6.08 -36.54 -28.20
N HIS L 123 5.55 -36.82 -29.38
CA HIS L 123 4.44 -36.06 -29.94
C HIS L 123 3.11 -36.68 -29.51
N ASP L 124 2.01 -36.24 -30.13
CA ASP L 124 0.68 -36.82 -29.88
C ASP L 124 0.39 -37.83 -30.98
N LEU L 125 0.16 -39.09 -30.58
CA LEU L 125 -0.22 -40.15 -31.51
C LEU L 125 -1.74 -40.29 -31.51
N SER L 126 -2.34 -40.04 -32.68
CA SER L 126 -3.77 -40.16 -32.93
C SER L 126 -4.09 -41.65 -33.12
N ALA L 127 -4.42 -42.31 -32.01
CA ALA L 127 -4.54 -43.77 -32.01
C ALA L 127 -5.86 -44.16 -32.64
N THR L 128 -5.83 -44.60 -33.90
CA THR L 128 -7.07 -44.96 -34.56
C THR L 128 -7.05 -46.40 -35.02
N PRO L 129 -8.22 -47.00 -35.18
CA PRO L 129 -8.31 -48.36 -35.74
C PRO L 129 -8.20 -48.33 -37.27
N ASP L 130 -8.16 -49.53 -37.85
CA ASP L 130 -8.27 -49.66 -39.30
C ASP L 130 -9.69 -49.33 -39.74
N PHE L 131 -9.80 -48.63 -40.87
CA PHE L 131 -11.09 -48.11 -41.30
C PHE L 131 -12.03 -49.20 -41.80
N GLU L 132 -11.48 -50.25 -42.43
CA GLU L 132 -12.30 -51.35 -42.93
C GLU L 132 -13.08 -52.01 -41.80
N LEU L 133 -12.38 -52.47 -40.77
CA LEU L 133 -13.06 -53.13 -39.65
C LEU L 133 -14.10 -52.23 -39.03
N SER L 134 -13.82 -50.92 -38.95
CA SER L 134 -14.82 -49.98 -38.44
C SER L 134 -16.02 -49.92 -39.36
N LEU L 135 -15.77 -49.81 -40.67
CA LEU L 135 -16.84 -49.80 -41.66
C LEU L 135 -17.60 -51.13 -41.66
N ARG L 136 -16.86 -52.24 -41.78
CA ARG L 136 -17.43 -53.57 -41.67
C ARG L 136 -18.29 -53.71 -40.43
N ALA L 137 -17.93 -53.01 -39.34
CA ALA L 137 -18.72 -53.09 -38.12
C ALA L 137 -20.06 -52.37 -38.29
N TYR L 138 -20.03 -51.17 -38.87
CA TYR L 138 -21.27 -50.42 -39.09
C TYR L 138 -22.24 -51.24 -39.91
N GLN L 139 -21.83 -51.61 -41.13
CA GLN L 139 -22.69 -52.36 -42.04
C GLN L 139 -23.29 -53.57 -41.34
N THR L 140 -22.49 -54.28 -40.56
CA THR L 140 -22.97 -55.50 -39.93
C THR L 140 -23.89 -55.20 -38.74
N ALA L 141 -23.61 -54.15 -37.97
CA ALA L 141 -24.55 -53.75 -36.93
C ALA L 141 -25.85 -53.22 -37.52
N LYS L 142 -25.76 -52.56 -38.69
CA LYS L 142 -26.96 -52.27 -39.47
C LYS L 142 -27.71 -53.55 -39.81
N ARG L 143 -27.04 -54.46 -40.53
CA ARG L 143 -27.65 -55.71 -40.97
C ARG L 143 -28.26 -56.53 -39.83
N LEU L 144 -27.88 -56.28 -38.58
CA LEU L 144 -28.44 -57.01 -37.45
C LEU L 144 -29.37 -56.16 -36.59
N GLY L 145 -29.70 -54.94 -37.04
CA GLY L 145 -30.56 -54.07 -36.27
C GLY L 145 -29.97 -53.55 -34.97
N ILE L 146 -28.67 -53.21 -34.97
CA ILE L 146 -28.01 -52.60 -33.82
C ILE L 146 -27.75 -51.13 -34.16
N ASP L 147 -28.03 -50.26 -33.20
CA ASP L 147 -27.69 -48.85 -33.31
C ASP L 147 -26.29 -48.68 -32.73
N LEU L 148 -25.34 -48.33 -33.57
CA LEU L 148 -23.95 -48.19 -33.16
C LEU L 148 -23.72 -46.78 -32.64
N LYS L 149 -23.12 -46.69 -31.43
CA LYS L 149 -22.74 -45.41 -30.82
C LYS L 149 -21.24 -45.22 -31.04
N VAL L 150 -20.90 -44.42 -32.04
CA VAL L 150 -19.52 -44.24 -32.49
C VAL L 150 -18.90 -43.00 -31.86
N GLY L 151 -17.59 -42.99 -31.76
CA GLY L 151 -16.86 -41.88 -31.16
C GLY L 151 -15.59 -42.36 -30.50
N ASN L 152 -15.06 -41.52 -29.62
CA ASN L 152 -13.78 -41.83 -28.98
C ASN L 152 -14.04 -42.52 -27.65
N VAL L 153 -13.05 -43.28 -27.21
CA VAL L 153 -13.00 -43.74 -25.83
C VAL L 153 -11.71 -43.21 -25.22
N PHE L 154 -11.67 -43.24 -23.89
CA PHE L 154 -10.49 -42.88 -23.13
C PHE L 154 -9.92 -44.12 -22.47
N SER L 155 -8.70 -44.50 -22.88
CA SER L 155 -7.97 -45.61 -22.27
C SER L 155 -7.12 -45.07 -21.12
N SER L 156 -7.51 -45.37 -19.89
CA SER L 156 -6.78 -44.93 -18.72
C SER L 156 -5.87 -46.04 -18.18
N ASP L 157 -4.72 -45.65 -17.67
CA ASP L 157 -3.94 -46.57 -16.83
C ASP L 157 -4.58 -46.77 -15.47
N PHE L 158 -5.62 -46.01 -15.13
CA PHE L 158 -6.24 -46.06 -13.81
C PHE L 158 -7.68 -46.57 -13.93
N PHE L 159 -8.00 -47.59 -13.13
CA PHE L 159 -9.38 -48.00 -12.95
C PHE L 159 -10.04 -47.15 -11.89
N TYR L 160 -9.38 -47.02 -10.74
CA TYR L 160 -9.80 -46.08 -9.70
C TYR L 160 -9.16 -44.73 -10.02
N SER L 161 -9.83 -43.98 -10.89
CA SER L 161 -9.30 -42.73 -11.43
C SER L 161 -8.95 -41.77 -10.30
N PHE L 162 -7.88 -41.00 -10.50
CA PHE L 162 -7.59 -39.84 -9.67
C PHE L 162 -8.10 -38.55 -10.32
N GLU L 163 -8.59 -38.63 -11.56
CA GLU L 163 -9.10 -37.51 -12.33
C GLU L 163 -10.58 -37.68 -12.69
N THR L 164 -11.46 -37.99 -11.72
CA THR L 164 -12.86 -38.17 -12.09
C THR L 164 -13.58 -36.85 -12.36
N HIS L 165 -13.15 -35.77 -11.71
CA HIS L 165 -13.67 -34.44 -12.03
C HIS L 165 -13.52 -34.13 -13.52
N ALA L 166 -12.58 -34.77 -14.20
CA ALA L 166 -12.28 -34.52 -15.60
C ALA L 166 -13.17 -35.29 -16.56
N PHE L 167 -14.10 -36.12 -16.03
CA PHE L 167 -14.97 -36.93 -16.88
C PHE L 167 -15.81 -36.05 -17.82
N ASP L 168 -16.43 -34.99 -17.28
CA ASP L 168 -17.26 -34.10 -18.08
C ASP L 168 -16.51 -33.57 -19.29
N LEU L 169 -15.26 -33.16 -19.09
CA LEU L 169 -14.51 -32.60 -20.20
C LEU L 169 -14.28 -33.64 -21.28
N MET L 170 -13.90 -34.87 -20.90
CA MET L 170 -13.63 -35.87 -21.92
C MET L 170 -14.89 -36.16 -22.73
N ALA L 171 -16.06 -36.19 -22.08
CA ALA L 171 -17.33 -36.36 -22.80
C ALA L 171 -17.55 -35.24 -23.80
N LYS L 172 -17.52 -33.99 -23.34
CA LYS L 172 -17.67 -32.85 -24.25
C LYS L 172 -16.78 -32.97 -25.47
N TYR L 173 -15.61 -33.59 -25.32
CA TYR L 173 -14.70 -33.86 -26.42
C TYR L 173 -14.99 -35.20 -27.12
N ASN L 174 -16.21 -35.75 -26.95
CA ASN L 174 -16.68 -36.93 -27.69
C ASN L 174 -16.07 -38.23 -27.18
N HIS L 175 -15.89 -38.34 -25.86
CA HIS L 175 -15.44 -39.58 -25.24
C HIS L 175 -16.65 -40.21 -24.58
N LEU L 176 -17.10 -41.33 -25.14
CA LEU L 176 -18.37 -41.90 -24.74
C LEU L 176 -18.24 -42.75 -23.49
N ALA L 177 -17.08 -43.35 -23.29
CA ALA L 177 -16.86 -44.28 -22.19
C ALA L 177 -15.36 -44.38 -21.92
N ILE L 178 -15.04 -44.96 -20.77
CA ILE L 178 -13.67 -45.22 -20.33
C ILE L 178 -13.45 -46.73 -20.24
N GLU L 179 -12.41 -47.23 -20.91
CA GLU L 179 -11.90 -48.55 -20.59
C GLU L 179 -10.41 -48.45 -20.28
N MET L 180 -9.62 -49.52 -20.51
CA MET L 180 -8.22 -49.49 -20.11
C MET L 180 -7.23 -50.06 -21.14
N GLU L 181 -7.63 -50.33 -22.37
CA GLU L 181 -6.74 -51.03 -23.30
C GLU L 181 -6.81 -50.54 -24.73
N ALA L 182 -7.88 -49.87 -25.13
CA ALA L 182 -8.16 -49.63 -26.55
C ALA L 182 -7.02 -48.88 -27.24
N ALA L 183 -6.42 -47.91 -26.54
CA ALA L 183 -5.34 -47.12 -27.15
C ALA L 183 -4.09 -47.96 -27.41
N GLY L 184 -3.83 -48.94 -26.55
CA GLY L 184 -2.72 -49.84 -26.77
C GLY L 184 -2.93 -50.71 -27.99
N LEU L 185 -4.04 -51.47 -28.00
CA LEU L 185 -4.38 -52.27 -29.16
C LEU L 185 -4.21 -51.46 -30.44
N TYR L 186 -4.73 -50.23 -30.42
CA TYR L 186 -4.74 -49.40 -31.62
C TYR L 186 -3.32 -49.09 -32.06
N ALA L 187 -2.49 -48.62 -31.13
CA ALA L 187 -1.12 -48.24 -31.48
C ALA L 187 -0.29 -49.45 -31.90
N THR L 188 -0.37 -50.56 -31.16
CA THR L 188 0.38 -51.75 -31.56
C THR L 188 0.04 -52.16 -32.98
N ALA L 189 -1.26 -52.14 -33.33
CA ALA L 189 -1.71 -52.49 -34.68
C ALA L 189 -1.17 -51.52 -35.73
N MET L 190 -1.12 -50.22 -35.41
CA MET L 190 -0.49 -49.27 -36.33
C MET L 190 1.01 -49.49 -36.46
N GLU L 191 1.65 -49.94 -35.36
CA GLU L 191 3.08 -50.22 -35.40
C GLU L 191 3.37 -51.37 -36.36
N LEU L 192 2.65 -52.47 -36.20
CA LEU L 192 2.93 -53.69 -36.93
C LEU L 192 2.02 -53.89 -38.14
N ASN L 193 1.47 -52.81 -38.70
CA ASN L 193 0.60 -52.87 -39.89
C ASN L 193 -0.52 -53.90 -39.76
N ALA L 194 -1.10 -54.01 -38.59
CA ALA L 194 -2.24 -54.87 -38.40
C ALA L 194 -3.54 -54.06 -38.36
N LYS L 195 -4.64 -54.73 -38.65
CA LYS L 195 -5.95 -54.10 -38.69
C LYS L 195 -6.68 -54.42 -37.41
N ALA L 196 -7.21 -53.40 -36.75
CA ALA L 196 -7.81 -53.53 -35.42
C ALA L 196 -9.03 -52.65 -35.31
N LEU L 197 -9.83 -52.92 -34.28
CA LEU L 197 -11.02 -52.17 -33.92
C LEU L 197 -11.47 -52.63 -32.55
N CYS L 198 -12.05 -51.71 -31.77
CA CYS L 198 -12.54 -51.99 -30.43
C CYS L 198 -14.03 -51.67 -30.33
N LEU L 199 -14.81 -52.58 -29.74
CA LEU L 199 -16.23 -52.37 -29.46
C LEU L 199 -16.49 -52.49 -27.97
N CYS L 200 -17.60 -51.90 -27.53
CA CYS L 200 -17.78 -51.60 -26.12
C CYS L 200 -19.25 -51.75 -25.73
N SER L 201 -19.53 -52.59 -24.74
CA SER L 201 -20.90 -52.70 -24.22
C SER L 201 -21.04 -51.81 -22.99
N VAL L 202 -21.95 -50.84 -23.05
CA VAL L 202 -22.20 -50.01 -21.88
C VAL L 202 -22.80 -50.85 -20.75
N SER L 203 -21.93 -51.41 -19.89
CA SER L 203 -22.37 -52.23 -18.77
C SER L 203 -22.71 -51.42 -17.54
N ASP L 204 -22.18 -50.21 -17.41
CA ASP L 204 -22.63 -49.28 -16.38
C ASP L 204 -22.34 -47.85 -16.82
N HIS L 205 -23.05 -46.91 -16.22
CA HIS L 205 -22.83 -45.50 -16.44
C HIS L 205 -22.14 -44.90 -15.21
N LEU L 206 -21.01 -44.24 -15.43
CA LEU L 206 -20.26 -43.71 -14.30
C LEU L 206 -20.94 -42.49 -13.69
N ILE L 207 -21.70 -41.74 -14.48
CA ILE L 207 -22.31 -40.50 -14.03
C ILE L 207 -23.65 -40.77 -13.36
N THR L 208 -24.55 -41.43 -14.09
CA THR L 208 -25.89 -41.69 -13.56
C THR L 208 -25.88 -42.71 -12.42
N LYS L 209 -24.82 -43.52 -12.32
CA LYS L 209 -24.76 -44.65 -11.40
C LYS L 209 -25.82 -45.72 -11.70
N GLU L 210 -26.38 -45.70 -12.90
CA GLU L 210 -27.06 -46.87 -13.43
C GLU L 210 -26.07 -48.02 -13.58
N ALA L 211 -26.60 -49.23 -13.58
CA ALA L 211 -25.79 -50.40 -13.85
C ALA L 211 -26.70 -51.50 -14.37
N LEU L 212 -26.10 -52.44 -15.10
CA LEU L 212 -26.78 -53.65 -15.51
C LEU L 212 -26.61 -54.72 -14.43
N SER L 213 -27.73 -55.38 -14.09
CA SER L 213 -27.75 -56.48 -13.16
C SER L 213 -27.36 -57.77 -13.89
N PRO L 214 -26.88 -58.80 -13.13
CA PRO L 214 -26.23 -59.96 -13.77
C PRO L 214 -26.88 -60.51 -15.04
N LYS L 215 -28.18 -60.78 -15.00
CA LYS L 215 -28.85 -61.33 -16.18
C LYS L 215 -28.74 -60.39 -17.37
N GLU L 216 -28.88 -59.08 -17.15
CA GLU L 216 -28.81 -58.13 -18.26
C GLU L 216 -27.39 -58.03 -18.82
N ARG L 217 -26.37 -58.25 -17.99
CA ARG L 217 -24.99 -58.17 -18.46
C ARG L 217 -24.70 -59.23 -19.51
N VAL L 218 -24.95 -60.50 -19.18
CA VAL L 218 -24.60 -61.58 -20.11
C VAL L 218 -25.48 -61.55 -21.35
N GLU L 219 -26.76 -61.17 -21.21
CA GLU L 219 -27.59 -60.94 -22.39
C GLU L 219 -26.95 -59.90 -23.29
N SER L 220 -26.61 -58.74 -22.71
CA SER L 220 -26.05 -57.65 -23.48
C SER L 220 -24.77 -58.08 -24.19
N PHE L 221 -23.90 -58.83 -23.49
CA PHE L 221 -22.61 -59.22 -24.08
C PHE L 221 -22.80 -60.17 -25.25
N ASP L 222 -23.75 -61.09 -25.12
CA ASP L 222 -24.05 -62.01 -26.22
C ASP L 222 -24.26 -61.24 -27.52
N ASN L 223 -25.00 -60.12 -27.43
CA ASN L 223 -25.33 -59.34 -28.62
C ASN L 223 -24.08 -58.77 -29.28
N MET L 224 -23.13 -58.28 -28.46
CA MET L 224 -21.83 -57.89 -29.00
C MET L 224 -21.07 -59.09 -29.54
N ILE L 225 -21.10 -60.22 -28.81
CA ILE L 225 -20.44 -61.42 -29.30
C ILE L 225 -20.96 -61.80 -30.68
N ILE L 226 -22.29 -61.73 -30.87
CA ILE L 226 -22.89 -62.11 -32.14
C ILE L 226 -22.50 -61.13 -33.24
N LEU L 227 -22.55 -59.84 -32.95
CA LEU L 227 -22.07 -58.84 -33.91
C LEU L 227 -20.59 -59.02 -34.21
N ALA L 228 -19.80 -59.35 -33.20
CA ALA L 228 -18.37 -59.58 -33.40
C ALA L 228 -18.14 -60.77 -34.33
N LEU L 229 -18.81 -61.89 -34.06
CA LEU L 229 -18.62 -63.10 -34.86
C LEU L 229 -19.19 -62.94 -36.28
N GLU L 230 -20.18 -62.07 -36.45
CA GLU L 230 -20.76 -61.86 -37.77
C GLU L 230 -19.88 -60.99 -38.65
N MET L 231 -19.07 -60.12 -38.04
CA MET L 231 -18.18 -59.26 -38.81
C MET L 231 -17.07 -60.06 -39.49
N MET L 232 -16.65 -61.19 -38.89
CA MET L 232 -15.53 -61.96 -39.43
C MET L 232 -15.83 -62.50 -40.82
N SER L 233 -17.11 -62.69 -41.14
CA SER L 233 -17.52 -63.07 -42.48
C SER L 233 -17.96 -61.84 -43.25
C1 GOL M . -32.14 22.60 19.05
O1 GOL M . -32.83 22.75 20.27
C2 GOL M . -32.07 24.02 18.46
O2 GOL M . -30.97 24.71 18.88
C3 GOL M . -32.13 23.83 16.93
O3 GOL M . -32.59 25.06 16.39
C1 GOL N . -27.58 23.95 12.71
O1 GOL N . -27.32 24.37 14.03
C2 GOL N . -28.90 23.10 12.74
O2 GOL N . -28.86 21.99 11.88
C3 GOL N . -29.10 22.70 14.24
O3 GOL N . -29.87 21.50 14.21
C1 GOL O . -2.62 58.46 10.40
O1 GOL O . -2.84 58.07 11.76
C2 GOL O . -3.96 58.31 9.58
O2 GOL O . -4.43 56.99 9.54
C3 GOL O . -4.98 59.28 10.19
O3 GOL O . -5.52 58.63 11.32
C1 GOL P . -6.57 58.47 6.29
O1 GOL P . -5.44 59.29 6.46
C2 GOL P . -6.26 57.07 6.91
O2 GOL P . -6.96 56.89 8.09
C3 GOL P . -6.65 56.02 5.79
O3 GOL P . -6.67 54.73 6.39
C1 GOL Q . -3.91 61.05 13.00
O1 GOL Q . -2.75 61.20 12.25
C2 GOL Q . -4.85 62.22 12.64
O2 GOL Q . -5.43 62.12 11.36
C3 GOL Q . -5.88 62.26 13.81
O3 GOL Q . -6.23 60.94 14.07
C TRS R . 12.38 16.25 11.27
C1 TRS R . 11.32 15.57 10.41
C2 TRS R . 11.91 17.62 11.76
C3 TRS R . 12.65 15.34 12.44
N TRS R . 13.63 16.41 10.49
O1 TRS R . 11.84 14.37 9.87
O2 TRS R . 12.96 18.55 11.81
O3 TRS R . 13.30 16.03 13.50
C10 05Z S . 7.27 17.21 3.56
C11 05Z S . 5.93 16.85 3.63
C12 05Z S . 5.34 16.15 2.58
C13 05Z S . 6.09 15.78 1.47
C14 05Z S . 7.44 16.13 1.40
C15 05Z S . 8.03 16.83 2.45
C2 05Z S . 12.53 17.78 7.20
C4 05Z S . 10.70 18.82 8.28
C5 05Z S . 10.00 18.90 7.11
C6 05Z S . 10.61 18.38 5.95
C8 05Z S . 8.72 19.78 8.68
C9 05Z S . 7.90 17.99 4.72
N1 05Z S . 11.85 17.86 6.04
N3 05Z S . 11.96 18.26 8.30
N7 05Z S . 8.78 19.49 7.38
N9 05Z S . 9.86 19.39 9.23
S1 05Z S . 9.63 18.51 4.41
C1 GOL T . 6.97 9.72 27.02
O1 GOL T . 6.00 10.46 26.29
C2 GOL T . 6.91 10.21 28.47
O2 GOL T . 5.78 10.96 28.66
C3 GOL T . 6.92 8.89 29.41
O3 GOL T . 8.22 8.75 30.05
P PO4 U . 16.57 15.58 12.41
O1 PO4 U . 16.19 17.02 12.14
O2 PO4 U . 17.92 15.53 13.13
O3 PO4 U . 15.53 14.95 13.32
O4 PO4 U . 16.64 14.85 11.06
C1 GOL V . -27.13 37.25 33.75
O1 GOL V . -28.52 37.30 33.61
C2 GOL V . -26.84 37.50 35.23
O2 GOL V . -25.49 37.42 35.55
C3 GOL V . -27.42 38.90 35.56
O3 GOL V . -27.96 38.79 36.85
C1 GOL W . -25.87 34.51 7.67
O1 GOL W . -25.94 33.13 7.78
C2 GOL W . -27.33 35.04 7.74
O2 GOL W . -27.77 35.31 9.04
C3 GOL W . -27.38 36.30 6.80
O3 GOL W . -28.25 37.19 7.41
C1 GOL X . 11.09 52.54 26.80
O1 GOL X . 10.98 53.36 25.65
C2 GOL X . 9.65 52.06 27.14
O2 GOL X . 9.13 51.24 26.15
C3 GOL X . 9.72 51.33 28.50
O3 GOL X . 8.52 50.55 28.58
C1 GOL Y . 3.63 13.20 30.43
O1 GOL Y . 3.46 14.35 31.24
C2 GOL Y . 3.45 11.92 31.30
O2 GOL Y . 2.41 12.09 32.23
C3 GOL Y . 3.19 10.73 30.25
O3 GOL Y . 3.60 9.51 30.83
C1 GOL Z . 13.65 1.93 1.39
O1 GOL Z . 14.03 0.75 2.05
C2 GOL Z . 13.25 2.94 2.49
O2 GOL Z . 14.32 3.65 2.90
C3 GOL Z . 12.18 3.85 1.83
O3 GOL Z . 11.42 4.39 2.88
C1 GOL AA . 7.35 14.37 36.29
O1 GOL AA . 7.72 15.72 36.05
C2 GOL AA . 5.91 14.15 35.71
O2 GOL AA . 5.63 14.97 34.61
C3 GOL AA . 5.81 12.63 35.34
O3 GOL AA . 4.96 12.56 34.21
C1 GOL BA . 6.00 20.06 36.10
O1 GOL BA . 7.34 20.44 36.32
C2 GOL BA . 5.78 18.50 36.18
O2 GOL BA . 6.70 17.78 35.44
C3 GOL BA . 4.30 18.23 35.71
O3 GOL BA . 3.91 16.91 36.02
C TRS CA . 28.66 -20.95 -11.81
C1 TRS CA . 29.43 -22.30 -11.78
C2 TRS CA . 29.47 -19.92 -12.57
C3 TRS CA . 27.37 -21.09 -12.60
N TRS CA . 28.31 -20.48 -10.44
O1 TRS CA . 30.85 -22.13 -11.68
O2 TRS CA . 30.62 -19.61 -11.83
O3 TRS CA . 27.07 -19.93 -13.37
C10 05Z DA . 33.58 -26.65 -17.83
C11 05Z DA . 32.67 -27.66 -17.50
C12 05Z DA . 33.01 -29.00 -17.70
C13 05Z DA . 34.27 -29.35 -18.21
C14 05Z DA . 35.17 -28.34 -18.52
C15 05Z DA . 34.84 -27.00 -18.31
C2 05Z DA . 30.99 -21.43 -15.80
C4 05Z DA . 29.00 -22.68 -16.07
C5 05Z DA . 29.59 -23.54 -16.95
C6 05Z DA . 30.96 -23.30 -17.25
C8 05Z DA . 27.50 -24.20 -16.75
C9 05Z DA . 33.25 -25.17 -17.60
N1 05Z DA . 31.59 -22.26 -16.66
N3 05Z DA . 29.72 -21.64 -15.51
N7 05Z DA . 28.66 -24.47 -17.35
N9 05Z DA . 27.70 -23.12 -15.99
S1 05Z DA . 31.76 -24.47 -18.40
C1 GOL EA . 22.25 -28.83 -20.89
O1 GOL EA . 21.63 -29.90 -20.21
C2 GOL EA . 23.82 -28.93 -20.70
O2 GOL EA . 24.51 -28.04 -21.47
C3 GOL EA . 24.14 -28.68 -19.24
O3 GOL EA . 25.00 -27.54 -19.19
C1 GOL FA . 30.37 -35.58 -15.86
O1 GOL FA . 29.32 -36.33 -15.25
C2 GOL FA . 29.87 -34.91 -17.21
O2 GOL FA . 29.38 -35.85 -18.10
C3 GOL FA . 31.11 -34.11 -17.80
O3 GOL FA . 30.65 -33.23 -18.83
C1 GOL GA . 18.32 -26.50 -35.89
O1 GOL GA . 19.61 -27.09 -36.08
C2 GOL GA . 17.29 -27.63 -35.41
O2 GOL GA . 17.75 -28.93 -35.39
C3 GOL GA . 16.71 -27.17 -34.07
O3 GOL GA . 16.63 -25.78 -34.10
P PO4 HA . 29.67 -17.02 -10.49
O1 PO4 HA . 29.46 -15.66 -9.82
O2 PO4 HA . 28.89 -17.07 -11.80
O3 PO4 HA . 29.18 -18.06 -9.49
O4 PO4 HA . 31.15 -17.25 -10.78
C1 GOL IA . 12.78 -59.35 -20.33
O1 GOL IA . 12.50 -59.60 -21.67
C2 GOL IA . 11.46 -58.93 -19.66
O2 GOL IA . 11.46 -59.24 -18.29
C3 GOL IA . 11.30 -57.41 -19.97
O3 GOL IA . 10.21 -56.93 -19.21
C1 GOL JA . 18.25 -25.30 3.63
O1 GOL JA . 17.71 -24.14 3.03
C2 GOL JA . 18.35 -26.47 2.59
O2 GOL JA . 19.49 -26.38 1.79
C3 GOL JA . 18.30 -27.80 3.47
O3 GOL JA . 18.29 -28.92 2.58
C1 GOL KA . 12.65 -26.32 2.83
O1 GOL KA . 12.42 -26.68 1.49
C2 GOL KA . 13.87 -27.17 3.36
O2 GOL KA . 15.02 -27.07 2.57
C3 GOL KA . 14.12 -26.67 4.81
O3 GOL KA . 15.26 -27.39 5.29
C1 GOL LA . 7.68 -25.58 -5.17
O1 GOL LA . 6.93 -24.68 -5.98
C2 GOL LA . 6.96 -26.98 -5.06
O2 GOL LA . 6.92 -27.64 -6.25
C3 GOL LA . 7.71 -27.79 -3.94
O3 GOL LA . 7.16 -27.46 -2.70
#